data_7NGC
#
_entry.id   7NGC
#
_cell.length_a   1.00
_cell.length_b   1.00
_cell.length_c   1.00
_cell.angle_alpha   90.00
_cell.angle_beta   90.00
_cell.angle_gamma   90.00
#
_symmetry.space_group_name_H-M   'P 1'
#
loop_
_entity.id
_entity.type
_entity.pdbx_description
1 polymer 'Lon protease homolog, mitochondrial'
2 polymer 'substrate protein'
3 non-polymer 'PHOSPHOTHIOPHOSPHORIC ACID-ADENYLATE ESTER'
4 non-polymer 'MAGNESIUM ION'
5 non-polymer "ADENOSINE-5'-DIPHOSPHATE"
#
loop_
_entity_poly.entity_id
_entity_poly.type
_entity_poly.pdbx_seq_one_letter_code
_entity_poly.pdbx_strand_id
1 'polypeptide(L)'
;HHHHHHGSMTIPDVFPHLPLIAITRNPVFPRFIKIIEVKNKKLVELLRRKVRLAQPYVGVFLKRDDSNESDVVESLDEIY
HTGTFAQIHEMQDLGDKLRMIVMGHRRVHISRQLEVEPEEPEAENKHKPRRKSKRGKKEAEDELSARHPAELAMEPTPEL
PAEVLMVEVENVVHEDFQVTEEVKALTAEIVKTIRDIIALNPLYRESVLQMMQAGQRVVDNPIYLSDMGAALTGAESHEL
QDVLEETNIPKRLYKALSLLKKEFELSKLQQRLGREVEEKIKQTHRKYLLQEQLKIIKKELGLEKDDKDAIEEKFRERLK
ELVVPKHVMDVVDEELSKLGLLDNHSSEFNVTRNYLDWLTSIPWGKYSNENLDLARAQAVLEEDHYGMEDVKKRILEFIA
VSQLRGSTQGKILCFYGPPGVGKTSIARSIARALNREYFRFSVGGMTDVAEIKGHRRTYVGAMPGKIIQCLKKTKTENPL
ILIDEVDKIGRGYQGDPSSALLELLDPEQNANFLDHYLDVPVDLSKVLFICTANVTDTIPEPLRDRMEMINVSGYVAQEK
LAIAERYLVPQARALCGLDESKAKLSSDVLTLLIKQYCRESGVRNLQKQVEKVLRKSAYKIVSGEAESVEVTPENLQDFV
GKPVFTVERMYDVTPPGVVMGLAWTAMGGSTLFVETSLRRPQDKDAKGDKDGSLEVTGQLGEVMKESARIAYTFARAFLM
QHAPANDYLVTSHIHLHVPEGATPKDGPSAGCTIVTALLSLAMGRPVRQNLAMTGEVSLTGKILPVGGIKEKTIAAKRAG
VTCIVLPAENKKDFYDLAAFITEGLEVHFVEHYREIFDIAFPDEQAEALAVER
;
A,B,C,D,E,F
2 'polypeptide(L)'
;(UNK)(UNK)(UNK)(UNK)(UNK)(UNK)(UNK)(UNK)(UNK)(UNK)(UNK)(UNK)(UNK)(UNK)(UNK)(UNK)
(UNK)(UNK)(UNK)(UNK)(UNK)(UNK)(UNK)(UNK)(UNK)(UNK)(UNK)(UNK)(UNK)(UNK)(UNK)(UNK)
(UNK)(UNK)(UNK)(UNK)(UNK)(UNK)(UNK)(UNK)(UNK)(UNK)(UNK)(UNK)(UNK)(UNK)(UNK)(UNK)
(UNK)(UNK)(UNK)(UNK)(UNK)(UNK)(UNK)
;
G
#
# COMPACT_ATOMS: atom_id res chain seq x y z
N HIS A 17 -66.63 -32.78 -25.59
CA HIS A 17 -66.70 -32.71 -24.13
C HIS A 17 -65.57 -33.48 -23.47
N LEU A 18 -64.34 -33.00 -23.63
CA LEU A 18 -63.20 -33.61 -22.97
C LEU A 18 -62.46 -32.50 -22.24
N PRO A 19 -61.78 -32.77 -21.12
CA PRO A 19 -60.99 -31.69 -20.49
C PRO A 19 -59.85 -31.29 -21.41
N LEU A 20 -59.49 -30.02 -21.37
CA LEU A 20 -58.41 -29.54 -22.24
C LEU A 20 -57.07 -30.19 -21.88
N ILE A 21 -56.32 -30.53 -22.93
CA ILE A 21 -54.99 -31.12 -22.76
C ILE A 21 -54.03 -30.03 -22.30
N ALA A 22 -53.04 -30.43 -21.49
CA ALA A 22 -51.97 -29.54 -21.07
C ALA A 22 -50.86 -29.63 -22.10
N ILE A 23 -50.79 -28.66 -23.01
CA ILE A 23 -49.77 -28.68 -24.04
C ILE A 23 -48.39 -28.60 -23.39
N THR A 24 -48.24 -27.74 -22.39
CA THR A 24 -47.00 -27.56 -21.64
C THR A 24 -45.79 -27.30 -22.54
N ARG A 25 -45.82 -26.11 -23.15
CA ARG A 25 -44.75 -25.61 -24.02
C ARG A 25 -44.32 -26.60 -25.11
N ASN A 26 -45.30 -27.22 -25.78
CA ASN A 26 -45.06 -28.18 -26.87
C ASN A 26 -45.69 -27.71 -28.17
N PRO A 27 -45.01 -26.89 -28.99
CA PRO A 27 -45.62 -26.41 -30.24
C PRO A 27 -45.72 -27.52 -31.29
N VAL A 28 -46.94 -27.80 -31.74
CA VAL A 28 -47.23 -28.84 -32.74
C VAL A 28 -47.56 -28.09 -34.02
N PHE A 29 -46.62 -28.05 -34.92
CA PHE A 29 -46.76 -27.29 -36.14
C PHE A 29 -47.65 -28.03 -37.14
N PRO A 30 -48.43 -27.32 -37.98
CA PRO A 30 -49.31 -28.03 -38.92
C PRO A 30 -48.60 -28.95 -39.89
N ARG A 31 -49.23 -30.11 -40.12
CA ARG A 31 -48.75 -31.13 -41.05
C ARG A 31 -47.30 -31.55 -40.83
N PHE A 32 -46.99 -31.85 -39.57
CA PHE A 32 -45.68 -32.31 -39.15
C PHE A 32 -45.97 -33.26 -38.00
N ILE A 33 -45.58 -34.52 -38.16
CA ILE A 33 -45.85 -35.48 -37.11
C ILE A 33 -45.02 -35.04 -35.90
N LYS A 34 -45.61 -35.18 -34.71
CA LYS A 34 -44.97 -34.70 -33.49
C LYS A 34 -45.45 -35.55 -32.32
N ILE A 35 -44.65 -35.53 -31.24
CA ILE A 35 -44.92 -36.29 -30.02
C ILE A 35 -45.13 -35.32 -28.87
N ILE A 36 -45.99 -35.71 -27.93
CA ILE A 36 -46.31 -34.95 -26.74
C ILE A 36 -46.17 -35.91 -25.57
N GLU A 37 -45.44 -35.47 -24.55
CA GLU A 37 -45.11 -36.25 -23.36
C GLU A 37 -45.32 -35.32 -22.16
N VAL A 38 -46.59 -35.14 -21.78
CA VAL A 38 -46.92 -34.37 -20.59
C VAL A 38 -46.54 -35.19 -19.36
N LYS A 39 -46.09 -34.50 -18.32
CA LYS A 39 -45.70 -35.22 -17.11
C LYS A 39 -46.89 -35.67 -16.27
N ASN A 40 -48.00 -34.93 -16.29
CA ASN A 40 -49.17 -35.32 -15.53
C ASN A 40 -49.78 -36.62 -16.06
N LYS A 41 -50.21 -37.47 -15.12
CA LYS A 41 -50.89 -38.73 -15.45
C LYS A 41 -52.41 -38.58 -15.43
N LYS A 42 -52.93 -37.37 -15.20
CA LYS A 42 -54.36 -37.18 -15.21
C LYS A 42 -54.85 -37.18 -16.66
N LEU A 43 -54.01 -36.68 -17.56
CA LEU A 43 -54.37 -36.66 -18.97
C LEU A 43 -54.52 -38.08 -19.50
N VAL A 44 -53.73 -39.01 -18.94
CA VAL A 44 -53.82 -40.39 -19.41
C VAL A 44 -55.17 -40.97 -19.06
N GLU A 45 -55.80 -40.50 -17.98
CA GLU A 45 -57.14 -40.98 -17.68
C GLU A 45 -58.09 -40.62 -18.81
N LEU A 46 -57.89 -39.45 -19.42
CA LEU A 46 -58.65 -39.12 -20.61
C LEU A 46 -58.22 -39.92 -21.83
N LEU A 47 -56.92 -40.20 -21.96
CA LEU A 47 -56.49 -40.97 -23.13
C LEU A 47 -57.03 -42.38 -23.08
N ARG A 48 -57.11 -42.94 -21.89
CA ARG A 48 -57.67 -44.26 -21.73
C ARG A 48 -59.17 -44.19 -21.86
N ARG A 49 -59.79 -43.06 -21.46
CA ARG A 49 -61.22 -43.00 -21.66
C ARG A 49 -61.55 -42.94 -23.14
N LYS A 50 -60.63 -42.42 -23.99
CA LYS A 50 -60.87 -42.41 -25.44
C LYS A 50 -60.36 -43.65 -26.17
N VAL A 51 -59.63 -44.57 -25.53
CA VAL A 51 -59.20 -45.76 -26.29
C VAL A 51 -60.40 -46.62 -26.67
N ARG A 52 -61.47 -46.58 -25.86
CA ARG A 52 -62.68 -47.34 -26.15
C ARG A 52 -63.46 -46.79 -27.36
N LEU A 53 -63.23 -45.53 -27.74
CA LEU A 53 -63.96 -44.97 -28.88
C LEU A 53 -63.50 -45.60 -30.18
N ALA A 54 -64.45 -45.80 -31.11
CA ALA A 54 -64.13 -46.37 -32.40
C ALA A 54 -63.31 -45.40 -33.24
N GLN A 55 -63.41 -44.10 -32.97
CA GLN A 55 -62.75 -43.05 -33.73
C GLN A 55 -62.08 -42.18 -32.67
N PRO A 56 -61.00 -42.66 -32.05
CA PRO A 56 -60.35 -41.85 -31.02
C PRO A 56 -59.77 -40.59 -31.62
N TYR A 57 -59.77 -39.53 -30.84
CA TYR A 57 -59.29 -38.25 -31.31
C TYR A 57 -58.74 -37.46 -30.15
N VAL A 58 -57.95 -36.45 -30.49
CA VAL A 58 -57.36 -35.54 -29.52
C VAL A 58 -57.24 -34.18 -30.20
N GLY A 59 -57.37 -33.12 -29.40
CA GLY A 59 -57.17 -31.79 -29.93
C GLY A 59 -55.78 -31.30 -29.59
N VAL A 60 -55.36 -30.25 -30.30
CA VAL A 60 -54.07 -29.62 -30.07
C VAL A 60 -54.28 -28.12 -30.18
N PHE A 61 -53.96 -27.41 -29.13
CA PHE A 61 -54.08 -25.97 -29.03
C PHE A 61 -52.70 -25.40 -28.77
N LEU A 62 -52.63 -24.08 -28.70
CA LEU A 62 -51.41 -23.38 -28.36
C LEU A 62 -51.68 -22.56 -27.10
N LYS A 63 -50.70 -22.52 -26.21
CA LYS A 63 -50.77 -21.75 -24.96
C LYS A 63 -50.57 -20.27 -25.19
N ARG A 64 -51.18 -19.44 -24.32
CA ARG A 64 -51.04 -18.00 -24.45
C ARG A 64 -49.80 -17.57 -23.67
N ASP A 65 -49.63 -16.26 -23.52
CA ASP A 65 -48.51 -15.69 -22.81
C ASP A 65 -48.62 -16.02 -21.32
N ASP A 66 -47.47 -16.09 -20.65
CA ASP A 66 -47.37 -16.47 -19.25
C ASP A 66 -47.91 -17.88 -19.03
N SER A 67 -47.13 -18.87 -19.44
CA SER A 67 -47.49 -20.26 -19.24
C SER A 67 -47.57 -20.60 -17.76
N ASN A 68 -48.59 -21.38 -17.41
CA ASN A 68 -48.74 -21.85 -16.03
C ASN A 68 -49.57 -23.12 -16.12
N GLU A 69 -48.98 -24.25 -15.73
CA GLU A 69 -49.69 -25.52 -15.84
C GLU A 69 -50.88 -25.60 -14.89
N SER A 70 -50.77 -24.95 -13.73
CA SER A 70 -51.87 -24.92 -12.77
C SER A 70 -53.03 -24.10 -13.29
N ASP A 71 -52.74 -23.11 -14.12
CA ASP A 71 -53.81 -22.31 -14.69
C ASP A 71 -54.46 -23.04 -15.85
N VAL A 72 -53.75 -23.96 -16.53
CA VAL A 72 -54.38 -24.68 -17.62
C VAL A 72 -55.52 -25.56 -17.11
N VAL A 73 -55.37 -26.12 -15.90
CA VAL A 73 -56.43 -26.91 -15.30
C VAL A 73 -57.38 -26.08 -14.43
N GLU A 74 -57.03 -24.82 -14.12
CA GLU A 74 -57.89 -23.95 -13.32
C GLU A 74 -58.79 -23.11 -14.19
N SER A 75 -58.19 -22.37 -15.13
CA SER A 75 -58.87 -21.49 -16.06
C SER A 75 -58.71 -22.06 -17.45
N LEU A 76 -59.67 -21.76 -18.31
CA LEU A 76 -59.62 -22.21 -19.69
C LEU A 76 -59.24 -21.12 -20.68
N ASP A 77 -59.05 -19.86 -20.24
CA ASP A 77 -58.63 -18.82 -21.16
C ASP A 77 -57.15 -18.86 -21.52
N GLU A 78 -56.32 -19.56 -20.72
CA GLU A 78 -54.88 -19.55 -20.98
C GLU A 78 -54.54 -20.22 -22.29
N ILE A 79 -55.26 -21.27 -22.63
CA ILE A 79 -55.04 -21.90 -23.91
C ILE A 79 -55.61 -21.01 -24.99
N TYR A 80 -54.95 -20.93 -26.14
CA TYR A 80 -55.49 -20.05 -27.16
C TYR A 80 -56.74 -20.70 -27.72
N HIS A 81 -57.65 -19.87 -28.23
CA HIS A 81 -58.85 -20.42 -28.86
C HIS A 81 -58.49 -21.29 -30.06
N THR A 82 -57.34 -21.04 -30.70
CA THR A 82 -56.92 -21.87 -31.82
C THR A 82 -56.68 -23.27 -31.32
N GLY A 83 -57.11 -24.23 -32.10
CA GLY A 83 -56.99 -25.64 -31.79
C GLY A 83 -56.76 -26.36 -33.08
N THR A 84 -56.06 -27.47 -32.99
CA THR A 84 -55.67 -28.25 -34.15
C THR A 84 -56.11 -29.67 -33.83
N PHE A 85 -57.40 -29.93 -34.07
CA PHE A 85 -57.93 -31.27 -33.88
C PHE A 85 -57.34 -32.22 -34.89
N ALA A 86 -57.09 -33.44 -34.45
CA ALA A 86 -56.46 -34.42 -35.28
C ALA A 86 -56.77 -35.77 -34.68
N GLN A 87 -56.72 -36.78 -35.53
CA GLN A 87 -56.94 -38.14 -35.12
C GLN A 87 -55.67 -38.65 -34.47
N ILE A 88 -55.84 -39.55 -33.50
CA ILE A 88 -54.69 -40.11 -32.82
C ILE A 88 -54.02 -41.11 -33.77
N HIS A 89 -52.71 -41.25 -33.61
CA HIS A 89 -51.89 -42.11 -34.44
C HIS A 89 -51.58 -43.42 -33.73
N GLU A 90 -50.62 -43.43 -32.80
CA GLU A 90 -50.30 -44.67 -32.14
C GLU A 90 -49.62 -44.35 -30.83
N MET A 91 -49.97 -45.09 -29.79
CA MET A 91 -49.32 -44.97 -28.50
C MET A 91 -47.99 -45.71 -28.54
N GLN A 92 -47.05 -45.26 -27.71
CA GLN A 92 -45.75 -45.93 -27.66
C GLN A 92 -45.46 -46.21 -26.18
N ASP A 93 -45.27 -45.16 -25.39
CA ASP A 93 -44.99 -45.27 -23.95
C ASP A 93 -43.82 -46.22 -23.66
N LEU A 94 -42.66 -45.91 -24.25
CA LEU A 94 -41.48 -46.75 -24.00
C LEU A 94 -40.96 -46.58 -22.58
N GLY A 95 -40.81 -45.34 -22.13
CA GLY A 95 -40.37 -45.03 -20.78
C GLY A 95 -41.43 -44.39 -19.91
N ASP A 96 -41.86 -43.19 -20.28
CA ASP A 96 -42.93 -42.55 -19.54
C ASP A 96 -44.25 -43.22 -19.87
N LYS A 97 -45.20 -43.03 -18.97
CA LYS A 97 -46.52 -43.61 -19.13
C LYS A 97 -47.41 -42.80 -20.08
N LEU A 98 -46.94 -41.64 -20.58
CA LEU A 98 -47.74 -40.73 -21.39
C LEU A 98 -46.89 -40.17 -22.53
N ARG A 99 -46.93 -40.85 -23.68
CA ARG A 99 -46.21 -40.45 -24.89
C ARG A 99 -47.19 -40.48 -26.07
N MET A 100 -48.15 -39.56 -26.07
CA MET A 100 -49.06 -39.45 -27.20
C MET A 100 -48.38 -38.88 -28.42
N ILE A 101 -48.82 -39.33 -29.61
CA ILE A 101 -48.45 -38.71 -30.87
C ILE A 101 -49.58 -37.82 -31.31
N VAL A 102 -49.20 -36.69 -31.89
CA VAL A 102 -50.11 -35.67 -32.39
C VAL A 102 -49.59 -35.20 -33.74
N MET A 103 -50.46 -34.54 -34.50
CA MET A 103 -50.12 -34.13 -35.84
C MET A 103 -51.15 -33.07 -36.17
N GLY A 104 -50.87 -32.27 -37.20
CA GLY A 104 -51.73 -31.14 -37.52
C GLY A 104 -52.55 -31.35 -38.77
N HIS A 105 -53.84 -31.64 -38.53
CA HIS A 105 -54.80 -31.99 -39.58
C HIS A 105 -55.94 -30.97 -39.68
N ARG A 106 -56.86 -30.93 -38.73
CA ARG A 106 -58.06 -30.12 -38.80
C ARG A 106 -57.80 -28.94 -37.87
N ARG A 107 -57.34 -27.83 -38.45
CA ARG A 107 -57.25 -26.59 -37.70
C ARG A 107 -58.65 -26.06 -37.44
N VAL A 108 -58.79 -25.39 -36.31
CA VAL A 108 -60.05 -24.83 -35.88
C VAL A 108 -59.75 -23.62 -34.99
N HIS A 109 -60.72 -22.71 -34.94
CA HIS A 109 -60.65 -21.48 -34.16
C HIS A 109 -61.97 -21.51 -33.40
N ILE A 110 -61.91 -21.99 -32.16
CA ILE A 110 -63.10 -22.11 -31.33
C ILE A 110 -63.61 -20.73 -30.93
N SER A 111 -64.95 -20.59 -30.93
CA SER A 111 -65.56 -19.31 -30.55
C SER A 111 -65.36 -18.98 -29.08
N ARG A 112 -65.35 -20.02 -28.24
CA ARG A 112 -65.19 -19.89 -26.80
C ARG A 112 -64.70 -21.25 -26.37
N GLN A 113 -63.41 -21.34 -26.05
CA GLN A 113 -62.89 -22.61 -25.55
C GLN A 113 -63.43 -22.89 -24.16
N LEU A 114 -63.80 -21.84 -23.43
CA LEU A 114 -64.38 -22.01 -22.11
C LEU A 114 -65.73 -22.71 -22.23
N GLU A 115 -66.43 -22.48 -23.33
CA GLU A 115 -67.74 -23.05 -23.60
C GLU A 115 -67.58 -24.45 -24.16
N MET A 166 -66.98 -28.18 -26.34
CA MET A 166 -66.73 -26.84 -26.87
C MET A 166 -67.26 -26.67 -28.26
N VAL A 167 -68.09 -25.64 -28.48
CA VAL A 167 -68.75 -25.47 -29.77
C VAL A 167 -67.63 -25.28 -30.78
N GLU A 168 -67.77 -25.83 -31.98
CA GLU A 168 -66.69 -25.62 -32.93
C GLU A 168 -67.20 -25.76 -34.34
N VAL A 169 -66.45 -25.14 -35.24
CA VAL A 169 -66.75 -25.18 -36.66
C VAL A 169 -65.40 -25.05 -37.35
N GLU A 170 -65.29 -25.68 -38.51
CA GLU A 170 -64.05 -25.68 -39.28
C GLU A 170 -64.00 -24.44 -40.16
N ASN A 171 -63.73 -23.29 -39.52
CA ASN A 171 -63.59 -22.00 -40.21
C ASN A 171 -62.16 -21.80 -40.73
N VAL A 172 -61.76 -22.79 -41.51
CA VAL A 172 -60.47 -22.94 -42.15
C VAL A 172 -60.54 -22.10 -43.41
N VAL A 173 -60.42 -20.77 -43.24
CA VAL A 173 -60.55 -19.84 -44.34
C VAL A 173 -59.42 -20.07 -45.35
N HIS A 174 -59.75 -19.90 -46.64
CA HIS A 174 -58.81 -20.14 -47.74
C HIS A 174 -59.24 -19.27 -48.93
N GLU A 175 -59.37 -17.98 -48.66
CA GLU A 175 -59.76 -17.02 -49.69
C GLU A 175 -58.62 -16.98 -50.69
N ASP A 176 -58.94 -16.79 -51.97
CA ASP A 176 -57.92 -16.84 -53.01
C ASP A 176 -58.24 -15.87 -54.15
N PHE A 177 -57.18 -15.43 -54.84
CA PHE A 177 -57.27 -14.51 -55.95
C PHE A 177 -57.78 -15.25 -57.19
N GLN A 178 -58.42 -14.52 -58.10
CA GLN A 178 -58.93 -15.16 -59.32
C GLN A 178 -57.81 -15.72 -60.18
N VAL A 179 -56.66 -15.05 -60.21
CA VAL A 179 -55.52 -15.46 -61.02
C VAL A 179 -54.75 -16.45 -60.13
N THR A 180 -55.01 -17.76 -60.27
CA THR A 180 -54.31 -18.75 -59.46
C THR A 180 -53.23 -19.47 -60.28
N GLU A 181 -52.22 -18.67 -60.57
CA GLU A 181 -51.01 -19.04 -61.30
C GLU A 181 -49.81 -18.61 -60.46
N GLU A 182 -49.73 -17.28 -60.30
CA GLU A 182 -48.78 -16.45 -59.56
C GLU A 182 -49.03 -16.30 -58.06
N VAL A 183 -50.18 -16.66 -57.49
CA VAL A 183 -50.35 -16.52 -56.03
C VAL A 183 -49.48 -17.49 -55.24
N LYS A 184 -49.14 -18.65 -55.80
CA LYS A 184 -48.25 -19.58 -55.10
C LYS A 184 -46.78 -19.19 -55.24
N ALA A 185 -46.49 -18.19 -56.10
CA ALA A 185 -45.12 -17.73 -56.33
C ALA A 185 -44.45 -17.16 -55.09
N LEU A 186 -45.20 -16.52 -54.17
CA LEU A 186 -44.51 -16.00 -53.00
C LEU A 186 -43.96 -17.14 -52.18
N THR A 187 -44.61 -18.32 -52.22
CA THR A 187 -44.13 -19.46 -51.47
C THR A 187 -42.76 -19.87 -52.01
N ALA A 188 -42.56 -19.69 -53.32
CA ALA A 188 -41.28 -20.03 -53.93
C ALA A 188 -40.16 -19.14 -53.39
N GLU A 189 -40.49 -17.88 -53.14
CA GLU A 189 -39.49 -16.98 -52.57
C GLU A 189 -39.29 -17.33 -51.11
N ILE A 190 -40.32 -17.87 -50.47
CA ILE A 190 -40.22 -18.30 -49.09
C ILE A 190 -39.29 -19.50 -49.01
N VAL A 191 -39.46 -20.44 -49.94
CA VAL A 191 -38.58 -21.59 -49.95
C VAL A 191 -37.17 -21.22 -50.36
N LYS A 192 -37.00 -20.22 -51.22
CA LYS A 192 -35.65 -19.82 -51.56
C LYS A 192 -34.95 -19.19 -50.36
N THR A 193 -35.68 -18.43 -49.55
CA THR A 193 -35.08 -17.95 -48.32
C THR A 193 -34.76 -19.14 -47.43
N ILE A 194 -35.70 -20.06 -47.34
CA ILE A 194 -35.57 -21.26 -46.54
C ILE A 194 -34.38 -22.08 -47.04
N ARG A 195 -34.14 -22.05 -48.35
CA ARG A 195 -32.96 -22.73 -48.88
C ARG A 195 -31.68 -22.11 -48.36
N ASP A 196 -31.68 -20.82 -48.10
CA ASP A 196 -30.45 -20.29 -47.53
C ASP A 196 -30.29 -20.72 -46.08
N ILE A 197 -31.40 -20.86 -45.37
CA ILE A 197 -31.31 -21.22 -43.96
C ILE A 197 -30.88 -22.66 -43.77
N ILE A 198 -31.45 -23.57 -44.55
CA ILE A 198 -31.05 -24.95 -44.39
C ILE A 198 -29.71 -25.18 -45.04
N ALA A 199 -29.29 -24.28 -45.93
CA ALA A 199 -27.99 -24.49 -46.56
C ALA A 199 -26.87 -23.96 -45.70
N LEU A 200 -27.07 -22.81 -45.10
CA LEU A 200 -26.05 -22.30 -44.21
C LEU A 200 -26.16 -22.84 -42.80
N ASN A 201 -27.34 -23.29 -42.38
CA ASN A 201 -27.49 -23.93 -41.07
C ASN A 201 -28.34 -25.17 -41.15
N PRO A 202 -27.83 -26.24 -41.76
CA PRO A 202 -28.62 -27.46 -41.82
C PRO A 202 -28.92 -27.97 -40.41
N LEU A 203 -30.19 -28.33 -40.18
CA LEU A 203 -30.70 -28.88 -38.94
C LEU A 203 -31.38 -30.18 -39.32
N TYR A 204 -32.36 -30.08 -40.21
CA TYR A 204 -33.05 -31.26 -40.73
C TYR A 204 -32.58 -31.40 -42.16
N ARG A 205 -32.94 -32.55 -42.71
CA ARG A 205 -32.64 -32.86 -44.08
C ARG A 205 -33.36 -31.90 -44.98
N GLU A 206 -32.72 -31.59 -46.10
CA GLU A 206 -33.42 -30.77 -47.07
C GLU A 206 -34.37 -31.64 -47.86
N SER A 207 -34.33 -32.97 -47.66
CA SER A 207 -35.18 -33.91 -48.37
C SER A 207 -36.63 -33.63 -48.08
N VAL A 208 -36.97 -33.17 -46.86
CA VAL A 208 -38.37 -32.85 -46.60
C VAL A 208 -38.77 -31.74 -47.53
N LEU A 209 -37.86 -30.80 -47.79
CA LEU A 209 -38.14 -29.74 -48.74
C LEU A 209 -38.26 -30.37 -50.13
N GLN A 210 -37.45 -31.41 -50.38
CA GLN A 210 -37.55 -32.16 -51.62
C GLN A 210 -38.82 -32.98 -51.67
N MET A 211 -39.42 -33.31 -50.52
CA MET A 211 -40.66 -34.08 -50.57
C MET A 211 -41.76 -33.16 -51.07
N MET A 212 -41.75 -31.91 -50.64
CA MET A 212 -42.77 -30.96 -51.04
C MET A 212 -41.92 -29.98 -51.85
N GLN A 213 -41.81 -30.27 -53.15
CA GLN A 213 -41.10 -29.46 -54.13
C GLN A 213 -42.13 -28.78 -55.01
N ALA A 214 -41.79 -27.62 -55.58
CA ALA A 214 -42.80 -26.98 -56.42
C ALA A 214 -42.95 -27.63 -57.79
N GLY A 215 -41.94 -28.34 -58.29
CA GLY A 215 -42.02 -29.00 -59.58
C GLY A 215 -42.66 -30.38 -59.61
N GLN A 216 -42.97 -30.99 -58.45
CA GLN A 216 -43.45 -32.38 -58.40
C GLN A 216 -44.97 -32.59 -58.40
N ARG A 217 -45.78 -31.55 -58.12
CA ARG A 217 -47.26 -31.57 -58.17
C ARG A 217 -47.92 -32.39 -57.04
N VAL A 218 -47.18 -32.79 -55.99
CA VAL A 218 -47.81 -33.49 -54.86
C VAL A 218 -48.40 -32.57 -53.78
N VAL A 219 -48.18 -31.26 -53.86
CA VAL A 219 -48.64 -30.32 -52.84
C VAL A 219 -50.13 -30.01 -52.98
N ASP A 220 -50.99 -30.96 -52.68
CA ASP A 220 -52.42 -30.70 -52.78
C ASP A 220 -52.90 -29.60 -51.83
N ASN A 221 -52.16 -29.26 -50.77
CA ASN A 221 -52.59 -28.28 -49.76
C ASN A 221 -51.49 -27.24 -49.53
N PRO A 222 -51.34 -26.28 -50.44
CA PRO A 222 -50.27 -25.27 -50.31
C PRO A 222 -50.35 -24.40 -49.07
N ILE A 223 -51.56 -24.09 -48.58
CA ILE A 223 -51.66 -23.26 -47.38
C ILE A 223 -51.02 -23.95 -46.18
N TYR A 224 -51.13 -25.29 -46.12
CA TYR A 224 -50.43 -26.01 -45.06
C TYR A 224 -48.95 -26.00 -45.32
N LEU A 225 -48.50 -26.04 -46.58
CA LEU A 225 -47.08 -25.97 -46.85
C LEU A 225 -46.51 -24.63 -46.41
N SER A 226 -47.28 -23.55 -46.58
CA SER A 226 -46.81 -22.26 -46.10
C SER A 226 -46.79 -22.23 -44.58
N ASP A 227 -47.67 -22.99 -43.94
CA ASP A 227 -47.62 -23.09 -42.48
C ASP A 227 -46.39 -23.88 -42.04
N MET A 228 -46.12 -24.95 -42.77
CA MET A 228 -44.94 -25.79 -42.51
C MET A 228 -43.68 -24.96 -42.68
N GLY A 229 -43.65 -24.09 -43.68
CA GLY A 229 -42.47 -23.27 -43.89
C GLY A 229 -42.32 -22.18 -42.85
N ALA A 230 -43.43 -21.59 -42.40
CA ALA A 230 -43.32 -20.65 -41.30
C ALA A 230 -42.90 -21.34 -40.02
N ALA A 231 -43.17 -22.65 -39.91
CA ALA A 231 -42.77 -23.42 -38.74
C ALA A 231 -41.26 -23.50 -38.60
N LEU A 232 -40.51 -23.45 -39.70
CA LEU A 232 -39.06 -23.47 -39.57
C LEU A 232 -38.53 -22.22 -38.88
N THR A 233 -39.29 -21.13 -38.90
CA THR A 233 -38.85 -19.93 -38.23
C THR A 233 -38.72 -20.29 -36.75
N GLY A 234 -37.71 -19.75 -36.10
CA GLY A 234 -37.53 -20.00 -34.69
C GLY A 234 -38.31 -19.11 -33.74
N ALA A 235 -39.17 -18.25 -34.25
CA ALA A 235 -39.94 -17.32 -33.42
C ALA A 235 -40.88 -18.05 -32.44
N GLU A 236 -41.06 -17.42 -31.28
CA GLU A 236 -41.89 -17.96 -30.21
C GLU A 236 -43.35 -18.12 -30.65
N SER A 237 -44.01 -19.07 -30.01
CA SER A 237 -45.40 -19.45 -30.32
C SER A 237 -46.39 -18.30 -30.25
N HIS A 238 -46.17 -17.29 -29.41
CA HIS A 238 -47.08 -16.15 -29.40
C HIS A 238 -47.07 -15.44 -30.76
N GLU A 239 -45.90 -15.35 -31.37
CA GLU A 239 -45.81 -14.82 -32.73
C GLU A 239 -46.51 -15.75 -33.72
N LEU A 240 -46.49 -17.08 -33.47
CA LEU A 240 -47.22 -17.97 -34.37
C LEU A 240 -48.70 -17.67 -34.25
N GLN A 241 -49.18 -17.39 -33.05
CA GLN A 241 -50.58 -17.00 -32.92
C GLN A 241 -50.85 -15.71 -33.67
N ASP A 242 -49.87 -14.79 -33.70
CA ASP A 242 -50.08 -13.56 -34.45
C ASP A 242 -50.21 -13.88 -35.93
N VAL A 243 -49.42 -14.83 -36.42
CA VAL A 243 -49.54 -15.25 -37.81
C VAL A 243 -50.86 -15.97 -38.05
N LEU A 244 -51.35 -16.72 -37.05
CA LEU A 244 -52.64 -17.40 -37.19
C LEU A 244 -53.82 -16.44 -37.22
N GLU A 245 -53.70 -15.29 -36.56
CA GLU A 245 -54.79 -14.33 -36.61
C GLU A 245 -54.99 -13.80 -38.03
N GLU A 246 -53.93 -13.74 -38.83
CA GLU A 246 -54.06 -13.29 -40.20
C GLU A 246 -54.97 -14.23 -40.98
N THR A 247 -55.90 -13.67 -41.74
CA THR A 247 -56.80 -14.42 -42.62
C THR A 247 -56.40 -14.34 -44.07
N ASN A 248 -56.04 -13.13 -44.51
CA ASN A 248 -55.64 -12.93 -45.88
C ASN A 248 -54.35 -13.65 -46.14
N ILE A 249 -54.28 -14.29 -47.31
CA ILE A 249 -53.08 -15.03 -47.68
C ILE A 249 -51.83 -14.15 -47.81
N PRO A 250 -51.83 -13.04 -48.57
CA PRO A 250 -50.59 -12.23 -48.62
C PRO A 250 -50.15 -11.70 -47.27
N LYS A 251 -51.09 -11.39 -46.40
CA LYS A 251 -50.76 -10.87 -45.07
C LYS A 251 -50.10 -11.94 -44.19
N ARG A 252 -50.68 -13.14 -44.10
CA ARG A 252 -50.03 -14.17 -43.29
C ARG A 252 -48.70 -14.58 -43.89
N LEU A 253 -48.62 -14.59 -45.24
CA LEU A 253 -47.36 -14.87 -45.91
C LEU A 253 -46.37 -13.76 -45.59
N TYR A 254 -46.85 -12.52 -45.47
CA TYR A 254 -45.99 -11.39 -45.16
C TYR A 254 -45.46 -11.48 -43.75
N LYS A 255 -46.28 -11.87 -42.79
CA LYS A 255 -45.77 -12.03 -41.43
C LYS A 255 -44.81 -13.21 -41.35
N ALA A 256 -45.13 -14.31 -42.03
CA ALA A 256 -44.27 -15.49 -42.02
C ALA A 256 -42.94 -15.20 -42.69
N LEU A 257 -42.96 -14.36 -43.72
CA LEU A 257 -41.73 -13.89 -44.36
C LEU A 257 -40.94 -12.99 -43.43
N SER A 258 -41.63 -12.20 -42.61
CA SER A 258 -40.86 -11.38 -41.69
C SER A 258 -40.18 -12.24 -40.66
N LEU A 259 -40.86 -13.28 -40.19
CA LEU A 259 -40.23 -14.19 -39.25
C LEU A 259 -39.05 -14.90 -39.89
N LEU A 260 -39.19 -15.22 -41.17
CA LEU A 260 -38.13 -15.92 -41.86
C LEU A 260 -36.89 -15.07 -42.03
N LYS A 261 -37.07 -13.81 -42.44
CA LYS A 261 -35.92 -12.92 -42.54
C LYS A 261 -35.33 -12.65 -41.17
N LYS A 262 -36.19 -12.61 -40.14
CA LYS A 262 -35.74 -12.32 -38.81
C LYS A 262 -34.76 -13.39 -38.36
N GLU A 263 -35.05 -14.63 -38.70
CA GLU A 263 -34.05 -15.65 -38.48
C GLU A 263 -32.84 -15.49 -39.42
N PHE A 264 -33.08 -15.08 -40.68
CA PHE A 264 -31.96 -15.07 -41.63
C PHE A 264 -30.86 -14.06 -41.40
N GLU A 265 -31.17 -12.89 -40.87
CA GLU A 265 -30.08 -11.97 -40.59
C GLU A 265 -29.27 -12.39 -39.40
N LEU A 266 -29.95 -12.80 -38.34
CA LEU A 266 -29.25 -13.20 -37.13
C LEU A 266 -28.42 -14.43 -37.41
N SER A 267 -28.92 -15.33 -38.25
CA SER A 267 -28.14 -16.49 -38.61
C SER A 267 -26.89 -16.05 -39.32
N LYS A 268 -27.07 -15.23 -40.36
CA LYS A 268 -25.97 -14.80 -41.20
C LYS A 268 -24.92 -14.09 -40.37
N LEU A 269 -25.39 -13.34 -39.40
CA LEU A 269 -24.50 -12.65 -38.50
C LEU A 269 -23.72 -13.62 -37.63
N GLN A 270 -24.37 -14.72 -37.20
CA GLN A 270 -23.67 -15.68 -36.37
C GLN A 270 -22.58 -16.38 -37.13
N GLN A 271 -22.88 -16.78 -38.36
CA GLN A 271 -21.90 -17.51 -39.13
C GLN A 271 -20.72 -16.61 -39.45
N ARG A 272 -21.02 -15.40 -39.89
CA ARG A 272 -19.94 -14.46 -40.14
C ARG A 272 -19.12 -14.17 -38.89
N LEU A 273 -19.75 -14.15 -37.72
CA LEU A 273 -18.95 -13.93 -36.53
C LEU A 273 -18.10 -15.13 -36.21
N GLY A 274 -18.67 -16.33 -36.33
CA GLY A 274 -17.90 -17.52 -35.99
C GLY A 274 -16.69 -17.69 -36.86
N ARG A 275 -16.90 -17.62 -38.19
CA ARG A 275 -15.76 -17.63 -39.13
C ARG A 275 -14.79 -16.55 -38.73
N GLU A 276 -15.28 -15.30 -38.56
CA GLU A 276 -14.45 -14.13 -38.32
C GLU A 276 -13.47 -14.40 -37.19
N VAL A 277 -14.01 -14.98 -36.10
CA VAL A 277 -13.18 -15.32 -34.97
C VAL A 277 -12.17 -16.38 -35.40
N GLU A 278 -12.58 -17.24 -36.34
CA GLU A 278 -11.70 -18.32 -36.70
C GLU A 278 -10.51 -17.81 -37.50
N GLU A 279 -10.75 -16.99 -38.53
CA GLU A 279 -9.60 -16.48 -39.28
C GLU A 279 -8.68 -15.69 -38.39
N LYS A 280 -9.22 -14.98 -37.40
CA LYS A 280 -8.34 -14.30 -36.46
C LYS A 280 -7.44 -15.29 -35.73
N ILE A 281 -8.02 -16.44 -35.38
CA ILE A 281 -7.23 -17.49 -34.73
C ILE A 281 -6.20 -18.06 -35.68
N LYS A 282 -6.56 -18.24 -36.95
CA LYS A 282 -5.59 -18.77 -37.88
C LYS A 282 -4.44 -17.79 -38.01
N GLN A 283 -4.78 -16.50 -38.09
CA GLN A 283 -3.76 -15.48 -38.21
C GLN A 283 -2.86 -15.51 -36.99
N THR A 284 -3.46 -15.81 -35.84
CA THR A 284 -2.71 -15.90 -34.62
C THR A 284 -1.75 -17.06 -34.71
N HIS A 285 -2.24 -18.17 -35.27
CA HIS A 285 -1.38 -19.33 -35.44
C HIS A 285 -0.22 -18.95 -36.32
N ARG A 286 -0.56 -18.38 -37.48
CA ARG A 286 0.38 -17.96 -38.51
C ARG A 286 1.52 -17.18 -37.90
N LYS A 287 1.18 -16.21 -37.05
CA LYS A 287 2.19 -15.45 -36.35
C LYS A 287 3.04 -16.36 -35.50
N TYR A 288 2.39 -17.16 -34.65
CA TYR A 288 3.15 -18.08 -33.81
C TYR A 288 4.14 -18.89 -34.63
N LEU A 289 3.68 -19.40 -35.76
CA LEU A 289 4.52 -20.22 -36.61
C LEU A 289 5.67 -19.38 -37.11
N LEU A 290 5.37 -18.17 -37.57
CA LEU A 290 6.40 -17.27 -38.03
C LEU A 290 7.46 -17.05 -36.97
N GLN A 291 7.01 -16.82 -35.73
CA GLN A 291 7.96 -16.61 -34.67
C GLN A 291 8.78 -17.86 -34.44
N GLU A 292 8.12 -19.01 -34.46
CA GLU A 292 8.78 -20.29 -34.23
C GLU A 292 9.87 -20.56 -35.26
N GLN A 293 9.50 -20.41 -36.53
CA GLN A 293 10.44 -20.49 -37.63
C GLN A 293 11.65 -19.64 -37.34
N LEU A 294 11.44 -18.33 -37.16
CA LEU A 294 12.54 -17.40 -36.85
C LEU A 294 13.42 -17.93 -35.73
N LYS A 295 12.79 -18.38 -34.64
CA LYS A 295 13.54 -18.88 -33.49
C LYS A 295 14.45 -20.01 -33.91
N ILE A 296 13.87 -21.02 -34.56
CA ILE A 296 14.65 -22.16 -35.00
C ILE A 296 15.75 -21.70 -35.95
N ILE A 297 15.48 -20.68 -36.75
CA ILE A 297 16.45 -20.16 -37.70
C ILE A 297 17.59 -19.45 -36.99
N LYS A 298 17.31 -18.84 -35.85
CA LYS A 298 18.30 -18.12 -35.08
C LYS A 298 19.11 -19.06 -34.21
N LYS A 299 18.52 -20.21 -33.90
CA LYS A 299 19.11 -21.20 -33.04
C LYS A 299 19.85 -22.27 -33.80
N GLU A 300 19.52 -22.51 -35.06
CA GLU A 300 20.19 -23.55 -35.80
C GLU A 300 21.29 -22.95 -36.65
N LEU A 301 20.98 -22.05 -37.58
CA LEU A 301 22.04 -21.48 -38.38
C LEU A 301 22.61 -20.29 -37.66
N GLY A 302 23.81 -19.94 -38.08
CA GLY A 302 24.57 -18.85 -37.57
C GLY A 302 25.63 -19.46 -36.67
N LEU A 303 26.33 -18.58 -35.96
CA LEU A 303 27.38 -19.00 -35.04
C LEU A 303 26.88 -18.92 -33.62
N GLU A 304 25.85 -19.70 -33.30
CA GLU A 304 25.31 -19.69 -31.95
C GLU A 304 25.80 -20.97 -31.29
N LYS A 305 27.10 -20.93 -31.11
CA LYS A 305 27.90 -21.97 -30.50
C LYS A 305 27.72 -21.81 -28.98
N ASP A 306 26.84 -22.62 -28.37
CA ASP A 306 26.55 -22.58 -26.92
C ASP A 306 26.48 -21.21 -26.20
N ASP A 307 25.46 -20.41 -26.51
CA ASP A 307 25.36 -19.11 -25.84
C ASP A 307 24.99 -19.25 -24.37
N LYS A 308 24.31 -20.34 -24.01
CA LYS A 308 23.96 -20.56 -22.62
C LYS A 308 25.12 -21.08 -21.78
N ASP A 309 26.16 -21.62 -22.40
CA ASP A 309 27.30 -22.14 -21.67
C ASP A 309 28.40 -21.11 -21.50
N ALA A 310 28.57 -20.19 -22.45
CA ALA A 310 29.65 -19.21 -22.38
C ALA A 310 29.56 -18.40 -21.11
N ILE A 311 28.35 -18.02 -20.72
CA ILE A 311 28.17 -17.30 -19.47
C ILE A 311 28.49 -18.20 -18.26
N GLU A 312 28.06 -19.47 -18.29
CA GLU A 312 28.44 -20.36 -17.20
C GLU A 312 29.94 -20.52 -17.10
N GLU A 313 30.61 -20.62 -18.26
CA GLU A 313 32.06 -20.62 -18.29
C GLU A 313 32.59 -19.34 -17.72
N LYS A 314 31.92 -18.23 -18.02
CA LYS A 314 32.44 -16.93 -17.64
C LYS A 314 32.49 -16.88 -16.13
N PHE A 315 31.41 -17.34 -15.50
CA PHE A 315 31.36 -17.37 -14.06
C PHE A 315 32.42 -18.31 -13.50
N ARG A 316 32.77 -19.37 -14.26
CA ARG A 316 33.90 -20.20 -13.85
C ARG A 316 35.15 -19.35 -13.80
N GLU A 317 35.43 -18.63 -14.89
CA GLU A 317 36.71 -17.96 -15.05
C GLU A 317 36.86 -16.93 -13.97
N ARG A 318 35.80 -16.14 -13.75
CA ARG A 318 35.87 -15.10 -12.73
C ARG A 318 36.06 -15.74 -11.37
N LEU A 319 35.55 -16.97 -11.17
CA LEU A 319 35.78 -17.62 -9.90
C LEU A 319 37.09 -18.38 -9.79
N LYS A 320 37.82 -18.60 -10.90
CA LYS A 320 39.04 -19.39 -10.83
C LYS A 320 40.04 -18.70 -9.93
N GLU A 321 40.29 -17.45 -10.24
CA GLU A 321 41.33 -16.67 -9.58
C GLU A 321 40.98 -16.43 -8.11
N LEU A 322 39.69 -16.34 -7.80
CA LEU A 322 39.28 -15.98 -6.45
C LEU A 322 39.61 -17.07 -5.45
N VAL A 323 39.83 -16.64 -4.20
CA VAL A 323 39.88 -17.57 -3.04
C VAL A 323 38.45 -17.64 -2.51
N VAL A 324 37.66 -18.51 -3.13
CA VAL A 324 36.23 -18.62 -2.78
C VAL A 324 36.09 -19.04 -1.31
N PRO A 325 35.30 -18.36 -0.48
CA PRO A 325 35.04 -18.87 0.85
C PRO A 325 34.26 -20.17 0.81
N LYS A 326 34.51 -21.02 1.80
CA LYS A 326 33.89 -22.34 1.80
C LYS A 326 32.39 -22.24 1.92
N HIS A 327 31.89 -21.18 2.54
CA HIS A 327 30.47 -20.94 2.62
C HIS A 327 29.86 -20.78 1.24
N VAL A 328 30.61 -20.22 0.29
CA VAL A 328 30.06 -19.88 -1.02
C VAL A 328 30.18 -21.02 -2.02
N MET A 329 31.33 -21.70 -2.07
CA MET A 329 31.65 -22.54 -3.23
C MET A 329 30.66 -23.67 -3.48
N ASP A 330 29.97 -24.15 -2.46
CA ASP A 330 28.91 -25.10 -2.74
C ASP A 330 27.72 -24.41 -3.38
N VAL A 331 27.26 -23.33 -2.75
CA VAL A 331 26.02 -22.68 -3.17
C VAL A 331 26.14 -22.12 -4.55
N VAL A 332 27.36 -21.70 -4.93
CA VAL A 332 27.50 -21.03 -6.20
C VAL A 332 27.29 -22.08 -7.29
N ASP A 333 28.15 -23.09 -7.30
CA ASP A 333 28.21 -23.95 -8.44
C ASP A 333 26.90 -24.72 -8.54
N GLU A 334 26.26 -25.04 -7.39
CA GLU A 334 24.96 -25.71 -7.49
C GLU A 334 23.95 -24.82 -8.17
N GLU A 335 23.99 -23.52 -7.89
CA GLU A 335 23.11 -22.63 -8.62
C GLU A 335 23.50 -22.53 -10.09
N LEU A 336 24.78 -22.62 -10.41
CA LEU A 336 25.16 -22.64 -11.82
C LEU A 336 24.62 -23.89 -12.51
N SER A 337 24.58 -25.01 -11.80
CA SER A 337 23.95 -26.21 -12.33
C SER A 337 22.46 -25.99 -12.55
N LYS A 338 21.78 -25.44 -11.54
CA LYS A 338 20.35 -25.19 -11.61
C LYS A 338 20.05 -24.26 -12.78
N LEU A 339 20.93 -23.28 -13.01
CA LEU A 339 20.83 -22.40 -14.17
C LEU A 339 21.05 -23.20 -15.44
N GLY A 340 21.89 -24.23 -15.39
CA GLY A 340 22.13 -25.02 -16.57
C GLY A 340 20.96 -25.91 -16.90
N LEU A 341 20.05 -26.11 -15.96
CA LEU A 341 18.89 -26.93 -16.27
C LEU A 341 17.90 -26.13 -17.10
N LEU A 342 17.62 -24.91 -16.67
CA LEU A 342 16.49 -24.15 -17.16
C LEU A 342 16.85 -23.34 -18.42
N ASP A 343 15.82 -23.08 -19.21
CA ASP A 343 15.90 -22.28 -20.43
C ASP A 343 16.26 -20.83 -20.16
N ASN A 344 17.04 -20.24 -21.09
CA ASN A 344 17.55 -18.88 -20.92
C ASN A 344 16.42 -17.89 -20.78
N HIS A 345 15.29 -18.15 -21.44
CA HIS A 345 14.14 -17.28 -21.35
C HIS A 345 13.26 -17.59 -20.15
N SER A 346 13.61 -18.61 -19.35
CA SER A 346 12.82 -18.95 -18.18
C SER A 346 12.75 -17.76 -17.25
N SER A 347 11.55 -17.48 -16.74
CA SER A 347 11.32 -16.22 -16.03
C SER A 347 12.24 -16.07 -14.84
N GLU A 348 12.53 -17.18 -14.15
CA GLU A 348 13.52 -17.12 -13.08
C GLU A 348 14.93 -16.85 -13.59
N PHE A 349 15.23 -17.23 -14.84
CA PHE A 349 16.63 -17.25 -15.27
C PHE A 349 17.27 -15.88 -15.19
N ASN A 350 16.49 -14.84 -15.40
CA ASN A 350 17.09 -13.53 -15.42
C ASN A 350 17.28 -12.95 -14.03
N VAL A 351 16.65 -13.54 -13.03
CA VAL A 351 16.96 -13.18 -11.65
C VAL A 351 18.16 -14.00 -11.22
N THR A 352 18.16 -15.29 -11.54
CA THR A 352 19.27 -16.14 -11.15
C THR A 352 20.54 -15.68 -11.83
N ARG A 353 20.45 -15.34 -13.12
CA ARG A 353 21.61 -14.82 -13.83
C ARG A 353 22.12 -13.54 -13.18
N ASN A 354 21.23 -12.81 -12.52
CA ASN A 354 21.69 -11.64 -11.80
C ASN A 354 22.37 -12.07 -10.52
N TYR A 355 21.74 -13.00 -9.78
CA TYR A 355 22.27 -13.39 -8.48
C TYR A 355 23.65 -13.97 -8.58
N LEU A 356 23.88 -14.74 -9.64
CA LEU A 356 25.21 -15.29 -9.86
C LEU A 356 26.12 -14.16 -10.25
N ASP A 357 25.58 -13.27 -11.08
CA ASP A 357 26.36 -12.18 -11.62
C ASP A 357 26.85 -11.32 -10.47
N TRP A 358 26.02 -11.16 -9.42
CA TRP A 358 26.57 -10.50 -8.26
C TRP A 358 27.61 -11.38 -7.58
N LEU A 359 27.20 -12.61 -7.27
CA LEU A 359 28.02 -13.45 -6.40
C LEU A 359 29.33 -13.84 -7.04
N THR A 360 29.35 -13.96 -8.35
CA THR A 360 30.61 -14.20 -9.03
C THR A 360 31.48 -12.98 -9.05
N SER A 361 30.88 -11.80 -8.90
CA SER A 361 31.56 -10.58 -9.25
C SER A 361 32.16 -9.89 -8.06
N ILE A 362 31.54 -10.02 -6.90
CA ILE A 362 32.06 -9.28 -5.76
C ILE A 362 33.42 -9.88 -5.37
N PRO A 363 34.46 -9.09 -5.20
CA PRO A 363 35.79 -9.65 -4.97
C PRO A 363 35.89 -10.45 -3.69
N TRP A 364 36.67 -11.54 -3.77
CA TRP A 364 36.76 -12.54 -2.71
C TRP A 364 38.21 -12.74 -2.31
N GLY A 365 38.64 -12.03 -1.26
CA GLY A 365 39.99 -12.22 -0.75
C GLY A 365 41.14 -11.57 -1.47
N LYS A 366 40.93 -10.91 -2.61
CA LYS A 366 42.03 -10.17 -3.21
C LYS A 366 42.44 -9.07 -2.26
N TYR A 367 43.75 -8.85 -2.07
CA TYR A 367 44.20 -7.92 -1.04
C TYR A 367 45.22 -6.98 -1.63
N SER A 368 45.14 -5.70 -1.28
CA SER A 368 46.13 -4.73 -1.72
C SER A 368 47.27 -4.45 -0.74
N ASN A 369 48.43 -5.04 -0.98
CA ASN A 369 49.54 -4.80 -0.08
C ASN A 369 49.86 -3.30 -0.14
N GLU A 370 50.07 -2.67 1.00
CA GLU A 370 50.22 -1.22 1.13
C GLU A 370 51.68 -0.88 1.28
N ASN A 371 52.01 0.36 0.93
CA ASN A 371 53.34 0.86 1.23
C ASN A 371 53.51 0.76 2.72
N LEU A 372 54.70 0.28 3.13
CA LEU A 372 54.95 -0.08 4.52
C LEU A 372 55.95 0.82 5.19
N ASP A 373 57.02 1.21 4.50
CA ASP A 373 58.02 2.02 5.17
C ASP A 373 57.33 3.31 5.56
N LEU A 374 57.52 3.72 6.79
CA LEU A 374 56.83 4.90 7.27
C LEU A 374 57.54 6.20 6.94
N ALA A 375 58.84 6.14 6.64
CA ALA A 375 59.58 7.34 6.29
C ALA A 375 58.89 8.04 5.13
N ARG A 376 58.60 7.28 4.08
CA ARG A 376 57.83 7.81 2.97
C ARG A 376 56.38 8.08 3.33
N ALA A 377 55.85 7.41 4.34
CA ALA A 377 54.48 7.70 4.73
C ALA A 377 54.36 9.12 5.28
N GLN A 378 55.41 9.60 5.96
CA GLN A 378 55.38 10.93 6.55
C GLN A 378 55.08 11.98 5.53
N ALA A 379 55.78 11.92 4.38
CA ALA A 379 55.64 12.90 3.32
C ALA A 379 54.18 12.92 2.99
N VAL A 380 53.63 11.83 2.43
CA VAL A 380 52.27 11.89 1.90
C VAL A 380 51.29 12.24 3.01
N LEU A 381 51.60 11.82 4.24
CA LEU A 381 50.77 12.16 5.37
C LEU A 381 50.78 13.64 5.71
N GLU A 382 51.88 14.32 5.45
CA GLU A 382 51.94 15.75 5.72
C GLU A 382 51.50 16.62 4.56
N GLU A 383 51.59 16.11 3.32
CA GLU A 383 51.59 17.02 2.17
C GLU A 383 50.29 17.78 2.01
N ASP A 384 49.18 17.19 2.42
CA ASP A 384 47.89 17.78 2.14
C ASP A 384 47.15 18.31 3.36
N HIS A 385 47.72 18.17 4.55
CA HIS A 385 47.17 18.74 5.77
C HIS A 385 48.24 19.00 6.81
N TYR A 386 47.93 19.96 7.65
CA TYR A 386 48.79 20.44 8.72
C TYR A 386 48.13 20.15 10.05
N GLY A 387 48.95 19.90 11.06
CA GLY A 387 48.42 19.52 12.36
C GLY A 387 47.86 18.12 12.37
N MET A 388 46.82 17.94 13.17
CA MET A 388 46.10 16.68 13.32
C MET A 388 47.07 15.57 13.71
N GLU A 389 47.97 15.96 14.60
CA GLU A 389 49.12 15.16 14.97
C GLU A 389 48.69 13.84 15.62
N ASP A 390 47.57 13.87 16.34
CA ASP A 390 47.19 12.67 17.08
C ASP A 390 46.73 11.60 16.10
N VAL A 391 46.07 12.03 15.03
CA VAL A 391 45.69 11.09 14.00
C VAL A 391 46.93 10.55 13.30
N LYS A 392 47.93 11.40 13.12
CA LYS A 392 49.19 10.92 12.58
C LYS A 392 49.77 9.84 13.48
N LYS A 393 49.66 10.02 14.80
CA LYS A 393 50.24 9.01 15.66
C LYS A 393 49.46 7.74 15.63
N ARG A 394 48.13 7.83 15.54
CA ARG A 394 47.34 6.62 15.48
C ARG A 394 47.63 5.86 14.20
N ILE A 395 47.82 6.60 13.12
CA ILE A 395 48.16 5.93 11.90
C ILE A 395 49.53 5.31 12.01
N LEU A 396 50.46 5.95 12.75
CA LEU A 396 51.78 5.36 12.91
C LEU A 396 51.64 4.04 13.65
N GLU A 397 50.73 4.02 14.61
CA GLU A 397 50.46 2.80 15.34
C GLU A 397 49.89 1.75 14.42
N PHE A 398 48.95 2.15 13.58
CA PHE A 398 48.28 1.18 12.73
C PHE A 398 49.24 0.54 11.76
N ILE A 399 50.04 1.34 11.09
CA ILE A 399 51.00 0.75 10.18
C ILE A 399 51.99 -0.11 10.94
N ALA A 400 52.36 0.30 12.16
CA ALA A 400 53.31 -0.50 12.90
C ALA A 400 52.77 -1.88 13.25
N VAL A 401 51.62 -1.92 13.89
CA VAL A 401 51.03 -3.19 14.30
C VAL A 401 50.72 -4.09 13.10
N SER A 402 50.09 -3.54 12.06
CA SER A 402 49.74 -4.36 10.89
C SER A 402 50.98 -4.88 10.19
N GLN A 403 52.07 -4.15 10.31
CA GLN A 403 53.41 -4.53 9.89
C GLN A 403 53.97 -5.65 10.76
N LEU A 404 53.44 -5.85 11.97
CA LEU A 404 54.02 -6.78 12.92
C LEU A 404 53.49 -8.19 12.73
N ARG A 405 52.18 -8.38 12.73
CA ARG A 405 51.61 -9.71 12.54
C ARG A 405 51.22 -9.87 11.08
N GLY A 406 52.24 -9.71 10.22
CA GLY A 406 52.10 -10.08 8.82
C GLY A 406 50.87 -9.44 8.26
N SER A 407 49.85 -10.28 8.16
CA SER A 407 48.64 -9.96 7.42
C SER A 407 47.95 -8.74 7.99
N THR A 408 47.31 -8.05 7.07
CA THR A 408 46.53 -6.84 7.29
C THR A 408 45.32 -7.09 8.18
N GLN A 409 44.93 -6.03 8.87
CA GLN A 409 43.81 -6.07 9.79
C GLN A 409 43.17 -4.71 9.82
N GLY A 410 41.87 -4.74 10.04
CA GLY A 410 41.01 -3.59 9.97
C GLY A 410 40.84 -3.00 11.33
N LYS A 411 39.89 -2.07 11.42
CA LYS A 411 39.66 -1.36 12.66
C LYS A 411 38.42 -0.51 12.42
N ILE A 412 38.08 0.32 13.40
CA ILE A 412 37.05 1.33 13.27
C ILE A 412 37.64 2.51 14.03
N LEU A 413 37.15 3.70 13.75
CA LEU A 413 37.60 4.89 14.44
C LEU A 413 36.47 5.89 14.36
N CYS A 414 36.54 6.94 15.18
CA CYS A 414 35.49 7.97 15.11
C CYS A 414 36.00 9.34 15.59
N PHE A 415 36.32 10.16 14.61
CA PHE A 415 36.68 11.54 14.85
C PHE A 415 35.45 12.34 15.25
N TYR A 416 35.67 13.45 15.94
CA TYR A 416 34.60 14.41 16.25
C TYR A 416 35.24 15.68 16.77
N GLY A 417 34.52 16.79 16.59
CA GLY A 417 34.96 18.09 17.02
C GLY A 417 34.23 19.18 16.24
N PRO A 418 34.76 20.40 16.20
CA PRO A 418 34.04 21.48 15.52
C PRO A 418 33.87 21.22 14.04
N PRO A 419 32.77 21.70 13.45
CA PRO A 419 32.59 21.52 12.02
C PRO A 419 33.68 22.25 11.24
N GLY A 420 34.09 21.67 10.12
CA GLY A 420 35.05 22.36 9.28
C GLY A 420 36.46 22.27 9.80
N VAL A 421 36.68 21.42 10.80
CA VAL A 421 37.99 21.11 11.31
C VAL A 421 38.80 20.33 10.28
N GLY A 422 38.15 19.69 9.31
CA GLY A 422 38.82 18.79 8.39
C GLY A 422 38.40 17.36 8.51
N LYS A 423 37.31 17.08 9.24
CA LYS A 423 36.90 15.70 9.52
C LYS A 423 36.67 14.96 8.23
N THR A 424 35.84 15.51 7.36
CA THR A 424 35.63 14.88 6.09
C THR A 424 36.90 14.97 5.23
N SER A 425 37.80 15.92 5.51
CA SER A 425 38.96 16.18 4.66
C SER A 425 40.14 15.25 4.88
N ILE A 426 40.13 14.36 5.86
CA ILE A 426 41.33 13.56 6.11
C ILE A 426 41.30 12.24 5.38
N ALA A 427 40.12 11.64 5.29
CA ALA A 427 40.04 10.27 4.82
C ALA A 427 40.62 10.14 3.44
N ARG A 428 40.42 11.17 2.60
CA ARG A 428 41.06 11.14 1.30
C ARG A 428 42.57 11.14 1.43
N SER A 429 43.08 11.78 2.48
CA SER A 429 44.52 11.78 2.68
C SER A 429 44.94 10.42 3.20
N ILE A 430 44.20 9.90 4.16
CA ILE A 430 44.56 8.63 4.77
C ILE A 430 44.59 7.55 3.68
N ALA A 431 43.51 7.49 2.90
CA ALA A 431 43.37 6.47 1.86
C ALA A 431 44.47 6.60 0.85
N ARG A 432 44.88 7.84 0.59
CA ARG A 432 46.05 8.09 -0.24
C ARG A 432 47.32 7.62 0.43
N ALA A 433 47.35 7.65 1.75
CA ALA A 433 48.55 7.23 2.46
C ALA A 433 48.75 5.74 2.30
N LEU A 434 47.80 4.96 2.82
CA LEU A 434 47.95 3.51 2.70
C LEU A 434 47.88 3.07 1.26
N ASN A 435 47.14 3.81 0.44
CA ASN A 435 46.90 3.55 -0.93
C ASN A 435 45.82 2.49 -1.08
N ARG A 436 45.15 2.08 0.00
CA ARG A 436 43.98 1.27 -0.20
C ARG A 436 42.88 2.17 -0.71
N GLU A 437 41.98 1.57 -1.48
CA GLU A 437 40.98 2.33 -2.18
C GLU A 437 40.07 3.08 -1.23
N TYR A 438 39.78 4.30 -1.61
CA TYR A 438 38.99 5.26 -0.88
C TYR A 438 37.52 5.01 -1.14
N PHE A 439 36.71 5.49 -0.21
CA PHE A 439 35.29 5.53 -0.38
C PHE A 439 34.83 6.61 0.59
N ARG A 440 33.58 7.00 0.45
CA ARG A 440 32.95 7.93 1.36
C ARG A 440 31.49 7.58 1.30
N PHE A 441 30.78 7.77 2.40
CA PHE A 441 29.38 7.40 2.40
C PHE A 441 28.71 8.18 3.53
N SER A 442 28.07 9.27 3.16
CA SER A 442 27.39 10.03 4.18
C SER A 442 26.21 9.18 4.57
N VAL A 443 25.88 9.17 5.86
CA VAL A 443 24.72 8.45 6.35
C VAL A 443 23.69 9.38 6.99
N GLY A 444 23.88 10.70 6.89
CA GLY A 444 23.02 11.67 7.55
C GLY A 444 21.58 11.47 7.14
N GLY A 445 20.70 11.30 8.12
CA GLY A 445 19.29 11.21 7.85
C GLY A 445 18.84 9.93 7.19
N MET A 446 19.74 8.99 6.93
CA MET A 446 19.32 7.72 6.36
C MET A 446 18.39 7.01 7.31
N THR A 447 17.41 6.31 6.76
CA THR A 447 16.45 5.57 7.57
C THR A 447 16.04 4.24 6.93
N ASP A 448 16.79 3.72 5.95
CA ASP A 448 16.42 2.48 5.27
C ASP A 448 17.59 1.51 5.35
N VAL A 449 17.39 0.42 6.10
CA VAL A 449 18.43 -0.58 6.28
C VAL A 449 18.84 -1.27 4.98
N ALA A 450 17.98 -1.23 3.95
CA ALA A 450 18.23 -1.96 2.69
C ALA A 450 19.56 -1.54 2.07
N GLU A 451 19.97 -0.29 2.29
CA GLU A 451 21.23 0.17 1.70
C GLU A 451 22.37 -0.64 2.28
N ILE A 452 22.24 -1.05 3.54
CA ILE A 452 23.22 -1.92 4.15
C ILE A 452 22.93 -3.39 3.88
N LYS A 453 21.72 -3.74 3.32
CA LYS A 453 21.31 -5.15 3.21
C LYS A 453 20.85 -5.64 1.84
N GLY A 454 20.11 -4.83 1.10
CA GLY A 454 19.48 -5.34 -0.10
C GLY A 454 18.17 -6.00 0.28
N HIS A 455 17.53 -6.60 -0.73
CA HIS A 455 16.19 -7.18 -0.63
C HIS A 455 16.28 -8.68 -0.87
N ARG A 456 15.13 -9.35 -0.84
CA ARG A 456 15.03 -10.80 -0.68
C ARG A 456 15.24 -11.58 -1.97
N ARG A 457 15.40 -10.91 -3.11
CA ARG A 457 15.54 -11.42 -4.47
C ARG A 457 14.20 -11.91 -5.04
N THR A 458 13.16 -12.09 -4.24
CA THR A 458 11.84 -12.33 -4.80
C THR A 458 11.35 -11.10 -5.54
N TYR A 459 11.75 -9.93 -5.05
CA TYR A 459 11.31 -8.69 -5.66
C TYR A 459 12.10 -8.50 -6.95
N VAL A 460 11.45 -7.94 -7.97
CA VAL A 460 12.15 -7.68 -9.22
C VAL A 460 13.25 -6.66 -8.97
N GLY A 461 14.43 -6.92 -9.49
CA GLY A 461 15.51 -5.97 -9.40
C GLY A 461 16.20 -5.87 -8.05
N ALA A 462 15.96 -6.78 -7.13
CA ALA A 462 16.61 -6.68 -5.83
C ALA A 462 18.10 -6.85 -6.03
N MET A 463 18.88 -6.09 -5.29
CA MET A 463 20.33 -6.14 -5.35
C MET A 463 20.92 -6.10 -3.96
N PRO A 464 22.11 -6.66 -3.74
CA PRO A 464 22.65 -6.72 -2.39
C PRO A 464 22.94 -5.29 -1.95
N GLY A 465 22.96 -5.07 -0.65
CA GLY A 465 23.28 -3.78 -0.07
C GLY A 465 24.46 -3.02 -0.66
N LYS A 466 24.38 -1.70 -0.51
CA LYS A 466 25.26 -0.77 -1.21
C LYS A 466 26.72 -1.02 -0.89
N ILE A 467 27.01 -1.46 0.33
CA ILE A 467 28.38 -1.67 0.72
C ILE A 467 29.00 -2.70 -0.20
N ILE A 468 28.20 -3.70 -0.55
CA ILE A 468 28.65 -4.74 -1.45
C ILE A 468 28.85 -4.15 -2.83
N GLN A 469 28.01 -3.21 -3.22
CA GLN A 469 28.19 -2.57 -4.51
C GLN A 469 29.49 -1.81 -4.55
N CYS A 470 29.85 -1.19 -3.44
CA CYS A 470 31.16 -0.56 -3.34
C CYS A 470 32.23 -1.61 -3.52
N LEU A 471 32.11 -2.71 -2.78
CA LEU A 471 33.16 -3.73 -2.77
C LEU A 471 33.34 -4.34 -4.15
N LYS A 472 32.25 -4.36 -4.91
CA LYS A 472 32.33 -4.76 -6.30
C LYS A 472 33.07 -3.70 -7.07
N LYS A 473 32.82 -2.46 -6.73
CA LYS A 473 33.40 -1.38 -7.49
C LYS A 473 34.87 -1.20 -7.17
N THR A 474 35.36 -1.81 -6.08
CA THR A 474 36.74 -1.76 -5.63
C THR A 474 37.34 -3.17 -5.44
N LYS A 475 37.99 -3.69 -6.49
CA LYS A 475 38.22 -5.13 -6.64
C LYS A 475 38.99 -5.72 -5.46
N THR A 476 39.78 -4.92 -4.76
CA THR A 476 40.45 -5.49 -3.62
C THR A 476 39.39 -5.88 -2.60
N GLU A 477 39.72 -6.85 -1.78
CA GLU A 477 38.76 -7.32 -0.80
C GLU A 477 38.77 -6.40 0.43
N ASN A 478 39.74 -5.47 0.52
CA ASN A 478 39.92 -4.62 1.70
C ASN A 478 39.96 -3.11 1.39
N PRO A 479 38.83 -2.56 0.95
CA PRO A 479 38.66 -1.10 0.85
C PRO A 479 38.57 -0.39 2.18
N LEU A 480 38.94 0.89 2.17
CA LEU A 480 38.70 1.77 3.32
C LEU A 480 37.29 2.34 3.21
N ILE A 481 36.31 1.58 3.67
CA ILE A 481 34.94 2.09 3.68
C ILE A 481 34.96 3.31 4.59
N LEU A 482 34.07 4.27 4.30
CA LEU A 482 33.96 5.49 5.10
C LEU A 482 32.52 5.95 5.31
N ILE A 483 31.89 5.45 6.36
CA ILE A 483 30.64 6.06 6.81
C ILE A 483 30.96 7.45 7.35
N ASP A 484 30.00 8.37 7.30
CA ASP A 484 30.25 9.76 7.66
C ASP A 484 29.04 10.37 8.34
N GLU A 485 29.31 11.29 9.29
CA GLU A 485 28.25 12.05 9.97
C GLU A 485 27.22 11.17 10.67
N VAL A 486 27.73 10.17 11.40
CA VAL A 486 26.89 9.11 11.95
C VAL A 486 25.81 9.68 12.88
N ASP A 487 26.13 10.71 13.65
CA ASP A 487 25.20 11.17 14.67
C ASP A 487 23.92 11.75 14.08
N LYS A 488 23.97 12.25 12.86
CA LYS A 488 22.82 12.83 12.21
C LYS A 488 22.06 11.80 11.40
N ILE A 489 22.32 10.51 11.64
CA ILE A 489 21.57 9.44 11.00
C ILE A 489 20.14 9.51 11.47
N GLY A 490 19.20 9.23 10.57
CA GLY A 490 17.83 9.50 10.89
C GLY A 490 17.24 8.39 11.72
N ARG A 491 16.07 8.67 12.27
CA ARG A 491 15.26 7.67 12.98
C ARG A 491 14.11 7.28 12.08
N GLY A 492 14.17 6.07 11.53
CA GLY A 492 13.14 5.64 10.62
C GLY A 492 11.86 5.13 11.24
N TYR A 493 11.73 5.18 12.59
CA TYR A 493 10.59 4.72 13.39
C TYR A 493 10.15 3.27 13.15
N GLN A 494 10.89 2.50 12.38
CA GLN A 494 10.56 1.12 12.09
C GLN A 494 11.85 0.50 11.53
N GLY A 495 12.60 -0.14 12.43
CA GLY A 495 13.88 -0.69 12.07
C GLY A 495 14.82 0.44 11.69
N ASP A 496 15.12 1.31 12.65
CA ASP A 496 16.03 2.41 12.35
C ASP A 496 17.43 1.84 12.15
N PRO A 497 18.27 2.52 11.36
CA PRO A 497 19.59 1.94 11.04
C PRO A 497 20.53 1.70 12.20
N SER A 498 20.46 2.43 13.31
CA SER A 498 21.45 2.22 14.37
C SER A 498 21.39 0.81 14.93
N SER A 499 20.20 0.21 14.94
CA SER A 499 20.10 -1.16 15.37
C SER A 499 20.78 -2.06 14.38
N ALA A 500 20.73 -1.73 13.10
CA ALA A 500 21.39 -2.57 12.12
C ALA A 500 22.88 -2.40 12.29
N LEU A 501 23.28 -1.14 12.40
CA LEU A 501 24.67 -0.74 12.34
C LEU A 501 25.48 -1.43 13.39
N LEU A 502 24.86 -1.70 14.54
CA LEU A 502 25.64 -2.29 15.62
C LEU A 502 26.17 -3.67 15.25
N GLU A 503 25.40 -4.45 14.48
CA GLU A 503 25.89 -5.77 14.08
C GLU A 503 27.03 -5.65 13.10
N LEU A 504 27.06 -4.56 12.35
CA LEU A 504 28.12 -4.36 11.40
C LEU A 504 29.36 -3.93 12.16
N LEU A 505 29.19 -3.00 13.07
CA LEU A 505 30.30 -2.29 13.62
C LEU A 505 30.91 -3.01 14.81
N ASP A 506 30.33 -4.12 15.23
CA ASP A 506 30.87 -4.85 16.34
C ASP A 506 32.19 -5.38 15.85
N PRO A 507 33.33 -5.11 16.51
CA PRO A 507 34.63 -5.50 15.96
C PRO A 507 34.73 -6.98 15.73
N GLU A 508 34.09 -7.76 16.58
CA GLU A 508 34.11 -9.21 16.52
C GLU A 508 33.04 -9.86 15.63
N GLN A 509 31.81 -9.37 15.62
CA GLN A 509 30.78 -10.00 14.81
C GLN A 509 30.87 -9.66 13.33
N ASN A 510 31.62 -8.61 12.97
CA ASN A 510 31.63 -8.14 11.58
C ASN A 510 32.07 -9.24 10.61
N ALA A 511 32.85 -10.22 11.08
CA ALA A 511 33.38 -11.26 10.20
C ALA A 511 32.26 -12.10 9.59
N ASN A 512 31.07 -12.07 10.20
CA ASN A 512 29.93 -12.84 9.77
C ASN A 512 28.77 -11.90 9.58
N PHE A 513 29.02 -10.82 8.84
CA PHE A 513 27.91 -10.04 8.32
C PHE A 513 27.12 -10.89 7.34
N LEU A 514 25.80 -10.78 7.40
CA LEU A 514 24.94 -11.58 6.52
C LEU A 514 23.87 -10.66 5.97
N ASP A 515 24.13 -10.12 4.79
CA ASP A 515 23.12 -9.31 4.13
C ASP A 515 21.98 -10.21 3.70
N HIS A 516 20.76 -9.69 3.81
CA HIS A 516 19.58 -10.53 3.61
C HIS A 516 19.48 -11.01 2.17
N TYR A 517 20.02 -10.25 1.22
CA TYR A 517 19.87 -10.60 -0.19
C TYR A 517 20.49 -11.95 -0.47
N LEU A 518 21.80 -12.04 -0.43
CA LEU A 518 22.50 -13.32 -0.51
C LEU A 518 22.94 -13.57 0.92
N ASP A 519 22.38 -14.59 1.55
CA ASP A 519 22.50 -14.66 2.99
C ASP A 519 23.80 -15.30 3.48
N VAL A 520 24.65 -15.78 2.59
CA VAL A 520 25.89 -16.44 3.04
C VAL A 520 26.77 -15.45 3.79
N PRO A 521 27.36 -15.81 4.94
CA PRO A 521 28.20 -14.84 5.68
C PRO A 521 29.40 -14.39 4.87
N VAL A 522 29.78 -13.13 5.08
CA VAL A 522 30.99 -12.58 4.46
C VAL A 522 31.97 -12.11 5.53
N ASP A 523 33.26 -12.41 5.32
CA ASP A 523 34.30 -11.83 6.16
C ASP A 523 34.43 -10.35 5.84
N LEU A 524 34.61 -9.57 6.86
CA LEU A 524 34.74 -8.15 6.64
C LEU A 524 35.74 -7.54 7.59
N SER A 525 36.56 -8.36 8.24
CA SER A 525 37.56 -7.83 9.15
C SER A 525 38.60 -6.94 8.51
N LYS A 526 38.87 -7.10 7.22
CA LYS A 526 40.00 -6.35 6.72
C LYS A 526 39.70 -4.87 6.50
N VAL A 527 38.42 -4.49 6.40
CA VAL A 527 38.09 -3.08 6.17
C VAL A 527 38.52 -2.30 7.41
N LEU A 528 38.86 -1.03 7.24
CA LEU A 528 39.09 -0.08 8.34
C LEU A 528 38.08 1.05 8.25
N PHE A 529 36.92 0.83 8.84
CA PHE A 529 35.86 1.82 8.80
C PHE A 529 36.29 3.07 9.56
N ILE A 530 35.68 4.18 9.19
CA ILE A 530 35.83 5.45 9.88
C ILE A 530 34.46 6.10 9.87
N CYS A 531 34.17 6.81 10.96
CA CYS A 531 32.90 7.46 11.21
C CYS A 531 33.13 8.82 11.83
N THR A 532 32.19 9.71 11.57
CA THR A 532 32.31 11.10 11.97
C THR A 532 30.99 11.62 12.47
N ALA A 533 31.09 12.57 13.39
CA ALA A 533 29.92 13.25 13.93
C ALA A 533 30.41 14.55 14.56
N ASN A 534 29.61 15.62 14.44
CA ASN A 534 30.01 16.92 14.97
C ASN A 534 29.89 17.01 16.49
N VAL A 535 29.13 16.10 17.10
CA VAL A 535 28.96 16.01 18.55
C VAL A 535 28.68 14.55 18.85
N THR A 536 29.08 14.13 20.03
CA THR A 536 29.14 12.73 20.37
C THR A 536 28.14 12.41 21.46
N ASP A 537 26.93 12.95 21.33
CA ASP A 537 25.87 12.69 22.28
C ASP A 537 24.73 11.87 21.72
N THR A 538 24.37 12.09 20.45
CA THR A 538 23.29 11.33 19.85
C THR A 538 23.59 9.83 19.78
N ILE A 539 24.88 9.46 19.74
CA ILE A 539 25.25 8.07 19.48
C ILE A 539 24.74 7.17 20.60
N PRO A 540 24.13 6.02 20.33
CA PRO A 540 23.73 5.15 21.44
C PRO A 540 24.96 4.71 22.20
N GLU A 541 24.77 4.48 23.49
CA GLU A 541 25.88 4.19 24.39
C GLU A 541 26.76 3.04 23.91
N PRO A 542 26.21 1.86 23.55
CA PRO A 542 27.11 0.80 23.09
C PRO A 542 27.80 1.19 21.81
N LEU A 543 27.08 1.84 20.88
CA LEU A 543 27.70 2.15 19.61
C LEU A 543 28.84 3.12 19.82
N ARG A 544 28.67 4.05 20.74
CA ARG A 544 29.80 4.88 21.10
C ARG A 544 30.90 4.05 21.74
N ASP A 545 30.53 3.01 22.48
CA ASP A 545 31.58 2.17 23.04
C ASP A 545 32.33 1.44 21.91
N ARG A 546 31.62 1.09 20.82
CA ARG A 546 32.15 0.15 19.83
C ARG A 546 33.40 0.69 19.15
N MET A 547 33.55 2.01 19.07
CA MET A 547 34.48 2.67 18.17
C MET A 547 35.37 3.62 18.96
N GLU A 548 36.58 3.82 18.44
CA GLU A 548 37.51 4.74 19.07
C GLU A 548 36.97 6.15 18.91
N MET A 549 37.15 7.00 19.93
CA MET A 549 36.69 8.37 19.86
C MET A 549 37.91 9.26 19.86
N ILE A 550 38.51 9.43 18.69
CA ILE A 550 39.45 10.51 18.53
C ILE A 550 38.65 11.80 18.54
N ASN A 551 39.22 12.84 19.09
CA ASN A 551 38.56 14.14 19.16
C ASN A 551 39.41 15.02 18.28
N VAL A 552 38.94 15.29 17.06
CA VAL A 552 39.66 16.26 16.25
C VAL A 552 39.58 17.60 16.97
N SER A 553 40.65 18.36 16.91
CA SER A 553 40.75 19.59 17.67
C SER A 553 40.40 20.78 16.81
N GLY A 554 39.81 21.79 17.43
CA GLY A 554 39.65 23.05 16.77
C GLY A 554 40.99 23.74 16.69
N TYR A 555 41.10 24.67 15.76
CA TYR A 555 42.38 25.31 15.51
C TYR A 555 42.52 26.59 16.31
N VAL A 556 43.73 27.16 16.25
CA VAL A 556 44.08 28.38 16.97
C VAL A 556 44.84 29.22 15.98
N ALA A 557 44.84 30.54 16.24
CA ALA A 557 45.24 31.50 15.21
C ALA A 557 46.66 31.25 14.73
N GLN A 558 47.52 30.81 15.64
CA GLN A 558 48.82 30.30 15.24
C GLN A 558 48.69 29.17 14.24
N GLU A 559 47.82 28.22 14.55
CA GLU A 559 47.66 27.08 13.67
C GLU A 559 47.00 27.51 12.38
N LYS A 560 46.08 28.47 12.45
CA LYS A 560 45.44 28.98 11.25
C LYS A 560 46.49 29.60 10.36
N LEU A 561 47.37 30.38 10.96
CA LEU A 561 48.51 30.95 10.27
C LEU A 561 49.40 29.88 9.69
N ALA A 562 49.55 28.78 10.42
CA ALA A 562 50.38 27.69 9.94
C ALA A 562 49.80 27.15 8.65
N ILE A 563 48.49 26.91 8.65
CA ILE A 563 47.82 26.37 7.48
C ILE A 563 47.87 27.39 6.34
N ALA A 564 47.88 28.69 6.67
CA ALA A 564 47.74 29.75 5.68
C ALA A 564 48.81 29.68 4.60
N GLU A 565 50.10 29.71 4.98
CA GLU A 565 51.16 29.76 3.97
C GLU A 565 51.17 28.52 3.10
N ARG A 566 50.89 27.38 3.70
CA ARG A 566 51.13 26.12 3.02
C ARG A 566 50.14 25.77 1.93
N TYR A 567 48.85 25.93 2.23
CA TYR A 567 47.75 25.51 1.38
C TYR A 567 46.79 26.61 0.93
N LEU A 568 46.22 27.36 1.87
CA LEU A 568 45.06 28.21 1.63
C LEU A 568 45.26 29.18 0.48
N VAL A 569 46.22 30.07 0.64
CA VAL A 569 46.47 31.10 -0.36
C VAL A 569 46.69 30.53 -1.75
N PRO A 570 47.56 29.56 -1.97
CA PRO A 570 47.61 28.98 -3.32
C PRO A 570 46.30 28.37 -3.74
N GLN A 571 45.58 27.77 -2.80
CA GLN A 571 44.37 27.04 -3.16
C GLN A 571 43.32 27.97 -3.74
N ALA A 572 43.26 29.18 -3.21
CA ALA A 572 42.24 30.08 -3.70
C ALA A 572 42.77 30.95 -4.79
N ARG A 573 44.06 31.28 -4.73
CA ARG A 573 44.62 32.09 -5.79
C ARG A 573 44.55 31.29 -7.09
N ALA A 574 44.69 29.96 -7.00
CA ALA A 574 44.42 29.10 -8.15
C ALA A 574 42.94 29.08 -8.48
N LEU A 575 42.08 29.24 -7.48
CA LEU A 575 40.66 29.18 -7.76
C LEU A 575 40.23 30.36 -8.61
N CYS A 576 40.87 31.52 -8.42
CA CYS A 576 40.56 32.73 -9.15
C CYS A 576 41.39 33.00 -10.41
N GLY A 577 42.50 32.30 -10.62
CA GLY A 577 43.32 32.51 -11.79
C GLY A 577 44.33 33.63 -11.64
N LEU A 578 44.30 34.33 -10.51
CA LEU A 578 45.26 35.36 -10.14
C LEU A 578 46.61 34.71 -9.98
N ASP A 579 47.66 35.51 -9.74
CA ASP A 579 48.99 34.92 -9.64
C ASP A 579 49.71 35.53 -8.45
N GLU A 580 50.79 34.88 -8.02
CA GLU A 580 51.66 35.49 -7.02
C GLU A 580 52.26 36.73 -7.66
N SER A 581 52.49 37.74 -6.85
CA SER A 581 53.09 39.00 -7.29
C SER A 581 52.11 39.87 -8.10
N LYS A 582 50.94 39.34 -8.45
CA LYS A 582 49.85 40.09 -9.03
C LYS A 582 48.81 40.44 -7.97
N ALA A 583 48.65 39.61 -6.92
CA ALA A 583 47.63 39.82 -5.90
C ALA A 583 48.12 39.51 -4.49
N LYS A 584 49.33 39.96 -4.15
CA LYS A 584 49.92 39.54 -2.88
C LYS A 584 49.13 40.04 -1.67
N LEU A 585 49.16 39.26 -0.60
CA LEU A 585 48.65 39.60 0.72
C LEU A 585 49.79 39.39 1.69
N SER A 586 50.04 40.37 2.54
CA SER A 586 50.97 40.11 3.62
C SER A 586 50.37 39.15 4.62
N SER A 587 51.25 38.33 5.18
CA SER A 587 50.86 37.45 6.27
C SER A 587 50.39 38.22 7.46
N ASP A 588 50.91 39.42 7.65
CA ASP A 588 50.43 40.24 8.74
C ASP A 588 49.00 40.68 8.50
N VAL A 589 48.64 40.86 7.23
CA VAL A 589 47.23 41.13 6.91
C VAL A 589 46.41 39.92 7.30
N LEU A 590 46.93 38.74 7.01
CA LEU A 590 46.23 37.52 7.39
C LEU A 590 46.14 37.41 8.90
N THR A 591 47.14 37.94 9.60
CA THR A 591 47.09 37.93 11.05
C THR A 591 45.97 38.84 11.52
N LEU A 592 45.89 40.04 10.95
CA LEU A 592 44.86 40.96 11.43
C LEU A 592 43.50 40.37 11.13
N LEU A 593 43.37 39.63 10.00
CA LEU A 593 42.10 38.99 9.67
C LEU A 593 41.70 38.05 10.78
N ILE A 594 42.70 37.44 11.42
CA ILE A 594 42.39 36.48 12.47
C ILE A 594 42.09 37.24 13.74
N LYS A 595 42.84 38.33 13.99
CA LYS A 595 42.63 39.11 15.20
C LYS A 595 41.25 39.72 15.25
N GLN A 596 40.70 40.08 14.11
CA GLN A 596 39.49 40.89 14.05
C GLN A 596 38.32 40.09 13.54
N TYR A 597 38.46 39.52 12.35
CA TYR A 597 37.33 38.99 11.61
C TYR A 597 37.05 37.52 11.88
N CYS A 598 38.02 36.75 12.37
CA CYS A 598 37.78 35.31 12.50
C CYS A 598 38.63 34.76 13.64
N ARG A 599 37.94 34.30 14.69
CA ARG A 599 38.57 33.67 15.83
C ARG A 599 37.71 32.49 16.22
N GLU A 600 37.29 31.71 15.22
CA GLU A 600 36.46 30.52 15.39
C GLU A 600 37.25 29.26 15.08
N SER A 601 36.78 28.13 15.64
CA SER A 601 37.54 26.88 15.55
C SER A 601 37.72 26.43 14.11
N GLY A 602 36.82 26.83 13.22
CA GLY A 602 36.87 26.38 11.85
C GLY A 602 37.84 27.20 11.01
N VAL A 603 38.01 26.72 9.78
CA VAL A 603 38.84 27.35 8.77
C VAL A 603 37.97 27.51 7.51
N ARG A 604 36.64 27.48 7.66
CA ARG A 604 35.74 27.81 6.59
C ARG A 604 35.55 29.31 6.59
N ASN A 605 35.42 29.84 7.80
CA ASN A 605 35.18 31.26 8.01
C ASN A 605 36.28 32.06 7.35
N LEU A 606 37.51 31.74 7.72
CA LEU A 606 38.66 32.39 7.11
C LEU A 606 38.72 32.15 5.60
N GLN A 607 38.26 30.97 5.16
CA GLN A 607 38.19 30.65 3.73
C GLN A 607 37.38 31.69 3.01
N LYS A 608 36.24 31.97 3.56
CA LYS A 608 35.31 32.85 2.91
C LYS A 608 35.82 34.29 2.99
N GLN A 609 36.48 34.69 4.09
CA GLN A 609 37.05 36.03 4.08
C GLN A 609 38.06 36.17 2.96
N VAL A 610 38.97 35.21 2.84
CA VAL A 610 40.04 35.35 1.86
C VAL A 610 39.53 35.13 0.44
N GLU A 611 38.34 34.56 0.30
CA GLU A 611 37.77 34.46 -1.02
C GLU A 611 37.15 35.79 -1.39
N LYS A 612 36.39 36.37 -0.48
CA LYS A 612 35.78 37.63 -0.82
C LYS A 612 36.87 38.66 -1.07
N VAL A 613 37.97 38.56 -0.30
CA VAL A 613 39.09 39.47 -0.45
C VAL A 613 39.68 39.35 -1.84
N LEU A 614 39.63 38.16 -2.44
CA LEU A 614 40.12 38.06 -3.80
C LEU A 614 39.14 38.62 -4.81
N ARG A 615 37.89 38.20 -4.72
CA ARG A 615 36.94 38.54 -5.77
C ARG A 615 36.67 40.04 -5.85
N LYS A 616 36.74 40.73 -4.71
CA LYS A 616 36.61 42.18 -4.74
C LYS A 616 37.70 42.81 -5.56
N SER A 617 38.93 42.39 -5.30
CA SER A 617 40.04 42.89 -6.08
C SER A 617 39.95 42.49 -7.53
N ALA A 618 39.41 41.30 -7.80
CA ALA A 618 39.27 40.83 -9.16
C ALA A 618 38.47 41.81 -10.01
N TYR A 619 37.20 42.00 -9.65
CA TYR A 619 36.37 42.91 -10.45
C TYR A 619 36.97 44.30 -10.38
N LYS A 620 37.56 44.65 -9.22
CA LYS A 620 38.12 45.96 -8.96
C LYS A 620 39.32 46.25 -9.85
N ILE A 621 39.91 45.22 -10.47
CA ILE A 621 40.97 45.50 -11.42
C ILE A 621 40.27 45.62 -12.75
N VAL A 622 39.63 44.53 -13.21
CA VAL A 622 39.30 44.46 -14.65
C VAL A 622 38.38 45.59 -15.10
N SER A 623 37.43 46.02 -14.23
CA SER A 623 36.54 47.16 -14.48
C SER A 623 36.62 48.24 -13.40
N GLY A 624 37.49 48.07 -12.41
CA GLY A 624 37.71 49.01 -11.33
C GLY A 624 38.74 50.07 -11.65
N GLU A 625 39.25 50.70 -10.58
CA GLU A 625 40.16 51.83 -10.70
C GLU A 625 41.64 51.46 -10.57
N ALA A 626 41.98 50.35 -9.91
CA ALA A 626 43.39 49.97 -9.78
C ALA A 626 43.80 49.10 -10.97
N GLU A 627 45.02 49.33 -11.45
CA GLU A 627 45.53 48.49 -12.53
C GLU A 627 46.13 47.22 -11.94
N SER A 628 46.50 47.27 -10.66
CA SER A 628 46.98 46.16 -9.87
C SER A 628 46.57 46.54 -8.47
N VAL A 629 45.76 45.75 -7.81
CA VAL A 629 45.49 46.02 -6.41
C VAL A 629 46.69 45.61 -5.59
N GLU A 630 46.87 46.29 -4.48
CA GLU A 630 47.83 45.92 -3.46
C GLU A 630 47.03 46.16 -2.19
N VAL A 631 46.35 45.11 -1.73
CA VAL A 631 45.57 45.21 -0.51
C VAL A 631 46.54 45.55 0.59
N THR A 632 46.14 46.45 1.48
CA THR A 632 46.96 46.88 2.59
C THR A 632 46.06 46.97 3.80
N PRO A 633 46.61 46.86 5.04
CA PRO A 633 45.76 46.80 6.26
C PRO A 633 44.83 47.97 6.40
N GLU A 634 45.30 49.14 5.95
CA GLU A 634 44.54 50.37 6.05
C GLU A 634 43.21 50.24 5.34
N ASN A 635 43.14 49.38 4.32
CA ASN A 635 41.98 49.21 3.49
C ASN A 635 40.99 48.21 4.08
N LEU A 636 41.43 47.32 4.98
CA LEU A 636 40.62 46.13 5.25
C LEU A 636 39.28 46.44 5.86
N GLN A 637 39.21 47.46 6.75
CA GLN A 637 37.97 47.76 7.44
C GLN A 637 36.87 48.02 6.43
N ASP A 638 37.23 48.58 5.27
CA ASP A 638 36.32 48.72 4.16
C ASP A 638 36.48 47.58 3.17
N PHE A 639 37.70 47.02 3.05
CA PHE A 639 37.90 46.06 1.97
C PHE A 639 37.21 44.73 2.25
N VAL A 640 36.77 44.49 3.48
CA VAL A 640 36.09 43.26 3.86
C VAL A 640 34.85 43.50 4.71
N GLY A 641 34.71 44.70 5.26
CA GLY A 641 33.60 45.03 6.12
C GLY A 641 34.06 45.43 7.50
N LYS A 642 33.09 45.74 8.31
CA LYS A 642 33.36 46.20 9.66
C LYS A 642 33.76 45.02 10.55
N PRO A 643 34.74 45.19 11.45
CA PRO A 643 35.12 44.05 12.30
C PRO A 643 34.00 43.59 13.20
N VAL A 644 34.00 42.27 13.44
CA VAL A 644 33.05 41.70 14.38
C VAL A 644 33.57 41.95 15.78
N PHE A 645 34.73 41.38 16.08
CA PHE A 645 35.34 41.59 17.38
C PHE A 645 35.72 43.06 17.52
N THR A 646 35.38 43.63 18.66
CA THR A 646 35.81 44.97 19.04
C THR A 646 37.09 44.82 19.84
N VAL A 647 38.00 45.78 19.70
CA VAL A 647 39.26 45.74 20.45
C VAL A 647 39.04 46.41 21.81
N GLU A 648 38.93 45.60 22.87
CA GLU A 648 38.63 46.13 24.21
C GLU A 648 39.86 46.85 24.79
N ARG A 649 40.02 48.10 24.42
CA ARG A 649 41.10 48.96 24.91
C ARG A 649 40.35 50.13 25.49
N MET A 650 39.89 49.96 26.73
CA MET A 650 39.08 50.95 27.39
C MET A 650 39.92 51.80 28.32
N TYR A 651 40.68 51.15 29.20
CA TYR A 651 41.47 51.85 30.20
C TYR A 651 42.95 51.64 29.91
N ASP A 652 43.48 52.41 28.96
CA ASP A 652 44.92 52.56 28.85
C ASP A 652 45.47 53.41 29.99
N VAL A 653 44.64 54.30 30.54
CA VAL A 653 44.98 55.09 31.72
C VAL A 653 44.71 54.39 33.04
N THR A 654 43.97 53.26 33.02
CA THR A 654 43.66 52.41 34.15
C THR A 654 43.18 53.29 35.30
N PRO A 655 41.96 53.82 35.23
CA PRO A 655 41.51 54.73 36.27
C PRO A 655 41.46 53.99 37.59
N PRO A 656 41.69 54.69 38.72
CA PRO A 656 41.86 53.96 39.99
C PRO A 656 40.64 53.13 40.32
N GLY A 657 40.89 51.93 40.82
CA GLY A 657 39.82 51.03 41.14
C GLY A 657 39.26 50.28 39.95
N VAL A 658 39.73 50.55 38.73
CA VAL A 658 39.28 49.85 37.53
C VAL A 658 40.40 48.91 37.11
N VAL A 659 40.13 47.62 37.19
CA VAL A 659 41.15 46.61 36.98
C VAL A 659 40.72 45.68 35.86
N MET A 660 41.70 45.17 35.15
CA MET A 660 41.47 44.19 34.10
C MET A 660 41.10 42.86 34.74
N GLY A 661 40.43 42.00 33.99
CA GLY A 661 40.20 40.66 34.49
C GLY A 661 39.96 39.80 33.29
N LEU A 662 40.43 38.56 33.31
CA LEU A 662 40.19 37.58 32.27
C LEU A 662 39.24 36.50 32.80
N ALA A 663 38.47 35.90 31.90
CA ALA A 663 37.52 34.88 32.29
C ALA A 663 37.29 33.89 31.16
N TRP A 664 36.91 32.67 31.54
CA TRP A 664 36.74 31.56 30.61
C TRP A 664 35.30 31.52 30.11
N THR A 665 35.09 32.25 29.02
CA THR A 665 33.81 32.33 28.34
C THR A 665 33.47 30.95 27.78
N ALA A 666 32.18 30.65 27.67
CA ALA A 666 31.80 29.37 27.07
C ALA A 666 32.36 29.24 25.65
N MET A 667 32.52 30.35 24.93
CA MET A 667 33.20 30.43 23.64
C MET A 667 34.49 31.22 23.82
N GLY A 668 35.62 30.51 23.96
CA GLY A 668 36.87 31.21 24.15
C GLY A 668 36.96 31.85 25.52
N GLY A 669 37.86 32.83 25.63
CA GLY A 669 38.03 33.62 26.83
C GLY A 669 37.35 34.97 26.71
N SER A 670 37.78 35.92 27.54
CA SER A 670 37.19 37.25 27.56
C SER A 670 38.11 38.15 28.37
N THR A 671 37.69 39.40 28.51
CA THR A 671 38.42 40.37 29.32
C THR A 671 37.39 41.33 29.91
N LEU A 672 36.92 41.01 31.10
CA LEU A 672 35.97 41.86 31.77
C LEU A 672 36.71 42.98 32.46
N PHE A 673 35.97 44.06 32.74
CA PHE A 673 36.45 45.18 33.54
C PHE A 673 35.46 45.34 34.69
N VAL A 674 35.90 44.99 35.90
CA VAL A 674 35.16 45.27 37.12
C VAL A 674 35.21 46.75 37.46
N GLU A 675 34.13 47.27 38.06
CA GLU A 675 33.99 48.70 38.36
C GLU A 675 33.48 48.80 39.78
N THR A 676 33.75 49.96 40.39
CA THR A 676 33.26 50.22 41.74
C THR A 676 33.50 51.67 42.11
N SER A 677 32.61 52.19 42.97
CA SER A 677 32.72 53.57 43.44
C SER A 677 31.73 53.77 44.59
N LEU A 678 31.88 54.89 45.28
CA LEU A 678 30.96 55.24 46.36
C LEU A 678 29.58 55.46 45.76
N ARG A 679 28.53 55.01 46.48
CA ARG A 679 27.17 55.25 46.00
C ARG A 679 26.59 56.62 46.38
N ARG A 680 27.23 57.38 47.27
CA ARG A 680 26.73 58.70 47.66
C ARG A 680 27.84 59.28 48.53
N PRO A 681 27.79 60.55 48.93
CA PRO A 681 28.91 61.11 49.72
C PRO A 681 29.07 60.43 51.08
N GLN A 682 30.34 60.36 51.53
CA GLN A 682 30.71 59.70 52.79
C GLN A 682 30.34 60.53 54.03
N ASP A 683 29.96 61.80 53.88
CA ASP A 683 29.69 62.70 55.00
C ASP A 683 28.20 62.67 55.42
N LYS A 684 27.58 61.48 55.33
CA LYS A 684 26.18 61.29 55.71
C LYS A 684 25.93 61.66 57.16
N ASP A 685 26.92 61.39 58.00
CA ASP A 685 26.98 61.81 59.39
C ASP A 685 28.45 61.70 59.70
N ALA A 686 29.12 62.82 59.92
CA ALA A 686 30.53 62.75 60.29
C ALA A 686 30.71 62.00 61.59
N LYS A 687 29.76 62.12 62.51
CA LYS A 687 29.75 61.35 63.75
C LYS A 687 29.10 59.97 63.60
N GLY A 688 28.43 59.69 62.48
CA GLY A 688 27.88 58.35 62.27
C GLY A 688 28.96 57.32 62.01
N ASP A 689 28.82 56.16 62.67
CA ASP A 689 29.68 55.00 62.50
C ASP A 689 29.22 54.04 61.41
N LYS A 690 28.50 54.50 60.38
CA LYS A 690 27.86 53.59 59.43
C LYS A 690 28.88 52.69 58.74
N ASP A 691 28.48 51.42 58.59
CA ASP A 691 29.27 50.45 57.82
C ASP A 691 29.25 50.77 56.35
N GLY A 692 30.35 50.45 55.68
CA GLY A 692 30.38 50.56 54.25
C GLY A 692 29.69 49.35 53.65
N SER A 693 28.36 49.34 53.71
CA SER A 693 27.56 48.20 53.28
C SER A 693 27.87 47.92 51.82
N LEU A 694 28.04 46.66 51.48
CA LEU A 694 28.20 46.33 50.09
C LEU A 694 26.84 46.08 49.45
N GLU A 695 26.68 46.60 48.23
CA GLU A 695 25.54 46.36 47.36
C GLU A 695 26.13 45.85 46.06
N VAL A 696 26.12 44.55 45.89
CA VAL A 696 26.67 43.95 44.68
C VAL A 696 25.72 44.12 43.51
N THR A 697 26.29 44.18 42.31
CA THR A 697 25.56 44.43 41.09
C THR A 697 26.34 43.72 39.97
N GLY A 698 25.68 43.51 38.84
CA GLY A 698 26.30 42.91 37.68
C GLY A 698 26.04 41.43 37.50
N GLN A 699 24.78 41.02 37.67
CA GLN A 699 24.34 39.63 37.42
C GLN A 699 25.19 38.67 38.23
N LEU A 700 25.26 38.91 39.52
CA LEU A 700 25.98 38.01 40.41
C LEU A 700 25.41 36.60 40.34
N GLY A 701 26.30 35.65 40.23
CA GLY A 701 25.95 34.28 40.47
C GLY A 701 25.86 34.01 41.95
N GLU A 702 25.25 32.88 42.28
CA GLU A 702 25.11 32.52 43.68
C GLU A 702 26.46 32.35 44.34
N VAL A 703 27.44 31.83 43.60
CA VAL A 703 28.81 31.80 44.07
C VAL A 703 29.43 33.19 44.12
N MET A 704 28.97 34.11 43.26
CA MET A 704 29.56 35.44 43.26
C MET A 704 29.18 36.27 44.46
N LYS A 705 28.05 36.02 45.09
CA LYS A 705 27.81 36.73 46.33
C LYS A 705 28.77 36.23 47.40
N GLU A 706 29.08 34.94 47.36
CA GLU A 706 30.05 34.40 48.32
C GLU A 706 31.43 34.99 48.09
N SER A 707 31.90 34.99 46.83
CA SER A 707 33.17 35.62 46.54
C SER A 707 33.15 37.12 46.83
N ALA A 708 32.00 37.77 46.65
CA ALA A 708 31.95 39.21 46.83
C ALA A 708 32.07 39.62 48.29
N ARG A 709 31.21 39.08 49.16
CA ARG A 709 31.35 39.40 50.58
C ARG A 709 32.57 38.77 51.24
N ILE A 710 33.07 37.61 50.77
CA ILE A 710 34.27 37.05 51.37
C ILE A 710 35.43 38.01 51.08
N ALA A 711 35.40 38.62 49.88
CA ALA A 711 36.41 39.57 49.45
C ALA A 711 36.27 40.90 50.19
N TYR A 712 35.03 41.33 50.42
CA TYR A 712 34.78 42.53 51.22
C TYR A 712 35.38 42.41 52.60
N THR A 713 35.19 41.26 53.23
CA THR A 713 35.72 41.06 54.58
C THR A 713 37.23 41.01 54.55
N PHE A 714 37.79 40.17 53.68
CA PHE A 714 39.23 40.05 53.66
C PHE A 714 39.88 41.36 53.26
N ALA A 715 39.21 42.17 52.45
CA ALA A 715 39.78 43.46 52.10
C ALA A 715 39.79 44.35 53.32
N ARG A 716 38.72 44.29 54.13
CA ARG A 716 38.70 44.99 55.40
C ARG A 716 39.84 44.51 56.28
N ALA A 717 40.02 43.18 56.34
CA ALA A 717 41.05 42.57 57.17
C ALA A 717 42.43 42.98 56.70
N PHE A 718 42.64 42.98 55.38
CA PHE A 718 43.93 43.34 54.82
C PHE A 718 44.26 44.79 55.05
N LEU A 719 43.23 45.66 55.06
CA LEU A 719 43.52 47.06 55.28
C LEU A 719 43.88 47.32 56.73
N MET A 720 43.13 46.73 57.66
CA MET A 720 43.54 46.91 59.05
C MET A 720 44.88 46.21 59.32
N GLN A 721 45.16 45.10 58.62
CA GLN A 721 46.45 44.41 58.79
C GLN A 721 47.64 45.24 58.29
N HIS A 722 47.46 46.08 57.26
CA HIS A 722 48.60 46.67 56.54
C HIS A 722 48.76 48.16 56.79
N ALA A 723 47.66 48.90 56.80
CA ALA A 723 47.67 50.36 56.95
C ALA A 723 46.61 50.65 58.03
N PRO A 724 46.93 50.44 59.32
CA PRO A 724 45.90 50.61 60.35
C PRO A 724 45.29 52.00 60.40
N ALA A 725 46.06 53.05 60.09
CA ALA A 725 45.54 54.40 60.19
C ALA A 725 44.37 54.61 59.24
N ASN A 726 44.40 53.95 58.08
CA ASN A 726 43.30 54.02 57.13
C ASN A 726 42.11 53.23 57.64
N ASP A 727 40.91 53.74 57.32
CA ASP A 727 39.62 53.21 57.73
C ASP A 727 38.64 53.15 56.56
N TYR A 728 39.15 52.95 55.34
CA TYR A 728 38.29 52.97 54.15
C TYR A 728 37.37 51.76 54.14
N LEU A 729 37.92 50.55 53.98
CA LEU A 729 37.09 49.37 53.80
C LEU A 729 36.26 49.06 55.04
N VAL A 730 36.79 49.37 56.22
CA VAL A 730 36.02 49.14 57.44
C VAL A 730 34.80 50.07 57.52
N THR A 731 34.92 51.32 57.04
CA THR A 731 33.75 52.24 56.97
C THR A 731 33.74 53.18 55.75
N SER A 732 33.19 52.71 54.64
CA SER A 732 32.86 53.59 53.51
C SER A 732 31.94 52.85 52.54
N HIS A 733 30.73 53.38 52.33
CA HIS A 733 29.84 52.72 51.38
C HIS A 733 30.39 52.72 49.96
N ILE A 734 30.17 51.61 49.28
CA ILE A 734 30.71 51.36 47.96
C ILE A 734 29.69 50.57 47.16
N HIS A 735 29.11 51.18 46.14
CA HIS A 735 28.46 50.41 45.10
C HIS A 735 29.54 49.76 44.23
N LEU A 736 29.25 48.55 43.72
CA LEU A 736 30.16 47.83 42.84
C LEU A 736 29.37 47.13 41.74
N HIS A 737 30.06 46.87 40.62
CA HIS A 737 29.48 46.21 39.46
C HIS A 737 30.57 45.33 38.84
N VAL A 738 30.17 44.14 38.41
CA VAL A 738 31.04 43.20 37.71
C VAL A 738 30.38 42.80 36.38
N PRO A 739 31.05 42.94 35.23
CA PRO A 739 30.39 42.58 33.96
C PRO A 739 30.01 41.10 33.89
N GLU A 740 28.87 40.84 33.29
CA GLU A 740 28.38 39.48 33.12
C GLU A 740 29.05 38.85 31.89
N GLY A 741 28.97 37.52 31.82
CA GLY A 741 29.37 36.79 30.62
C GLY A 741 30.12 35.49 30.87
N ALA A 742 30.96 35.49 31.89
CA ALA A 742 31.73 34.30 32.26
C ALA A 742 30.86 33.23 32.90
N THR A 743 31.29 31.98 32.76
CA THR A 743 30.61 30.86 33.39
C THR A 743 30.74 30.94 34.91
N PRO A 744 29.67 30.63 35.68
CA PRO A 744 29.77 30.80 37.14
C PRO A 744 30.88 30.00 37.79
N LYS A 745 31.21 28.84 37.24
CA LYS A 745 32.26 28.01 37.83
C LYS A 745 33.60 28.71 37.85
N ASP A 746 33.92 29.51 36.81
CA ASP A 746 35.19 30.25 36.83
C ASP A 746 35.08 31.58 37.54
N GLY A 747 33.87 32.00 37.93
CA GLY A 747 33.69 33.31 38.48
C GLY A 747 34.49 33.54 39.75
N PRO A 748 34.72 32.50 40.59
CA PRO A 748 35.61 32.70 41.75
C PRO A 748 36.98 33.14 41.32
N SER A 749 37.40 32.71 40.11
CA SER A 749 38.70 33.08 39.59
C SER A 749 38.79 34.61 39.50
N ALA A 750 37.66 35.28 39.30
CA ALA A 750 37.64 36.73 39.22
C ALA A 750 37.77 37.40 40.60
N GLY A 751 37.60 36.66 41.69
CA GLY A 751 37.51 37.31 43.00
C GLY A 751 38.76 38.07 43.38
N CYS A 752 39.93 37.53 43.01
CA CYS A 752 41.14 38.27 43.30
C CYS A 752 41.14 39.58 42.51
N THR A 753 40.55 39.58 41.30
CA THR A 753 40.41 40.84 40.58
C THR A 753 39.51 41.77 41.38
N ILE A 754 38.49 41.19 42.04
CA ILE A 754 37.53 42.02 42.76
C ILE A 754 38.27 42.78 43.84
N VAL A 755 39.05 42.03 44.62
CA VAL A 755 39.88 42.64 45.67
C VAL A 755 40.83 43.67 45.08
N THR A 756 41.45 43.35 43.94
CA THR A 756 42.37 44.29 43.33
C THR A 756 41.67 45.60 42.97
N ALA A 757 40.39 45.51 42.61
CA ALA A 757 39.63 46.73 42.35
C ALA A 757 39.31 47.44 43.64
N LEU A 758 38.81 46.71 44.64
CA LEU A 758 38.35 47.35 45.85
C LEU A 758 39.51 48.07 46.54
N LEU A 759 40.61 47.34 46.75
CA LEU A 759 41.79 47.97 47.34
C LEU A 759 42.34 49.10 46.46
N SER A 760 42.25 48.95 45.13
CA SER A 760 42.75 50.00 44.24
C SER A 760 41.98 51.29 44.49
N LEU A 761 40.65 51.19 44.60
CA LEU A 761 39.88 52.38 44.90
C LEU A 761 40.13 52.83 46.32
N ALA A 762 40.44 51.89 47.22
CA ALA A 762 40.58 52.18 48.63
C ALA A 762 41.73 53.16 48.76
N MET A 763 42.92 52.68 48.41
CA MET A 763 44.06 53.58 48.39
C MET A 763 43.89 54.69 47.37
N GLY A 764 43.15 54.43 46.29
CA GLY A 764 43.04 55.38 45.21
C GLY A 764 44.16 55.25 44.19
N ARG A 765 45.13 54.37 44.44
CA ARG A 765 46.24 54.14 43.53
C ARG A 765 45.80 53.42 42.25
N PRO A 766 46.11 53.94 41.05
CA PRO A 766 45.76 53.17 39.84
C PRO A 766 46.50 51.84 39.78
N VAL A 767 45.83 50.82 39.26
CA VAL A 767 46.51 49.54 39.09
C VAL A 767 47.60 49.68 38.03
N ARG A 768 48.70 48.92 38.21
CA ARG A 768 49.83 48.93 37.27
C ARG A 768 49.35 48.46 35.89
N GLN A 769 49.77 49.19 34.85
CA GLN A 769 49.20 48.99 33.55
C GLN A 769 49.64 47.67 32.89
N ASN A 770 48.77 47.16 32.03
CA ASN A 770 49.03 45.98 31.20
C ASN A 770 49.31 44.76 32.08
N LEU A 771 48.32 44.40 32.89
CA LEU A 771 48.38 43.16 33.65
C LEU A 771 46.98 42.79 34.06
N ALA A 772 46.77 41.50 34.26
CA ALA A 772 45.48 40.98 34.64
C ALA A 772 45.75 39.75 35.47
N MET A 773 44.89 39.51 36.46
CA MET A 773 45.07 38.38 37.36
C MET A 773 43.72 37.74 37.61
N THR A 774 43.77 36.44 37.90
CA THR A 774 42.54 35.72 38.20
C THR A 774 42.84 34.65 39.26
N GLY A 775 41.91 34.48 40.21
CA GLY A 775 42.00 33.48 41.26
C GLY A 775 40.94 33.59 42.37
N GLU A 776 40.57 32.44 42.93
CA GLU A 776 39.67 32.35 44.09
C GLU A 776 40.34 32.77 45.40
N VAL A 777 39.51 33.24 46.34
CA VAL A 777 39.98 33.65 47.66
C VAL A 777 39.02 33.09 48.71
N SER A 778 39.60 32.80 49.88
CA SER A 778 39.01 32.10 51.01
C SER A 778 39.30 32.89 52.26
N LEU A 779 38.97 34.18 52.21
CA LEU A 779 39.08 35.20 53.28
C LEU A 779 40.47 35.25 53.93
N THR A 780 41.49 34.70 53.27
CA THR A 780 42.87 34.66 53.74
C THR A 780 43.87 35.08 52.68
N GLY A 781 43.47 35.21 51.40
CA GLY A 781 44.37 35.51 50.32
C GLY A 781 45.02 34.35 49.59
N LYS A 782 44.87 33.11 50.04
CA LYS A 782 45.39 32.00 49.25
C LYS A 782 44.55 31.75 48.00
N ILE A 783 45.24 31.36 46.91
CA ILE A 783 44.64 31.02 45.62
C ILE A 783 44.56 29.50 45.44
N LEU A 784 43.57 29.06 44.66
CA LEU A 784 43.20 27.68 44.34
C LEU A 784 43.05 27.52 42.83
N PRO A 785 43.25 26.30 42.29
CA PRO A 785 43.26 26.11 40.82
C PRO A 785 41.95 26.45 40.13
N VAL A 786 42.07 26.94 38.89
CA VAL A 786 40.93 27.24 38.04
C VAL A 786 41.20 26.63 36.66
N GLY A 787 40.14 26.06 36.04
CA GLY A 787 40.25 25.37 34.77
C GLY A 787 40.13 26.22 33.51
N GLY A 788 40.26 25.53 32.38
CA GLY A 788 40.06 26.10 31.05
C GLY A 788 41.18 27.01 30.59
N ILE A 789 42.38 26.84 31.14
CA ILE A 789 43.47 27.78 30.92
C ILE A 789 43.89 27.91 29.45
N LYS A 790 43.76 26.83 28.66
CA LYS A 790 44.23 26.86 27.27
C LYS A 790 43.46 27.89 26.45
N GLU A 791 42.17 28.06 26.72
CA GLU A 791 41.37 29.02 25.98
C GLU A 791 41.60 30.42 26.53
N LYS A 792 41.73 30.52 27.87
CA LYS A 792 41.97 31.81 28.51
C LYS A 792 43.25 32.44 27.98
N THR A 793 44.34 31.68 27.93
CA THR A 793 45.61 32.27 27.55
C THR A 793 45.63 32.74 26.10
N ILE A 794 44.95 32.03 25.20
CA ILE A 794 44.95 32.46 23.80
C ILE A 794 44.10 33.71 23.64
N ALA A 795 42.88 33.72 24.22
CA ALA A 795 42.05 34.92 24.12
C ALA A 795 42.67 36.12 24.81
N ALA A 796 43.42 35.89 25.91
CA ALA A 796 44.12 36.99 26.55
C ALA A 796 45.25 37.52 25.68
N LYS A 797 45.99 36.61 25.02
CA LYS A 797 47.09 37.05 24.17
C LYS A 797 46.59 37.85 22.98
N ARG A 798 45.39 37.57 22.49
CA ARG A 798 44.94 38.31 21.31
C ARG A 798 44.82 39.80 21.60
N ALA A 799 44.53 40.17 22.86
CA ALA A 799 44.45 41.56 23.24
C ALA A 799 45.81 42.18 23.58
N GLY A 800 46.87 41.37 23.58
CA GLY A 800 48.21 41.79 23.89
C GLY A 800 48.57 41.92 25.36
N VAL A 801 47.72 41.50 26.30
CA VAL A 801 48.07 41.56 27.71
C VAL A 801 49.28 40.67 27.92
N THR A 802 50.28 41.17 28.67
CA THR A 802 51.52 40.44 28.88
C THR A 802 51.85 40.09 30.32
N CYS A 803 50.98 40.36 31.29
CA CYS A 803 51.29 40.11 32.70
C CYS A 803 50.15 39.38 33.37
N ILE A 804 49.72 38.33 32.69
CA ILE A 804 48.68 37.45 33.19
C ILE A 804 49.22 36.74 34.42
N VAL A 805 48.41 36.67 35.46
CA VAL A 805 48.66 35.87 36.65
C VAL A 805 47.72 34.67 36.63
N LEU A 806 48.24 33.51 37.03
CA LEU A 806 47.47 32.28 37.10
C LEU A 806 47.81 31.55 38.39
N PRO A 807 46.91 30.71 38.91
CA PRO A 807 47.24 29.97 40.13
C PRO A 807 48.44 29.06 39.97
N ALA A 808 49.24 28.98 41.02
CA ALA A 808 50.34 28.04 40.99
C ALA A 808 49.83 26.60 41.07
N GLU A 809 48.69 26.39 41.72
CA GLU A 809 48.25 25.03 42.05
C GLU A 809 47.94 24.20 40.80
N ASN A 810 47.56 24.84 39.70
CA ASN A 810 47.29 24.16 38.44
C ASN A 810 48.47 24.29 37.46
N LYS A 811 49.68 24.60 37.96
CA LYS A 811 50.83 24.92 37.11
C LYS A 811 51.08 23.89 36.02
N LYS A 812 51.08 22.59 36.37
CA LYS A 812 51.41 21.58 35.38
C LYS A 812 50.40 21.57 34.23
N ASP A 813 49.18 22.03 34.49
CA ASP A 813 48.15 22.05 33.48
C ASP A 813 48.51 22.98 32.32
N PHE A 814 49.44 23.93 32.53
CA PHE A 814 49.83 24.89 31.49
C PHE A 814 51.01 24.39 30.66
N TYR A 815 52.14 24.11 31.32
CA TYR A 815 53.39 23.86 30.61
C TYR A 815 53.31 22.64 29.71
N ASP A 816 52.38 21.72 29.98
CA ASP A 816 52.13 20.60 29.09
C ASP A 816 51.71 21.06 27.70
N LEU A 817 51.14 22.27 27.59
CA LEU A 817 50.72 22.80 26.31
C LEU A 817 51.93 23.17 25.46
N ALA A 818 51.66 23.45 24.19
CA ALA A 818 52.69 23.77 23.21
C ALA A 818 53.51 24.99 23.62
N ALA A 819 54.83 24.93 23.36
CA ALA A 819 55.74 25.96 23.85
C ALA A 819 55.40 27.32 23.26
N PHE A 820 54.92 27.37 22.01
CA PHE A 820 54.73 28.64 21.35
C PHE A 820 53.72 29.53 22.09
N ILE A 821 52.77 28.91 22.81
CA ILE A 821 51.73 29.69 23.49
C ILE A 821 52.36 30.58 24.56
N THR A 822 53.45 30.11 25.20
CA THR A 822 54.00 30.93 26.27
C THR A 822 54.88 32.06 25.75
N GLU A 823 55.19 32.07 24.46
CA GLU A 823 56.01 33.15 23.94
C GLU A 823 55.20 34.42 24.08
N GLY A 824 55.87 35.49 24.45
CA GLY A 824 55.25 36.79 24.57
C GLY A 824 54.44 36.94 25.85
N LEU A 825 54.54 35.99 26.78
CA LEU A 825 53.88 36.06 28.05
C LEU A 825 54.82 35.43 29.05
N GLU A 826 54.72 35.88 30.30
CA GLU A 826 55.62 35.48 31.37
C GLU A 826 54.67 35.18 32.53
N VAL A 827 54.22 33.94 32.68
CA VAL A 827 53.35 33.67 33.82
C VAL A 827 54.15 33.90 35.09
N HIS A 828 53.50 34.52 36.07
CA HIS A 828 54.03 34.67 37.42
C HIS A 828 53.06 33.94 38.32
N PHE A 829 53.22 32.62 38.41
CA PHE A 829 52.31 31.83 39.23
C PHE A 829 52.38 32.23 40.69
N VAL A 830 51.23 32.18 41.36
CA VAL A 830 51.09 32.72 42.72
C VAL A 830 50.12 31.87 43.51
N GLU A 831 50.42 31.70 44.79
CA GLU A 831 49.57 31.01 45.74
C GLU A 831 48.89 31.91 46.74
N HIS A 832 49.31 33.18 46.87
CA HIS A 832 48.78 34.01 47.94
C HIS A 832 48.69 35.48 47.56
N TYR A 833 47.72 36.16 48.16
CA TYR A 833 47.38 37.55 47.84
C TYR A 833 48.43 38.53 48.37
N ARG A 834 49.33 38.11 49.26
CA ARG A 834 50.43 39.00 49.64
C ARG A 834 51.26 39.37 48.44
N GLU A 835 51.66 38.41 47.65
CA GLU A 835 52.46 38.76 46.48
C GLU A 835 51.59 39.31 45.35
N ILE A 836 50.26 39.09 45.40
CA ILE A 836 49.40 39.84 44.46
C ILE A 836 49.39 41.32 44.85
N PHE A 837 49.37 41.61 46.16
CA PHE A 837 49.50 42.98 46.62
C PHE A 837 50.85 43.57 46.28
N ASP A 838 51.90 42.74 46.34
CA ASP A 838 53.22 43.25 46.00
C ASP A 838 53.33 43.59 44.52
N ILE A 839 52.65 42.84 43.65
CA ILE A 839 52.81 43.08 42.21
C ILE A 839 51.89 44.22 41.78
N ALA A 840 50.59 44.07 42.02
CA ALA A 840 49.67 45.08 41.52
C ALA A 840 49.82 46.39 42.27
N PHE A 841 50.28 46.35 43.54
CA PHE A 841 50.28 47.50 44.43
C PHE A 841 51.63 47.65 45.11
N PRO A 842 52.65 48.20 44.40
CA PRO A 842 53.95 48.39 45.07
C PRO A 842 53.90 49.29 46.31
N HIS B 17 -9.44 -42.35 -100.12
CA HIS B 17 -9.54 -40.98 -100.63
C HIS B 17 -10.08 -40.05 -99.58
N LEU B 18 -9.28 -39.82 -98.55
CA LEU B 18 -9.66 -38.98 -97.44
C LEU B 18 -8.50 -38.01 -97.36
N PRO B 19 -8.73 -36.76 -96.95
CA PRO B 19 -7.60 -35.85 -96.88
C PRO B 19 -6.59 -36.23 -95.83
N LEU B 20 -5.36 -35.86 -96.13
CA LEU B 20 -4.24 -36.09 -95.23
C LEU B 20 -4.51 -35.29 -93.98
N ILE B 21 -4.19 -35.87 -92.83
CA ILE B 21 -4.38 -35.15 -91.59
C ILE B 21 -3.26 -34.11 -91.53
N ALA B 22 -3.54 -33.01 -90.83
CA ALA B 22 -2.57 -31.94 -90.60
C ALA B 22 -1.78 -32.29 -89.35
N ILE B 23 -0.59 -32.84 -89.59
CA ILE B 23 0.29 -33.30 -88.53
C ILE B 23 0.68 -32.16 -87.60
N THR B 24 0.94 -30.97 -88.13
CA THR B 24 1.27 -29.76 -87.36
C THR B 24 2.29 -30.06 -86.23
N ARG B 25 3.49 -30.48 -86.66
CA ARG B 25 4.66 -30.69 -85.78
C ARG B 25 4.40 -31.74 -84.70
N ASN B 26 4.11 -32.95 -85.18
CA ASN B 26 3.80 -34.11 -84.34
C ASN B 26 4.27 -35.40 -85.02
N PRO B 27 5.53 -35.83 -84.81
CA PRO B 27 5.88 -37.15 -85.36
C PRO B 27 5.02 -38.18 -84.63
N VAL B 28 4.64 -39.26 -85.33
CA VAL B 28 3.79 -40.31 -84.74
C VAL B 28 4.44 -41.68 -85.00
N PHE B 29 5.27 -42.07 -84.04
CA PHE B 29 6.04 -43.30 -84.00
C PHE B 29 5.10 -44.51 -83.88
N PRO B 30 5.51 -45.69 -84.35
CA PRO B 30 4.63 -46.87 -84.25
C PRO B 30 4.25 -47.24 -82.80
N ARG B 31 2.99 -47.66 -82.61
CA ARG B 31 2.45 -48.04 -81.28
C ARG B 31 2.61 -47.02 -80.18
N PHE B 32 2.29 -45.75 -80.46
CA PHE B 32 2.47 -44.75 -79.42
C PHE B 32 1.35 -43.74 -79.59
N ILE B 33 0.51 -43.64 -78.56
CA ILE B 33 -0.59 -42.69 -78.55
C ILE B 33 -0.05 -41.27 -78.60
N LYS B 34 -0.76 -40.42 -79.33
CA LYS B 34 -0.40 -39.01 -79.44
C LYS B 34 -1.67 -38.23 -79.71
N ILE B 35 -1.64 -36.95 -79.35
CA ILE B 35 -2.77 -36.06 -79.51
C ILE B 35 -2.39 -35.00 -80.51
N ILE B 36 -3.38 -34.57 -81.28
CA ILE B 36 -3.23 -33.51 -82.26
C ILE B 36 -4.35 -32.51 -82.00
N GLU B 37 -3.99 -31.20 -82.03
CA GLU B 37 -4.95 -30.11 -81.81
C GLU B 37 -4.64 -28.99 -82.79
N VAL B 38 -5.03 -29.21 -84.04
CA VAL B 38 -4.97 -28.17 -85.05
C VAL B 38 -6.08 -27.16 -84.79
N LYS B 39 -5.81 -25.89 -85.02
CA LYS B 39 -6.81 -24.84 -84.77
C LYS B 39 -7.89 -24.76 -85.85
N ASN B 40 -7.63 -25.20 -87.10
CA ASN B 40 -8.68 -25.14 -88.12
C ASN B 40 -9.78 -26.11 -87.75
N LYS B 41 -11.01 -25.73 -88.07
CA LYS B 41 -12.18 -26.56 -87.83
C LYS B 41 -12.58 -27.42 -89.03
N LYS B 42 -11.99 -27.24 -90.21
CA LYS B 42 -12.41 -28.05 -91.34
C LYS B 42 -12.09 -29.53 -91.13
N LEU B 43 -11.05 -29.86 -90.36
CA LEU B 43 -10.77 -31.26 -90.06
C LEU B 43 -11.86 -31.85 -89.17
N VAL B 44 -12.53 -30.99 -88.38
CA VAL B 44 -13.61 -31.49 -87.52
C VAL B 44 -14.71 -32.03 -88.43
N GLU B 45 -14.89 -31.44 -89.62
CA GLU B 45 -15.89 -31.94 -90.57
C GLU B 45 -15.56 -33.37 -91.00
N LEU B 46 -14.27 -33.66 -91.22
CA LEU B 46 -13.85 -35.03 -91.56
C LEU B 46 -14.10 -35.98 -90.40
N LEU B 47 -13.90 -35.51 -89.17
CA LEU B 47 -14.18 -36.34 -88.02
C LEU B 47 -15.67 -36.62 -87.85
N ARG B 48 -16.53 -35.64 -88.14
CA ARG B 48 -17.97 -35.89 -88.05
C ARG B 48 -18.48 -36.78 -89.18
N ARG B 49 -17.96 -36.61 -90.39
CA ARG B 49 -18.37 -37.47 -91.50
C ARG B 49 -17.90 -38.91 -91.33
N LYS B 50 -16.81 -39.18 -90.62
CA LYS B 50 -16.42 -40.60 -90.48
C LYS B 50 -17.25 -41.35 -89.42
N VAL B 51 -18.03 -40.64 -88.59
CA VAL B 51 -18.83 -41.28 -87.55
C VAL B 51 -19.91 -42.20 -88.13
N ARG B 52 -20.40 -41.89 -89.33
CA ARG B 52 -21.41 -42.71 -89.98
C ARG B 52 -20.84 -43.99 -90.59
N LEU B 53 -19.51 -44.11 -90.74
CA LEU B 53 -18.92 -45.27 -91.38
C LEU B 53 -19.02 -46.57 -90.58
N ALA B 54 -19.08 -47.68 -91.34
CA ALA B 54 -19.15 -49.05 -90.82
C ALA B 54 -17.85 -49.48 -90.13
N GLN B 55 -16.72 -49.15 -90.73
CA GLN B 55 -15.36 -49.48 -90.30
C GLN B 55 -14.65 -48.18 -89.92
N PRO B 56 -14.40 -47.89 -88.63
CA PRO B 56 -13.68 -46.66 -88.29
C PRO B 56 -12.18 -46.73 -88.56
N TYR B 57 -11.66 -45.67 -89.19
CA TYR B 57 -10.24 -45.64 -89.49
C TYR B 57 -9.79 -44.21 -89.70
N VAL B 58 -8.47 -44.05 -89.64
CA VAL B 58 -7.79 -42.77 -89.86
C VAL B 58 -6.38 -43.07 -90.37
N GLY B 59 -5.87 -42.22 -91.28
CA GLY B 59 -4.52 -42.37 -91.76
C GLY B 59 -3.59 -41.42 -91.02
N VAL B 60 -2.30 -41.77 -91.00
CA VAL B 60 -1.28 -40.94 -90.38
C VAL B 60 -0.19 -40.82 -91.43
N PHE B 61 0.19 -39.60 -91.74
CA PHE B 61 1.22 -39.31 -92.71
C PHE B 61 2.18 -38.45 -91.95
N LEU B 62 3.34 -38.17 -92.52
CA LEU B 62 4.28 -37.27 -91.89
C LEU B 62 4.41 -36.11 -92.86
N LYS B 63 4.43 -34.90 -92.32
CA LYS B 63 4.61 -33.66 -93.06
C LYS B 63 6.09 -33.49 -93.34
N ARG B 64 6.44 -32.72 -94.37
CA ARG B 64 7.87 -32.52 -94.60
C ARG B 64 8.29 -31.33 -93.75
N ASP B 65 9.55 -30.94 -93.84
CA ASP B 65 10.07 -29.87 -93.00
C ASP B 65 9.43 -28.55 -93.37
N ASP B 66 9.38 -27.65 -92.39
CA ASP B 66 8.76 -26.33 -92.57
C ASP B 66 7.28 -26.46 -92.90
N SER B 67 6.55 -26.83 -91.85
CA SER B 67 5.11 -27.09 -91.94
C SER B 67 4.36 -25.83 -92.34
N ASN B 68 3.31 -25.99 -93.15
CA ASN B 68 2.56 -24.85 -93.68
C ASN B 68 1.14 -25.29 -94.05
N GLU B 69 0.14 -24.87 -93.26
CA GLU B 69 -1.25 -25.25 -93.52
C GLU B 69 -1.73 -24.71 -94.86
N SER B 70 -1.23 -23.54 -95.26
CA SER B 70 -1.63 -23.01 -96.55
C SER B 70 -1.09 -23.92 -97.65
N ASP B 71 0.04 -24.60 -97.39
CA ASP B 71 0.55 -25.51 -98.39
C ASP B 71 -0.17 -26.85 -98.28
N VAL B 72 -0.81 -27.12 -97.13
CA VAL B 72 -1.60 -28.34 -96.99
C VAL B 72 -2.78 -28.26 -97.93
N VAL B 73 -3.37 -27.08 -98.01
CA VAL B 73 -4.51 -26.91 -98.89
C VAL B 73 -4.09 -26.58 -100.32
N GLU B 74 -2.86 -26.14 -100.56
CA GLU B 74 -2.47 -25.82 -101.94
C GLU B 74 -1.95 -27.02 -102.71
N SER B 75 -0.93 -27.69 -102.17
CA SER B 75 -0.31 -28.85 -102.78
C SER B 75 -0.48 -30.05 -101.88
N LEU B 76 -0.55 -31.22 -102.50
CA LEU B 76 -0.64 -32.45 -101.75
C LEU B 76 0.67 -33.25 -101.73
N ASP B 77 1.75 -32.76 -102.39
CA ASP B 77 3.04 -33.44 -102.38
C ASP B 77 3.91 -33.12 -101.17
N GLU B 78 3.60 -32.07 -100.43
CA GLU B 78 4.42 -31.65 -99.29
C GLU B 78 4.44 -32.69 -98.18
N ILE B 79 3.35 -33.41 -97.96
CA ILE B 79 3.35 -34.42 -96.92
C ILE B 79 4.23 -35.56 -97.41
N TYR B 80 4.92 -36.21 -96.48
CA TYR B 80 5.78 -37.31 -96.91
C TYR B 80 4.97 -38.52 -97.33
N HIS B 81 5.58 -39.27 -98.26
CA HIS B 81 4.96 -40.47 -98.78
C HIS B 81 4.81 -41.51 -97.69
N THR B 82 5.65 -41.46 -96.67
CA THR B 82 5.48 -42.37 -95.56
C THR B 82 4.21 -42.10 -94.80
N GLY B 83 3.57 -43.19 -94.37
CA GLY B 83 2.38 -43.08 -93.54
C GLY B 83 2.27 -44.25 -92.59
N THR B 84 1.39 -44.09 -91.58
CA THR B 84 1.25 -45.11 -90.53
C THR B 84 -0.26 -45.17 -90.23
N PHE B 85 -1.00 -45.97 -91.00
CA PHE B 85 -2.45 -46.08 -90.83
C PHE B 85 -2.83 -46.73 -89.51
N ALA B 86 -3.95 -46.29 -88.93
CA ALA B 86 -4.43 -46.84 -87.66
C ALA B 86 -5.91 -46.52 -87.45
N GLN B 87 -6.59 -47.31 -86.62
CA GLN B 87 -7.98 -47.03 -86.26
C GLN B 87 -8.10 -46.03 -85.11
N ILE B 88 -9.10 -45.16 -85.21
CA ILE B 88 -9.32 -44.17 -84.17
C ILE B 88 -9.83 -44.91 -82.94
N HIS B 89 -9.54 -44.35 -81.76
CA HIS B 89 -9.96 -44.90 -80.47
C HIS B 89 -11.19 -44.14 -79.98
N GLU B 90 -11.01 -42.90 -79.52
CA GLU B 90 -12.15 -42.15 -79.02
C GLU B 90 -11.83 -40.66 -79.00
N MET B 91 -12.84 -39.87 -79.35
CA MET B 91 -12.78 -38.42 -79.30
C MET B 91 -12.96 -37.94 -77.88
N GLN B 92 -12.38 -36.78 -77.59
CA GLN B 92 -12.49 -36.20 -76.26
C GLN B 92 -12.96 -34.76 -76.40
N ASP B 93 -12.12 -33.91 -77.01
CA ASP B 93 -12.45 -32.51 -77.28
C ASP B 93 -12.87 -31.74 -76.01
N LEU B 94 -11.97 -31.67 -75.04
CA LEU B 94 -12.32 -30.97 -73.80
C LEU B 94 -12.37 -29.46 -73.99
N GLY B 95 -11.34 -28.87 -74.59
CA GLY B 95 -11.28 -27.43 -74.84
C GLY B 95 -11.37 -27.02 -76.29
N ASP B 96 -10.42 -27.46 -77.13
CA ASP B 96 -10.56 -27.20 -78.55
C ASP B 96 -11.59 -28.15 -79.15
N LYS B 97 -12.13 -27.71 -80.28
CA LYS B 97 -13.09 -28.53 -81.03
C LYS B 97 -12.41 -29.58 -81.88
N LEU B 98 -11.07 -29.69 -81.82
CA LEU B 98 -10.28 -30.65 -82.57
C LEU B 98 -9.20 -31.14 -81.60
N ARG B 99 -9.46 -32.31 -81.01
CA ARG B 99 -8.55 -33.03 -80.12
C ARG B 99 -8.55 -34.49 -80.57
N MET B 100 -8.02 -34.73 -81.78
CA MET B 100 -7.94 -36.12 -82.22
C MET B 100 -6.77 -36.84 -81.56
N ILE B 101 -6.94 -38.16 -81.42
CA ILE B 101 -5.90 -39.08 -80.98
C ILE B 101 -5.37 -39.79 -82.22
N VAL B 102 -4.07 -40.11 -82.21
CA VAL B 102 -3.41 -40.76 -83.31
C VAL B 102 -2.50 -41.85 -82.77
N MET B 103 -2.24 -42.83 -83.61
CA MET B 103 -1.46 -43.99 -83.26
C MET B 103 -0.75 -44.45 -84.53
N GLY B 104 0.37 -45.12 -84.33
CA GLY B 104 1.17 -45.68 -85.39
C GLY B 104 1.05 -47.19 -85.53
N HIS B 105 0.20 -47.72 -86.42
CA HIS B 105 -0.05 -49.16 -86.52
C HIS B 105 0.49 -49.81 -87.78
N ARG B 106 0.02 -49.43 -88.98
CA ARG B 106 0.42 -50.05 -90.23
C ARG B 106 1.29 -49.06 -90.99
N ARG B 107 2.59 -49.29 -91.02
CA ARG B 107 3.54 -48.49 -91.79
C ARG B 107 3.60 -48.76 -93.30
N VAL B 108 3.96 -47.73 -94.06
CA VAL B 108 4.13 -47.82 -95.51
C VAL B 108 5.02 -46.65 -95.96
N HIS B 109 5.57 -46.73 -97.18
CA HIS B 109 6.30 -45.61 -97.79
C HIS B 109 5.82 -45.69 -99.25
N ILE B 110 4.81 -44.85 -99.54
CA ILE B 110 4.21 -44.85 -100.87
C ILE B 110 5.20 -44.43 -101.95
N SER B 111 5.15 -45.13 -103.09
CA SER B 111 6.03 -44.83 -104.23
C SER B 111 5.69 -43.48 -104.85
N ARG B 112 4.40 -43.10 -104.84
CA ARG B 112 3.85 -41.86 -105.40
C ARG B 112 2.58 -41.54 -104.64
N GLN B 113 2.73 -40.63 -103.69
CA GLN B 113 1.61 -40.16 -102.90
C GLN B 113 0.61 -39.46 -103.79
N LEU B 114 1.07 -38.90 -104.92
CA LEU B 114 0.18 -38.21 -105.85
C LEU B 114 -0.87 -39.17 -106.38
N GLU B 115 -0.55 -40.44 -106.53
CA GLU B 115 -1.56 -41.38 -107.01
C GLU B 115 -2.32 -41.74 -105.74
N MET B 166 -4.93 -42.09 -101.84
CA MET B 166 -3.66 -42.33 -102.50
C MET B 166 -3.46 -43.82 -102.52
N VAL B 167 -2.96 -44.37 -103.62
CA VAL B 167 -2.79 -45.82 -103.68
C VAL B 167 -1.78 -46.24 -102.62
N GLU B 168 -2.06 -47.38 -101.99
CA GLU B 168 -1.19 -47.91 -100.93
C GLU B 168 -1.40 -49.41 -100.82
N VAL B 169 -0.40 -50.07 -100.23
CA VAL B 169 -0.43 -51.51 -100.01
C VAL B 169 0.33 -51.71 -98.72
N GLU B 170 -0.11 -52.70 -97.94
CA GLU B 170 0.53 -53.01 -96.67
C GLU B 170 1.71 -53.96 -96.85
N ASN B 171 2.80 -53.39 -97.38
CA ASN B 171 4.09 -54.09 -97.52
C ASN B 171 4.97 -53.89 -96.26
N VAL B 172 4.45 -54.29 -95.08
CA VAL B 172 5.19 -54.18 -93.81
C VAL B 172 6.16 -55.35 -93.62
N VAL B 173 7.29 -55.28 -94.31
CA VAL B 173 8.31 -56.33 -94.27
C VAL B 173 8.85 -56.52 -92.86
N HIS B 174 8.98 -57.79 -92.45
CA HIS B 174 9.49 -58.20 -91.13
C HIS B 174 10.27 -59.51 -91.30
N GLU B 175 11.26 -59.50 -92.18
CA GLU B 175 12.13 -60.67 -92.37
C GLU B 175 12.96 -60.94 -91.11
N ASP B 176 13.17 -62.21 -90.77
CA ASP B 176 13.97 -62.60 -89.60
C ASP B 176 14.67 -63.90 -89.91
N PHE B 177 15.91 -64.00 -89.44
CA PHE B 177 16.70 -65.21 -89.63
C PHE B 177 16.11 -66.40 -88.88
N GLN B 178 16.40 -67.59 -89.40
CA GLN B 178 16.05 -68.81 -88.69
C GLN B 178 16.79 -68.89 -87.35
N VAL B 179 18.04 -68.45 -87.32
CA VAL B 179 18.92 -68.64 -86.17
C VAL B 179 18.66 -67.49 -85.22
N THR B 180 17.85 -67.75 -84.20
CA THR B 180 17.45 -66.77 -83.20
C THR B 180 17.99 -67.05 -81.80
N GLU B 181 19.31 -66.99 -81.63
CA GLU B 181 19.94 -67.19 -80.31
C GLU B 181 20.84 -66.01 -80.01
N GLU B 182 21.66 -65.62 -80.98
CA GLU B 182 22.51 -64.47 -80.83
C GLU B 182 21.92 -63.20 -81.42
N VAL B 183 20.70 -63.26 -81.97
CA VAL B 183 20.12 -62.05 -82.55
C VAL B 183 19.36 -61.31 -81.47
N LYS B 184 18.78 -62.04 -80.51
CA LYS B 184 18.11 -61.44 -79.38
C LYS B 184 19.10 -61.08 -78.27
N ALA B 185 20.39 -61.02 -78.58
CA ALA B 185 21.38 -60.40 -77.72
C ALA B 185 21.55 -58.92 -78.07
N LEU B 186 20.70 -58.39 -78.97
CA LEU B 186 20.63 -56.97 -79.24
C LEU B 186 19.51 -56.32 -78.45
N THR B 187 18.49 -57.09 -78.02
CA THR B 187 17.47 -56.50 -77.16
C THR B 187 18.08 -56.13 -75.83
N ALA B 188 19.08 -56.89 -75.39
CA ALA B 188 19.64 -56.77 -74.06
C ALA B 188 20.62 -55.60 -74.02
N GLU B 189 21.02 -55.09 -75.19
CA GLU B 189 21.70 -53.81 -75.31
C GLU B 189 20.71 -52.67 -75.49
N ILE B 190 19.57 -52.91 -76.15
CA ILE B 190 18.61 -51.82 -76.36
C ILE B 190 17.99 -51.42 -75.05
N VAL B 191 17.50 -52.41 -74.29
CA VAL B 191 16.97 -52.14 -72.96
C VAL B 191 18.06 -51.63 -72.02
N LYS B 192 19.31 -52.11 -72.15
CA LYS B 192 20.35 -51.61 -71.27
C LYS B 192 20.75 -50.16 -71.53
N THR B 193 20.83 -49.76 -72.81
CA THR B 193 21.03 -48.35 -73.12
C THR B 193 19.86 -47.50 -72.67
N ILE B 194 18.64 -47.90 -73.02
CA ILE B 194 17.46 -47.16 -72.61
C ILE B 194 17.34 -47.09 -71.09
N ARG B 195 17.77 -48.14 -70.39
CA ARG B 195 17.85 -48.12 -68.94
C ARG B 195 18.90 -47.14 -68.46
N ASP B 196 19.96 -46.95 -69.24
CA ASP B 196 20.96 -45.95 -68.89
C ASP B 196 20.44 -44.55 -69.16
N ILE B 197 19.50 -44.43 -70.11
CA ILE B 197 18.97 -43.11 -70.43
C ILE B 197 17.99 -42.70 -69.34
N ILE B 198 17.12 -43.62 -68.92
CA ILE B 198 16.14 -43.28 -67.89
C ILE B 198 16.80 -43.18 -66.53
N ALA B 199 17.95 -43.84 -66.33
CA ALA B 199 18.62 -43.73 -65.04
C ALA B 199 19.37 -42.43 -64.90
N LEU B 200 20.17 -42.03 -65.91
CA LEU B 200 20.91 -40.77 -65.78
C LEU B 200 20.09 -39.53 -66.05
N ASN B 201 19.10 -39.58 -66.94
CA ASN B 201 18.22 -38.45 -67.24
C ASN B 201 16.76 -38.88 -67.23
N PRO B 202 16.17 -39.19 -66.07
CA PRO B 202 14.74 -39.58 -66.09
C PRO B 202 13.86 -38.46 -66.63
N LEU B 203 12.86 -38.85 -67.43
CA LEU B 203 11.89 -37.92 -68.02
C LEU B 203 10.45 -38.39 -67.89
N TYR B 204 10.24 -39.64 -68.27
CA TYR B 204 8.94 -40.30 -68.24
C TYR B 204 8.93 -41.51 -67.35
N ARG B 205 7.71 -41.99 -67.16
CA ARG B 205 7.38 -43.13 -66.32
C ARG B 205 7.99 -44.45 -66.79
N GLU B 206 8.40 -45.25 -65.80
CA GLU B 206 9.03 -46.55 -66.01
C GLU B 206 8.02 -47.68 -66.19
N SER B 207 6.73 -47.41 -66.01
CA SER B 207 5.74 -48.48 -66.13
C SER B 207 5.69 -49.06 -67.53
N VAL B 208 5.93 -48.26 -68.57
CA VAL B 208 5.92 -48.84 -69.91
C VAL B 208 7.08 -49.82 -70.07
N LEU B 209 8.25 -49.51 -69.50
CA LEU B 209 9.37 -50.44 -69.58
C LEU B 209 9.12 -51.71 -68.77
N GLN B 210 8.41 -51.58 -67.66
CA GLN B 210 8.00 -52.74 -66.88
C GLN B 210 6.93 -53.54 -67.59
N MET B 211 6.18 -52.90 -68.49
CA MET B 211 5.14 -53.62 -69.20
C MET B 211 5.73 -54.57 -70.24
N MET B 212 6.78 -54.16 -70.96
CA MET B 212 7.37 -55.01 -71.98
C MET B 212 8.77 -55.43 -71.53
N GLN B 213 8.82 -56.57 -70.85
CA GLN B 213 10.06 -57.22 -70.43
C GLN B 213 10.23 -58.43 -71.33
N ALA B 214 11.48 -58.89 -71.52
CA ALA B 214 11.73 -60.06 -72.34
C ALA B 214 11.52 -61.44 -71.67
N GLY B 215 11.41 -61.55 -70.33
CA GLY B 215 11.17 -62.87 -69.71
C GLY B 215 9.75 -63.43 -69.58
N GLN B 216 8.69 -62.62 -69.72
CA GLN B 216 7.33 -63.15 -69.61
C GLN B 216 6.83 -63.88 -70.85
N ARG B 217 7.53 -63.72 -71.97
CA ARG B 217 7.20 -64.30 -73.27
C ARG B 217 5.82 -63.83 -73.79
N VAL B 218 5.33 -62.68 -73.30
CA VAL B 218 4.09 -62.05 -73.79
C VAL B 218 4.36 -61.02 -74.89
N VAL B 219 5.63 -60.78 -75.25
CA VAL B 219 6.06 -59.80 -76.27
C VAL B 219 5.91 -60.45 -77.64
N ASP B 220 4.67 -60.49 -78.13
CA ASP B 220 4.37 -61.06 -79.43
C ASP B 220 4.90 -60.24 -80.61
N ASN B 221 5.28 -58.98 -80.40
CA ASN B 221 5.76 -58.10 -81.47
C ASN B 221 7.06 -57.39 -81.11
N PRO B 222 8.22 -58.07 -81.20
CA PRO B 222 9.47 -57.41 -80.82
C PRO B 222 9.77 -56.14 -81.63
N ILE B 223 9.40 -56.12 -82.92
CA ILE B 223 9.63 -54.93 -83.74
C ILE B 223 8.85 -53.74 -83.20
N TYR B 224 7.65 -54.00 -82.68
CA TYR B 224 6.89 -52.93 -82.04
C TYR B 224 7.56 -52.47 -80.77
N LEU B 225 8.19 -53.39 -80.04
CA LEU B 225 8.90 -52.97 -78.84
C LEU B 225 10.09 -52.09 -79.22
N SER B 226 10.71 -52.37 -80.36
CA SER B 226 11.82 -51.53 -80.77
C SER B 226 11.33 -50.17 -81.23
N ASP B 227 10.20 -50.12 -81.96
CA ASP B 227 9.66 -48.83 -82.36
C ASP B 227 9.19 -48.00 -81.18
N MET B 228 8.54 -48.62 -80.18
CA MET B 228 8.11 -47.85 -79.02
C MET B 228 9.32 -47.34 -78.25
N GLY B 229 10.40 -48.11 -78.23
CA GLY B 229 11.60 -47.66 -77.56
C GLY B 229 12.31 -46.62 -78.41
N ALA B 230 12.17 -46.73 -79.72
CA ALA B 230 12.64 -45.70 -80.63
C ALA B 230 11.83 -44.43 -80.48
N ALA B 231 10.56 -44.53 -80.05
CA ALA B 231 9.74 -43.34 -79.96
C ALA B 231 10.28 -42.37 -78.92
N LEU B 232 10.89 -42.91 -77.86
CA LEU B 232 11.51 -42.05 -76.86
C LEU B 232 12.70 -41.29 -77.42
N THR B 233 13.31 -41.79 -78.50
CA THR B 233 14.49 -41.19 -79.12
C THR B 233 14.26 -39.79 -79.65
N GLY B 234 15.30 -38.96 -79.50
CA GLY B 234 15.46 -37.58 -79.89
C GLY B 234 15.92 -37.34 -81.31
N ALA B 235 16.03 -38.40 -82.13
CA ALA B 235 16.61 -38.26 -83.46
C ALA B 235 15.80 -37.29 -84.32
N GLU B 236 16.49 -36.64 -85.23
CA GLU B 236 15.92 -35.59 -86.07
C GLU B 236 14.82 -36.18 -86.98
N SER B 237 13.82 -35.36 -87.35
CA SER B 237 12.71 -35.90 -88.14
C SER B 237 13.15 -36.44 -89.50
N HIS B 238 14.13 -35.78 -90.14
CA HIS B 238 14.60 -36.30 -91.42
C HIS B 238 15.23 -37.66 -91.20
N GLU B 239 15.89 -37.84 -90.05
CA GLU B 239 16.45 -39.13 -89.69
C GLU B 239 15.32 -40.14 -89.54
N LEU B 240 14.18 -39.72 -88.97
CA LEU B 240 13.06 -40.66 -88.84
C LEU B 240 12.53 -41.06 -90.22
N GLN B 241 12.56 -40.13 -91.17
CA GLN B 241 12.13 -40.44 -92.51
C GLN B 241 13.10 -41.42 -93.16
N ASP B 242 14.36 -41.22 -92.86
CA ASP B 242 15.43 -42.10 -93.32
C ASP B 242 15.33 -43.48 -92.68
N VAL B 243 14.94 -43.59 -91.41
CA VAL B 243 14.76 -44.92 -90.84
C VAL B 243 13.64 -45.62 -91.60
N LEU B 244 12.63 -44.86 -92.02
CA LEU B 244 11.61 -45.50 -92.84
C LEU B 244 12.19 -45.84 -94.22
N GLU B 245 13.21 -45.08 -94.67
CA GLU B 245 13.91 -45.38 -95.91
C GLU B 245 14.65 -46.72 -95.80
N GLU B 246 15.12 -47.07 -94.61
CA GLU B 246 15.89 -48.30 -94.39
C GLU B 246 15.09 -49.55 -94.71
N THR B 247 15.76 -50.53 -95.33
CA THR B 247 15.13 -51.82 -95.62
C THR B 247 15.60 -52.92 -94.68
N ASN B 248 16.91 -53.17 -94.61
CA ASN B 248 17.40 -54.27 -93.81
C ASN B 248 17.15 -54.07 -92.31
N ILE B 249 16.63 -55.11 -91.66
CA ILE B 249 16.30 -55.01 -90.24
C ILE B 249 17.53 -54.70 -89.38
N PRO B 250 18.64 -55.46 -89.49
CA PRO B 250 19.82 -55.12 -88.69
C PRO B 250 20.38 -53.75 -88.97
N LYS B 251 20.32 -53.28 -90.21
CA LYS B 251 20.88 -51.98 -90.51
C LYS B 251 20.14 -50.89 -89.73
N ARG B 252 18.81 -50.91 -89.78
CA ARG B 252 18.06 -49.94 -89.00
C ARG B 252 18.10 -50.19 -87.50
N LEU B 253 18.37 -51.42 -87.07
CA LEU B 253 18.58 -51.64 -85.64
C LEU B 253 19.96 -51.19 -85.16
N TYR B 254 21.00 -51.35 -85.98
CA TYR B 254 22.29 -50.80 -85.58
C TYR B 254 22.19 -49.29 -85.56
N LYS B 255 21.64 -48.67 -86.64
CA LYS B 255 21.65 -47.21 -86.70
C LYS B 255 20.76 -46.65 -85.58
N ALA B 256 19.71 -47.36 -85.19
CA ALA B 256 18.93 -46.95 -84.04
C ALA B 256 19.79 -47.03 -82.79
N LEU B 257 20.68 -48.03 -82.72
CA LEU B 257 21.61 -48.12 -81.59
C LEU B 257 22.55 -46.93 -81.61
N SER B 258 23.01 -46.56 -82.80
CA SER B 258 23.88 -45.42 -83.01
C SER B 258 23.15 -44.12 -82.71
N LEU B 259 21.84 -44.08 -82.96
CA LEU B 259 21.04 -42.92 -82.59
C LEU B 259 20.97 -42.80 -81.08
N LEU B 260 20.88 -43.94 -80.38
CA LEU B 260 20.89 -43.88 -78.92
C LEU B 260 22.27 -43.40 -78.42
N LYS B 261 23.33 -43.75 -79.14
CA LYS B 261 24.69 -43.30 -78.82
C LYS B 261 24.84 -41.79 -79.00
N LYS B 262 24.39 -41.25 -80.15
CA LYS B 262 24.55 -39.82 -80.43
C LYS B 262 23.75 -38.94 -79.48
N GLU B 263 22.53 -39.39 -79.13
CA GLU B 263 21.73 -38.60 -78.21
C GLU B 263 22.34 -38.67 -76.82
N PHE B 264 22.80 -39.86 -76.41
CA PHE B 264 23.46 -39.93 -75.12
C PHE B 264 24.75 -39.13 -75.07
N GLU B 265 25.54 -39.05 -76.15
CA GLU B 265 26.72 -38.19 -76.08
C GLU B 265 26.37 -36.71 -75.98
N LEU B 266 25.28 -36.30 -76.63
CA LEU B 266 24.87 -34.90 -76.53
C LEU B 266 24.31 -34.57 -75.16
N SER B 267 23.44 -35.45 -74.65
CA SER B 267 22.87 -35.26 -73.32
C SER B 267 23.96 -35.36 -72.26
N LYS B 268 24.96 -36.18 -72.53
CA LYS B 268 26.09 -36.34 -71.63
C LYS B 268 26.91 -35.07 -71.58
N LEU B 269 27.25 -34.54 -72.75
CA LEU B 269 28.02 -33.29 -72.79
C LEU B 269 27.25 -32.14 -72.17
N GLN B 270 25.93 -32.10 -72.34
CA GLN B 270 25.12 -31.10 -71.66
C GLN B 270 25.04 -31.31 -70.17
N GLN B 271 25.00 -32.55 -69.74
CA GLN B 271 24.96 -32.79 -68.31
C GLN B 271 26.27 -32.39 -67.70
N ARG B 272 27.37 -32.55 -68.43
CA ARG B 272 28.61 -32.12 -67.81
C ARG B 272 28.76 -30.60 -67.83
N LEU B 273 28.42 -29.93 -68.94
CA LEU B 273 28.52 -28.47 -68.94
C LEU B 273 27.58 -27.80 -67.95
N GLY B 274 26.36 -28.32 -67.81
CA GLY B 274 25.46 -27.71 -66.84
C GLY B 274 25.86 -28.04 -65.43
N ARG B 275 26.38 -29.24 -65.21
CA ARG B 275 26.90 -29.62 -63.92
C ARG B 275 28.12 -28.76 -63.61
N GLU B 276 28.85 -28.38 -64.64
CA GLU B 276 29.98 -27.49 -64.45
C GLU B 276 29.54 -26.09 -64.11
N VAL B 277 28.50 -25.59 -64.78
CA VAL B 277 28.03 -24.27 -64.44
C VAL B 277 27.44 -24.28 -63.05
N GLU B 278 26.83 -25.38 -62.66
CA GLU B 278 26.27 -25.47 -61.32
C GLU B 278 27.37 -25.55 -60.27
N GLU B 279 28.46 -26.27 -60.55
CA GLU B 279 29.57 -26.30 -59.61
C GLU B 279 30.20 -24.93 -59.51
N LYS B 280 30.28 -24.23 -60.64
CA LYS B 280 30.77 -22.87 -60.66
C LYS B 280 29.85 -21.95 -59.89
N ILE B 281 28.55 -22.27 -59.86
CA ILE B 281 27.64 -21.54 -58.99
C ILE B 281 27.78 -21.96 -57.52
N LYS B 282 28.21 -23.21 -57.23
CA LYS B 282 28.50 -23.54 -55.84
C LYS B 282 29.76 -22.82 -55.37
N GLN B 283 30.64 -22.42 -56.32
CA GLN B 283 31.87 -21.69 -55.99
C GLN B 283 31.60 -20.56 -55.03
N THR B 284 30.49 -19.82 -55.22
CA THR B 284 30.13 -18.76 -54.28
C THR B 284 30.09 -19.40 -52.89
N HIS B 285 30.86 -18.84 -51.96
CA HIS B 285 30.94 -19.42 -50.62
C HIS B 285 29.58 -19.55 -49.94
N ARG B 286 29.51 -20.52 -49.03
CA ARG B 286 28.30 -20.75 -48.24
C ARG B 286 27.97 -19.54 -47.35
N LYS B 287 28.98 -18.70 -47.03
CA LYS B 287 28.69 -17.49 -46.25
C LYS B 287 27.63 -16.68 -46.97
N TYR B 288 27.75 -16.59 -48.31
CA TYR B 288 26.79 -15.86 -49.14
C TYR B 288 25.38 -16.38 -48.88
N LEU B 289 25.29 -17.69 -48.62
CA LEU B 289 24.04 -18.35 -48.35
C LEU B 289 23.54 -17.94 -46.97
N LEU B 290 24.40 -18.09 -45.95
CA LEU B 290 23.97 -17.71 -44.61
C LEU B 290 23.60 -16.24 -44.55
N GLN B 291 24.37 -15.37 -45.20
CA GLN B 291 24.04 -13.96 -45.12
C GLN B 291 22.71 -13.63 -45.80
N GLU B 292 22.39 -14.34 -46.91
CA GLU B 292 21.00 -14.38 -47.39
C GLU B 292 20.13 -14.74 -46.21
N GLN B 293 20.27 -15.95 -45.70
CA GLN B 293 19.51 -16.48 -44.56
C GLN B 293 19.33 -15.49 -43.41
N LEU B 294 20.36 -14.67 -43.17
CA LEU B 294 20.23 -13.57 -42.22
C LEU B 294 19.17 -12.61 -42.72
N LYS B 295 19.28 -12.18 -43.98
CA LYS B 295 18.33 -11.21 -44.48
C LYS B 295 16.91 -11.76 -44.37
N ILE B 296 16.73 -13.06 -44.61
CA ILE B 296 15.41 -13.67 -44.45
C ILE B 296 14.93 -13.55 -43.01
N ILE B 297 15.86 -13.65 -42.05
CA ILE B 297 15.47 -13.46 -40.66
C ILE B 297 14.93 -12.05 -40.49
N LYS B 298 15.58 -11.10 -41.15
CA LYS B 298 15.15 -9.71 -41.03
C LYS B 298 13.92 -9.41 -41.85
N LYS B 299 13.60 -10.26 -42.83
CA LYS B 299 12.44 -10.01 -43.65
C LYS B 299 11.15 -10.26 -42.89
N GLU B 300 11.20 -11.12 -41.87
CA GLU B 300 10.04 -11.45 -41.07
C GLU B 300 10.32 -10.93 -39.68
N LEU B 301 9.71 -9.80 -39.38
CA LEU B 301 9.87 -9.14 -38.12
C LEU B 301 8.64 -9.45 -37.26
N GLY B 302 8.75 -9.11 -35.97
CA GLY B 302 7.68 -9.34 -35.01
C GLY B 302 6.66 -8.22 -35.06
N LEU B 303 6.09 -7.85 -33.90
CA LEU B 303 5.09 -6.79 -33.79
C LEU B 303 5.53 -5.76 -32.76
N GLU B 304 6.75 -5.26 -32.91
CA GLU B 304 7.28 -4.24 -32.02
C GLU B 304 8.36 -3.47 -32.75
N LYS B 305 8.60 -2.22 -32.33
CA LYS B 305 9.61 -1.38 -32.95
C LYS B 305 10.82 -1.10 -32.06
N ASP B 306 10.59 -0.39 -30.96
CA ASP B 306 11.61 0.00 -29.99
C ASP B 306 11.49 -0.77 -28.69
N ASP B 307 11.88 -2.05 -28.67
CA ASP B 307 11.77 -2.82 -27.45
C ASP B 307 12.99 -3.70 -27.20
N LYS B 308 14.07 -3.55 -27.96
CA LYS B 308 15.23 -4.39 -27.74
C LYS B 308 16.49 -3.70 -28.26
N ASP B 309 16.60 -3.55 -29.57
CA ASP B 309 17.77 -2.94 -30.20
C ASP B 309 17.59 -1.45 -30.48
N ALA B 310 16.50 -1.07 -31.13
CA ALA B 310 16.35 0.34 -31.45
C ALA B 310 16.16 1.19 -30.20
N ILE B 311 15.48 0.65 -29.18
CA ILE B 311 15.37 1.37 -27.92
C ILE B 311 16.75 1.59 -27.33
N GLU B 312 17.64 0.61 -27.52
CA GLU B 312 19.02 0.79 -27.10
C GLU B 312 19.68 1.88 -27.92
N GLU B 313 19.51 1.81 -29.25
CA GLU B 313 20.28 2.67 -30.12
C GLU B 313 19.95 4.12 -29.87
N LYS B 314 18.65 4.48 -29.88
CA LYS B 314 18.27 5.90 -29.78
C LYS B 314 18.88 6.55 -28.55
N PHE B 315 19.00 5.78 -27.47
CA PHE B 315 19.78 6.20 -26.32
C PHE B 315 21.25 6.37 -26.69
N ARG B 316 21.82 5.36 -27.38
CA ARG B 316 23.24 5.46 -27.72
C ARG B 316 23.53 6.72 -28.52
N GLU B 317 22.73 6.96 -29.55
CA GLU B 317 22.90 8.15 -30.36
C GLU B 317 22.64 9.40 -29.53
N ARG B 318 21.69 9.28 -28.60
CA ARG B 318 21.35 10.38 -27.70
C ARG B 318 22.53 10.69 -26.79
N LEU B 319 23.35 9.68 -26.47
CA LEU B 319 24.45 9.90 -25.54
C LEU B 319 25.56 10.74 -26.11
N LYS B 320 25.69 10.76 -27.44
CA LYS B 320 26.92 11.24 -28.06
C LYS B 320 27.16 12.70 -27.74
N GLU B 321 26.14 13.54 -27.96
CA GLU B 321 26.32 14.97 -27.78
C GLU B 321 26.71 15.32 -26.37
N LEU B 322 26.20 14.59 -25.39
CA LEU B 322 26.62 14.84 -24.01
C LEU B 322 28.07 14.41 -23.86
N VAL B 323 28.82 15.13 -23.02
CA VAL B 323 30.17 14.69 -22.64
C VAL B 323 30.14 14.09 -21.23
N VAL B 324 29.80 12.82 -21.18
CA VAL B 324 29.60 12.11 -19.91
C VAL B 324 30.93 11.83 -19.22
N PRO B 325 30.98 11.80 -17.89
CA PRO B 325 32.14 11.20 -17.23
C PRO B 325 32.23 9.73 -17.61
N LYS B 326 33.46 9.23 -17.79
CA LYS B 326 33.62 7.83 -18.19
C LYS B 326 33.01 6.88 -17.16
N HIS B 327 33.00 7.30 -15.89
CA HIS B 327 32.46 6.49 -14.82
C HIS B 327 31.03 6.13 -15.15
N VAL B 328 30.17 7.15 -15.22
CA VAL B 328 28.77 6.79 -15.42
C VAL B 328 28.62 6.14 -16.79
N MET B 329 29.52 6.45 -17.75
CA MET B 329 29.43 5.82 -19.05
C MET B 329 29.58 4.33 -18.94
N ASP B 330 30.45 3.87 -18.03
CA ASP B 330 30.66 2.45 -17.90
C ASP B 330 29.44 1.82 -17.28
N VAL B 331 28.88 2.52 -16.30
CA VAL B 331 27.65 2.02 -15.69
C VAL B 331 26.55 1.95 -16.74
N VAL B 332 26.52 2.92 -17.64
CA VAL B 332 25.54 2.91 -18.71
C VAL B 332 25.78 1.74 -19.63
N ASP B 333 27.03 1.46 -19.92
CA ASP B 333 27.37 0.37 -20.82
C ASP B 333 26.98 -0.95 -20.20
N GLU B 334 27.08 -1.03 -18.89
CA GLU B 334 26.62 -2.22 -18.21
C GLU B 334 25.12 -2.32 -18.34
N GLU B 335 24.40 -1.22 -18.12
CA GLU B 335 22.95 -1.30 -18.22
C GLU B 335 22.54 -1.65 -19.65
N LEU B 336 23.31 -1.19 -20.64
CA LEU B 336 23.03 -1.47 -22.04
C LEU B 336 23.20 -2.95 -22.36
N SER B 337 24.27 -3.55 -21.86
CA SER B 337 24.44 -4.98 -22.06
C SER B 337 23.33 -5.74 -21.36
N LYS B 338 23.00 -5.32 -20.14
CA LYS B 338 21.95 -5.98 -19.38
C LYS B 338 20.61 -5.85 -20.09
N LEU B 339 20.42 -4.76 -20.85
CA LEU B 339 19.23 -4.63 -21.66
C LEU B 339 19.26 -5.67 -22.75
N GLY B 340 20.40 -5.79 -23.43
CA GLY B 340 20.45 -6.67 -24.57
C GLY B 340 20.19 -8.09 -24.11
N LEU B 341 20.70 -8.43 -22.92
CA LEU B 341 20.44 -9.75 -22.38
C LEU B 341 18.97 -9.92 -22.01
N LEU B 342 18.37 -8.85 -21.51
CA LEU B 342 16.98 -8.91 -21.10
C LEU B 342 16.01 -9.12 -22.24
N ASP B 343 14.89 -9.76 -21.90
CA ASP B 343 13.86 -9.98 -22.90
C ASP B 343 13.21 -8.63 -23.18
N ASN B 344 12.60 -8.51 -24.36
CA ASN B 344 12.00 -7.23 -24.74
C ASN B 344 10.85 -6.83 -23.81
N HIS B 345 10.11 -7.78 -23.26
CA HIS B 345 8.95 -7.51 -22.40
C HIS B 345 9.08 -8.15 -21.02
N SER B 346 9.44 -7.34 -20.03
CA SER B 346 9.56 -7.84 -18.66
C SER B 346 9.48 -6.69 -17.67
N SER B 347 9.17 -7.05 -16.42
CA SER B 347 9.07 -6.05 -15.37
C SER B 347 10.42 -5.39 -15.16
N GLU B 348 11.46 -6.21 -15.18
CA GLU B 348 12.77 -5.61 -15.04
C GLU B 348 13.04 -4.77 -16.26
N PHE B 349 12.54 -5.17 -17.43
CA PHE B 349 12.93 -4.48 -18.64
C PHE B 349 12.41 -3.07 -18.61
N ASN B 350 11.11 -2.91 -18.36
CA ASN B 350 10.55 -1.57 -18.39
C ASN B 350 11.17 -0.74 -17.28
N VAL B 351 11.40 -1.37 -16.11
CA VAL B 351 12.07 -0.67 -15.01
C VAL B 351 13.42 -0.14 -15.45
N THR B 352 14.33 -1.05 -15.78
CA THR B 352 15.69 -0.68 -16.08
C THR B 352 15.76 0.24 -17.29
N ARG B 353 14.86 0.02 -18.25
CA ARG B 353 14.77 0.88 -19.41
C ARG B 353 14.40 2.28 -19.00
N ASN B 354 13.49 2.40 -18.05
CA ASN B 354 13.10 3.72 -17.62
C ASN B 354 14.26 4.38 -16.92
N TYR B 355 14.91 3.64 -16.04
CA TYR B 355 16.02 4.23 -15.30
C TYR B 355 17.15 4.64 -16.21
N LEU B 356 17.40 3.86 -17.24
CA LEU B 356 18.40 4.28 -18.19
C LEU B 356 17.89 5.44 -19.03
N ASP B 357 16.59 5.46 -19.32
CA ASP B 357 16.01 6.55 -20.10
C ASP B 357 16.19 7.85 -19.35
N TRP B 358 15.93 7.83 -18.03
CA TRP B 358 16.08 9.04 -17.25
C TRP B 358 17.52 9.48 -17.28
N LEU B 359 18.44 8.50 -17.21
CA LEU B 359 19.86 8.82 -17.23
C LEU B 359 20.29 9.46 -18.52
N THR B 360 19.66 9.06 -19.62
CA THR B 360 19.98 9.74 -20.86
C THR B 360 19.32 11.08 -20.85
N SER B 361 18.14 11.17 -20.22
CA SER B 361 17.42 12.42 -20.23
C SER B 361 18.24 13.45 -19.46
N ILE B 362 18.97 13.01 -18.45
CA ILE B 362 19.72 13.98 -17.65
C ILE B 362 20.79 14.58 -18.56
N PRO B 363 20.88 15.90 -18.72
CA PRO B 363 22.03 16.43 -19.46
C PRO B 363 23.30 16.11 -18.68
N TRP B 364 24.37 15.85 -19.40
CA TRP B 364 25.66 15.58 -18.77
C TRP B 364 26.65 16.45 -19.52
N GLY B 365 27.12 17.51 -18.88
CA GLY B 365 28.10 18.35 -19.54
C GLY B 365 27.53 19.40 -20.46
N LYS B 366 26.21 19.47 -20.58
CA LYS B 366 25.61 20.56 -21.34
C LYS B 366 25.75 21.83 -20.52
N TYR B 367 25.94 22.95 -21.21
CA TYR B 367 26.20 24.24 -20.57
C TYR B 367 25.42 25.32 -21.30
N SER B 368 24.29 25.74 -20.73
CA SER B 368 23.58 26.88 -21.27
C SER B 368 24.49 28.09 -21.27
N ASN B 369 24.51 28.79 -22.40
CA ASN B 369 25.53 29.79 -22.67
C ASN B 369 25.32 30.84 -21.59
N GLU B 370 26.39 31.27 -20.98
CA GLU B 370 26.33 32.35 -20.02
C GLU B 370 26.47 33.61 -20.83
N ASN B 371 25.63 34.60 -20.51
CA ASN B 371 25.71 35.86 -21.21
C ASN B 371 27.06 36.47 -20.89
N LEU B 372 27.52 37.32 -21.79
CA LEU B 372 28.85 37.92 -21.68
C LEU B 372 28.85 39.41 -21.50
N ASP B 373 27.93 40.14 -22.13
CA ASP B 373 28.01 41.59 -22.10
C ASP B 373 27.89 42.04 -20.64
N LEU B 374 28.71 43.03 -20.30
CA LEU B 374 28.75 43.54 -18.93
C LEU B 374 27.62 44.53 -18.69
N ALA B 375 27.66 45.68 -19.38
CA ALA B 375 26.73 46.78 -19.09
C ALA B 375 25.31 46.32 -19.30
N ARG B 376 25.12 45.43 -20.27
CA ARG B 376 23.84 44.81 -20.49
C ARG B 376 23.38 43.98 -19.31
N ALA B 377 24.31 43.37 -18.59
CA ALA B 377 23.85 42.75 -17.37
C ALA B 377 23.56 43.78 -16.32
N GLN B 378 24.33 44.88 -16.28
CA GLN B 378 24.04 45.90 -15.28
C GLN B 378 22.66 46.47 -15.51
N ALA B 379 22.29 46.58 -16.79
CA ALA B 379 20.97 47.06 -17.12
C ALA B 379 19.92 46.14 -16.56
N VAL B 380 20.05 44.85 -16.88
CA VAL B 380 18.99 43.94 -16.43
C VAL B 380 18.99 43.74 -14.93
N LEU B 381 20.13 43.92 -14.30
CA LEU B 381 20.20 43.88 -12.84
C LEU B 381 19.88 45.18 -12.14
N GLU B 382 19.78 46.29 -12.86
CA GLU B 382 19.55 47.56 -12.23
C GLU B 382 18.13 48.05 -12.39
N GLU B 383 17.54 47.86 -13.59
CA GLU B 383 16.28 48.53 -13.89
C GLU B 383 15.20 48.03 -12.96
N ASP B 384 15.24 46.76 -12.56
CA ASP B 384 14.12 46.16 -11.86
C ASP B 384 14.38 46.09 -10.37
N HIS B 385 15.42 46.74 -9.86
CA HIS B 385 15.66 46.73 -8.42
C HIS B 385 16.56 47.89 -8.06
N TYR B 386 15.99 48.86 -7.37
CA TYR B 386 16.70 50.06 -6.99
C TYR B 386 17.65 49.76 -5.84
N GLY B 387 18.76 50.49 -5.79
CA GLY B 387 19.61 50.45 -4.63
C GLY B 387 20.17 49.07 -4.45
N MET B 388 20.14 48.60 -3.21
CA MET B 388 20.75 47.36 -2.74
C MET B 388 22.12 47.20 -3.37
N GLU B 389 22.98 48.17 -3.05
CA GLU B 389 24.31 48.18 -3.65
C GLU B 389 25.06 46.94 -3.31
N ASP B 390 24.80 46.36 -2.15
CA ASP B 390 25.61 45.24 -1.71
C ASP B 390 25.43 44.07 -2.66
N VAL B 391 24.19 43.65 -2.86
CA VAL B 391 23.97 42.47 -3.67
C VAL B 391 24.17 42.78 -5.15
N LYS B 392 23.70 43.95 -5.60
CA LYS B 392 23.90 44.37 -6.98
C LYS B 392 25.35 44.58 -7.34
N LYS B 393 26.20 44.86 -6.36
CA LYS B 393 27.61 44.94 -6.63
C LYS B 393 28.20 43.53 -6.64
N ARG B 394 27.70 42.66 -5.73
CA ARG B 394 28.24 41.31 -5.59
C ARG B 394 28.07 40.54 -6.89
N ILE B 395 26.85 40.52 -7.41
CA ILE B 395 26.63 39.74 -8.62
C ILE B 395 27.48 40.28 -9.74
N LEU B 396 27.77 41.60 -9.73
CA LEU B 396 28.61 42.16 -10.76
C LEU B 396 29.99 41.57 -10.65
N GLU B 397 30.47 41.45 -9.41
CA GLU B 397 31.74 40.79 -9.20
C GLU B 397 31.69 39.37 -9.68
N PHE B 398 30.57 38.71 -9.41
CA PHE B 398 30.47 37.31 -9.74
C PHE B 398 30.57 37.10 -11.24
N ILE B 399 29.80 37.88 -12.01
CA ILE B 399 29.91 37.71 -13.45
C ILE B 399 31.26 38.15 -13.95
N ALA B 400 31.85 39.16 -13.32
CA ALA B 400 33.17 39.61 -13.74
C ALA B 400 34.20 38.54 -13.53
N VAL B 401 34.05 37.77 -12.45
CA VAL B 401 34.98 36.69 -12.18
C VAL B 401 34.76 35.58 -13.17
N SER B 402 33.51 35.14 -13.31
CA SER B 402 33.24 34.00 -14.19
C SER B 402 33.68 34.34 -15.60
N GLN B 403 33.51 35.62 -15.96
CA GLN B 403 34.01 36.15 -17.22
C GLN B 403 35.52 36.12 -17.27
N LEU B 404 36.18 36.29 -16.13
CA LEU B 404 37.62 36.44 -16.22
C LEU B 404 38.33 35.12 -16.36
N ARG B 405 38.03 34.15 -15.50
CA ARG B 405 38.72 32.86 -15.53
C ARG B 405 37.96 31.82 -16.32
N GLY B 406 37.52 32.21 -17.50
CA GLY B 406 36.94 31.28 -18.44
C GLY B 406 35.77 30.49 -17.89
N SER B 407 36.03 29.21 -17.63
CA SER B 407 34.96 28.26 -17.37
C SER B 407 34.20 28.55 -16.09
N THR B 408 32.92 28.23 -16.14
CA THR B 408 32.02 28.37 -15.02
C THR B 408 32.39 27.45 -13.87
N GLN B 409 32.11 27.92 -12.66
CA GLN B 409 32.37 27.18 -11.46
C GLN B 409 31.28 27.70 -10.54
N GLY B 410 30.66 26.83 -9.75
CA GLY B 410 29.60 27.26 -8.87
C GLY B 410 30.04 27.75 -7.53
N LYS B 411 29.07 28.24 -6.78
CA LYS B 411 29.30 28.63 -5.40
C LYS B 411 27.98 28.46 -4.67
N ILE B 412 27.82 29.07 -3.51
CA ILE B 412 26.56 29.06 -2.78
C ILE B 412 26.47 30.32 -1.93
N LEU B 413 25.24 30.75 -1.64
CA LEU B 413 25.01 31.94 -0.84
C LEU B 413 23.54 31.97 -0.44
N CYS B 414 23.23 32.91 0.45
CA CYS B 414 21.90 33.02 1.01
C CYS B 414 21.60 34.46 1.34
N PHE B 415 20.31 34.77 1.36
CA PHE B 415 19.80 36.09 1.67
C PHE B 415 18.89 36.02 2.88
N TYR B 416 18.84 37.12 3.61
CA TYR B 416 18.00 37.18 4.78
C TYR B 416 17.73 38.64 5.12
N GLY B 417 16.55 38.86 5.67
CA GLY B 417 16.09 40.18 6.00
C GLY B 417 14.60 40.15 6.23
N PRO B 418 13.98 41.31 6.41
CA PRO B 418 12.53 41.34 6.63
C PRO B 418 11.76 40.84 5.42
N PRO B 419 10.61 40.18 5.62
CA PRO B 419 9.82 39.73 4.47
C PRO B 419 9.32 40.91 3.66
N GLY B 420 9.25 40.72 2.35
CA GLY B 420 8.68 41.71 1.46
C GLY B 420 9.66 42.75 1.02
N VAL B 421 10.92 42.60 1.41
CA VAL B 421 12.01 43.48 1.03
C VAL B 421 12.47 43.23 -0.41
N GLY B 422 11.97 42.18 -1.07
CA GLY B 422 12.36 41.83 -2.41
C GLY B 422 13.34 40.69 -2.55
N LYS B 423 13.67 39.98 -1.46
CA LYS B 423 14.66 38.90 -1.52
C LYS B 423 14.35 37.89 -2.62
N THR B 424 13.13 37.38 -2.62
CA THR B 424 12.73 36.47 -3.68
C THR B 424 12.68 37.16 -5.04
N SER B 425 12.41 38.46 -5.04
CA SER B 425 12.16 39.16 -6.29
C SER B 425 13.39 39.20 -7.16
N ILE B 426 14.57 39.23 -6.56
CA ILE B 426 15.75 39.46 -7.36
C ILE B 426 16.10 38.25 -8.19
N ALA B 427 15.60 37.07 -7.82
CA ALA B 427 16.12 35.84 -8.41
C ALA B 427 15.89 35.81 -9.90
N ARG B 428 14.65 36.07 -10.30
CA ARG B 428 14.34 36.00 -11.72
C ARG B 428 15.10 37.05 -12.52
N SER B 429 15.30 38.23 -11.93
CA SER B 429 16.11 39.24 -12.62
C SER B 429 17.53 38.78 -12.80
N ILE B 430 18.04 38.10 -11.79
CA ILE B 430 19.37 37.56 -11.84
C ILE B 430 19.44 36.56 -12.96
N ALA B 431 18.50 35.62 -12.95
CA ALA B 431 18.54 34.56 -13.92
C ALA B 431 18.44 35.07 -15.36
N ARG B 432 17.64 36.13 -15.59
CA ARG B 432 17.68 36.71 -16.94
C ARG B 432 19.01 37.40 -17.21
N ALA B 433 19.66 37.90 -16.17
CA ALA B 433 20.90 38.63 -16.37
C ALA B 433 22.02 37.67 -16.72
N LEU B 434 22.18 36.62 -15.94
CA LEU B 434 23.27 35.66 -16.12
C LEU B 434 23.05 34.59 -17.18
N ASN B 435 21.83 34.41 -17.68
CA ASN B 435 21.46 33.44 -18.72
C ASN B 435 21.30 32.02 -18.18
N ARG B 436 21.58 31.76 -16.92
CA ARG B 436 21.29 30.47 -16.32
C ARG B 436 19.80 30.21 -16.31
N GLU B 437 19.43 28.95 -16.54
CA GLU B 437 18.02 28.63 -16.47
C GLU B 437 17.52 28.77 -15.04
N TYR B 438 16.38 29.43 -14.89
CA TYR B 438 15.84 29.70 -13.58
C TYR B 438 15.15 28.45 -13.06
N PHE B 439 15.11 28.33 -11.75
CA PHE B 439 14.19 27.40 -11.11
C PHE B 439 14.11 27.79 -9.66
N ARG B 440 12.97 27.50 -9.05
CA ARG B 440 12.72 27.78 -7.66
C ARG B 440 11.97 26.59 -7.09
N PHE B 441 12.14 26.35 -5.80
CA PHE B 441 11.29 25.39 -5.11
C PHE B 441 11.38 25.65 -3.62
N SER B 442 10.27 26.02 -3.02
CA SER B 442 10.30 26.25 -1.59
C SER B 442 10.61 24.93 -0.90
N VAL B 443 11.39 25.03 0.17
CA VAL B 443 11.64 23.91 1.06
C VAL B 443 10.87 24.04 2.36
N GLY B 444 10.15 25.15 2.57
CA GLY B 444 9.48 25.45 3.82
C GLY B 444 8.54 24.32 4.15
N GLY B 445 8.73 23.73 5.31
CA GLY B 445 7.89 22.71 5.83
C GLY B 445 8.13 21.36 5.21
N MET B 446 9.05 21.26 4.24
CA MET B 446 9.35 19.97 3.65
C MET B 446 9.97 19.09 4.72
N THR B 447 9.67 17.81 4.68
CA THR B 447 10.23 16.82 5.59
C THR B 447 10.79 15.58 4.91
N ASP B 448 10.14 15.12 3.85
CA ASP B 448 10.56 13.90 3.19
C ASP B 448 11.90 14.08 2.51
N VAL B 449 12.89 13.35 3.03
CA VAL B 449 14.21 13.44 2.45
C VAL B 449 14.24 12.86 1.04
N ALA B 450 13.35 11.88 0.73
CA ALA B 450 13.39 11.22 -0.57
C ALA B 450 13.14 12.21 -1.67
N GLU B 451 12.45 13.32 -1.38
CA GLU B 451 12.14 14.27 -2.42
C GLU B 451 13.41 14.83 -3.02
N ILE B 452 14.50 14.90 -2.25
CA ILE B 452 15.80 15.33 -2.75
C ILE B 452 16.78 14.16 -2.91
N LYS B 453 16.35 12.92 -2.73
CA LYS B 453 17.20 11.77 -3.00
C LYS B 453 16.52 10.55 -3.59
N GLY B 454 15.23 10.60 -3.90
CA GLY B 454 14.66 9.47 -4.57
C GLY B 454 14.59 8.24 -3.68
N HIS B 455 14.61 7.09 -4.33
CA HIS B 455 14.48 5.77 -3.71
C HIS B 455 15.34 4.79 -4.49
N ARG B 456 15.41 3.57 -3.98
CA ARG B 456 16.39 2.58 -4.38
C ARG B 456 16.31 2.20 -5.85
N ARG B 457 15.17 2.45 -6.50
CA ARG B 457 14.75 2.14 -7.87
C ARG B 457 14.30 0.67 -7.93
N THR B 458 14.55 -0.14 -6.90
CA THR B 458 13.91 -1.45 -6.83
C THR B 458 12.50 -1.34 -6.32
N TYR B 459 12.09 -0.17 -5.84
CA TYR B 459 10.71 0.05 -5.48
C TYR B 459 9.96 0.21 -6.80
N VAL B 460 8.65 -0.05 -6.76
CA VAL B 460 7.86 -0.19 -7.99
C VAL B 460 7.93 1.10 -8.82
N GLY B 461 7.53 2.23 -8.23
CA GLY B 461 7.40 3.48 -8.95
C GLY B 461 8.46 4.53 -8.72
N ALA B 462 9.60 4.17 -8.12
CA ALA B 462 10.56 5.19 -7.68
C ALA B 462 11.08 6.02 -8.85
N MET B 463 11.21 7.30 -8.61
CA MET B 463 11.74 8.27 -9.55
C MET B 463 12.75 9.16 -8.84
N PRO B 464 13.70 9.74 -9.56
CA PRO B 464 14.80 10.45 -8.89
C PRO B 464 14.39 11.71 -8.15
N GLY B 465 15.24 12.06 -7.19
CA GLY B 465 15.10 13.21 -6.30
C GLY B 465 14.82 14.52 -7.00
N LYS B 466 14.47 15.54 -6.21
CA LYS B 466 13.98 16.81 -6.75
C LYS B 466 14.96 17.44 -7.70
N ILE B 467 16.21 17.62 -7.27
CA ILE B 467 17.12 18.47 -8.03
C ILE B 467 17.37 17.88 -9.40
N ILE B 468 17.45 16.55 -9.46
CA ILE B 468 17.66 15.90 -10.73
C ILE B 468 16.45 16.05 -11.63
N GLN B 469 15.27 16.00 -11.02
CA GLN B 469 14.05 16.23 -11.77
C GLN B 469 14.00 17.66 -12.26
N CYS B 470 14.51 18.58 -11.43
CA CYS B 470 14.63 19.97 -11.80
C CYS B 470 15.59 20.16 -12.95
N LEU B 471 16.60 19.32 -13.01
CA LEU B 471 17.68 19.54 -13.93
C LEU B 471 17.34 18.94 -15.29
N LYS B 472 16.61 17.83 -15.30
CA LYS B 472 16.22 17.25 -16.58
C LYS B 472 15.34 18.24 -17.33
N LYS B 473 14.52 19.01 -16.60
CA LYS B 473 13.61 19.93 -17.26
C LYS B 473 14.37 21.06 -17.93
N THR B 474 15.54 21.42 -17.39
CA THR B 474 16.32 22.55 -17.87
C THR B 474 17.71 22.05 -18.21
N LYS B 475 18.01 22.00 -19.52
CA LYS B 475 19.09 21.15 -20.05
C LYS B 475 20.46 21.58 -19.52
N THR B 476 20.56 22.80 -19.00
CA THR B 476 21.80 23.34 -18.49
C THR B 476 22.37 22.45 -17.41
N GLU B 477 23.69 22.38 -17.34
CA GLU B 477 24.33 21.88 -16.13
C GLU B 477 24.43 22.97 -15.07
N ASN B 478 24.06 24.21 -15.39
CA ASN B 478 24.13 25.32 -14.44
C ASN B 478 22.79 26.04 -14.42
N PRO B 479 21.74 25.36 -13.96
CA PRO B 479 20.51 26.07 -13.63
C PRO B 479 20.71 26.84 -12.34
N LEU B 480 19.85 27.82 -12.12
CA LEU B 480 19.83 28.64 -10.91
C LEU B 480 18.81 28.08 -9.92
N ILE B 481 19.19 27.02 -9.20
CA ILE B 481 18.26 26.51 -8.20
C ILE B 481 18.09 27.59 -7.14
N LEU B 482 16.86 27.70 -6.64
CA LEU B 482 16.50 28.73 -5.68
C LEU B 482 15.71 28.12 -4.53
N ILE B 483 16.41 27.53 -3.57
CA ILE B 483 15.72 27.10 -2.38
C ILE B 483 15.12 28.34 -1.75
N ASP B 484 13.96 28.18 -1.10
CA ASP B 484 13.25 29.31 -0.50
C ASP B 484 12.86 28.99 0.92
N GLU B 485 12.98 29.99 1.81
CA GLU B 485 12.50 29.96 3.20
C GLU B 485 13.03 28.73 3.98
N VAL B 486 14.35 28.67 4.07
CA VAL B 486 15.01 27.56 4.74
C VAL B 486 14.61 27.43 6.20
N ASP B 487 14.26 28.54 6.89
CA ASP B 487 14.03 28.49 8.33
C ASP B 487 12.93 27.52 8.72
N LYS B 488 11.97 27.30 7.85
CA LYS B 488 10.72 26.67 8.22
C LYS B 488 10.62 25.29 7.59
N ILE B 489 11.77 24.65 7.39
CA ILE B 489 11.80 23.24 7.04
C ILE B 489 11.22 22.46 8.20
N GLY B 490 10.58 21.35 7.89
CA GLY B 490 10.01 20.54 8.93
C GLY B 490 11.07 19.88 9.79
N ARG B 491 10.67 19.54 11.00
CA ARG B 491 11.58 18.99 11.99
C ARG B 491 10.82 18.31 13.12
N GLY B 492 11.52 17.45 13.83
CA GLY B 492 11.09 16.96 15.11
C GLY B 492 10.18 15.74 15.09
N TYR B 493 9.79 15.22 13.91
CA TYR B 493 9.02 13.99 13.85
C TYR B 493 9.45 13.03 12.74
N GLN B 494 10.21 13.47 11.74
CA GLN B 494 10.75 12.58 10.73
C GLN B 494 12.09 13.13 10.29
N GLY B 495 12.78 12.32 9.48
CA GLY B 495 14.14 12.57 9.03
C GLY B 495 14.32 13.94 8.44
N ASP B 496 15.02 14.81 9.16
CA ASP B 496 15.06 16.20 8.79
C ASP B 496 15.77 16.35 7.45
N PRO B 497 15.21 17.07 6.48
CA PRO B 497 15.93 17.26 5.21
C PRO B 497 17.28 17.94 5.36
N SER B 498 17.45 18.79 6.39
CA SER B 498 18.72 19.46 6.57
C SER B 498 19.87 18.50 6.75
N SER B 499 19.60 17.32 7.31
CA SER B 499 20.65 16.31 7.46
C SER B 499 21.16 15.89 6.10
N ALA B 500 20.29 15.92 5.11
CA ALA B 500 20.61 15.50 3.77
C ALA B 500 21.20 16.67 3.03
N LEU B 501 20.74 17.88 3.36
CA LEU B 501 21.12 19.06 2.60
C LEU B 501 22.61 19.27 2.62
N LEU B 502 23.30 18.81 3.68
CA LEU B 502 24.75 18.97 3.73
C LEU B 502 25.40 18.30 2.53
N GLU B 503 24.81 17.19 2.08
CA GLU B 503 25.33 16.45 0.95
C GLU B 503 25.19 17.29 -0.30
N LEU B 504 24.15 18.10 -0.34
CA LEU B 504 23.95 18.93 -1.50
C LEU B 504 24.92 20.09 -1.43
N LEU B 505 24.93 20.74 -0.27
CA LEU B 505 25.53 22.05 -0.09
C LEU B 505 27.02 22.05 0.19
N ASP B 506 27.69 20.90 0.29
CA ASP B 506 29.13 20.93 0.50
C ASP B 506 29.76 21.64 -0.69
N PRO B 507 30.58 22.69 -0.47
CA PRO B 507 31.06 23.48 -1.61
C PRO B 507 31.83 22.70 -2.62
N GLU B 508 32.56 21.68 -2.20
CA GLU B 508 33.43 20.92 -3.09
C GLU B 508 32.94 19.50 -3.27
N GLN B 509 32.49 18.85 -2.22
CA GLN B 509 32.14 17.44 -2.30
C GLN B 509 30.83 17.24 -3.01
N ASN B 510 30.03 18.31 -3.19
CA ASN B 510 28.79 18.22 -3.96
C ASN B 510 29.04 17.67 -5.37
N ALA B 511 30.27 17.82 -5.87
CA ALA B 511 30.67 17.35 -7.19
C ALA B 511 30.46 15.84 -7.32
N ASN B 512 30.33 15.13 -6.20
CA ASN B 512 30.03 13.70 -6.16
C ASN B 512 28.72 13.49 -5.41
N PHE B 513 27.72 14.32 -5.70
CA PHE B 513 26.38 14.13 -5.14
C PHE B 513 25.83 12.76 -5.55
N LEU B 514 25.23 12.06 -4.59
CA LEU B 514 24.83 10.66 -4.78
C LEU B 514 23.37 10.41 -4.42
N ASP B 515 22.59 10.17 -5.47
CA ASP B 515 21.14 10.00 -5.48
C ASP B 515 20.72 8.54 -5.33
N HIS B 516 19.70 8.28 -4.49
CA HIS B 516 19.35 6.88 -4.22
C HIS B 516 19.01 6.17 -5.52
N TYR B 517 18.19 6.85 -6.34
CA TYR B 517 17.64 6.31 -7.58
C TYR B 517 18.81 5.98 -8.47
N LEU B 518 19.52 7.03 -8.94
CA LEU B 518 20.76 6.87 -9.67
C LEU B 518 21.93 7.03 -8.70
N ASP B 519 22.57 5.91 -8.41
CA ASP B 519 23.59 5.88 -7.36
C ASP B 519 24.80 6.73 -7.72
N VAL B 520 25.03 6.93 -9.01
CA VAL B 520 26.28 7.50 -9.50
C VAL B 520 26.49 8.89 -8.95
N PRO B 521 27.70 9.27 -8.51
CA PRO B 521 27.87 10.60 -7.94
C PRO B 521 27.54 11.60 -9.04
N VAL B 522 26.92 12.73 -8.69
CA VAL B 522 26.42 13.70 -9.65
C VAL B 522 27.17 15.01 -9.48
N ASP B 523 28.14 15.27 -10.35
CA ASP B 523 28.79 16.55 -10.34
C ASP B 523 27.75 17.61 -10.65
N LEU B 524 27.77 18.64 -9.84
CA LEU B 524 26.93 19.80 -10.00
C LEU B 524 27.72 21.02 -9.60
N SER B 525 29.04 20.98 -9.83
CA SER B 525 29.88 22.06 -9.35
C SER B 525 29.56 23.38 -9.99
N LYS B 526 29.05 23.38 -11.21
CA LYS B 526 28.79 24.65 -11.86
C LYS B 526 27.56 25.36 -11.30
N VAL B 527 26.67 24.61 -10.62
CA VAL B 527 25.41 25.18 -10.15
C VAL B 527 25.65 26.38 -9.23
N LEU B 528 24.63 27.23 -9.08
CA LEU B 528 24.68 28.41 -8.21
C LEU B 528 23.47 28.27 -7.31
N PHE B 529 23.64 27.53 -6.23
CA PHE B 529 22.54 27.35 -5.32
C PHE B 529 22.22 28.70 -4.70
N ILE B 530 20.97 28.87 -4.29
CA ILE B 530 20.58 30.03 -3.51
C ILE B 530 19.52 29.57 -2.54
N CYS B 531 19.53 30.18 -1.35
CA CYS B 531 18.66 29.81 -0.27
C CYS B 531 18.21 31.08 0.42
N THR B 532 16.98 31.07 0.92
CA THR B 532 16.37 32.25 1.51
C THR B 532 15.81 31.83 2.85
N ALA B 533 15.88 32.74 3.79
CA ALA B 533 15.37 32.54 5.14
C ALA B 533 15.35 33.93 5.75
N ASN B 534 14.20 34.38 6.27
CA ASN B 534 14.10 35.79 6.67
C ASN B 534 14.98 36.10 7.88
N VAL B 535 15.33 35.10 8.68
CA VAL B 535 16.21 35.28 9.82
C VAL B 535 17.11 34.06 9.90
N THR B 536 18.40 34.29 10.00
CA THR B 536 19.36 33.19 9.89
C THR B 536 19.75 32.83 11.32
N ASP B 537 18.75 32.34 12.01
CA ASP B 537 18.87 31.85 13.37
C ASP B 537 18.31 30.46 13.50
N THR B 538 17.18 30.17 12.84
CA THR B 538 16.60 28.84 12.92
C THR B 538 17.52 27.79 12.32
N ILE B 539 18.40 28.21 11.42
CA ILE B 539 19.33 27.34 10.72
C ILE B 539 20.36 26.79 11.71
N PRO B 540 20.58 25.48 11.82
CA PRO B 540 21.65 25.03 12.69
C PRO B 540 22.98 25.56 12.17
N GLU B 541 23.88 25.86 13.10
CA GLU B 541 25.13 26.55 12.77
C GLU B 541 25.94 25.83 11.70
N PRO B 542 26.21 24.50 11.78
CA PRO B 542 27.09 23.89 10.77
C PRO B 542 26.56 24.08 9.38
N LEU B 543 25.24 24.03 9.22
CA LEU B 543 24.67 24.28 7.91
C LEU B 543 24.87 25.73 7.51
N ARG B 544 24.71 26.65 8.46
CA ARG B 544 24.93 28.06 8.21
C ARG B 544 26.36 28.38 7.83
N ASP B 545 27.30 27.51 8.20
CA ASP B 545 28.69 27.74 7.83
C ASP B 545 28.87 27.67 6.31
N ARG B 546 28.20 26.76 5.65
CA ARG B 546 28.55 26.40 4.28
C ARG B 546 28.41 27.57 3.32
N MET B 547 27.46 28.45 3.61
CA MET B 547 26.88 29.40 2.67
C MET B 547 26.96 30.80 3.24
N GLU B 548 27.52 31.73 2.48
CA GLU B 548 27.68 33.09 3.00
C GLU B 548 26.33 33.75 3.24
N MET B 549 26.21 34.42 4.38
CA MET B 549 25.02 35.17 4.67
C MET B 549 25.07 36.46 3.87
N ILE B 550 23.90 36.99 3.54
CA ILE B 550 23.78 38.34 3.00
C ILE B 550 22.48 38.94 3.54
N ASN B 551 22.56 40.22 3.91
CA ASN B 551 21.51 40.92 4.63
C ASN B 551 20.94 42.00 3.73
N VAL B 552 19.77 41.75 3.17
CA VAL B 552 19.08 42.85 2.55
C VAL B 552 18.69 43.83 3.64
N SER B 553 18.92 45.12 3.39
CA SER B 553 18.68 46.12 4.40
C SER B 553 17.18 46.42 4.50
N GLY B 554 16.77 46.92 5.66
CA GLY B 554 15.50 47.63 5.74
C GLY B 554 15.59 48.95 5.00
N TYR B 555 14.44 49.43 4.53
CA TYR B 555 14.45 50.59 3.66
C TYR B 555 14.29 51.86 4.46
N VAL B 556 14.80 52.95 3.90
CA VAL B 556 14.67 54.27 4.48
C VAL B 556 13.76 55.00 3.51
N ALA B 557 12.87 55.83 4.05
CA ALA B 557 11.79 56.38 3.23
C ALA B 557 12.35 57.25 2.11
N GLN B 558 13.46 57.92 2.38
CA GLN B 558 14.03 58.90 1.47
C GLN B 558 14.38 58.28 0.12
N GLU B 559 14.70 56.98 0.10
CA GLU B 559 14.84 56.24 -1.15
C GLU B 559 13.67 55.34 -1.44
N LYS B 560 12.84 55.03 -0.44
CA LYS B 560 11.67 54.23 -0.72
C LYS B 560 10.76 54.98 -1.67
N LEU B 561 10.73 56.30 -1.55
CA LEU B 561 10.10 57.12 -2.57
C LEU B 561 10.75 56.93 -3.91
N ALA B 562 12.07 56.91 -3.95
CA ALA B 562 12.73 56.90 -5.24
C ALA B 562 12.45 55.62 -5.98
N ILE B 563 12.29 54.53 -5.24
CA ILE B 563 11.89 53.30 -5.88
C ILE B 563 10.45 53.46 -6.31
N ALA B 564 9.59 53.81 -5.36
CA ALA B 564 8.16 53.80 -5.62
C ALA B 564 7.79 54.75 -6.74
N GLU B 565 8.54 55.83 -6.88
CA GLU B 565 8.28 56.79 -7.93
C GLU B 565 8.48 56.17 -9.30
N ARG B 566 9.41 55.23 -9.39
CA ARG B 566 9.78 54.57 -10.63
C ARG B 566 9.05 53.26 -10.89
N TYR B 567 9.12 52.35 -9.92
CA TYR B 567 8.66 50.99 -10.10
C TYR B 567 7.21 50.83 -9.67
N LEU B 568 6.92 51.14 -8.42
CA LEU B 568 5.64 50.79 -7.81
C LEU B 568 4.47 51.35 -8.60
N VAL B 569 4.52 52.64 -8.95
CA VAL B 569 3.41 53.30 -9.63
C VAL B 569 3.08 52.56 -10.93
N PRO B 570 4.02 52.34 -11.85
CA PRO B 570 3.63 51.63 -13.09
C PRO B 570 3.06 50.25 -12.83
N GLN B 571 3.60 49.54 -11.83
CA GLN B 571 3.07 48.22 -11.49
C GLN B 571 1.63 48.31 -11.05
N ALA B 572 1.35 49.25 -10.16
CA ALA B 572 0.00 49.38 -9.61
C ALA B 572 -0.94 49.79 -10.72
N ARG B 573 -0.49 50.71 -11.56
CA ARG B 573 -1.33 51.24 -12.62
C ARG B 573 -1.71 50.14 -13.59
N ALA B 574 -0.71 49.35 -14.02
CA ALA B 574 -1.01 48.23 -14.90
C ALA B 574 -1.89 47.20 -14.21
N LEU B 575 -1.71 47.00 -12.90
CA LEU B 575 -2.58 46.03 -12.24
C LEU B 575 -4.03 46.49 -12.21
N CYS B 576 -4.24 47.79 -12.05
CA CYS B 576 -5.60 48.29 -11.97
C CYS B 576 -6.17 48.73 -13.30
N GLY B 577 -5.36 48.77 -14.36
CA GLY B 577 -5.89 49.11 -15.66
C GLY B 577 -6.17 50.58 -15.84
N LEU B 578 -5.76 51.44 -14.90
CA LEU B 578 -5.94 52.87 -15.08
C LEU B 578 -4.85 53.39 -16.02
N ASP B 579 -4.70 54.71 -16.05
CA ASP B 579 -3.87 55.39 -17.01
C ASP B 579 -3.44 56.66 -16.33
N GLU B 580 -2.32 57.19 -16.82
CA GLU B 580 -1.55 58.25 -16.20
C GLU B 580 -2.42 59.43 -15.79
N SER B 581 -3.03 60.10 -16.75
CA SER B 581 -3.82 61.29 -16.47
C SER B 581 -5.09 60.98 -15.68
N LYS B 582 -5.60 59.75 -15.75
CA LYS B 582 -6.92 59.47 -15.22
C LYS B 582 -7.02 59.62 -13.71
N ALA B 583 -5.96 59.32 -12.96
CA ALA B 583 -6.00 59.29 -11.50
C ALA B 583 -4.75 59.89 -10.88
N LYS B 584 -4.34 61.06 -11.38
CA LYS B 584 -3.03 61.60 -11.02
C LYS B 584 -2.90 61.89 -9.55
N LEU B 585 -1.69 61.63 -9.04
CA LEU B 585 -1.28 62.01 -7.71
C LEU B 585 0.14 62.55 -7.75
N SER B 586 0.38 63.62 -7.00
CA SER B 586 1.69 64.25 -6.98
C SER B 586 2.63 63.37 -6.21
N SER B 587 3.92 63.46 -6.52
CA SER B 587 4.86 62.77 -5.64
C SER B 587 4.78 63.28 -4.21
N ASP B 588 4.43 64.57 -4.04
CA ASP B 588 4.45 65.14 -2.71
C ASP B 588 3.46 64.38 -1.86
N VAL B 589 2.25 64.15 -2.39
CA VAL B 589 1.30 63.52 -1.50
C VAL B 589 1.79 62.15 -1.13
N LEU B 590 2.56 61.50 -2.01
CA LEU B 590 3.10 60.23 -1.61
C LEU B 590 4.02 60.41 -0.42
N THR B 591 4.70 61.58 -0.38
CA THR B 591 5.49 61.95 0.78
C THR B 591 4.61 61.89 2.01
N LEU B 592 3.45 62.53 1.88
CA LEU B 592 2.51 62.62 2.99
C LEU B 592 2.09 61.21 3.40
N LEU B 593 1.78 60.39 2.38
CA LEU B 593 1.29 59.04 2.61
C LEU B 593 2.33 58.24 3.36
N ILE B 594 3.58 58.50 3.03
CA ILE B 594 4.68 57.77 3.61
C ILE B 594 4.83 58.15 5.05
N LYS B 595 4.78 59.45 5.32
CA LYS B 595 5.06 59.89 6.67
C LYS B 595 3.86 59.76 7.58
N GLN B 596 2.71 59.35 7.05
CA GLN B 596 1.57 59.15 7.91
C GLN B 596 1.19 57.68 8.02
N TYR B 597 0.97 57.00 6.90
CA TYR B 597 0.38 55.67 6.93
C TYR B 597 1.36 54.50 6.83
N CYS B 598 2.67 54.72 6.70
CA CYS B 598 3.57 53.56 6.54
C CYS B 598 4.99 53.93 6.91
N ARG B 599 5.43 53.44 8.07
CA ARG B 599 6.83 53.43 8.52
C ARG B 599 7.16 51.97 8.76
N GLU B 600 7.67 51.28 7.74
CA GLU B 600 8.07 49.90 7.95
C GLU B 600 9.02 49.43 6.86
N SER B 601 9.85 48.43 7.20
CA SER B 601 10.85 47.93 6.28
C SER B 601 10.19 47.35 5.03
N GLY B 602 9.00 46.78 5.17
CA GLY B 602 8.34 46.14 4.05
C GLY B 602 7.80 47.15 3.05
N VAL B 603 7.51 46.65 1.84
CA VAL B 603 6.93 47.48 0.79
C VAL B 603 5.47 47.12 0.49
N ARG B 604 4.95 46.04 1.07
CA ARG B 604 3.56 45.67 0.83
C ARG B 604 2.57 46.73 1.30
N ASN B 605 2.79 47.30 2.48
CA ASN B 605 1.75 48.18 3.01
C ASN B 605 1.58 49.41 2.16
N LEU B 606 2.68 50.01 1.74
CA LEU B 606 2.61 51.17 0.86
C LEU B 606 1.94 50.79 -0.45
N GLN B 607 2.19 49.56 -0.90
CA GLN B 607 1.56 49.04 -2.10
C GLN B 607 0.06 49.04 -1.91
N LYS B 608 -0.39 48.34 -0.86
CA LYS B 608 -1.81 48.19 -0.61
C LYS B 608 -2.51 49.53 -0.50
N GLN B 609 -1.88 50.49 0.18
CA GLN B 609 -2.45 51.84 0.25
C GLN B 609 -2.64 52.41 -1.14
N VAL B 610 -1.59 52.36 -1.95
CA VAL B 610 -1.62 53.01 -3.25
C VAL B 610 -2.72 52.35 -4.07
N GLU B 611 -2.69 51.03 -4.08
CA GLU B 611 -3.63 50.27 -4.87
C GLU B 611 -5.06 50.52 -4.36
N LYS B 612 -5.22 50.74 -3.05
CA LYS B 612 -6.53 51.12 -2.55
C LYS B 612 -6.95 52.48 -3.05
N VAL B 613 -5.99 53.40 -3.15
CA VAL B 613 -6.26 54.72 -3.71
C VAL B 613 -6.74 54.57 -5.15
N LEU B 614 -6.21 53.57 -5.84
CA LEU B 614 -6.56 53.40 -7.24
C LEU B 614 -7.96 52.80 -7.35
N ARG B 615 -8.24 51.72 -6.63
CA ARG B 615 -9.53 51.08 -6.84
C ARG B 615 -10.64 52.03 -6.38
N LYS B 616 -10.32 52.87 -5.38
CA LYS B 616 -11.23 53.93 -4.97
C LYS B 616 -11.35 54.97 -6.08
N SER B 617 -10.31 55.13 -6.88
CA SER B 617 -10.40 56.01 -8.04
C SER B 617 -11.17 55.33 -9.16
N ALA B 618 -11.33 54.02 -9.07
CA ALA B 618 -12.12 53.33 -10.06
C ALA B 618 -13.59 53.50 -9.75
N TYR B 619 -13.98 53.29 -8.48
CA TYR B 619 -15.40 53.35 -8.14
C TYR B 619 -16.04 54.71 -8.40
N LYS B 620 -15.30 55.79 -8.26
CA LYS B 620 -15.92 57.06 -8.61
C LYS B 620 -15.95 57.33 -10.10
N ILE B 621 -15.32 56.48 -10.92
CA ILE B 621 -15.34 56.66 -12.37
C ILE B 621 -16.27 55.70 -13.08
N VAL B 622 -16.06 54.40 -12.87
CA VAL B 622 -16.72 53.37 -13.68
C VAL B 622 -18.23 53.45 -13.56
N SER B 623 -18.72 53.88 -12.42
CA SER B 623 -20.14 54.10 -12.22
C SER B 623 -20.36 55.32 -11.35
N GLY B 624 -19.30 56.03 -10.95
CA GLY B 624 -19.43 57.12 -10.04
C GLY B 624 -19.88 58.35 -10.77
N GLU B 625 -19.15 59.43 -10.52
CA GLU B 625 -19.45 60.76 -11.03
C GLU B 625 -18.38 61.38 -11.91
N ALA B 626 -17.13 61.45 -11.45
CA ALA B 626 -16.12 62.17 -12.23
C ALA B 626 -15.76 61.47 -13.52
N GLU B 627 -15.44 62.27 -14.53
CA GLU B 627 -14.84 61.76 -15.75
C GLU B 627 -13.34 61.49 -15.62
N SER B 628 -12.70 61.98 -14.57
CA SER B 628 -11.30 61.71 -14.29
C SER B 628 -11.06 61.83 -12.82
N VAL B 629 -10.09 61.08 -12.33
CA VAL B 629 -9.72 61.18 -10.93
C VAL B 629 -8.49 62.07 -10.86
N GLU B 630 -8.43 62.78 -9.74
CA GLU B 630 -7.40 63.75 -9.46
C GLU B 630 -7.22 63.66 -7.96
N VAL B 631 -6.27 62.84 -7.54
CA VAL B 631 -5.96 62.80 -6.13
C VAL B 631 -5.38 64.13 -5.72
N THR B 632 -5.80 64.64 -4.57
CA THR B 632 -5.21 65.83 -4.00
C THR B 632 -5.23 65.52 -2.50
N PRO B 633 -4.32 66.12 -1.69
CA PRO B 633 -4.13 65.66 -0.29
C PRO B 633 -5.37 65.66 0.52
N GLU B 634 -6.21 66.63 0.20
CA GLU B 634 -7.45 66.84 0.89
C GLU B 634 -8.36 65.65 0.69
N ASN B 635 -8.26 64.96 -0.45
CA ASN B 635 -9.09 63.78 -0.66
C ASN B 635 -8.71 62.61 0.24
N LEU B 636 -7.51 62.65 0.84
CA LEU B 636 -6.88 61.45 1.36
C LEU B 636 -7.68 60.76 2.44
N GLN B 637 -8.36 61.54 3.28
CA GLN B 637 -9.05 60.93 4.41
C GLN B 637 -10.14 59.96 3.98
N ASP B 638 -10.74 60.16 2.79
CA ASP B 638 -11.73 59.20 2.35
C ASP B 638 -11.03 58.01 1.73
N PHE B 639 -9.92 58.28 1.06
CA PHE B 639 -9.28 57.24 0.27
C PHE B 639 -8.62 56.19 1.14
N VAL B 640 -7.73 56.63 2.01
CA VAL B 640 -6.87 55.69 2.71
C VAL B 640 -7.37 55.39 4.10
N GLY B 641 -8.07 56.34 4.71
CA GLY B 641 -8.59 56.17 6.06
C GLY B 641 -8.31 57.40 6.87
N LYS B 642 -7.93 57.18 8.13
CA LYS B 642 -7.57 58.19 9.10
C LYS B 642 -6.06 58.13 9.33
N PRO B 643 -5.39 59.25 9.66
CA PRO B 643 -3.95 59.16 9.92
C PRO B 643 -3.68 58.21 11.06
N VAL B 644 -2.59 57.46 10.95
CA VAL B 644 -2.33 56.37 11.88
C VAL B 644 -1.32 56.89 12.88
N PHE B 645 -0.13 57.22 12.40
CA PHE B 645 0.91 57.60 13.34
C PHE B 645 0.64 59.01 13.85
N THR B 646 1.20 59.29 15.02
CA THR B 646 0.77 60.35 15.91
C THR B 646 1.98 61.26 16.05
N VAL B 647 1.95 62.46 15.46
CA VAL B 647 3.18 63.23 15.44
C VAL B 647 3.37 63.77 16.84
N GLU B 648 4.04 62.98 17.67
CA GLU B 648 4.17 63.35 19.05
C GLU B 648 5.20 64.45 19.16
N ARG B 649 4.80 65.55 19.77
CA ARG B 649 5.69 66.63 20.18
C ARG B 649 4.92 67.22 21.36
N MET B 650 5.06 66.59 22.53
CA MET B 650 4.25 67.04 23.66
C MET B 650 4.93 68.19 24.41
N TYR B 651 6.16 67.93 24.84
CA TYR B 651 6.90 68.84 25.72
C TYR B 651 7.82 69.79 24.95
N ASP B 652 7.20 70.71 24.20
CA ASP B 652 7.97 71.79 23.57
C ASP B 652 8.68 72.65 24.61
N VAL B 653 8.07 72.81 25.79
CA VAL B 653 8.71 73.54 26.87
C VAL B 653 9.48 72.62 27.80
N THR B 654 9.34 71.29 27.67
CA THR B 654 10.08 70.35 28.49
C THR B 654 9.92 70.54 29.98
N PRO B 655 8.81 70.10 30.59
CA PRO B 655 8.66 70.24 32.03
C PRO B 655 9.76 69.46 32.72
N PRO B 656 10.23 69.91 33.89
CA PRO B 656 11.45 69.32 34.47
C PRO B 656 11.34 67.83 34.75
N GLY B 657 12.47 67.14 34.59
CA GLY B 657 12.41 65.71 34.66
C GLY B 657 12.00 65.08 33.36
N VAL B 658 12.26 65.74 32.22
CA VAL B 658 12.03 65.09 30.92
C VAL B 658 13.07 65.55 29.93
N VAL B 659 13.42 64.61 29.06
CA VAL B 659 14.37 64.77 27.97
C VAL B 659 14.10 63.63 26.98
N MET B 660 13.96 63.96 25.70
CA MET B 660 13.57 62.94 24.73
C MET B 660 14.71 61.95 24.57
N GLY B 661 14.34 60.73 24.18
CA GLY B 661 15.33 59.70 23.98
C GLY B 661 15.00 58.76 22.83
N LEU B 662 15.98 58.57 21.95
CA LEU B 662 15.81 57.62 20.86
C LEU B 662 15.76 56.21 21.44
N ALA B 663 14.98 55.34 20.81
CA ALA B 663 14.83 53.97 21.27
C ALA B 663 14.68 53.05 20.08
N TRP B 664 15.29 51.87 20.15
CA TRP B 664 15.25 50.94 19.02
C TRP B 664 14.00 50.11 19.24
N THR B 665 12.87 50.70 18.91
CA THR B 665 11.62 49.98 19.00
C THR B 665 11.60 48.86 17.96
N ALA B 666 10.63 47.97 18.09
CA ALA B 666 10.52 46.84 17.18
C ALA B 666 10.30 47.27 15.73
N MET B 667 9.67 48.44 15.51
CA MET B 667 9.37 49.01 14.18
C MET B 667 10.09 50.35 14.00
N GLY B 668 11.32 50.30 13.47
CA GLY B 668 12.08 51.52 13.34
C GLY B 668 12.51 51.99 14.72
N GLY B 669 12.69 53.30 14.85
CA GLY B 669 13.07 53.89 16.12
C GLY B 669 11.91 54.69 16.65
N SER B 670 12.14 55.35 17.79
CA SER B 670 11.10 56.24 18.28
C SER B 670 11.65 57.17 19.35
N THR B 671 11.09 58.39 19.38
CA THR B 671 11.55 59.41 20.31
C THR B 671 10.64 59.31 21.53
N LEU B 672 10.97 58.35 22.37
CA LEU B 672 10.16 58.15 23.55
C LEU B 672 10.59 59.21 24.54
N PHE B 673 9.65 59.63 25.37
CA PHE B 673 9.96 60.62 26.38
C PHE B 673 10.40 59.85 27.60
N VAL B 674 11.00 60.53 28.57
CA VAL B 674 11.42 59.90 29.83
C VAL B 674 10.94 60.80 30.95
N GLU B 675 10.49 60.22 32.07
CA GLU B 675 9.89 61.05 33.12
C GLU B 675 10.53 60.78 34.45
N THR B 676 10.60 61.83 35.25
CA THR B 676 11.13 61.80 36.59
C THR B 676 10.40 62.85 37.39
N SER B 677 10.35 62.68 38.70
CA SER B 677 9.71 63.69 39.53
C SER B 677 10.01 63.38 40.98
N LEU B 678 9.71 64.35 41.83
CA LEU B 678 9.83 64.15 43.27
C LEU B 678 8.84 63.08 43.69
N ARG B 679 9.23 62.24 44.67
CA ARG B 679 8.33 61.24 45.24
C ARG B 679 7.78 61.56 46.63
N ARG B 680 8.14 62.70 47.25
CA ARG B 680 7.68 62.95 48.62
C ARG B 680 8.18 64.34 49.02
N PRO B 681 7.53 65.08 49.93
CA PRO B 681 8.14 66.32 50.40
C PRO B 681 9.47 66.10 51.10
N GLN B 682 10.40 67.03 50.88
CA GLN B 682 11.75 66.90 51.39
C GLN B 682 11.90 67.39 52.81
N ASP B 683 11.15 68.42 53.21
CA ASP B 683 11.42 69.08 54.47
C ASP B 683 10.74 68.41 55.66
N LYS B 684 10.36 67.13 55.55
CA LYS B 684 9.91 66.43 56.75
C LYS B 684 11.04 66.39 57.77
N ASP B 685 12.28 66.32 57.27
CA ASP B 685 13.53 66.49 58.00
C ASP B 685 14.43 67.32 57.10
N ALA B 686 14.61 68.60 57.42
CA ALA B 686 15.49 69.46 56.61
C ALA B 686 16.92 68.92 56.55
N LYS B 687 17.36 68.21 57.59
CA LYS B 687 18.65 67.54 57.66
C LYS B 687 18.51 66.02 57.49
N GLY B 688 17.33 65.54 57.07
CA GLY B 688 17.08 64.12 56.96
C GLY B 688 17.98 63.47 55.94
N ASP B 689 18.93 62.71 56.48
CA ASP B 689 19.97 62.04 55.70
C ASP B 689 19.45 60.70 55.23
N LYS B 690 18.74 60.74 54.10
CA LYS B 690 18.17 59.56 53.48
C LYS B 690 18.26 59.82 51.98
N ASP B 691 18.94 58.90 51.30
CA ASP B 691 19.19 59.05 49.87
C ASP B 691 17.89 59.02 49.10
N GLY B 692 17.77 59.87 48.10
CA GLY B 692 16.57 59.87 47.33
C GLY B 692 16.54 58.78 46.31
N SER B 693 16.31 57.54 46.75
CA SER B 693 16.34 56.40 45.85
C SER B 693 15.35 56.57 44.72
N LEU B 694 15.78 56.29 43.50
CA LEU B 694 14.87 56.37 42.38
C LEU B 694 14.06 55.09 42.26
N GLU B 695 12.90 55.18 41.60
CA GLU B 695 12.02 54.03 41.37
C GLU B 695 11.65 54.03 39.89
N VAL B 696 12.56 53.48 39.07
CA VAL B 696 12.35 53.46 37.64
C VAL B 696 11.28 52.43 37.33
N THR B 697 10.53 52.67 36.26
CA THR B 697 9.41 51.80 35.89
C THR B 697 9.53 51.44 34.43
N GLY B 698 8.48 50.87 33.86
CA GLY B 698 8.40 50.61 32.44
C GLY B 698 9.09 49.37 31.95
N GLN B 699 8.63 48.20 32.44
CA GLN B 699 9.07 46.86 32.01
C GLN B 699 10.58 46.75 31.94
N LEU B 700 11.24 47.33 32.93
CA LEU B 700 12.68 47.32 32.99
C LEU B 700 13.21 45.88 33.04
N GLY B 701 14.22 45.61 32.20
CA GLY B 701 15.01 44.40 32.27
C GLY B 701 16.16 44.61 33.22
N GLU B 702 16.91 43.52 33.45
CA GLU B 702 18.04 43.57 34.38
C GLU B 702 19.08 44.60 33.95
N VAL B 703 19.34 44.67 32.64
CA VAL B 703 20.43 45.51 32.14
C VAL B 703 20.14 46.99 32.34
N MET B 704 18.98 47.49 31.90
CA MET B 704 18.73 48.92 32.05
C MET B 704 18.36 49.32 33.47
N LYS B 705 17.92 48.40 34.34
CA LYS B 705 17.77 48.78 35.75
C LYS B 705 19.13 48.97 36.38
N GLU B 706 20.08 48.11 36.02
CA GLU B 706 21.44 48.31 36.45
C GLU B 706 21.93 49.65 35.94
N SER B 707 21.65 49.93 34.67
CA SER B 707 22.07 51.20 34.09
C SER B 707 21.34 52.36 34.75
N ALA B 708 20.14 52.13 35.24
CA ALA B 708 19.43 53.17 35.95
C ALA B 708 20.10 53.51 37.26
N ARG B 709 20.44 52.49 38.05
CA ARG B 709 21.15 52.77 39.28
C ARG B 709 22.52 53.35 39.02
N ILE B 710 23.14 52.97 37.91
CA ILE B 710 24.45 53.50 37.55
C ILE B 710 24.33 54.97 37.18
N ALA B 711 23.38 55.30 36.31
CA ALA B 711 23.19 56.70 35.93
C ALA B 711 22.78 57.54 37.13
N TYR B 712 22.00 56.96 38.04
CA TYR B 712 21.67 57.68 39.27
C TYR B 712 22.89 57.87 40.15
N THR B 713 23.79 56.90 40.13
CA THR B 713 24.98 56.97 40.97
C THR B 713 25.99 57.98 40.42
N PHE B 714 26.26 57.91 39.12
CA PHE B 714 27.13 58.91 38.52
C PHE B 714 26.47 60.28 38.55
N ALA B 715 25.13 60.37 38.55
CA ALA B 715 24.48 61.66 38.72
C ALA B 715 24.73 62.20 40.13
N ARG B 716 24.71 61.29 41.10
CA ARG B 716 25.01 61.66 42.48
C ARG B 716 26.45 62.11 42.62
N ALA B 717 27.35 61.52 41.84
CA ALA B 717 28.74 61.96 41.91
C ALA B 717 28.92 63.27 41.18
N PHE B 718 28.34 63.36 39.97
CA PHE B 718 28.64 64.45 39.04
C PHE B 718 28.16 65.76 39.62
N LEU B 719 26.91 65.79 40.11
CA LEU B 719 26.34 67.04 40.58
C LEU B 719 27.11 67.59 41.77
N MET B 720 27.65 66.71 42.62
CA MET B 720 28.60 67.13 43.65
C MET B 720 29.91 67.61 43.04
N GLN B 721 30.39 66.96 41.98
CA GLN B 721 31.66 67.39 41.40
C GLN B 721 31.59 68.79 40.80
N HIS B 722 30.41 69.23 40.36
CA HIS B 722 30.26 70.51 39.68
C HIS B 722 29.63 71.57 40.58
N ALA B 723 28.48 71.28 41.16
CA ALA B 723 27.72 72.24 41.95
C ALA B 723 27.44 71.62 43.31
N PRO B 724 28.44 71.63 44.21
CA PRO B 724 28.23 71.06 45.55
C PRO B 724 27.09 71.71 46.30
N ALA B 725 26.87 73.01 46.08
CA ALA B 725 25.88 73.76 46.86
C ALA B 725 24.50 73.17 46.72
N ASN B 726 24.18 72.60 45.57
CA ASN B 726 22.92 71.90 45.44
C ASN B 726 23.04 70.58 46.20
N ASP B 727 21.91 70.15 46.75
CA ASP B 727 21.81 68.83 47.37
C ASP B 727 20.47 68.16 47.08
N TYR B 728 19.64 68.76 46.19
CA TYR B 728 18.30 68.27 45.89
C TYR B 728 18.34 66.80 45.53
N LEU B 729 19.25 66.43 44.63
CA LEU B 729 19.45 65.02 44.29
C LEU B 729 20.02 64.23 45.45
N VAL B 730 20.79 64.87 46.34
CA VAL B 730 21.52 64.12 47.36
C VAL B 730 20.56 63.43 48.30
N THR B 731 19.41 64.05 48.57
CA THR B 731 18.43 63.50 49.49
C THR B 731 17.07 63.99 49.01
N SER B 732 16.43 63.21 48.15
CA SER B 732 15.03 63.46 47.82
C SER B 732 14.43 62.32 47.02
N HIS B 733 13.35 61.75 47.56
CA HIS B 733 12.72 60.58 46.98
C HIS B 733 12.20 60.93 45.60
N ILE B 734 12.42 60.07 44.59
CA ILE B 734 12.18 60.46 43.19
C ILE B 734 11.61 59.32 42.34
N HIS B 735 10.36 59.44 41.93
CA HIS B 735 9.83 58.48 40.96
C HIS B 735 10.44 58.74 39.59
N LEU B 736 10.63 57.65 38.83
CA LEU B 736 11.17 57.70 37.48
C LEU B 736 10.46 56.65 36.63
N HIS B 737 10.44 56.89 35.32
CA HIS B 737 9.72 56.07 34.36
C HIS B 737 10.39 56.14 33.01
N VAL B 738 10.74 54.98 32.46
CA VAL B 738 11.28 54.87 31.11
C VAL B 738 10.32 54.06 30.24
N PRO B 739 9.71 54.64 29.19
CA PRO B 739 8.72 53.91 28.39
C PRO B 739 9.30 52.70 27.68
N GLU B 740 8.47 51.68 27.54
CA GLU B 740 8.87 50.40 26.98
C GLU B 740 9.01 50.49 25.46
N GLY B 741 9.85 49.60 24.92
CA GLY B 741 10.02 49.43 23.48
C GLY B 741 11.43 49.18 22.99
N ALA B 742 12.43 49.76 23.65
CA ALA B 742 13.82 49.54 23.25
C ALA B 742 14.20 48.09 23.44
N THR B 743 15.02 47.57 22.53
CA THR B 743 15.53 46.22 22.74
C THR B 743 16.47 46.22 23.96
N PRO B 744 16.51 45.11 24.72
CA PRO B 744 17.21 45.13 26.03
C PRO B 744 18.69 45.50 25.99
N LYS B 745 19.42 45.09 24.95
CA LYS B 745 20.84 45.45 24.86
C LYS B 745 21.02 46.96 24.74
N ASP B 746 20.07 47.64 24.10
CA ASP B 746 20.14 49.08 23.95
C ASP B 746 19.77 49.83 25.22
N GLY B 747 19.16 49.15 26.20
CA GLY B 747 18.69 49.75 27.43
C GLY B 747 19.73 50.61 28.13
N PRO B 748 20.89 50.04 28.46
CA PRO B 748 21.97 50.89 28.99
C PRO B 748 22.37 51.98 28.02
N SER B 749 22.31 51.70 26.71
CA SER B 749 22.70 52.70 25.71
C SER B 749 21.83 53.95 25.79
N ALA B 750 20.59 53.79 26.20
CA ALA B 750 19.72 54.93 26.44
C ALA B 750 20.07 55.63 27.74
N GLY B 751 20.94 55.03 28.57
CA GLY B 751 21.21 55.50 29.92
C GLY B 751 21.73 56.91 29.92
N CYS B 752 22.43 57.31 28.86
CA CYS B 752 23.10 58.60 28.86
C CYS B 752 22.07 59.72 29.05
N THR B 753 20.84 59.51 28.58
CA THR B 753 19.81 60.49 28.84
C THR B 753 19.34 60.50 30.30
N ILE B 754 19.54 59.39 31.03
CA ILE B 754 19.01 59.29 32.39
C ILE B 754 19.66 60.33 33.29
N VAL B 755 20.98 60.49 33.16
CA VAL B 755 21.64 61.50 33.99
C VAL B 755 21.16 62.89 33.59
N THR B 756 20.88 63.07 32.28
CA THR B 756 20.32 64.32 31.78
C THR B 756 19.01 64.62 32.47
N ALA B 757 18.16 63.61 32.60
CA ALA B 757 16.90 63.80 33.30
C ALA B 757 17.19 64.28 34.71
N LEU B 758 17.92 63.44 35.49
CA LEU B 758 18.13 63.72 36.91
C LEU B 758 18.75 65.09 37.13
N LEU B 759 19.79 65.38 36.35
CA LEU B 759 20.45 66.67 36.47
C LEU B 759 19.51 67.78 36.02
N SER B 760 18.67 67.51 35.01
CA SER B 760 17.76 68.55 34.56
C SER B 760 16.81 68.87 35.69
N LEU B 761 16.27 67.81 36.30
CA LEU B 761 15.39 68.02 37.43
C LEU B 761 16.17 68.63 38.59
N ALA B 762 17.47 68.28 38.72
CA ALA B 762 18.26 68.87 39.80
C ALA B 762 18.42 70.38 39.74
N MET B 763 19.13 70.92 38.73
CA MET B 763 19.25 72.36 38.64
C MET B 763 17.91 73.02 38.34
N GLY B 764 17.04 72.33 37.65
CA GLY B 764 15.80 72.88 37.17
C GLY B 764 15.94 73.67 35.90
N ARG B 765 17.16 73.79 35.33
CA ARG B 765 17.26 74.47 34.05
C ARG B 765 16.76 73.43 33.05
N PRO B 766 15.83 73.76 32.15
CA PRO B 766 15.48 72.78 31.13
C PRO B 766 16.65 72.41 30.23
N VAL B 767 16.64 71.15 29.81
CA VAL B 767 17.58 70.72 28.79
C VAL B 767 17.26 71.54 27.57
N ARG B 768 18.30 71.94 26.84
CA ARG B 768 18.08 72.77 25.67
C ARG B 768 17.16 72.00 24.75
N GLN B 769 16.21 72.71 24.14
CA GLN B 769 15.11 72.05 23.45
C GLN B 769 15.62 71.17 22.31
N ASN B 770 14.95 70.02 22.15
CA ASN B 770 15.28 69.07 21.11
C ASN B 770 16.75 68.64 21.27
N LEU B 771 17.02 67.91 22.36
CA LEU B 771 18.38 67.40 22.59
C LEU B 771 18.25 65.96 23.12
N ALA B 772 18.09 65.04 22.16
CA ALA B 772 18.17 63.60 22.38
C ALA B 772 19.59 63.18 22.76
N MET B 773 19.70 62.09 23.50
CA MET B 773 21.02 61.55 23.79
C MET B 773 20.93 60.09 24.20
N THR B 774 21.91 59.31 23.76
CA THR B 774 21.93 57.88 23.92
C THR B 774 23.38 57.48 24.18
N GLY B 775 23.68 56.19 24.03
CA GLY B 775 25.03 55.69 24.16
C GLY B 775 25.25 55.06 25.51
N GLU B 776 26.03 53.99 25.60
CA GLU B 776 26.32 53.39 26.91
C GLU B 776 27.36 54.19 27.68
N VAL B 777 27.19 54.15 29.00
CA VAL B 777 28.03 54.80 29.99
C VAL B 777 28.69 53.73 30.85
N SER B 778 29.80 54.11 31.46
CA SER B 778 30.66 53.23 32.23
C SER B 778 30.94 53.90 33.56
N LEU B 779 29.84 54.28 34.24
CA LEU B 779 29.78 54.49 35.68
C LEU B 779 30.47 55.77 36.16
N THR B 780 31.16 56.49 35.25
CA THR B 780 31.85 57.73 35.59
C THR B 780 31.73 58.74 34.47
N GLY B 781 30.74 58.60 33.59
CA GLY B 781 30.57 59.51 32.48
C GLY B 781 31.35 59.19 31.23
N LYS B 782 32.17 58.14 31.23
CA LYS B 782 32.79 57.72 29.99
C LYS B 782 31.70 57.18 29.09
N ILE B 783 31.77 57.56 27.82
CA ILE B 783 30.85 57.05 26.83
C ILE B 783 31.39 55.75 26.25
N LEU B 784 30.47 54.94 25.71
CA LEU B 784 30.72 53.69 25.03
C LEU B 784 29.83 53.58 23.77
N PRO B 785 30.33 52.98 22.67
CA PRO B 785 29.52 52.89 21.44
C PRO B 785 28.27 52.04 21.56
N VAL B 786 27.24 52.42 20.77
CA VAL B 786 25.98 51.68 20.64
C VAL B 786 25.74 51.32 19.18
N GLY B 787 25.08 50.17 18.98
CA GLY B 787 24.73 49.68 17.67
C GLY B 787 23.35 50.13 17.19
N GLY B 788 23.01 49.72 15.96
CA GLY B 788 21.70 50.00 15.38
C GLY B 788 21.43 51.44 15.05
N ILE B 789 22.47 52.20 14.70
CA ILE B 789 22.37 53.65 14.57
C ILE B 789 21.42 54.07 13.46
N LYS B 790 21.20 53.22 12.44
CA LYS B 790 20.27 53.61 11.37
C LYS B 790 18.89 53.91 11.92
N GLU B 791 18.35 53.00 12.73
CA GLU B 791 17.00 53.19 13.24
C GLU B 791 16.93 54.42 14.14
N LYS B 792 18.04 54.74 14.79
CA LYS B 792 18.06 55.84 15.74
C LYS B 792 18.20 57.16 15.01
N THR B 793 19.07 57.22 14.01
CA THR B 793 19.18 58.45 13.24
C THR B 793 17.88 58.71 12.48
N ILE B 794 17.21 57.63 12.04
CA ILE B 794 15.94 57.82 11.37
C ILE B 794 14.93 58.38 12.34
N ALA B 795 14.99 57.94 13.60
CA ALA B 795 14.14 58.57 14.60
C ALA B 795 14.56 60.00 14.89
N ALA B 796 15.86 60.30 14.84
CA ALA B 796 16.31 61.67 15.04
C ALA B 796 15.73 62.59 13.97
N LYS B 797 15.60 62.08 12.74
CA LYS B 797 14.95 62.86 11.70
C LYS B 797 13.44 62.85 11.92
N ARG B 798 12.90 61.70 12.33
CA ARG B 798 11.46 61.57 12.50
C ARG B 798 10.93 62.52 13.57
N ALA B 799 11.73 62.81 14.61
CA ALA B 799 11.44 63.90 15.54
C ALA B 799 11.97 65.25 15.09
N GLY B 800 12.92 65.28 14.17
CA GLY B 800 13.44 66.52 13.67
C GLY B 800 14.45 67.17 14.58
N VAL B 801 14.91 66.48 15.61
CA VAL B 801 15.95 67.04 16.47
C VAL B 801 17.22 67.32 15.70
N THR B 802 17.89 68.45 16.05
CA THR B 802 19.00 68.97 15.25
C THR B 802 20.17 69.40 16.12
N CYS B 803 20.36 68.77 17.28
CA CYS B 803 21.51 69.05 18.13
C CYS B 803 22.00 67.79 18.82
N ILE B 804 21.84 66.64 18.15
CA ILE B 804 22.09 65.34 18.74
C ILE B 804 23.53 65.26 19.23
N VAL B 805 23.73 64.56 20.34
CA VAL B 805 25.06 64.23 20.80
C VAL B 805 25.18 62.72 20.70
N LEU B 806 26.35 62.26 20.30
CA LEU B 806 26.60 60.85 20.01
C LEU B 806 27.96 60.46 20.57
N PRO B 807 28.21 59.16 20.78
CA PRO B 807 29.59 58.76 21.11
C PRO B 807 30.55 59.15 20.01
N ALA B 808 31.74 59.61 20.40
CA ALA B 808 32.72 59.88 19.36
C ALA B 808 33.20 58.56 18.76
N GLU B 809 33.11 57.47 19.52
CA GLU B 809 33.62 56.19 19.06
C GLU B 809 32.84 55.63 17.89
N ASN B 810 31.58 56.05 17.71
CA ASN B 810 30.78 55.64 16.58
C ASN B 810 30.78 56.66 15.46
N LYS B 811 31.73 57.63 15.51
CA LYS B 811 31.78 58.74 14.57
C LYS B 811 31.78 58.22 13.14
N LYS B 812 32.77 57.39 12.83
CA LYS B 812 32.88 56.79 11.52
C LYS B 812 31.62 56.00 11.21
N ASP B 813 31.11 55.26 12.21
CA ASP B 813 29.94 54.43 11.95
C ASP B 813 28.76 55.28 11.54
N PHE B 814 28.71 56.52 12.02
CA PHE B 814 27.64 57.39 11.60
C PHE B 814 27.96 57.98 10.23
N TYR B 815 29.26 58.25 10.00
CA TYR B 815 29.66 58.89 8.76
C TYR B 815 29.59 57.94 7.57
N ASP B 816 29.53 56.63 7.79
CA ASP B 816 29.38 55.71 6.67
C ASP B 816 27.99 55.87 6.03
N LEU B 817 27.02 56.40 6.79
CA LEU B 817 25.68 56.70 6.32
C LEU B 817 25.71 57.80 5.26
N ALA B 818 24.75 57.74 4.34
CA ALA B 818 24.66 58.65 3.20
C ALA B 818 24.55 60.10 3.65
N ALA B 819 25.07 60.99 2.80
CA ALA B 819 25.20 62.40 3.16
C ALA B 819 23.84 63.02 3.45
N PHE B 820 22.80 62.58 2.74
CA PHE B 820 21.48 63.15 2.98
C PHE B 820 20.99 62.77 4.37
N ILE B 821 21.37 61.59 4.85
CA ILE B 821 20.96 61.13 6.17
C ILE B 821 21.52 62.06 7.25
N THR B 822 22.71 62.61 7.06
CA THR B 822 23.26 63.48 8.10
C THR B 822 22.85 64.93 7.94
N GLU B 823 22.03 65.28 6.95
CA GLU B 823 21.66 66.67 6.71
C GLU B 823 20.80 67.25 7.83
N GLY B 824 21.11 68.48 8.23
CA GLY B 824 20.21 69.32 8.99
C GLY B 824 20.31 69.21 10.48
N LEU B 825 20.83 68.09 10.98
CA LEU B 825 21.00 67.82 12.41
C LEU B 825 22.47 67.90 12.79
N GLU B 826 22.74 68.53 13.93
CA GLU B 826 24.10 68.93 14.29
C GLU B 826 24.58 67.97 15.37
N VAL B 827 25.39 67.00 14.95
CA VAL B 827 25.93 66.06 15.92
C VAL B 827 26.87 66.85 16.81
N HIS B 828 27.04 66.41 18.06
CA HIS B 828 28.05 67.00 18.94
C HIS B 828 28.66 65.81 19.67
N PHE B 829 29.71 65.24 19.08
CA PHE B 829 30.27 64.01 19.60
C PHE B 829 30.85 64.25 20.99
N VAL B 830 30.84 63.20 21.82
CA VAL B 830 31.30 63.29 23.20
C VAL B 830 31.88 61.93 23.58
N GLU B 831 32.79 61.93 24.60
CA GLU B 831 33.47 60.72 25.07
C GLU B 831 33.35 60.61 26.58
N HIS B 832 33.46 61.72 27.31
CA HIS B 832 33.19 61.77 28.74
C HIS B 832 31.92 62.60 28.89
N TYR B 833 31.09 62.27 29.90
CA TYR B 833 29.72 62.79 29.98
C TYR B 833 29.65 64.32 30.07
N ARG B 834 30.62 64.97 30.70
CA ARG B 834 30.48 66.37 31.11
C ARG B 834 30.20 67.29 29.92
N GLU B 835 30.70 66.93 28.74
CA GLU B 835 30.52 67.77 27.55
C GLU B 835 29.03 67.94 27.27
N ILE B 836 28.24 66.90 27.55
CA ILE B 836 26.80 66.95 27.33
C ILE B 836 26.20 68.04 28.22
N PHE B 837 26.68 68.09 29.48
CA PHE B 837 26.28 69.17 30.37
C PHE B 837 26.80 70.50 29.85
N ASP B 838 27.92 70.47 29.12
CA ASP B 838 28.44 71.66 28.47
C ASP B 838 27.51 72.13 27.35
N ILE B 839 26.69 71.22 26.81
CA ILE B 839 25.81 71.47 25.67
C ILE B 839 24.44 71.89 26.21
N ALA B 840 23.80 71.01 26.98
CA ALA B 840 22.38 71.20 27.32
C ALA B 840 22.12 72.50 28.07
N PHE B 841 23.10 72.98 28.84
CA PHE B 841 22.99 74.16 29.70
C PHE B 841 24.12 75.12 29.34
N PRO B 842 23.99 75.89 28.23
CA PRO B 842 25.07 76.80 27.82
C PRO B 842 25.49 77.81 28.90
N HIS C 17 21.50 -84.72 -34.73
CA HIS C 17 22.69 -84.57 -33.89
C HIS C 17 23.53 -83.37 -34.32
N LEU C 18 22.96 -82.19 -34.10
CA LEU C 18 23.60 -80.91 -34.35
C LEU C 18 23.50 -80.10 -33.06
N PRO C 19 24.47 -79.21 -32.79
CA PRO C 19 24.36 -78.42 -31.56
C PRO C 19 23.14 -77.54 -31.63
N LEU C 20 22.54 -77.29 -30.47
CA LEU C 20 21.36 -76.44 -30.44
C LEU C 20 21.71 -75.04 -30.89
N ILE C 21 20.82 -74.47 -31.68
CA ILE C 21 21.02 -73.12 -32.16
C ILE C 21 20.73 -72.22 -30.96
N ALA C 22 21.36 -71.05 -30.93
CA ALA C 22 21.06 -70.07 -29.91
C ALA C 22 19.90 -69.26 -30.45
N ILE C 23 18.67 -69.63 -30.04
CA ILE C 23 17.48 -68.93 -30.55
C ILE C 23 17.49 -67.47 -30.14
N THR C 24 17.83 -67.18 -28.89
CA THR C 24 17.94 -65.81 -28.37
C THR C 24 16.69 -64.98 -28.71
N ARG C 25 15.59 -65.37 -28.08
CA ARG C 25 14.35 -64.60 -28.12
C ARG C 25 13.83 -64.39 -29.54
N ASN C 26 13.79 -65.48 -30.32
CA ASN C 26 13.40 -65.46 -31.74
C ASN C 26 12.39 -66.55 -32.02
N PRO C 27 11.10 -66.34 -31.69
CA PRO C 27 10.11 -67.38 -31.96
C PRO C 27 10.02 -67.58 -33.46
N VAL C 28 9.79 -68.83 -33.86
CA VAL C 28 9.66 -69.19 -35.28
C VAL C 28 8.35 -69.94 -35.42
N PHE C 29 7.31 -69.18 -35.73
CA PHE C 29 5.98 -69.71 -35.88
C PHE C 29 5.97 -70.71 -37.04
N PRO C 30 5.13 -71.76 -37.00
CA PRO C 30 5.11 -72.73 -38.11
C PRO C 30 4.71 -72.02 -39.41
N ARG C 31 5.36 -72.41 -40.52
CA ARG C 31 5.10 -71.81 -41.85
C ARG C 31 5.14 -70.29 -41.81
N PHE C 32 6.17 -69.76 -41.13
CA PHE C 32 6.36 -68.32 -41.02
C PHE C 32 7.83 -68.01 -41.22
N ILE C 33 8.14 -67.28 -42.30
CA ILE C 33 9.52 -66.93 -42.62
C ILE C 33 10.09 -66.19 -41.42
N LYS C 34 11.34 -66.46 -41.11
CA LYS C 34 11.98 -65.80 -39.98
C LYS C 34 13.45 -65.66 -40.24
N ILE C 35 14.05 -64.67 -39.57
CA ILE C 35 15.47 -64.37 -39.66
C ILE C 35 16.03 -64.56 -38.26
N ILE C 36 17.25 -65.05 -38.18
CA ILE C 36 17.94 -65.27 -36.92
C ILE C 36 19.28 -64.60 -37.10
N GLU C 37 19.69 -63.83 -36.06
CA GLU C 37 20.88 -63.04 -36.11
C GLU C 37 21.60 -63.07 -34.77
N VAL C 38 22.13 -64.24 -34.41
CA VAL C 38 22.90 -64.34 -33.17
C VAL C 38 24.15 -63.51 -33.35
N LYS C 39 24.60 -62.87 -32.28
CA LYS C 39 25.80 -62.04 -32.35
C LYS C 39 27.08 -62.88 -32.32
N ASN C 40 27.05 -64.02 -31.63
CA ASN C 40 28.22 -64.89 -31.56
C ASN C 40 28.55 -65.45 -32.94
N LYS C 41 29.85 -65.53 -33.24
CA LYS C 41 30.33 -66.04 -34.51
C LYS C 41 30.55 -67.55 -34.50
N LYS C 42 30.44 -68.22 -33.34
CA LYS C 42 30.70 -69.65 -33.31
C LYS C 42 29.66 -70.42 -34.11
N LEU C 43 28.42 -69.92 -34.15
CA LEU C 43 27.42 -70.58 -34.96
C LEU C 43 27.77 -70.48 -36.45
N VAL C 44 28.48 -69.41 -36.83
CA VAL C 44 28.85 -69.23 -38.23
C VAL C 44 29.76 -70.36 -38.66
N GLU C 45 30.57 -70.86 -37.74
CA GLU C 45 31.46 -71.96 -38.06
C GLU C 45 30.65 -73.21 -38.42
N LEU C 46 29.56 -73.44 -37.69
CA LEU C 46 28.68 -74.55 -38.04
C LEU C 46 27.96 -74.29 -39.36
N LEU C 47 27.56 -73.05 -39.62
CA LEU C 47 26.85 -72.76 -40.88
C LEU C 47 27.74 -72.87 -42.11
N ARG C 48 29.03 -72.58 -41.96
CA ARG C 48 30.00 -72.75 -43.04
C ARG C 48 30.41 -74.20 -43.18
N ARG C 49 30.35 -74.99 -42.11
CA ARG C 49 30.68 -76.41 -42.26
C ARG C 49 29.60 -77.15 -43.06
N LYS C 50 28.35 -76.66 -43.04
CA LYS C 50 27.25 -77.26 -43.81
C LYS C 50 27.07 -76.74 -45.23
N VAL C 51 27.80 -75.72 -45.67
CA VAL C 51 27.62 -75.23 -47.05
C VAL C 51 28.01 -76.30 -48.06
N ARG C 52 28.95 -77.19 -47.70
CA ARG C 52 29.33 -78.25 -48.61
C ARG C 52 28.20 -79.27 -48.80
N LEU C 53 27.26 -79.36 -47.87
CA LEU C 53 26.19 -80.35 -47.99
C LEU C 53 25.25 -79.94 -49.11
N ALA C 54 24.78 -80.94 -49.88
CA ALA C 54 23.87 -80.68 -51.00
C ALA C 54 22.45 -80.27 -50.60
N GLN C 55 22.00 -80.64 -49.40
CA GLN C 55 20.66 -80.33 -48.90
C GLN C 55 20.83 -79.75 -47.50
N PRO C 56 21.31 -78.51 -47.38
CA PRO C 56 21.57 -77.96 -46.05
C PRO C 56 20.27 -77.77 -45.29
N TYR C 57 20.39 -77.83 -43.97
CA TYR C 57 19.22 -77.77 -43.12
C TYR C 57 19.63 -77.19 -41.78
N VAL C 58 18.61 -76.85 -41.01
CA VAL C 58 18.76 -76.33 -39.66
C VAL C 58 17.48 -76.72 -38.95
N GLY C 59 17.59 -76.98 -37.67
CA GLY C 59 16.41 -77.26 -36.89
C GLY C 59 16.05 -75.95 -36.24
N VAL C 60 14.80 -75.87 -35.80
CA VAL C 60 14.34 -74.69 -35.11
C VAL C 60 13.59 -75.21 -33.92
N PHE C 61 13.98 -74.73 -32.76
CA PHE C 61 13.41 -75.13 -31.50
C PHE C 61 13.00 -73.87 -30.77
N LEU C 62 12.33 -74.06 -29.63
CA LEU C 62 11.91 -72.97 -28.78
C LEU C 62 12.56 -73.09 -27.40
N LYS C 63 12.95 -71.96 -26.83
CA LYS C 63 13.53 -71.89 -25.49
C LYS C 63 12.45 -72.01 -24.42
N ARG C 64 12.81 -72.56 -23.24
CA ARG C 64 11.88 -72.68 -22.13
C ARG C 64 11.95 -71.41 -21.30
N ASP C 65 11.24 -71.41 -20.16
CA ASP C 65 11.16 -70.23 -19.32
C ASP C 65 12.53 -69.89 -18.73
N ASP C 66 12.72 -68.60 -18.43
CA ASP C 66 13.95 -68.05 -17.86
C ASP C 66 15.10 -68.29 -18.83
N SER C 67 15.14 -67.49 -19.88
CA SER C 67 16.16 -67.59 -20.91
C SER C 67 17.55 -67.25 -20.40
N ASN C 68 18.55 -67.99 -20.86
CA ASN C 68 19.92 -67.77 -20.43
C ASN C 68 20.80 -68.26 -21.57
N GLU C 69 21.49 -67.32 -22.23
CA GLU C 69 22.33 -67.68 -23.38
C GLU C 69 23.48 -68.60 -22.98
N SER C 70 24.07 -68.35 -21.80
CA SER C 70 25.17 -69.20 -21.37
C SER C 70 24.66 -70.61 -21.12
N ASP C 71 23.43 -70.75 -20.61
CA ASP C 71 22.93 -72.10 -20.42
C ASP C 71 22.71 -72.76 -21.77
N VAL C 72 22.38 -71.96 -22.80
CA VAL C 72 22.09 -72.53 -24.11
C VAL C 72 23.35 -73.19 -24.65
N VAL C 73 24.53 -72.60 -24.36
CA VAL C 73 25.77 -73.26 -24.80
C VAL C 73 26.35 -74.21 -23.77
N GLU C 74 25.84 -74.23 -22.54
CA GLU C 74 26.30 -75.11 -21.45
C GLU C 74 25.45 -76.36 -21.27
N SER C 75 24.13 -76.18 -21.14
CA SER C 75 23.14 -77.24 -20.98
C SER C 75 22.16 -77.25 -22.15
N LEU C 76 21.57 -78.42 -22.38
CA LEU C 76 20.61 -78.61 -23.46
C LEU C 76 19.16 -78.66 -23.02
N ASP C 77 18.85 -78.49 -21.72
CA ASP C 77 17.46 -78.51 -21.29
C ASP C 77 16.73 -77.16 -21.44
N GLU C 78 17.42 -76.03 -21.69
CA GLU C 78 16.70 -74.76 -21.83
C GLU C 78 15.76 -74.79 -23.01
N ILE C 79 16.19 -75.43 -24.08
CA ILE C 79 15.34 -75.58 -25.22
C ILE C 79 14.25 -76.63 -24.96
N TYR C 80 13.06 -76.41 -25.49
CA TYR C 80 11.97 -77.36 -25.32
C TYR C 80 12.21 -78.61 -26.15
N HIS C 81 11.65 -79.73 -25.69
CA HIS C 81 11.73 -80.96 -26.47
C HIS C 81 11.06 -80.80 -27.84
N THR C 82 10.08 -79.90 -27.96
CA THR C 82 9.46 -79.61 -29.24
C THR C 82 10.48 -78.97 -30.16
N GLY C 83 10.40 -79.30 -31.44
CA GLY C 83 11.27 -78.73 -32.45
C GLY C 83 10.50 -78.51 -33.73
N THR C 84 11.13 -77.75 -34.64
CA THR C 84 10.53 -77.44 -35.94
C THR C 84 11.63 -77.47 -37.01
N PHE C 85 11.90 -78.67 -37.52
CA PHE C 85 12.91 -78.88 -38.55
C PHE C 85 12.50 -78.20 -39.85
N ALA C 86 13.49 -77.69 -40.57
CA ALA C 86 13.23 -76.99 -41.82
C ALA C 86 14.53 -76.92 -42.60
N GLN C 87 14.40 -76.69 -43.91
CA GLN C 87 15.57 -76.52 -44.75
C GLN C 87 16.04 -75.07 -44.75
N ILE C 88 17.36 -74.88 -44.80
CA ILE C 88 17.91 -73.53 -44.90
C ILE C 88 17.67 -73.10 -46.34
N HIS C 89 17.57 -71.79 -46.55
CA HIS C 89 17.32 -71.25 -47.88
C HIS C 89 18.69 -70.73 -48.31
N GLU C 90 19.13 -69.60 -47.78
CA GLU C 90 20.43 -69.10 -48.18
C GLU C 90 20.88 -68.05 -47.17
N MET C 91 22.17 -68.04 -46.89
CA MET C 91 22.74 -67.01 -46.03
C MET C 91 22.88 -65.69 -46.79
N GLN C 92 22.88 -64.61 -46.02
CA GLN C 92 22.96 -63.25 -46.53
C GLN C 92 24.08 -62.49 -45.84
N ASP C 93 23.92 -62.24 -44.53
CA ASP C 93 24.90 -61.51 -43.72
C ASP C 93 25.15 -60.14 -44.32
N LEU C 94 24.05 -59.38 -44.44
CA LEU C 94 24.10 -58.03 -44.94
C LEU C 94 24.81 -57.10 -43.96
N GLY C 95 24.44 -57.16 -42.68
CA GLY C 95 25.06 -56.33 -41.64
C GLY C 95 25.86 -57.13 -40.64
N ASP C 96 25.22 -58.11 -40.01
CA ASP C 96 25.92 -59.03 -39.12
C ASP C 96 26.50 -60.18 -39.92
N LYS C 97 27.47 -60.87 -39.33
CA LYS C 97 28.12 -61.99 -40.00
C LYS C 97 27.33 -63.29 -39.83
N LEU C 98 26.13 -63.21 -39.22
CA LEU C 98 25.25 -64.34 -39.00
C LEU C 98 23.82 -63.83 -39.15
N ARG C 99 23.22 -64.05 -40.32
CA ARG C 99 21.84 -63.65 -40.58
C ARG C 99 21.12 -64.78 -41.33
N MET C 100 21.00 -65.95 -40.69
CA MET C 100 20.32 -67.04 -41.36
C MET C 100 18.82 -66.82 -41.43
N ILE C 101 18.21 -67.42 -42.46
CA ILE C 101 16.77 -67.48 -42.58
C ILE C 101 16.35 -68.86 -42.09
N VAL C 102 15.18 -68.91 -41.47
CA VAL C 102 14.60 -70.11 -40.91
C VAL C 102 13.13 -70.12 -41.31
N MET C 103 12.51 -71.28 -41.17
CA MET C 103 11.14 -71.52 -41.61
C MET C 103 10.59 -72.66 -40.80
N GLY C 104 9.25 -72.73 -40.76
CA GLY C 104 8.54 -73.80 -40.11
C GLY C 104 7.92 -74.77 -41.08
N HIS C 105 8.51 -75.97 -41.18
CA HIS C 105 8.08 -77.01 -42.10
C HIS C 105 7.72 -78.30 -41.38
N ARG C 106 8.67 -78.97 -40.73
CA ARG C 106 8.48 -80.29 -40.13
C ARG C 106 8.56 -80.20 -38.61
N ARG C 107 7.40 -80.18 -37.96
CA ARG C 107 7.36 -80.20 -36.50
C ARG C 107 7.72 -81.56 -35.95
N VAL C 108 8.21 -81.55 -34.72
CA VAL C 108 8.64 -82.75 -34.01
C VAL C 108 8.56 -82.49 -32.52
N HIS C 109 8.46 -83.56 -31.75
CA HIS C 109 8.36 -83.51 -30.30
C HIS C 109 9.30 -84.61 -29.83
N ILE C 110 10.56 -84.24 -29.58
CA ILE C 110 11.57 -85.24 -29.22
C ILE C 110 11.18 -85.88 -27.88
N SER C 111 11.39 -87.20 -27.78
CA SER C 111 11.05 -87.89 -26.55
C SER C 111 11.92 -87.42 -25.38
N ARG C 112 13.20 -87.17 -25.65
CA ARG C 112 14.19 -86.77 -24.64
C ARG C 112 15.34 -86.05 -25.34
N GLN C 113 15.36 -84.73 -25.24
CA GLN C 113 16.47 -84.01 -25.86
C GLN C 113 17.77 -84.32 -25.13
N LEU C 114 17.69 -84.67 -23.84
CA LEU C 114 18.88 -85.07 -23.11
C LEU C 114 19.45 -86.39 -23.64
N GLU C 115 18.57 -87.27 -24.12
CA GLU C 115 18.98 -88.57 -24.64
C GLU C 115 19.37 -88.44 -26.10
N MET C 166 20.41 -87.18 -33.37
CA MET C 166 19.46 -87.18 -32.26
C MET C 166 18.14 -87.77 -32.78
N VAL C 167 17.54 -88.68 -32.00
CA VAL C 167 16.31 -89.34 -32.43
C VAL C 167 15.24 -88.28 -32.58
N GLU C 168 14.42 -88.42 -33.63
CA GLU C 168 13.36 -87.46 -33.88
C GLU C 168 12.31 -88.18 -34.71
N VAL C 169 11.06 -87.71 -34.63
CA VAL C 169 9.99 -88.38 -35.38
C VAL C 169 8.97 -87.33 -35.80
N GLU C 170 8.46 -87.53 -37.00
CA GLU C 170 7.51 -86.59 -37.60
C GLU C 170 6.10 -86.88 -37.09
N ASN C 171 5.89 -86.57 -35.81
CA ASN C 171 4.57 -86.73 -35.20
C ASN C 171 3.70 -85.51 -35.54
N VAL C 172 3.46 -85.36 -36.85
CA VAL C 172 2.62 -84.35 -37.44
C VAL C 172 1.21 -84.93 -37.47
N VAL C 173 0.58 -84.96 -36.30
CA VAL C 173 -0.77 -85.46 -36.20
C VAL C 173 -1.63 -84.53 -37.06
N HIS C 174 -2.60 -85.09 -37.80
CA HIS C 174 -3.42 -84.27 -38.68
C HIS C 174 -4.85 -84.81 -38.77
N GLU C 175 -5.48 -84.98 -37.60
CA GLU C 175 -6.83 -85.53 -37.48
C GLU C 175 -7.90 -84.57 -37.98
N ASP C 176 -8.94 -85.16 -38.56
CA ASP C 176 -10.06 -84.42 -39.08
C ASP C 176 -11.21 -85.39 -38.92
N PHE C 177 -12.38 -84.85 -38.64
CA PHE C 177 -13.54 -85.72 -38.46
C PHE C 177 -14.00 -86.26 -39.82
N GLN C 178 -14.56 -87.49 -39.82
CA GLN C 178 -15.01 -88.06 -41.10
C GLN C 178 -16.17 -87.26 -41.70
N VAL C 179 -17.03 -86.69 -40.85
CA VAL C 179 -18.19 -85.89 -41.23
C VAL C 179 -17.68 -84.47 -41.33
N THR C 180 -17.59 -83.95 -42.56
CA THR C 180 -17.06 -82.60 -42.79
C THR C 180 -18.13 -81.63 -43.27
N GLU C 181 -19.02 -81.26 -42.34
CA GLU C 181 -20.06 -80.27 -42.59
C GLU C 181 -19.86 -79.08 -41.66
N GLU C 182 -20.18 -79.23 -40.37
CA GLU C 182 -19.95 -78.19 -39.36
C GLU C 182 -18.51 -77.98 -38.89
N VAL C 183 -17.61 -78.95 -39.07
CA VAL C 183 -16.29 -78.80 -38.45
C VAL C 183 -15.50 -77.61 -38.94
N LYS C 184 -15.76 -77.13 -40.16
CA LYS C 184 -15.12 -75.93 -40.64
C LYS C 184 -15.89 -74.68 -40.23
N ALA C 185 -17.07 -74.82 -39.62
CA ALA C 185 -17.81 -73.62 -39.25
C ALA C 185 -17.08 -72.80 -38.19
N LEU C 186 -16.30 -73.44 -37.31
CA LEU C 186 -15.54 -72.63 -36.37
C LEU C 186 -14.43 -71.84 -37.03
N THR C 187 -13.89 -72.35 -38.14
CA THR C 187 -12.80 -71.64 -38.82
C THR C 187 -13.27 -70.29 -39.35
N ALA C 188 -14.54 -70.24 -39.79
CA ALA C 188 -15.10 -69.00 -40.30
C ALA C 188 -15.12 -67.94 -39.21
N GLU C 189 -15.51 -68.33 -38.00
CA GLU C 189 -15.50 -67.38 -36.90
C GLU C 189 -14.07 -67.01 -36.55
N ILE C 190 -13.13 -67.94 -36.69
CA ILE C 190 -11.73 -67.63 -36.38
C ILE C 190 -11.18 -66.59 -37.35
N VAL C 191 -11.52 -66.71 -38.62
CA VAL C 191 -11.06 -65.72 -39.59
C VAL C 191 -11.81 -64.41 -39.45
N LYS C 192 -13.11 -64.45 -39.12
CA LYS C 192 -13.81 -63.17 -38.93
C LYS C 192 -13.26 -62.41 -37.73
N THR C 193 -12.84 -63.11 -36.69
CA THR C 193 -12.18 -62.41 -35.60
C THR C 193 -10.81 -61.89 -36.03
N ILE C 194 -10.03 -62.72 -36.73
CA ILE C 194 -8.70 -62.28 -37.17
C ILE C 194 -8.82 -61.07 -38.07
N ARG C 195 -9.84 -61.08 -38.92
CA ARG C 195 -10.14 -59.96 -39.77
C ARG C 195 -10.55 -58.76 -38.95
N ASP C 196 -11.17 -58.97 -37.78
CA ASP C 196 -11.59 -57.78 -37.04
C ASP C 196 -10.42 -57.17 -36.31
N ILE C 197 -9.42 -57.99 -35.98
CA ILE C 197 -8.27 -57.44 -35.29
C ILE C 197 -7.37 -56.68 -36.24
N ILE C 198 -7.12 -57.26 -37.41
CA ILE C 198 -6.33 -56.55 -38.42
C ILE C 198 -7.11 -55.38 -39.01
N ALA C 199 -8.45 -55.46 -39.03
CA ALA C 199 -9.21 -54.40 -39.64
C ALA C 199 -9.30 -53.17 -38.76
N LEU C 200 -9.53 -53.34 -37.46
CA LEU C 200 -9.52 -52.17 -36.61
C LEU C 200 -8.07 -51.79 -36.26
N ASN C 201 -7.13 -52.76 -36.25
CA ASN C 201 -5.72 -52.53 -35.95
C ASN C 201 -4.81 -53.16 -37.01
N PRO C 202 -4.75 -52.57 -38.20
CA PRO C 202 -3.88 -53.11 -39.25
C PRO C 202 -2.41 -53.06 -38.88
N LEU C 203 -1.76 -54.19 -39.10
CA LEU C 203 -0.33 -54.35 -38.85
C LEU C 203 0.35 -54.71 -40.16
N TYR C 204 -0.07 -55.78 -40.82
CA TYR C 204 0.47 -56.19 -42.10
C TYR C 204 -0.62 -55.96 -43.15
N ARG C 205 -0.26 -56.17 -44.40
CA ARG C 205 -1.20 -55.97 -45.50
C ARG C 205 -2.25 -57.08 -45.54
N GLU C 206 -3.45 -56.73 -46.00
CA GLU C 206 -4.59 -57.64 -46.08
C GLU C 206 -4.59 -58.52 -47.30
N SER C 207 -3.71 -58.29 -48.27
CA SER C 207 -3.71 -59.10 -49.49
C SER C 207 -3.41 -60.57 -49.20
N VAL C 208 -2.60 -60.90 -48.18
CA VAL C 208 -2.37 -62.31 -47.89
C VAL C 208 -3.67 -62.97 -47.42
N LEU C 209 -4.50 -62.24 -46.67
CA LEU C 209 -5.80 -62.77 -46.31
C LEU C 209 -6.71 -62.90 -47.52
N GLN C 210 -6.58 -61.98 -48.47
CA GLN C 210 -7.34 -62.12 -49.69
C GLN C 210 -6.80 -63.28 -50.52
N MET C 211 -5.51 -63.59 -50.36
CA MET C 211 -4.90 -64.71 -51.07
C MET C 211 -5.42 -66.04 -50.55
N MET C 212 -5.46 -66.22 -49.20
CA MET C 212 -5.95 -67.47 -48.62
C MET C 212 -7.35 -67.23 -48.08
N GLN C 213 -8.32 -67.85 -48.74
CA GLN C 213 -9.73 -67.83 -48.36
C GLN C 213 -10.19 -69.28 -48.27
N ALA C 214 -11.08 -69.60 -47.33
CA ALA C 214 -11.54 -70.98 -47.25
C ALA C 214 -12.28 -71.45 -48.49
N GLY C 215 -12.97 -70.55 -49.20
CA GLY C 215 -13.58 -70.94 -50.47
C GLY C 215 -12.57 -71.33 -51.55
N GLN C 216 -11.44 -70.62 -51.56
CA GLN C 216 -10.45 -70.67 -52.65
C GLN C 216 -9.75 -72.03 -52.87
N ARG C 217 -9.75 -72.94 -51.88
CA ARG C 217 -9.12 -74.28 -51.98
C ARG C 217 -7.57 -74.30 -52.17
N VAL C 218 -6.82 -73.22 -51.86
CA VAL C 218 -5.35 -73.24 -51.88
C VAL C 218 -4.72 -73.62 -50.53
N VAL C 219 -5.51 -73.86 -49.51
CA VAL C 219 -5.09 -74.20 -48.15
C VAL C 219 -4.79 -75.70 -48.06
N ASP C 220 -3.63 -76.15 -48.57
CA ASP C 220 -3.29 -77.56 -48.48
C ASP C 220 -3.00 -78.06 -47.06
N ASN C 221 -2.75 -77.18 -46.08
CA ASN C 221 -2.38 -77.55 -44.71
C ASN C 221 -3.25 -76.85 -43.65
N PRO C 222 -4.49 -77.32 -43.41
CA PRO C 222 -5.35 -76.62 -42.43
C PRO C 222 -4.73 -76.55 -41.06
N ILE C 223 -3.97 -77.58 -40.68
CA ILE C 223 -3.34 -77.56 -39.37
C ILE C 223 -2.37 -76.40 -39.31
N TYR C 224 -1.66 -76.15 -40.41
CA TYR C 224 -0.77 -75.01 -40.47
C TYR C 224 -1.57 -73.72 -40.51
N LEU C 225 -2.79 -73.76 -41.04
CA LEU C 225 -3.62 -72.55 -40.97
C LEU C 225 -3.96 -72.26 -39.53
N SER C 226 -4.29 -73.28 -38.75
CA SER C 226 -4.56 -73.03 -37.33
C SER C 226 -3.28 -72.57 -36.64
N ASP C 227 -2.12 -73.01 -37.13
CA ASP C 227 -0.87 -72.54 -36.57
C ASP C 227 -0.66 -71.08 -36.93
N MET C 228 -0.98 -70.72 -38.17
CA MET C 228 -0.87 -69.34 -38.60
C MET C 228 -1.83 -68.45 -37.84
N GLY C 229 -3.00 -68.97 -37.49
CA GLY C 229 -3.93 -68.14 -36.75
C GLY C 229 -3.53 -67.99 -35.30
N ALA C 230 -2.92 -69.03 -34.72
CA ALA C 230 -2.39 -68.86 -33.37
C ALA C 230 -1.12 -68.03 -33.38
N ALA C 231 -0.43 -67.99 -34.52
CA ALA C 231 0.75 -67.16 -34.69
C ALA C 231 0.44 -65.67 -34.61
N LEU C 232 -0.78 -65.27 -34.98
CA LEU C 232 -1.17 -63.88 -34.91
C LEU C 232 -1.19 -63.34 -33.50
N THR C 233 -1.28 -64.21 -32.49
CA THR C 233 -1.28 -63.75 -31.13
C THR C 233 0.05 -63.08 -30.86
N GLY C 234 0.02 -61.99 -30.09
CA GLY C 234 1.29 -61.36 -29.73
C GLY C 234 1.92 -62.01 -28.52
N ALA C 235 1.31 -63.08 -28.02
CA ALA C 235 1.69 -63.78 -26.82
C ALA C 235 3.09 -64.38 -26.86
N GLU C 236 3.67 -64.46 -25.67
CA GLU C 236 4.99 -65.01 -25.43
C GLU C 236 5.01 -66.46 -25.85
N SER C 237 6.20 -66.93 -26.15
CA SER C 237 6.41 -68.30 -26.60
C SER C 237 5.89 -69.36 -25.64
N HIS C 238 5.85 -69.12 -24.33
CA HIS C 238 5.28 -70.14 -23.44
C HIS C 238 3.77 -70.39 -23.69
N GLU C 239 2.97 -69.34 -23.98
CA GLU C 239 1.56 -69.58 -24.36
C GLU C 239 1.44 -70.32 -25.69
N LEU C 240 2.34 -70.03 -26.62
CA LEU C 240 2.32 -70.75 -27.89
C LEU C 240 2.65 -72.21 -27.64
N GLN C 241 3.58 -72.47 -26.72
CA GLN C 241 3.88 -73.83 -26.35
C GLN C 241 2.69 -74.51 -25.73
N ASP C 242 1.91 -73.76 -24.95
CA ASP C 242 0.72 -74.39 -24.39
C ASP C 242 -0.31 -74.72 -25.46
N VAL C 243 -0.49 -73.85 -26.44
CA VAL C 243 -1.42 -74.20 -27.53
C VAL C 243 -0.88 -75.32 -28.41
N LEU C 244 0.43 -75.38 -28.64
CA LEU C 244 1.01 -76.46 -29.44
C LEU C 244 1.01 -77.80 -28.71
N GLU C 245 1.07 -77.77 -27.37
CA GLU C 245 1.01 -79.01 -26.60
C GLU C 245 -0.33 -79.71 -26.77
N GLU C 246 -1.41 -78.97 -27.01
CA GLU C 246 -2.71 -79.62 -27.20
C GLU C 246 -2.66 -80.55 -28.40
N THR C 247 -3.21 -81.74 -28.23
CA THR C 247 -3.32 -82.77 -29.26
C THR C 247 -4.70 -82.85 -29.87
N ASN C 248 -5.72 -82.72 -29.02
CA ASN C 248 -7.11 -82.77 -29.48
C ASN C 248 -7.46 -81.58 -30.37
N ILE C 249 -8.20 -81.84 -31.46
CA ILE C 249 -8.61 -80.76 -32.37
C ILE C 249 -9.47 -79.72 -31.67
N PRO C 250 -10.57 -80.08 -30.97
CA PRO C 250 -11.35 -79.04 -30.30
C PRO C 250 -10.58 -78.27 -29.24
N LYS C 251 -9.63 -78.86 -28.50
CA LYS C 251 -8.96 -78.07 -27.47
C LYS C 251 -8.05 -77.01 -28.05
N ARG C 252 -7.26 -77.34 -29.07
CA ARG C 252 -6.46 -76.29 -29.68
C ARG C 252 -7.32 -75.30 -30.45
N LEU C 253 -8.42 -75.75 -31.08
CA LEU C 253 -9.28 -74.79 -31.76
C LEU C 253 -9.96 -73.83 -30.78
N TYR C 254 -10.41 -74.33 -29.63
CA TYR C 254 -11.01 -73.47 -28.62
C TYR C 254 -9.98 -72.53 -28.04
N LYS C 255 -8.76 -73.03 -27.83
CA LYS C 255 -7.73 -72.24 -27.18
C LYS C 255 -7.24 -71.15 -28.12
N ALA C 256 -7.16 -71.47 -29.42
CA ALA C 256 -6.79 -70.47 -30.41
C ALA C 256 -7.85 -69.40 -30.51
N LEU C 257 -9.12 -69.79 -30.40
CA LEU C 257 -10.17 -68.79 -30.39
C LEU C 257 -10.07 -67.96 -29.13
N SER C 258 -9.69 -68.58 -28.03
CA SER C 258 -9.52 -67.82 -26.80
C SER C 258 -8.35 -66.87 -26.78
N LEU C 259 -7.26 -67.20 -27.45
CA LEU C 259 -6.19 -66.23 -27.58
C LEU C 259 -6.62 -65.11 -28.49
N LEU C 260 -7.37 -65.45 -29.54
CA LEU C 260 -7.83 -64.43 -30.45
C LEU C 260 -8.75 -63.46 -29.75
N LYS C 261 -9.66 -63.97 -28.93
CA LYS C 261 -10.52 -63.07 -28.18
C LYS C 261 -9.66 -62.27 -27.22
N LYS C 262 -8.62 -62.87 -26.67
CA LYS C 262 -7.79 -62.19 -25.68
C LYS C 262 -7.11 -60.98 -26.30
N GLU C 263 -6.65 -61.14 -27.54
CA GLU C 263 -6.13 -59.98 -28.25
C GLU C 263 -7.26 -59.02 -28.59
N PHE C 264 -8.47 -59.54 -28.81
CA PHE C 264 -9.58 -58.63 -29.07
C PHE C 264 -9.90 -57.79 -27.87
N GLU C 265 -9.71 -58.38 -26.70
CA GLU C 265 -10.01 -57.71 -25.46
C GLU C 265 -9.02 -56.59 -25.21
N LEU C 266 -7.74 -56.92 -25.30
CA LEU C 266 -6.73 -55.91 -25.06
C LEU C 266 -6.77 -54.81 -26.09
N SER C 267 -7.11 -55.18 -27.31
CA SER C 267 -7.18 -54.20 -28.36
C SER C 267 -8.31 -53.22 -28.13
N LYS C 268 -9.53 -53.74 -27.90
CA LYS C 268 -10.65 -52.84 -27.75
C LYS C 268 -10.50 -51.96 -26.55
N LEU C 269 -9.86 -52.43 -25.49
CA LEU C 269 -9.63 -51.54 -24.37
C LEU C 269 -8.70 -50.41 -24.77
N GLN C 270 -7.68 -50.72 -25.58
CA GLN C 270 -6.75 -49.66 -25.97
C GLN C 270 -7.43 -48.65 -26.86
N GLN C 271 -8.33 -49.12 -27.74
CA GLN C 271 -9.00 -48.20 -28.65
C GLN C 271 -9.99 -47.32 -27.93
N ARG C 272 -10.78 -47.89 -27.02
CA ARG C 272 -11.73 -47.10 -26.28
C ARG C 272 -11.02 -46.02 -25.50
N LEU C 273 -9.91 -46.39 -24.89
CA LEU C 273 -9.15 -45.42 -24.15
C LEU C 273 -8.54 -44.36 -25.06
N GLY C 274 -8.19 -44.73 -26.29
CA GLY C 274 -7.56 -43.77 -27.16
C GLY C 274 -8.53 -42.76 -27.71
N ARG C 275 -9.69 -43.25 -28.15
CA ARG C 275 -10.70 -42.32 -28.62
C ARG C 275 -11.15 -41.43 -27.49
N GLU C 276 -11.20 -41.97 -26.27
CA GLU C 276 -11.72 -41.19 -25.18
C GLU C 276 -10.76 -40.08 -24.80
N VAL C 277 -9.48 -40.38 -24.70
CA VAL C 277 -8.52 -39.33 -24.37
C VAL C 277 -8.52 -38.28 -25.45
N GLU C 278 -8.62 -38.71 -26.72
CA GLU C 278 -8.57 -37.73 -27.77
C GLU C 278 -9.78 -36.82 -27.69
N GLU C 279 -10.97 -37.38 -27.52
CA GLU C 279 -12.14 -36.52 -27.34
C GLU C 279 -12.04 -35.64 -26.11
N LYS C 280 -11.37 -36.12 -25.06
CA LYS C 280 -11.19 -35.25 -23.92
C LYS C 280 -10.33 -34.05 -24.28
N ILE C 281 -9.42 -34.26 -25.22
CA ILE C 281 -8.63 -33.15 -25.74
C ILE C 281 -9.49 -32.27 -26.64
N LYS C 282 -10.23 -32.90 -27.54
CA LYS C 282 -11.08 -32.15 -28.46
C LYS C 282 -12.05 -31.28 -27.69
N GLN C 283 -12.63 -31.83 -26.65
CA GLN C 283 -13.55 -31.11 -25.80
C GLN C 283 -12.83 -29.95 -25.16
N THR C 284 -11.61 -30.20 -24.68
CA THR C 284 -10.85 -29.14 -24.03
C THR C 284 -10.52 -28.03 -25.01
N HIS C 285 -10.36 -28.39 -26.27
CA HIS C 285 -10.07 -27.35 -27.23
C HIS C 285 -11.35 -26.68 -27.63
N ARG C 286 -12.38 -27.48 -27.95
CA ARG C 286 -13.66 -26.94 -28.38
C ARG C 286 -14.16 -25.91 -27.41
N LYS C 287 -14.08 -26.20 -26.10
CA LYS C 287 -14.52 -25.22 -25.13
C LYS C 287 -13.62 -24.01 -25.21
N TYR C 288 -12.30 -24.24 -25.39
CA TYR C 288 -11.40 -23.10 -25.52
C TYR C 288 -11.78 -22.21 -26.68
N LEU C 289 -12.19 -22.82 -27.80
CA LEU C 289 -12.66 -22.05 -28.92
C LEU C 289 -13.89 -21.24 -28.53
N LEU C 290 -14.97 -21.94 -28.11
CA LEU C 290 -16.23 -21.30 -27.71
C LEU C 290 -15.97 -20.13 -26.79
N GLN C 291 -15.10 -20.34 -25.81
CA GLN C 291 -14.76 -19.24 -24.94
C GLN C 291 -14.12 -18.12 -25.74
N GLU C 292 -13.34 -18.46 -26.78
CA GLU C 292 -12.71 -17.40 -27.53
C GLU C 292 -13.79 -16.55 -28.21
N GLN C 293 -14.82 -17.20 -28.76
CA GLN C 293 -15.87 -16.40 -29.39
C GLN C 293 -16.56 -15.55 -28.35
N LEU C 294 -16.86 -16.12 -27.18
CA LEU C 294 -17.41 -15.34 -26.06
C LEU C 294 -16.61 -14.07 -25.89
N LYS C 295 -15.28 -14.22 -25.84
CA LYS C 295 -14.40 -13.06 -25.73
C LYS C 295 -14.69 -12.11 -26.88
N ILE C 296 -14.59 -12.58 -28.12
CA ILE C 296 -14.62 -11.69 -29.28
C ILE C 296 -15.96 -10.97 -29.37
N ILE C 297 -17.05 -11.62 -28.95
CA ILE C 297 -18.32 -10.92 -28.93
C ILE C 297 -18.26 -9.88 -27.83
N LYS C 298 -17.63 -10.21 -26.71
CA LYS C 298 -17.55 -9.18 -25.70
C LYS C 298 -16.66 -8.05 -26.19
N LYS C 299 -15.66 -8.37 -27.01
CA LYS C 299 -14.71 -7.37 -27.51
C LYS C 299 -15.27 -6.46 -28.59
N GLU C 300 -16.25 -6.93 -29.38
CA GLU C 300 -16.82 -6.04 -30.39
C GLU C 300 -17.76 -5.01 -29.78
N LEU C 301 -18.21 -5.25 -28.56
CA LEU C 301 -19.12 -4.33 -27.91
C LEU C 301 -19.07 -4.67 -26.44
N GLY C 302 -17.99 -4.29 -25.76
CA GLY C 302 -17.82 -4.56 -24.35
C GLY C 302 -18.22 -3.37 -23.52
N LEU C 303 -17.74 -3.35 -22.28
CA LEU C 303 -18.07 -2.22 -21.42
C LEU C 303 -17.50 -0.97 -22.10
N GLU C 304 -18.41 -0.26 -22.77
CA GLU C 304 -18.13 0.99 -23.48
C GLU C 304 -16.94 0.83 -24.43
N LYS C 305 -17.10 -0.09 -25.38
CA LYS C 305 -16.08 -0.41 -26.39
C LYS C 305 -14.70 -0.63 -25.76
N ASP C 306 -14.61 -1.66 -24.91
CA ASP C 306 -13.37 -2.02 -24.20
C ASP C 306 -12.19 -2.09 -25.17
N ASP C 307 -11.13 -1.32 -24.87
CA ASP C 307 -9.84 -1.17 -25.57
C ASP C 307 -8.88 -0.40 -24.68
N LYS C 308 -7.59 -0.57 -24.99
CA LYS C 308 -6.50 0.10 -24.28
C LYS C 308 -6.32 1.57 -24.61
N ASP C 309 -6.89 2.08 -25.71
CA ASP C 309 -6.79 3.48 -26.11
C ASP C 309 -8.02 4.30 -25.75
N ALA C 310 -9.04 3.66 -25.17
CA ALA C 310 -10.24 4.38 -24.79
C ALA C 310 -9.95 5.34 -23.66
N ILE C 311 -9.17 4.86 -22.69
CA ILE C 311 -8.71 5.66 -21.57
C ILE C 311 -8.01 6.91 -22.11
N GLU C 312 -7.03 6.67 -22.99
CA GLU C 312 -6.25 7.73 -23.60
C GLU C 312 -7.15 8.66 -24.38
N GLU C 313 -8.18 8.11 -24.99
CA GLU C 313 -9.02 8.91 -25.85
C GLU C 313 -9.86 9.84 -24.98
N LYS C 314 -10.53 9.26 -23.97
CA LYS C 314 -11.45 10.03 -23.15
C LYS C 314 -10.71 11.15 -22.44
N PHE C 315 -9.45 10.91 -22.11
CA PHE C 315 -8.64 11.99 -21.59
C PHE C 315 -8.35 13.00 -22.68
N ARG C 316 -7.92 12.55 -23.86
CA ARG C 316 -7.56 13.48 -24.93
C ARG C 316 -8.73 14.41 -25.24
N GLU C 317 -9.91 13.82 -25.47
CA GLU C 317 -11.08 14.62 -25.78
C GLU C 317 -11.39 15.54 -24.63
N ARG C 318 -11.14 15.10 -23.39
CA ARG C 318 -11.36 16.01 -22.30
C ARG C 318 -10.42 17.20 -22.41
N LEU C 319 -9.16 16.94 -22.79
CA LEU C 319 -8.15 17.99 -22.87
C LEU C 319 -8.44 19.02 -23.96
N LYS C 320 -9.18 18.61 -24.99
CA LYS C 320 -9.31 19.39 -26.21
C LYS C 320 -9.95 20.76 -25.98
N GLU C 321 -10.79 20.89 -24.96
CA GLU C 321 -11.58 22.10 -24.78
C GLU C 321 -10.88 23.11 -23.88
N LEU C 322 -10.71 22.73 -22.61
CA LEU C 322 -10.11 23.62 -21.62
C LEU C 322 -8.70 23.99 -22.04
N VAL C 323 -8.36 25.25 -21.84
CA VAL C 323 -7.06 25.76 -22.31
C VAL C 323 -6.00 25.37 -21.29
N VAL C 324 -5.39 24.24 -21.55
CA VAL C 324 -4.31 23.71 -20.70
C VAL C 324 -3.10 24.62 -20.83
N PRO C 325 -2.35 24.91 -19.78
CA PRO C 325 -1.09 25.63 -19.98
C PRO C 325 -0.11 24.84 -20.81
N LYS C 326 0.70 25.55 -21.60
CA LYS C 326 1.69 24.89 -22.44
C LYS C 326 2.67 24.08 -21.60
N HIS C 327 2.87 24.50 -20.34
CA HIS C 327 3.81 23.79 -19.47
C HIS C 327 3.37 22.34 -19.38
N VAL C 328 2.10 22.12 -19.01
CA VAL C 328 1.62 20.76 -18.88
C VAL C 328 1.15 20.16 -20.20
N MET C 329 1.00 20.99 -21.25
CA MET C 329 0.39 20.47 -22.48
C MET C 329 1.21 19.36 -23.09
N ASP C 330 2.53 19.42 -22.90
CA ASP C 330 3.39 18.34 -23.34
C ASP C 330 3.40 17.23 -22.30
N VAL C 331 3.54 17.59 -21.02
CA VAL C 331 3.75 16.59 -19.98
C VAL C 331 2.59 15.61 -19.90
N VAL C 332 1.39 16.04 -20.30
CA VAL C 332 0.34 15.06 -20.48
C VAL C 332 0.70 14.13 -21.62
N ASP C 333 1.36 14.64 -22.65
CA ASP C 333 1.63 13.79 -23.80
C ASP C 333 2.60 12.72 -23.37
N GLU C 334 3.75 13.13 -22.82
CA GLU C 334 4.76 12.13 -22.47
C GLU C 334 4.18 11.08 -21.54
N GLU C 335 3.36 11.49 -20.56
CA GLU C 335 2.72 10.48 -19.71
C GLU C 335 1.83 9.57 -20.52
N LEU C 336 1.09 10.15 -21.45
CA LEU C 336 0.15 9.37 -22.23
C LEU C 336 0.90 8.39 -23.12
N SER C 337 1.90 8.88 -23.83
CA SER C 337 2.71 8.02 -24.67
C SER C 337 3.38 6.91 -23.88
N LYS C 338 3.76 7.21 -22.63
CA LYS C 338 4.27 6.14 -21.78
C LYS C 338 3.18 5.12 -21.45
N LEU C 339 1.91 5.56 -21.39
CA LEU C 339 0.82 4.67 -20.93
C LEU C 339 0.74 3.42 -21.77
N GLY C 340 1.00 3.54 -23.07
CA GLY C 340 0.89 2.38 -23.93
C GLY C 340 2.10 1.49 -23.68
N LEU C 341 3.24 2.11 -23.36
CA LEU C 341 4.46 1.33 -23.17
C LEU C 341 4.36 0.49 -21.91
N LEU C 342 3.54 0.91 -20.94
CA LEU C 342 3.42 0.20 -19.70
C LEU C 342 2.55 -1.04 -19.89
N ASP C 343 2.82 -2.06 -19.09
CA ASP C 343 1.90 -3.17 -19.02
C ASP C 343 0.63 -2.73 -18.28
N ASN C 344 -0.49 -3.22 -18.79
CA ASN C 344 -1.81 -2.77 -18.35
C ASN C 344 -2.10 -3.06 -16.89
N HIS C 345 -1.60 -4.17 -16.39
CA HIS C 345 -1.84 -4.59 -15.02
C HIS C 345 -0.88 -4.00 -14.00
N SER C 346 0.23 -3.40 -14.42
CA SER C 346 1.20 -2.88 -13.47
C SER C 346 0.56 -1.84 -12.57
N SER C 347 0.84 -1.95 -11.26
CA SER C 347 0.17 -1.05 -10.33
C SER C 347 0.56 0.39 -10.60
N GLU C 348 1.80 0.61 -11.05
CA GLU C 348 2.20 1.96 -11.38
C GLU C 348 1.39 2.46 -12.55
N PHE C 349 1.01 1.57 -13.49
CA PHE C 349 0.21 2.06 -14.62
C PHE C 349 -1.10 2.60 -14.10
N ASN C 350 -1.63 1.95 -13.09
CA ASN C 350 -2.89 2.37 -12.51
C ASN C 350 -2.72 3.72 -11.84
N VAL C 351 -1.55 3.92 -11.22
CA VAL C 351 -1.30 5.18 -10.54
C VAL C 351 -1.17 6.30 -11.56
N THR C 352 -0.43 6.07 -12.63
CA THR C 352 -0.30 7.12 -13.65
C THR C 352 -1.65 7.39 -14.29
N ARG C 353 -2.48 6.37 -14.37
CA ARG C 353 -3.80 6.56 -14.96
C ARG C 353 -4.61 7.45 -14.06
N ASN C 354 -4.67 7.10 -12.78
CA ASN C 354 -5.41 7.90 -11.83
C ASN C 354 -4.84 9.32 -11.78
N TYR C 355 -3.52 9.44 -11.93
CA TYR C 355 -2.88 10.75 -11.84
C TYR C 355 -3.26 11.60 -13.03
N LEU C 356 -3.16 11.01 -14.23
CA LEU C 356 -3.55 11.73 -15.42
C LEU C 356 -5.01 12.06 -15.40
N ASP C 357 -5.83 11.20 -14.78
CA ASP C 357 -7.23 11.54 -14.61
C ASP C 357 -7.36 12.76 -13.75
N TRP C 358 -6.64 12.78 -12.63
CA TRP C 358 -6.70 13.92 -11.74
C TRP C 358 -6.22 15.16 -12.46
N LEU C 359 -5.29 14.99 -13.39
CA LEU C 359 -4.73 16.12 -14.13
C LEU C 359 -5.73 16.64 -15.15
N THR C 360 -6.35 15.72 -15.87
CA THR C 360 -7.33 16.11 -16.87
C THR C 360 -8.53 16.73 -16.20
N SER C 361 -8.82 16.29 -14.97
CA SER C 361 -10.00 16.74 -14.27
C SER C 361 -9.91 18.23 -14.01
N ILE C 362 -8.70 18.74 -13.84
CA ILE C 362 -8.51 20.12 -13.40
C ILE C 362 -9.02 21.06 -14.48
N PRO C 363 -9.90 22.02 -14.19
CA PRO C 363 -10.21 23.02 -15.21
C PRO C 363 -8.94 23.82 -15.49
N TRP C 364 -8.77 24.21 -16.73
CA TRP C 364 -7.62 24.99 -17.15
C TRP C 364 -8.23 26.09 -17.99
N GLY C 365 -8.70 27.14 -17.30
CA GLY C 365 -9.26 28.29 -17.97
C GLY C 365 -10.76 28.41 -17.96
N LYS C 366 -11.51 27.38 -17.55
CA LYS C 366 -12.96 27.54 -17.47
C LYS C 366 -13.29 28.68 -16.52
N TYR C 367 -14.16 29.56 -16.97
CA TYR C 367 -14.39 30.83 -16.28
C TYR C 367 -15.89 31.06 -16.19
N SER C 368 -16.46 30.79 -15.03
CA SER C 368 -17.86 31.13 -14.83
C SER C 368 -17.98 32.65 -14.94
N ASN C 369 -18.97 33.14 -15.68
CA ASN C 369 -19.01 34.59 -15.83
C ASN C 369 -19.72 35.11 -14.61
N GLU C 370 -19.29 36.28 -14.16
CA GLU C 370 -19.91 36.95 -13.04
C GLU C 370 -20.88 38.02 -13.50
N ASN C 371 -21.79 38.38 -12.61
CA ASN C 371 -22.40 39.68 -12.72
C ASN C 371 -21.42 40.76 -12.31
N LEU C 372 -21.61 41.93 -12.91
CA LEU C 372 -20.79 43.12 -12.74
C LEU C 372 -21.59 44.39 -12.53
N ASP C 373 -22.90 44.35 -12.72
CA ASP C 373 -23.69 45.50 -12.35
C ASP C 373 -23.64 45.74 -10.87
N LEU C 374 -23.44 47.00 -10.56
CA LEU C 374 -23.40 47.44 -9.19
C LEU C 374 -24.80 47.39 -8.57
N ALA C 375 -25.83 47.71 -9.36
CA ALA C 375 -27.18 47.84 -8.81
C ALA C 375 -27.60 46.52 -8.18
N ARG C 376 -27.49 45.44 -8.95
CA ARG C 376 -27.95 44.14 -8.50
C ARG C 376 -27.12 43.67 -7.32
N ALA C 377 -25.87 44.13 -7.29
CA ALA C 377 -25.05 43.82 -6.15
C ALA C 377 -25.59 44.47 -4.90
N GLN C 378 -26.21 45.67 -5.02
CA GLN C 378 -26.75 46.36 -3.85
C GLN C 378 -27.64 45.40 -3.09
N ALA C 379 -28.72 44.98 -3.75
CA ALA C 379 -29.70 44.08 -3.18
C ALA C 379 -29.01 42.86 -2.59
N VAL C 380 -28.33 42.09 -3.45
CA VAL C 380 -27.83 40.78 -3.00
C VAL C 380 -26.87 40.94 -1.83
N LEU C 381 -26.15 42.07 -1.79
CA LEU C 381 -25.36 42.41 -0.63
C LEU C 381 -26.23 42.68 0.57
N GLU C 382 -27.39 43.28 0.34
CA GLU C 382 -28.27 43.63 1.44
C GLU C 382 -29.04 42.45 1.97
N GLU C 383 -29.03 41.31 1.26
CA GLU C 383 -29.96 40.26 1.61
C GLU C 383 -29.68 39.64 2.97
N ASP C 384 -28.41 39.65 3.42
CA ASP C 384 -28.01 38.83 4.56
C ASP C 384 -27.18 39.57 5.58
N HIS C 385 -26.98 40.88 5.43
CA HIS C 385 -26.20 41.66 6.40
C HIS C 385 -26.58 43.12 6.35
N TYR C 386 -27.17 43.62 7.42
CA TYR C 386 -27.51 45.02 7.46
C TYR C 386 -26.18 45.73 7.70
N GLY C 387 -26.11 46.96 7.21
CA GLY C 387 -25.04 47.87 7.59
C GLY C 387 -23.73 47.33 7.13
N MET C 388 -22.71 47.36 8.02
CA MET C 388 -21.31 46.99 7.75
C MET C 388 -20.91 47.45 6.34
N GLU C 389 -21.28 48.70 6.08
CA GLU C 389 -21.22 49.29 4.75
C GLU C 389 -19.82 49.36 4.20
N ASP C 390 -18.81 49.36 5.03
CA ASP C 390 -17.46 49.48 4.53
C ASP C 390 -17.11 48.27 3.71
N VAL C 391 -17.39 47.10 4.27
CA VAL C 391 -17.06 45.85 3.60
C VAL C 391 -17.87 45.73 2.31
N LYS C 392 -19.11 46.20 2.34
CA LYS C 392 -19.92 46.21 1.14
C LYS C 392 -19.27 47.12 0.12
N LYS C 393 -18.79 48.25 0.60
CA LYS C 393 -18.13 49.24 -0.23
C LYS C 393 -16.89 48.63 -0.86
N ARG C 394 -16.18 47.79 -0.11
CA ARG C 394 -14.98 47.18 -0.68
C ARG C 394 -15.34 46.22 -1.81
N ILE C 395 -16.31 45.35 -1.58
CA ILE C 395 -16.68 44.40 -2.62
C ILE C 395 -17.18 45.16 -3.83
N LEU C 396 -17.86 46.28 -3.55
CA LEU C 396 -18.34 47.14 -4.59
C LEU C 396 -17.19 47.69 -5.39
N GLU C 397 -16.11 48.09 -4.71
CA GLU C 397 -14.93 48.54 -5.45
C GLU C 397 -14.34 47.42 -6.29
N PHE C 398 -14.39 46.20 -5.78
CA PHE C 398 -13.82 45.10 -6.54
C PHE C 398 -14.54 44.97 -7.87
N ILE C 399 -15.87 44.93 -7.81
CA ILE C 399 -16.58 44.84 -9.07
C ILE C 399 -16.38 46.09 -9.89
N ALA C 400 -16.28 47.24 -9.21
CA ALA C 400 -16.16 48.48 -9.96
C ALA C 400 -14.86 48.55 -10.75
N VAL C 401 -13.78 47.98 -10.23
CA VAL C 401 -12.52 48.00 -10.96
C VAL C 401 -12.41 46.85 -11.96
N SER C 402 -12.84 45.63 -11.59
CA SER C 402 -12.74 44.52 -12.52
C SER C 402 -13.61 44.73 -13.75
N GLN C 403 -14.74 45.42 -13.58
CA GLN C 403 -15.67 45.62 -14.68
C GLN C 403 -15.06 46.41 -15.84
N LEU C 404 -14.07 47.27 -15.56
CA LEU C 404 -13.42 48.03 -16.62
C LEU C 404 -12.40 47.17 -17.34
N ARG C 405 -11.41 46.71 -16.57
CA ARG C 405 -10.20 46.12 -17.11
C ARG C 405 -10.39 44.66 -17.47
N GLY C 406 -11.32 44.43 -18.40
CA GLY C 406 -11.48 43.16 -19.05
C GLY C 406 -11.72 42.00 -18.11
N SER C 407 -10.68 41.20 -17.93
CA SER C 407 -10.89 39.90 -17.35
C SER C 407 -11.04 39.97 -15.83
N THR C 408 -11.45 38.83 -15.31
CA THR C 408 -11.64 38.60 -13.90
C THR C 408 -10.31 38.60 -13.18
N GLN C 409 -10.37 38.90 -11.89
CA GLN C 409 -9.15 38.92 -11.11
C GLN C 409 -9.45 38.35 -9.74
N GLY C 410 -8.51 37.65 -9.22
CA GLY C 410 -8.61 37.15 -7.88
C GLY C 410 -8.04 38.18 -6.96
N LYS C 411 -8.29 38.03 -5.68
CA LYS C 411 -7.75 39.01 -4.75
C LYS C 411 -8.05 38.45 -3.38
N ILE C 412 -7.24 38.83 -2.42
CA ILE C 412 -7.38 38.33 -1.07
C ILE C 412 -7.91 39.39 -0.12
N LEU C 413 -8.60 38.96 0.93
CA LEU C 413 -9.12 39.85 1.96
C LEU C 413 -9.28 39.06 3.25
N CYS C 414 -9.30 39.78 4.37
CA CYS C 414 -9.46 39.18 5.69
C CYS C 414 -10.34 40.06 6.55
N PHE C 415 -11.11 39.42 7.43
CA PHE C 415 -12.06 40.04 8.34
C PHE C 415 -11.85 39.68 9.78
N TYR C 416 -12.21 40.60 10.66
CA TYR C 416 -12.07 40.25 12.07
C TYR C 416 -12.97 41.15 12.89
N GLY C 417 -13.44 40.55 13.99
CA GLY C 417 -14.35 41.17 14.92
C GLY C 417 -15.00 40.12 15.82
N PRO C 418 -15.92 40.55 16.67
CA PRO C 418 -16.51 39.64 17.66
C PRO C 418 -17.25 38.48 17.03
N PRO C 419 -17.22 37.30 17.67
CA PRO C 419 -17.84 36.10 17.08
C PRO C 419 -19.35 36.26 16.96
N GLY C 420 -19.91 35.65 15.93
CA GLY C 420 -21.33 35.66 15.70
C GLY C 420 -21.81 36.96 15.12
N VAL C 421 -20.86 37.75 14.64
CA VAL C 421 -21.15 38.99 13.94
C VAL C 421 -21.62 38.72 12.52
N GLY C 422 -21.53 37.47 12.03
CA GLY C 422 -21.89 37.14 10.68
C GLY C 422 -20.72 36.93 9.77
N LYS C 423 -19.47 36.97 10.29
CA LYS C 423 -18.26 36.82 9.50
C LYS C 423 -18.39 35.66 8.52
N THR C 424 -18.48 34.42 9.01
CA THR C 424 -18.54 33.29 8.09
C THR C 424 -19.75 33.42 7.18
N SER C 425 -20.81 34.00 7.71
CA SER C 425 -22.07 34.12 7.01
C SER C 425 -21.90 34.95 5.75
N ILE C 426 -20.99 35.92 5.78
CA ILE C 426 -20.90 36.79 4.63
C ILE C 426 -20.27 36.07 3.47
N ALA C 427 -19.52 34.99 3.77
CA ALA C 427 -18.70 34.34 2.75
C ALA C 427 -19.58 33.91 1.60
N ARG C 428 -20.59 33.08 1.92
CA ARG C 428 -21.48 32.59 0.88
C ARG C 428 -22.22 33.73 0.25
N SER C 429 -22.56 34.76 1.03
CA SER C 429 -23.26 35.88 0.47
C SER C 429 -22.42 36.57 -0.58
N ILE C 430 -21.11 36.63 -0.34
CA ILE C 430 -20.26 37.22 -1.34
C ILE C 430 -20.19 36.30 -2.54
N ALA C 431 -20.25 34.99 -2.31
CA ALA C 431 -20.10 34.06 -3.41
C ALA C 431 -21.26 34.22 -4.36
N ARG C 432 -22.46 34.44 -3.80
CA ARG C 432 -23.63 34.73 -4.62
C ARG C 432 -23.71 36.19 -4.98
N ALA C 433 -22.89 37.03 -4.37
CA ALA C 433 -22.82 38.40 -4.80
C ALA C 433 -21.97 38.45 -6.05
N LEU C 434 -20.72 38.02 -5.89
CA LEU C 434 -19.81 37.99 -7.01
C LEU C 434 -20.20 37.02 -8.09
N ASN C 435 -20.96 35.97 -7.76
CA ASN C 435 -21.34 34.87 -8.63
C ASN C 435 -20.22 33.84 -8.69
N ARG C 436 -19.16 33.95 -7.89
CA ARG C 436 -18.15 32.90 -7.90
C ARG C 436 -18.63 31.64 -7.19
N GLU C 437 -18.05 30.52 -7.61
CA GLU C 437 -18.28 29.25 -6.94
C GLU C 437 -17.67 29.28 -5.56
N TYR C 438 -18.35 28.61 -4.66
CA TYR C 438 -17.99 28.52 -3.26
C TYR C 438 -17.28 27.22 -2.95
N PHE C 439 -16.37 27.30 -1.99
CA PHE C 439 -15.77 26.08 -1.48
C PHE C 439 -15.17 26.43 -0.13
N ARG C 440 -15.82 25.98 0.93
CA ARG C 440 -15.28 26.18 2.24
C ARG C 440 -14.12 25.23 2.46
N PHE C 441 -13.22 25.64 3.31
CA PHE C 441 -12.11 24.74 3.63
C PHE C 441 -11.71 25.16 5.03
N SER C 442 -12.27 24.48 6.02
CA SER C 442 -11.87 24.79 7.36
C SER C 442 -10.44 24.30 7.54
N VAL C 443 -9.68 25.09 8.29
CA VAL C 443 -8.32 24.73 8.65
C VAL C 443 -8.08 25.00 10.13
N GLY C 444 -9.14 25.21 10.91
CA GLY C 444 -8.96 25.42 12.33
C GLY C 444 -8.36 24.17 12.91
N GLY C 445 -7.19 24.27 13.53
CA GLY C 445 -6.62 23.16 14.23
C GLY C 445 -5.94 22.15 13.32
N MET C 446 -5.81 22.44 12.04
CA MET C 446 -5.19 21.52 11.12
C MET C 446 -3.69 21.48 11.38
N THR C 447 -3.06 20.35 11.06
CA THR C 447 -1.60 20.25 11.07
C THR C 447 -1.03 19.52 9.87
N ASP C 448 -1.85 18.91 9.01
CA ASP C 448 -1.40 18.13 7.86
C ASP C 448 -1.11 19.03 6.68
N VAL C 449 0.15 19.44 6.54
CA VAL C 449 0.51 20.22 5.36
C VAL C 449 0.22 19.43 4.09
N ALA C 450 0.24 18.09 4.17
CA ALA C 450 -0.06 17.27 3.02
C ALA C 450 -1.45 17.57 2.48
N GLU C 451 -2.38 17.99 3.36
CA GLU C 451 -3.70 18.37 2.88
C GLU C 451 -3.58 19.56 1.96
N ILE C 452 -2.63 20.45 2.26
CA ILE C 452 -2.40 21.61 1.41
C ILE C 452 -1.54 21.28 0.20
N LYS C 453 -0.88 20.11 0.17
CA LYS C 453 0.04 19.78 -0.93
C LYS C 453 -0.04 18.33 -1.38
N GLY C 454 -0.99 17.55 -0.90
CA GLY C 454 -1.05 16.19 -1.37
C GLY C 454 0.12 15.44 -0.77
N HIS C 455 0.52 14.39 -1.48
CA HIS C 455 1.56 13.47 -1.04
C HIS C 455 2.45 13.21 -2.24
N ARG C 456 3.50 12.39 -2.05
CA ARG C 456 4.58 12.28 -3.03
C ARG C 456 4.11 11.77 -4.39
N ARG C 457 2.97 11.09 -4.46
CA ARG C 457 2.36 10.41 -5.59
C ARG C 457 3.04 9.08 -5.88
N THR C 458 4.20 8.78 -5.31
CA THR C 458 4.76 7.45 -5.38
C THR C 458 4.29 6.59 -4.22
N TYR C 459 3.70 7.20 -3.21
CA TYR C 459 3.12 6.44 -2.13
C TYR C 459 1.80 5.84 -2.57
N VAL C 460 1.46 4.71 -1.97
CA VAL C 460 0.20 4.08 -2.26
C VAL C 460 -0.94 4.98 -1.80
N GLY C 461 -1.96 5.12 -2.64
CA GLY C 461 -3.17 5.83 -2.29
C GLY C 461 -3.09 7.34 -2.30
N ALA C 462 -2.05 7.91 -2.87
CA ALA C 462 -1.90 9.36 -2.87
C ALA C 462 -3.00 10.01 -3.70
N MET C 463 -3.49 11.15 -3.22
CA MET C 463 -4.45 11.95 -3.96
C MET C 463 -4.06 13.40 -3.70
N PRO C 464 -4.35 14.30 -4.62
CA PRO C 464 -3.85 15.67 -4.47
C PRO C 464 -4.48 16.36 -3.28
N GLY C 465 -3.73 17.32 -2.72
CA GLY C 465 -4.17 18.13 -1.61
C GLY C 465 -5.52 18.78 -1.82
N LYS C 466 -6.09 19.34 -0.74
CA LYS C 466 -7.49 19.72 -0.73
C LYS C 466 -7.79 20.76 -1.80
N ILE C 467 -6.81 21.64 -2.04
CA ILE C 467 -7.11 22.79 -2.87
C ILE C 467 -7.46 22.29 -4.25
N ILE C 468 -6.69 21.32 -4.74
CA ILE C 468 -6.93 20.86 -6.10
C ILE C 468 -8.31 20.22 -6.17
N GLN C 469 -8.73 19.61 -5.05
CA GLN C 469 -10.01 18.93 -5.01
C GLN C 469 -11.12 19.94 -5.20
N CYS C 470 -10.90 21.18 -4.73
CA CYS C 470 -11.94 22.18 -4.95
C CYS C 470 -12.11 22.50 -6.42
N LEU C 471 -11.02 22.48 -7.19
CA LEU C 471 -11.14 22.70 -8.62
C LEU C 471 -11.83 21.55 -9.30
N LYS C 472 -11.56 20.34 -8.83
CA LYS C 472 -12.25 19.20 -9.41
C LYS C 472 -13.73 19.31 -9.12
N LYS C 473 -14.08 19.88 -7.96
CA LYS C 473 -15.47 19.91 -7.55
C LYS C 473 -16.20 21.08 -8.17
N THR C 474 -15.63 22.27 -8.08
CA THR C 474 -16.30 23.44 -8.64
C THR C 474 -16.17 23.50 -10.13
N LYS C 475 -15.21 22.78 -10.73
CA LYS C 475 -15.05 22.63 -12.18
C LYS C 475 -14.72 23.93 -12.94
N THR C 476 -14.60 25.06 -12.24
CA THR C 476 -14.20 26.34 -12.78
C THR C 476 -12.73 26.55 -12.49
N GLU C 477 -12.14 27.39 -13.32
CA GLU C 477 -10.77 27.81 -13.07
C GLU C 477 -10.72 28.91 -12.03
N ASN C 478 -11.84 29.56 -11.73
CA ASN C 478 -11.86 30.75 -10.87
C ASN C 478 -12.98 30.72 -9.83
N PRO C 479 -12.87 29.82 -8.84
CA PRO C 479 -13.86 29.78 -7.76
C PRO C 479 -13.54 30.79 -6.65
N LEU C 480 -14.31 30.72 -5.56
CA LEU C 480 -14.17 31.56 -4.37
C LEU C 480 -13.82 30.69 -3.17
N ILE C 481 -12.53 30.45 -2.94
CA ILE C 481 -12.15 29.68 -1.76
C ILE C 481 -12.49 30.41 -0.49
N LEU C 482 -12.86 29.62 0.53
CA LEU C 482 -13.19 30.13 1.85
C LEU C 482 -12.37 29.32 2.84
N ILE C 483 -11.13 29.73 3.05
CA ILE C 483 -10.35 29.21 4.15
C ILE C 483 -11.04 29.64 5.43
N ASP C 484 -11.15 28.76 6.44
CA ASP C 484 -11.86 29.08 7.68
C ASP C 484 -10.92 29.07 8.87
N GLU C 485 -11.15 30.01 9.78
CA GLU C 485 -10.56 30.05 11.12
C GLU C 485 -9.05 29.90 11.15
N VAL C 486 -8.38 30.74 10.38
CA VAL C 486 -6.92 30.72 10.34
C VAL C 486 -6.33 30.96 11.71
N ASP C 487 -7.00 31.73 12.57
CA ASP C 487 -6.43 32.08 13.86
C ASP C 487 -6.20 30.83 14.70
N LYS C 488 -7.01 29.80 14.47
CA LYS C 488 -7.04 28.58 15.24
C LYS C 488 -6.38 27.47 14.46
N ILE C 489 -5.59 27.83 13.44
CA ILE C 489 -4.88 26.84 12.65
C ILE C 489 -4.04 26.03 13.61
N GLY C 490 -4.04 24.72 13.43
CA GLY C 490 -3.27 23.93 14.37
C GLY C 490 -1.83 24.24 14.13
N ARG C 491 -1.31 25.06 15.03
CA ARG C 491 0.07 25.49 14.98
C ARG C 491 0.67 24.73 16.15
N GLY C 492 1.00 23.47 15.86
CA GLY C 492 1.53 22.56 16.83
C GLY C 492 2.96 22.17 16.52
N TYR C 493 3.49 21.37 17.43
CA TYR C 493 4.79 20.76 17.24
C TYR C 493 4.82 19.80 16.06
N GLN C 494 3.66 19.27 15.66
CA GLN C 494 3.56 18.28 14.59
C GLN C 494 3.67 18.87 13.18
N GLY C 495 4.14 20.10 13.00
CA GLY C 495 4.35 20.67 11.69
C GLY C 495 3.27 21.67 11.38
N ASP C 496 3.62 22.95 11.32
CA ASP C 496 2.60 23.97 11.16
C ASP C 496 2.42 24.12 9.65
N PRO C 497 1.25 23.79 9.09
CA PRO C 497 0.99 24.14 7.68
C PRO C 497 1.05 25.64 7.41
N SER C 498 0.70 26.49 8.38
CA SER C 498 0.58 27.92 8.12
C SER C 498 1.88 28.53 7.60
N SER C 499 3.03 27.99 7.99
CA SER C 499 4.23 28.41 7.29
C SER C 499 4.18 27.96 5.84
N ALA C 500 3.59 26.80 5.57
CA ALA C 500 3.56 26.31 4.19
C ALA C 500 2.64 27.20 3.37
N LEU C 501 1.63 27.80 4.02
CA LEU C 501 0.64 28.61 3.35
C LEU C 501 1.23 29.87 2.73
N LEU C 502 2.38 30.33 3.21
CA LEU C 502 2.91 31.60 2.73
C LEU C 502 3.13 31.54 1.22
N GLU C 503 3.49 30.35 0.71
CA GLU C 503 3.66 30.22 -0.73
C GLU C 503 2.32 30.36 -1.42
N LEU C 504 1.24 29.96 -0.75
CA LEU C 504 -0.09 30.13 -1.32
C LEU C 504 -0.42 31.60 -1.37
N LEU C 505 -0.20 32.29 -0.28
CA LEU C 505 -0.80 33.58 -0.07
C LEU C 505 0.03 34.69 -0.68
N ASP C 506 1.20 34.38 -1.22
CA ASP C 506 2.00 35.41 -1.84
C ASP C 506 1.20 35.87 -3.05
N PRO C 507 0.84 37.15 -3.16
CA PRO C 507 -0.04 37.58 -4.26
C PRO C 507 0.51 37.31 -5.65
N GLU C 508 1.83 37.40 -5.80
CA GLU C 508 2.47 37.22 -7.10
C GLU C 508 2.88 35.78 -7.39
N GLN C 509 3.35 35.05 -6.39
CA GLN C 509 3.92 33.73 -6.61
C GLN C 509 2.90 32.62 -6.65
N ASN C 510 1.61 32.93 -6.38
CA ASN C 510 0.61 31.89 -6.52
C ASN C 510 0.51 31.46 -7.98
N ALA C 511 0.90 32.34 -8.92
CA ALA C 511 0.65 32.10 -10.32
C ALA C 511 1.35 30.82 -10.75
N ASN C 512 2.41 30.40 -10.02
CA ASN C 512 3.15 29.17 -10.29
C ASN C 512 3.21 28.31 -9.03
N PHE C 513 2.08 28.12 -8.36
CA PHE C 513 2.04 27.24 -7.19
C PHE C 513 2.29 25.79 -7.60
N LEU C 514 2.98 25.02 -6.76
CA LEU C 514 3.15 23.60 -7.01
C LEU C 514 3.03 22.87 -5.68
N ASP C 515 2.61 21.62 -5.80
CA ASP C 515 2.32 20.74 -4.69
C ASP C 515 2.92 19.39 -4.98
N HIS C 516 3.22 18.64 -3.92
CA HIS C 516 4.11 17.49 -4.03
C HIS C 516 3.53 16.45 -4.95
N TYR C 517 2.20 16.34 -4.98
CA TYR C 517 1.54 15.32 -5.78
C TYR C 517 1.86 15.58 -7.25
N LEU C 518 1.25 16.63 -7.81
CA LEU C 518 1.42 16.98 -9.22
C LEU C 518 2.38 18.16 -9.33
N ASP C 519 3.57 17.90 -9.86
CA ASP C 519 4.68 18.84 -9.77
C ASP C 519 4.41 20.18 -10.47
N VAL C 520 3.57 20.15 -11.51
CA VAL C 520 3.46 21.26 -12.47
C VAL C 520 2.94 22.52 -11.78
N PRO C 521 3.47 23.73 -12.06
CA PRO C 521 2.97 24.90 -11.36
C PRO C 521 1.50 25.14 -11.69
N VAL C 522 0.74 25.58 -10.70
CA VAL C 522 -0.63 25.99 -10.87
C VAL C 522 -0.64 27.51 -10.87
N ASP C 523 -1.76 28.09 -11.32
CA ASP C 523 -1.96 29.53 -11.40
C ASP C 523 -3.30 29.83 -10.72
N LEU C 524 -3.25 30.25 -9.48
CA LEU C 524 -4.46 30.46 -8.69
C LEU C 524 -4.99 31.86 -8.85
N SER C 525 -4.46 32.61 -9.83
CA SER C 525 -4.54 34.07 -9.81
C SER C 525 -5.98 34.57 -9.76
N LYS C 526 -6.93 33.82 -10.32
CA LYS C 526 -8.31 34.28 -10.32
C LYS C 526 -9.00 34.00 -9.00
N VAL C 527 -8.41 33.19 -8.12
CA VAL C 527 -9.10 32.81 -6.89
C VAL C 527 -9.25 34.06 -6.03
N LEU C 528 -10.30 34.06 -5.21
CA LEU C 528 -10.59 35.15 -4.30
C LEU C 528 -10.44 34.53 -2.93
N PHE C 529 -9.24 34.63 -2.38
CA PHE C 529 -8.99 34.03 -1.08
C PHE C 529 -9.70 34.84 -0.01
N ILE C 530 -10.06 34.18 1.10
CA ILE C 530 -10.64 34.83 2.27
C ILE C 530 -10.18 34.13 3.53
N CYS C 531 -10.04 34.88 4.62
CA CYS C 531 -9.61 34.32 5.90
C CYS C 531 -10.39 35.05 6.98
N THR C 532 -10.74 34.31 8.03
CA THR C 532 -11.68 34.74 9.08
C THR C 532 -11.12 34.45 10.46
N ALA C 533 -10.98 35.49 11.27
CA ALA C 533 -10.48 35.35 12.62
C ALA C 533 -11.16 36.34 13.55
N ASN C 534 -11.55 35.88 14.75
CA ASN C 534 -12.25 36.79 15.65
C ASN C 534 -11.32 37.88 16.16
N VAL C 535 -10.02 37.60 16.22
CA VAL C 535 -9.02 38.54 16.70
C VAL C 535 -7.80 38.39 15.82
N THR C 536 -7.22 39.53 15.43
CA THR C 536 -6.12 39.53 14.48
C THR C 536 -4.78 39.28 15.14
N ASP C 537 -4.72 39.26 16.46
CA ASP C 537 -3.41 39.29 17.07
C ASP C 537 -2.77 37.91 17.12
N THR C 538 -3.56 36.85 17.33
CA THR C 538 -2.96 35.52 17.43
C THR C 538 -2.31 35.10 16.12
N ILE C 539 -2.80 35.63 15.00
CA ILE C 539 -2.25 35.25 13.70
C ILE C 539 -0.84 35.81 13.60
N PRO C 540 0.17 35.04 13.14
CA PRO C 540 1.53 35.59 13.09
C PRO C 540 1.67 36.78 12.16
N GLU C 541 2.55 37.68 12.57
CA GLU C 541 2.72 38.97 11.89
C GLU C 541 3.01 38.80 10.40
N PRO C 542 3.97 37.97 9.95
CA PRO C 542 4.22 37.87 8.51
C PRO C 542 2.99 37.43 7.77
N LEU C 543 2.19 36.57 8.39
CA LEU C 543 0.97 36.12 7.74
C LEU C 543 -0.10 37.20 7.77
N ARG C 544 -0.22 37.90 8.88
CA ARG C 544 -1.21 38.95 9.02
C ARG C 544 -1.01 40.06 8.00
N ASP C 545 0.23 40.33 7.64
CA ASP C 545 0.52 41.47 6.79
C ASP C 545 0.09 41.31 5.34
N ARG C 546 -0.10 40.10 4.85
CA ARG C 546 -0.39 39.96 3.42
C ARG C 546 -1.81 40.41 3.12
N MET C 547 -2.76 39.90 3.86
CA MET C 547 -4.16 40.06 3.56
C MET C 547 -4.59 41.48 3.90
N GLU C 548 -5.65 41.96 3.24
CA GLU C 548 -6.22 43.21 3.70
C GLU C 548 -6.92 42.89 5.00
N MET C 549 -6.81 43.83 5.94
CA MET C 549 -7.30 43.62 7.28
C MET C 549 -8.53 44.48 7.53
N ILE C 550 -9.67 43.98 7.10
CA ILE C 550 -10.94 44.61 7.44
C ILE C 550 -11.34 44.27 8.88
N ASN C 551 -12.06 45.19 9.50
CA ASN C 551 -12.34 45.05 10.92
C ASN C 551 -13.85 45.20 11.01
N VAL C 552 -14.55 44.07 11.02
CA VAL C 552 -15.95 44.13 11.44
C VAL C 552 -16.00 44.40 12.94
N SER C 553 -17.03 45.09 13.36
CA SER C 553 -17.25 45.54 14.74
C SER C 553 -18.29 44.66 15.44
N GLY C 554 -18.73 45.08 16.61
CA GLY C 554 -19.81 44.42 17.29
C GLY C 554 -21.13 44.94 16.71
N TYR C 555 -22.12 45.27 17.54
CA TYR C 555 -23.35 45.87 17.06
C TYR C 555 -23.97 46.75 18.13
N VAL C 556 -24.46 47.93 17.72
CA VAL C 556 -25.04 48.87 18.66
C VAL C 556 -26.36 48.35 19.20
N ALA C 557 -26.66 48.71 20.45
CA ALA C 557 -27.87 48.25 21.11
C ALA C 557 -29.10 48.62 20.30
N GLN C 558 -29.19 49.88 19.90
CA GLN C 558 -30.29 50.29 19.07
C GLN C 558 -30.24 49.60 17.73
N GLU C 559 -29.04 49.33 17.23
CA GLU C 559 -28.95 48.80 15.88
C GLU C 559 -29.60 47.42 15.83
N LYS C 560 -29.46 46.68 16.93
CA LYS C 560 -30.03 45.36 17.04
C LYS C 560 -31.54 45.37 16.93
N LEU C 561 -32.18 46.47 17.33
CA LEU C 561 -33.63 46.55 17.15
C LEU C 561 -33.97 46.47 15.68
N ALA C 562 -33.29 47.27 14.86
CA ALA C 562 -33.52 47.27 13.42
C ALA C 562 -33.14 45.95 12.81
N ILE C 563 -32.19 45.26 13.43
CA ILE C 563 -31.87 43.91 12.98
C ILE C 563 -33.08 43.05 13.20
N ALA C 564 -33.45 42.89 14.47
CA ALA C 564 -34.39 41.86 14.83
C ALA C 564 -35.74 42.10 14.19
N GLU C 565 -36.08 43.35 13.91
CA GLU C 565 -37.36 43.60 13.30
C GLU C 565 -37.42 43.10 11.87
N ARG C 566 -36.27 42.95 11.20
CA ARG C 566 -36.25 42.56 9.80
C ARG C 566 -35.52 41.25 9.60
N TYR C 567 -34.26 41.14 9.99
CA TYR C 567 -33.47 40.01 9.56
C TYR C 567 -33.54 38.81 10.50
N LEU C 568 -34.18 38.94 11.67
CA LEU C 568 -34.13 37.90 12.69
C LEU C 568 -35.50 37.33 13.00
N VAL C 569 -36.46 38.18 13.43
CA VAL C 569 -37.79 37.69 13.76
C VAL C 569 -38.41 36.92 12.60
N PRO C 570 -38.46 37.46 11.37
CA PRO C 570 -39.03 36.69 10.25
C PRO C 570 -38.33 35.38 10.00
N GLN C 571 -37.01 35.34 10.22
CA GLN C 571 -36.30 34.11 9.97
C GLN C 571 -36.75 33.01 10.92
N ALA C 572 -36.72 33.28 12.22
CA ALA C 572 -37.19 32.27 13.13
C ALA C 572 -38.66 31.99 12.90
N ARG C 573 -39.41 32.99 12.45
CA ARG C 573 -40.82 32.80 12.15
C ARG C 573 -41.01 31.84 11.00
N ALA C 574 -40.09 31.88 10.05
CA ALA C 574 -40.06 30.92 8.96
C ALA C 574 -39.48 29.59 9.39
N LEU C 575 -38.74 29.56 10.49
CA LEU C 575 -38.26 28.26 10.91
C LEU C 575 -39.39 27.54 11.61
N CYS C 576 -40.17 28.27 12.42
CA CYS C 576 -41.33 27.67 13.02
C CYS C 576 -42.52 27.70 12.10
N GLY C 577 -42.41 28.40 10.97
CA GLY C 577 -43.49 28.38 10.03
C GLY C 577 -44.67 29.24 10.40
N LEU C 578 -44.57 30.10 11.41
CA LEU C 578 -45.72 30.91 11.80
C LEU C 578 -45.81 32.18 10.99
N ASP C 579 -46.95 32.80 11.11
CA ASP C 579 -47.29 34.13 10.66
C ASP C 579 -47.68 34.98 11.84
N GLU C 580 -47.57 36.32 11.66
CA GLU C 580 -47.97 37.22 12.74
C GLU C 580 -49.42 37.02 13.09
N SER C 581 -50.25 36.44 12.17
CA SER C 581 -51.67 36.26 12.45
C SER C 581 -51.81 35.43 13.71
N LYS C 582 -50.83 34.54 13.97
CA LYS C 582 -50.85 33.69 15.12
C LYS C 582 -49.66 34.02 16.00
N ALA C 583 -48.69 34.83 15.53
CA ALA C 583 -47.43 35.10 16.24
C ALA C 583 -46.90 36.54 16.13
N LYS C 584 -47.70 37.58 16.37
CA LYS C 584 -47.15 38.94 16.25
C LYS C 584 -46.02 39.20 17.24
N LEU C 585 -45.00 39.95 16.81
CA LEU C 585 -43.98 40.46 17.73
C LEU C 585 -43.63 41.91 17.38
N SER C 586 -44.23 42.83 18.13
CA SER C 586 -43.97 44.26 18.05
C SER C 586 -42.49 44.61 18.20
N SER C 587 -42.11 45.82 17.79
CA SER C 587 -40.77 46.33 18.08
C SER C 587 -40.56 46.58 19.57
N ASP C 588 -41.60 47.03 20.29
CA ASP C 588 -41.37 47.41 21.68
C ASP C 588 -41.01 46.18 22.53
N VAL C 589 -41.63 45.05 22.22
CA VAL C 589 -41.31 43.83 22.93
C VAL C 589 -39.86 43.45 22.68
N LEU C 590 -39.40 43.72 21.47
CA LEU C 590 -38.02 43.40 21.13
C LEU C 590 -37.06 44.31 21.88
N THR C 591 -37.37 45.62 21.95
CA THR C 591 -36.47 46.47 22.70
C THR C 591 -36.45 46.06 24.15
N LEU C 592 -37.59 45.62 24.68
CA LEU C 592 -37.61 45.14 26.06
C LEU C 592 -36.73 43.93 26.24
N LEU C 593 -36.80 42.97 25.30
CA LEU C 593 -35.95 41.79 25.32
C LEU C 593 -34.51 42.21 25.47
N ILE C 594 -34.00 42.93 24.47
CA ILE C 594 -32.57 43.23 24.46
C ILE C 594 -32.22 44.07 25.67
N LYS C 595 -33.17 44.89 26.12
CA LYS C 595 -32.96 45.70 27.29
C LYS C 595 -32.75 44.86 28.51
N GLN C 596 -33.38 43.68 28.57
CA GLN C 596 -33.28 42.89 29.78
C GLN C 596 -32.48 41.62 29.54
N TYR C 597 -32.92 40.77 28.61
CA TYR C 597 -32.43 39.41 28.66
C TYR C 597 -31.18 39.15 27.83
N CYS C 598 -30.70 40.12 27.03
CA CYS C 598 -29.56 39.83 26.15
C CYS C 598 -28.85 41.10 25.71
N ARG C 599 -27.70 41.39 26.33
CA ARG C 599 -26.84 42.52 25.98
C ARG C 599 -25.50 41.91 25.55
N GLU C 600 -25.42 41.53 24.27
CA GLU C 600 -24.24 40.89 23.72
C GLU C 600 -24.05 41.32 22.29
N SER C 601 -22.79 41.61 21.91
CA SER C 601 -22.53 42.16 20.59
C SER C 601 -23.01 41.21 19.51
N GLY C 602 -22.92 39.89 19.74
CA GLY C 602 -23.50 38.95 18.82
C GLY C 602 -24.99 38.95 19.00
N VAL C 603 -25.71 38.47 17.98
CA VAL C 603 -27.16 38.39 18.04
C VAL C 603 -27.66 36.96 18.36
N ARG C 604 -26.76 35.99 18.49
CA ARG C 604 -27.16 34.59 18.66
C ARG C 604 -27.99 34.40 19.92
N ASN C 605 -27.66 35.14 20.97
CA ASN C 605 -28.34 34.90 22.23
C ASN C 605 -29.75 35.41 22.17
N LEU C 606 -29.95 36.58 21.60
CA LEU C 606 -31.30 37.04 21.36
C LEU C 606 -32.04 36.05 20.48
N GLN C 607 -31.32 35.41 19.56
CA GLN C 607 -31.92 34.39 18.73
C GLN C 607 -32.38 33.22 19.57
N LYS C 608 -31.66 32.95 20.66
CA LYS C 608 -32.10 31.92 21.57
C LYS C 608 -33.35 32.38 22.28
N GLN C 609 -33.37 33.64 22.73
CA GLN C 609 -34.52 34.14 23.50
C GLN C 609 -35.76 33.96 22.65
N VAL C 610 -35.75 34.62 21.50
CA VAL C 610 -36.92 34.69 20.65
C VAL C 610 -37.34 33.31 20.22
N GLU C 611 -36.36 32.41 20.01
CA GLU C 611 -36.67 31.02 19.71
C GLU C 611 -37.53 30.44 20.81
N LYS C 612 -37.03 30.51 22.04
CA LYS C 612 -37.73 29.91 23.17
C LYS C 612 -39.14 30.45 23.25
N VAL C 613 -39.26 31.77 23.14
CA VAL C 613 -40.54 32.43 23.23
C VAL C 613 -41.49 31.94 22.16
N LEU C 614 -40.98 31.87 20.94
CA LEU C 614 -41.82 31.52 19.81
C LEU C 614 -42.31 30.10 19.94
N ARG C 615 -41.38 29.19 20.12
CA ARG C 615 -41.71 27.80 20.16
C ARG C 615 -42.57 27.47 21.38
N LYS C 616 -42.37 28.17 22.49
CA LYS C 616 -43.25 27.96 23.63
C LYS C 616 -44.66 28.38 23.28
N SER C 617 -44.78 29.48 22.55
CA SER C 617 -46.10 29.85 22.09
C SER C 617 -46.65 28.79 21.17
N ALA C 618 -45.77 28.20 20.36
CA ALA C 618 -46.19 27.16 19.43
C ALA C 618 -46.73 25.98 20.17
N TYR C 619 -46.12 25.64 21.29
CA TYR C 619 -46.67 24.57 22.08
C TYR C 619 -48.04 24.93 22.60
N LYS C 620 -48.23 26.20 22.96
CA LYS C 620 -49.57 26.59 23.36
C LYS C 620 -50.55 26.56 22.21
N ILE C 621 -50.07 26.67 20.99
CA ILE C 621 -50.95 26.65 19.82
C ILE C 621 -51.30 25.21 19.44
N VAL C 622 -50.28 24.42 19.10
CA VAL C 622 -50.46 23.19 18.32
C VAL C 622 -51.34 22.21 19.05
N SER C 623 -51.31 22.24 20.37
CA SER C 623 -52.13 21.39 21.21
C SER C 623 -52.96 22.20 22.19
N GLY C 624 -52.48 23.36 22.63
CA GLY C 624 -53.17 24.09 23.66
C GLY C 624 -54.50 24.64 23.18
N GLU C 625 -55.00 25.67 23.85
CA GLU C 625 -56.36 26.11 23.57
C GLU C 625 -56.35 27.20 22.50
N ALA C 626 -55.71 28.34 22.79
CA ALA C 626 -55.81 29.51 21.94
C ALA C 626 -55.21 29.23 20.56
N GLU C 627 -55.87 29.73 19.52
CA GLU C 627 -55.26 29.77 18.19
C GLU C 627 -54.36 30.98 18.01
N SER C 628 -54.39 31.95 18.94
CA SER C 628 -53.55 33.12 18.78
C SER C 628 -53.21 33.71 20.16
N VAL C 629 -52.06 33.28 20.67
CA VAL C 629 -51.51 33.82 21.90
C VAL C 629 -51.19 35.26 21.58
N GLU C 630 -51.32 36.14 22.55
CA GLU C 630 -51.09 37.56 22.35
C GLU C 630 -50.08 37.95 23.41
N VAL C 631 -48.82 37.95 22.98
CA VAL C 631 -47.71 38.29 23.84
C VAL C 631 -47.77 39.76 24.17
N THR C 632 -47.52 40.07 25.43
CA THR C 632 -47.32 41.41 25.96
C THR C 632 -46.10 41.40 26.87
N PRO C 633 -45.41 42.53 27.02
CA PRO C 633 -44.19 42.52 27.85
C PRO C 633 -44.46 42.04 29.26
N GLU C 634 -45.61 42.41 29.80
CA GLU C 634 -46.01 41.86 31.09
C GLU C 634 -46.18 40.35 30.97
N ASN C 635 -46.64 39.87 29.82
CA ASN C 635 -46.77 38.43 29.64
C ASN C 635 -45.43 37.73 29.62
N LEU C 636 -44.37 38.43 29.21
CA LEU C 636 -43.17 37.77 28.71
C LEU C 636 -42.52 36.85 29.72
N GLN C 637 -42.48 37.29 30.98
CA GLN C 637 -41.76 36.55 32.01
C GLN C 637 -42.32 35.16 32.21
N ASP C 638 -43.59 34.95 31.86
CA ASP C 638 -44.16 33.62 31.84
C ASP C 638 -43.24 32.83 30.93
N PHE C 639 -43.21 33.17 29.63
CA PHE C 639 -42.52 32.29 28.69
C PHE C 639 -41.06 32.17 29.02
N VAL C 640 -40.38 33.30 29.12
CA VAL C 640 -38.93 33.30 29.21
C VAL C 640 -38.44 33.51 30.63
N GLY C 641 -39.31 33.46 31.61
CA GLY C 641 -38.85 33.52 32.98
C GLY C 641 -38.55 34.93 33.43
N LYS C 642 -37.91 34.96 34.56
CA LYS C 642 -37.63 36.18 35.28
C LYS C 642 -36.50 36.94 34.58
N PRO C 643 -36.44 38.27 34.72
CA PRO C 643 -35.33 39.00 34.09
C PRO C 643 -33.99 38.53 34.63
N VAL C 644 -33.02 38.55 33.73
CA VAL C 644 -31.69 38.07 34.03
C VAL C 644 -30.90 39.30 34.43
N PHE C 645 -30.71 40.22 33.49
CA PHE C 645 -29.89 41.39 33.74
C PHE C 645 -30.80 42.43 34.36
N THR C 646 -30.26 43.18 35.30
CA THR C 646 -30.92 44.38 35.79
C THR C 646 -29.79 45.32 36.14
N VAL C 647 -29.39 46.12 35.17
CA VAL C 647 -28.06 46.69 35.19
C VAL C 647 -28.08 48.02 35.94
N GLU C 648 -29.17 48.31 36.68
CA GLU C 648 -29.28 49.57 37.40
C GLU C 648 -28.10 49.74 38.35
N ARG C 649 -27.60 50.97 38.43
CA ARG C 649 -26.43 51.24 39.25
C ARG C 649 -26.71 50.89 40.70
N MET C 650 -25.74 50.20 41.28
CA MET C 650 -25.81 49.67 42.63
C MET C 650 -26.00 50.78 43.64
N TYR C 651 -24.99 51.62 43.75
CA TYR C 651 -25.08 52.72 44.70
C TYR C 651 -26.05 53.74 44.16
N ASP C 652 -26.65 54.51 45.06
CA ASP C 652 -27.51 55.61 44.67
C ASP C 652 -27.05 56.92 45.25
N VAL C 653 -26.70 56.94 46.55
CA VAL C 653 -26.06 58.12 47.11
C VAL C 653 -24.56 58.12 46.80
N THR C 654 -23.98 56.96 46.42
CA THR C 654 -22.55 56.82 46.13
C THR C 654 -21.71 57.38 47.29
N PRO C 655 -21.61 56.67 48.41
CA PRO C 655 -20.90 57.22 49.57
C PRO C 655 -19.43 57.45 49.27
N PRO C 656 -18.80 58.53 49.89
CA PRO C 656 -17.46 59.02 49.51
C PRO C 656 -16.41 57.97 49.23
N GLY C 657 -15.53 58.22 48.27
CA GLY C 657 -14.51 57.23 47.99
C GLY C 657 -14.96 56.06 47.17
N VAL C 658 -16.05 56.18 46.42
CA VAL C 658 -16.44 55.18 45.43
C VAL C 658 -16.71 55.97 44.17
N VAL C 659 -16.17 55.51 43.04
CA VAL C 659 -16.29 56.27 41.80
C VAL C 659 -16.66 55.32 40.67
N MET C 660 -17.44 55.84 39.75
CA MET C 660 -17.85 55.12 38.56
C MET C 660 -16.68 55.04 37.58
N GLY C 661 -16.68 54.00 36.74
CA GLY C 661 -15.61 53.84 35.75
C GLY C 661 -15.93 53.02 34.52
N LEU C 662 -15.60 53.58 33.36
CA LEU C 662 -15.80 52.85 32.11
C LEU C 662 -14.74 51.78 31.94
N ALA C 663 -15.14 50.71 31.26
CA ALA C 663 -14.27 49.57 31.04
C ALA C 663 -14.64 48.97 29.69
N TRP C 664 -13.65 48.78 28.81
CA TRP C 664 -13.92 48.25 27.48
C TRP C 664 -13.89 46.73 27.50
N THR C 665 -14.92 46.13 28.10
CA THR C 665 -14.94 44.66 28.18
C THR C 665 -14.96 44.05 26.77
N ALA C 666 -14.81 42.73 26.72
CA ALA C 666 -14.77 42.03 25.43
C ALA C 666 -16.06 42.22 24.63
N MET C 667 -17.18 42.49 25.30
CA MET C 667 -18.46 42.73 24.63
C MET C 667 -19.10 43.90 25.35
N GLY C 668 -19.23 45.00 24.66
CA GLY C 668 -19.78 46.14 25.33
C GLY C 668 -18.80 46.75 26.33
N GLY C 669 -19.41 47.48 27.25
CA GLY C 669 -18.70 48.16 28.30
C GLY C 669 -19.59 48.11 29.53
N SER C 670 -18.97 48.14 30.71
CA SER C 670 -19.74 47.99 31.94
C SER C 670 -19.23 48.95 33.00
N THR C 671 -20.18 49.46 33.81
CA THR C 671 -19.87 50.46 34.80
C THR C 671 -19.56 49.82 36.14
N LEU C 672 -18.44 49.14 36.16
CA LEU C 672 -17.99 48.59 37.41
C LEU C 672 -17.63 49.77 38.29
N PHE C 673 -18.04 49.73 39.55
CA PHE C 673 -17.62 50.76 40.47
C PHE C 673 -16.21 50.42 40.92
N VAL C 674 -15.46 51.43 41.33
CA VAL C 674 -14.15 51.26 41.95
C VAL C 674 -14.23 51.75 43.38
N GLU C 675 -13.56 51.02 44.29
CA GLU C 675 -13.69 51.26 45.72
C GLU C 675 -12.34 51.27 46.42
N THR C 676 -12.32 51.97 47.57
CA THR C 676 -11.14 52.17 48.39
C THR C 676 -11.60 52.38 49.82
N SER C 677 -10.68 52.22 50.77
CA SER C 677 -11.07 52.51 52.15
C SER C 677 -9.85 52.57 53.05
N LEU C 678 -10.07 53.19 54.20
CA LEU C 678 -9.08 53.21 55.26
C LEU C 678 -8.87 51.79 55.74
N ARG C 679 -7.66 51.51 56.23
CA ARG C 679 -7.35 50.19 56.77
C ARG C 679 -6.78 50.22 58.19
N ARG C 680 -6.58 51.40 58.79
CA ARG C 680 -6.03 51.48 60.15
C ARG C 680 -6.41 52.82 60.74
N PRO C 681 -6.39 52.96 62.07
CA PRO C 681 -6.57 54.31 62.65
C PRO C 681 -5.47 55.26 62.23
N GLN C 682 -5.85 56.52 62.03
CA GLN C 682 -4.93 57.43 61.34
C GLN C 682 -3.92 58.03 62.31
N ASP C 683 -4.39 58.49 63.49
CA ASP C 683 -3.53 59.22 64.43
C ASP C 683 -2.79 58.25 65.36
N LYS C 684 -2.04 57.32 64.78
CA LYS C 684 -1.29 56.39 65.63
C LYS C 684 -0.19 57.11 66.40
N ASP C 685 0.35 58.20 65.85
CA ASP C 685 1.38 59.03 66.47
C ASP C 685 1.46 60.37 65.76
N ALA C 686 1.31 61.47 66.51
CA ALA C 686 1.39 62.82 65.97
C ALA C 686 2.74 63.16 65.33
N LYS C 687 3.83 62.57 65.82
CA LYS C 687 5.15 62.73 65.20
C LYS C 687 5.45 61.69 64.12
N GLY C 688 4.54 60.77 63.85
CA GLY C 688 4.85 59.62 63.01
C GLY C 688 5.28 60.03 61.61
N ASP C 689 6.30 59.34 61.08
CA ASP C 689 6.82 59.58 59.73
C ASP C 689 6.86 58.27 58.95
N LYS C 690 5.71 57.90 58.36
CA LYS C 690 5.59 56.70 57.53
C LYS C 690 4.87 57.02 56.23
N ASP C 691 5.38 56.49 55.12
CA ASP C 691 4.75 56.72 53.81
C ASP C 691 3.34 56.15 53.81
N GLY C 692 2.38 56.93 53.31
CA GLY C 692 1.01 56.44 53.30
C GLY C 692 0.75 55.34 52.29
N SER C 693 1.31 54.16 52.55
CA SER C 693 1.35 53.10 51.56
C SER C 693 -0.06 52.72 51.13
N LEU C 694 -0.24 52.61 49.83
CA LEU C 694 -1.43 52.10 49.21
C LEU C 694 -1.36 50.58 49.16
N GLU C 695 -2.52 49.95 48.98
CA GLU C 695 -2.62 48.53 48.70
C GLU C 695 -3.61 48.38 47.57
N VAL C 696 -3.05 48.16 46.39
CA VAL C 696 -3.86 47.98 45.19
C VAL C 696 -4.42 46.58 45.19
N THR C 697 -5.58 46.45 44.59
CA THR C 697 -6.25 45.18 44.48
C THR C 697 -7.20 45.28 43.31
N GLY C 698 -7.66 44.13 42.85
CA GLY C 698 -8.55 44.02 41.73
C GLY C 698 -7.93 43.58 40.43
N GLN C 699 -7.23 42.45 40.49
CA GLN C 699 -6.65 41.77 39.34
C GLN C 699 -5.82 42.76 38.53
N LEU C 700 -4.97 43.47 39.26
CA LEU C 700 -4.10 44.42 38.61
C LEU C 700 -3.17 43.70 37.62
N GLY C 701 -3.02 44.28 36.43
CA GLY C 701 -1.91 43.96 35.55
C GLY C 701 -0.69 44.81 35.87
N GLU C 702 0.49 44.27 35.59
CA GLU C 702 1.72 44.94 35.99
C GLU C 702 1.82 46.34 35.40
N VAL C 703 1.34 46.50 34.16
CA VAL C 703 1.26 47.82 33.56
C VAL C 703 0.33 48.69 34.38
N MET C 704 -0.77 48.11 34.85
CA MET C 704 -1.65 48.84 35.73
C MET C 704 -0.97 49.17 37.04
N LYS C 705 -0.03 48.35 37.48
CA LYS C 705 0.68 48.68 38.70
C LYS C 705 1.52 49.92 38.48
N GLU C 706 2.19 49.97 37.34
CA GLU C 706 2.96 51.15 37.01
C GLU C 706 2.06 52.37 36.90
N SER C 707 0.89 52.21 36.29
CA SER C 707 -0.04 53.32 36.15
C SER C 707 -0.50 53.80 37.51
N ALA C 708 -0.79 52.85 38.40
CA ALA C 708 -1.34 53.20 39.68
C ALA C 708 -0.32 53.95 40.50
N ARG C 709 0.90 53.44 40.55
CA ARG C 709 1.90 54.15 41.33
C ARG C 709 2.21 55.50 40.71
N ILE C 710 2.12 55.61 39.39
CA ILE C 710 2.35 56.90 38.76
C ILE C 710 1.27 57.86 39.21
N ALA C 711 0.01 57.43 39.10
CA ALA C 711 -1.10 58.25 39.55
C ALA C 711 -0.99 58.55 41.02
N TYR C 712 -0.43 57.61 41.79
CA TYR C 712 -0.25 57.80 43.20
C TYR C 712 0.71 58.95 43.42
N THR C 713 1.82 58.92 42.71
CA THR C 713 2.79 59.98 42.84
C THR C 713 2.21 61.31 42.39
N PHE C 714 1.38 61.30 41.34
CA PHE C 714 0.77 62.55 40.92
C PHE C 714 -0.20 63.02 41.99
N ALA C 715 -0.85 62.09 42.67
CA ALA C 715 -1.71 62.50 43.78
C ALA C 715 -0.88 63.13 44.86
N ARG C 716 0.26 62.52 45.18
CA ARG C 716 1.11 63.06 46.22
C ARG C 716 1.59 64.44 45.84
N ALA C 717 1.78 64.69 44.55
CA ALA C 717 2.19 66.02 44.14
C ALA C 717 0.99 66.98 44.10
N PHE C 718 -0.18 66.48 43.70
CA PHE C 718 -1.32 67.36 43.54
C PHE C 718 -1.80 67.88 44.89
N LEU C 719 -1.74 67.05 45.93
CA LEU C 719 -2.15 67.51 47.24
C LEU C 719 -1.24 68.61 47.75
N MET C 720 0.07 68.37 47.74
CA MET C 720 0.97 69.38 48.27
C MET C 720 0.91 70.64 47.41
N GLN C 721 0.65 70.49 46.11
CA GLN C 721 0.41 71.67 45.27
C GLN C 721 -0.93 72.34 45.57
N HIS C 722 -1.89 71.62 46.12
CA HIS C 722 -3.24 72.12 46.35
C HIS C 722 -3.41 72.57 47.79
N ALA C 723 -3.26 71.65 48.72
CA ALA C 723 -3.52 71.89 50.13
C ALA C 723 -2.29 71.36 50.83
N PRO C 724 -1.19 72.15 50.91
CA PRO C 724 0.05 71.58 51.47
C PRO C 724 -0.18 71.07 52.87
N ALA C 725 -1.07 71.74 53.60
CA ALA C 725 -1.40 71.39 54.96
C ALA C 725 -1.97 69.99 55.04
N ASN C 726 -2.67 69.55 53.99
CA ASN C 726 -3.20 68.21 53.95
C ASN C 726 -2.12 67.16 53.83
N ASP C 727 -2.39 66.04 54.49
CA ASP C 727 -1.53 64.87 54.52
C ASP C 727 -2.34 63.57 54.49
N TYR C 728 -3.57 63.63 53.97
CA TYR C 728 -4.50 62.51 54.08
C TYR C 728 -3.96 61.25 53.46
N LEU C 729 -3.34 61.41 52.30
CA LEU C 729 -2.97 60.25 51.52
C LEU C 729 -1.72 59.64 52.10
N VAL C 730 -0.74 60.51 52.34
CA VAL C 730 0.58 60.11 52.77
C VAL C 730 0.62 59.65 54.20
N THR C 731 -0.43 59.90 54.99
CA THR C 731 -0.43 59.61 56.42
C THR C 731 -1.36 58.49 56.80
N SER C 732 -1.90 57.75 55.83
CA SER C 732 -2.84 56.70 56.14
C SER C 732 -2.67 55.58 55.13
N HIS C 733 -2.90 54.36 55.58
CA HIS C 733 -2.94 53.19 54.72
C HIS C 733 -4.29 53.18 54.01
N ILE C 734 -4.35 52.54 52.84
CA ILE C 734 -5.58 52.56 52.05
C ILE C 734 -5.59 51.29 51.23
N HIS C 735 -6.70 50.59 51.31
CA HIS C 735 -6.98 49.47 50.44
C HIS C 735 -7.72 50.04 49.25
N LEU C 736 -7.41 49.53 48.07
CA LEU C 736 -8.04 49.95 46.84
C LEU C 736 -8.34 48.75 45.94
N HIS C 737 -9.53 48.75 45.35
CA HIS C 737 -10.06 47.63 44.57
C HIS C 737 -10.64 48.09 43.25
N VAL C 738 -10.09 47.56 42.16
CA VAL C 738 -10.58 47.78 40.82
C VAL C 738 -11.24 46.48 40.32
N PRO C 739 -12.56 46.40 40.16
CA PRO C 739 -13.15 45.14 39.67
C PRO C 739 -12.68 44.77 38.27
N GLU C 740 -12.53 43.48 38.04
CA GLU C 740 -11.97 42.99 36.79
C GLU C 740 -12.95 43.16 35.65
N GLY C 741 -12.43 43.06 34.42
CA GLY C 741 -13.21 43.05 33.20
C GLY C 741 -12.57 43.73 31.99
N ALA C 742 -11.80 44.78 32.24
CA ALA C 742 -11.10 45.45 31.15
C ALA C 742 -10.02 44.56 30.53
N THR C 743 -9.94 44.55 29.19
CA THR C 743 -8.90 43.81 28.48
C THR C 743 -7.56 44.53 28.61
N PRO C 744 -6.42 43.80 28.58
CA PRO C 744 -5.14 44.48 28.93
C PRO C 744 -4.83 45.69 28.06
N LYS C 745 -5.20 45.59 26.78
CA LYS C 745 -4.92 46.63 25.79
C LYS C 745 -5.65 47.94 26.09
N ASP C 746 -6.84 47.87 26.66
CA ASP C 746 -7.57 49.08 27.04
C ASP C 746 -7.17 49.57 28.42
N GLY C 747 -6.31 48.80 29.11
CA GLY C 747 -5.95 48.94 30.50
C GLY C 747 -5.75 50.34 31.03
N PRO C 748 -4.95 51.17 30.36
CA PRO C 748 -4.69 52.53 30.88
C PRO C 748 -5.94 53.38 31.08
N SER C 749 -7.04 53.09 30.37
CA SER C 749 -8.22 53.95 30.39
C SER C 749 -8.84 54.13 31.78
N ALA C 750 -8.63 53.22 32.73
CA ALA C 750 -9.20 53.45 34.04
C ALA C 750 -8.47 54.51 34.85
N GLY C 751 -7.24 54.88 34.45
CA GLY C 751 -6.36 55.56 35.38
C GLY C 751 -6.87 56.91 35.87
N CYS C 752 -7.53 57.66 35.00
CA CYS C 752 -8.02 58.98 35.40
C CYS C 752 -9.04 58.90 36.51
N THR C 753 -9.77 57.79 36.55
CA THR C 753 -10.73 57.51 37.62
C THR C 753 -10.05 57.44 38.98
N ILE C 754 -8.86 56.83 39.02
CA ILE C 754 -8.18 56.47 40.26
C ILE C 754 -8.04 57.68 41.17
N VAL C 755 -7.57 58.78 40.62
CA VAL C 755 -7.29 59.93 41.44
C VAL C 755 -8.59 60.48 41.98
N THR C 756 -9.68 60.35 41.21
CA THR C 756 -10.97 60.79 41.70
C THR C 756 -11.43 59.90 42.81
N ALA C 757 -11.01 58.64 42.79
CA ALA C 757 -11.31 57.82 43.93
C ALA C 757 -10.62 58.46 45.12
N LEU C 758 -9.29 58.57 45.02
CA LEU C 758 -8.45 58.99 46.13
C LEU C 758 -8.87 60.34 46.68
N LEU C 759 -9.08 61.30 45.78
CA LEU C 759 -9.44 62.64 46.23
C LEU C 759 -10.82 62.66 46.88
N SER C 760 -11.76 61.86 46.36
CA SER C 760 -13.07 61.79 47.01
C SER C 760 -12.93 61.33 48.43
N LEU C 761 -12.10 60.31 48.64
CA LEU C 761 -11.84 59.89 50.00
C LEU C 761 -11.10 60.98 50.76
N ALA C 762 -10.22 61.72 50.07
CA ALA C 762 -9.36 62.69 50.75
C ALA C 762 -10.19 63.78 51.42
N MET C 763 -10.90 64.58 50.63
CA MET C 763 -11.84 65.52 51.24
C MET C 763 -12.99 64.78 51.89
N GLY C 764 -13.25 63.54 51.49
CA GLY C 764 -14.31 62.77 52.04
C GLY C 764 -15.66 63.06 51.45
N ARG C 765 -15.75 63.96 50.47
CA ARG C 765 -17.02 64.24 49.82
C ARG C 765 -17.37 63.14 48.81
N PRO C 766 -18.65 62.82 48.64
CA PRO C 766 -19.03 61.96 47.52
C PRO C 766 -18.73 62.70 46.24
N VAL C 767 -18.41 61.95 45.18
CA VAL C 767 -18.25 62.62 43.89
C VAL C 767 -19.61 63.20 43.51
N ARG C 768 -19.57 64.27 42.72
CA ARG C 768 -20.80 64.83 42.17
C ARG C 768 -21.50 63.74 41.35
N GLN C 769 -22.83 63.71 41.44
CA GLN C 769 -23.63 62.57 40.99
C GLN C 769 -23.46 62.27 39.52
N ASN C 770 -23.57 60.96 39.21
CA ASN C 770 -23.71 60.40 37.85
C ASN C 770 -22.63 60.95 36.94
N LEU C 771 -21.44 61.13 37.53
CA LEU C 771 -20.27 61.63 36.83
C LEU C 771 -19.28 60.49 36.56
N ALA C 772 -19.58 59.74 35.51
CA ALA C 772 -18.67 58.71 35.05
C ALA C 772 -17.41 59.34 34.48
N MET C 773 -16.30 58.63 34.55
CA MET C 773 -15.07 59.13 33.93
C MET C 773 -14.18 57.95 33.58
N THR C 774 -13.18 58.25 32.77
CA THR C 774 -12.12 57.31 32.48
C THR C 774 -11.04 58.12 31.82
N GLY C 775 -9.84 57.56 31.72
CA GLY C 775 -8.75 58.29 31.11
C GLY C 775 -7.39 57.65 31.39
N GLU C 776 -6.35 58.41 31.03
CA GLU C 776 -4.98 57.95 31.24
C GLU C 776 -4.09 59.18 31.39
N VAL C 777 -3.40 59.25 32.50
CA VAL C 777 -2.68 60.45 32.95
C VAL C 777 -1.21 60.38 32.54
N SER C 778 -0.61 61.54 32.41
CA SER C 778 0.65 61.79 31.75
C SER C 778 1.78 62.01 32.74
N LEU C 779 1.53 61.84 34.04
CA LEU C 779 2.42 62.15 35.16
C LEU C 779 2.56 63.66 35.39
N THR C 780 1.93 64.53 34.56
CA THR C 780 1.87 65.96 34.86
C THR C 780 0.47 66.52 34.58
N GLY C 781 -0.56 65.69 34.64
CA GLY C 781 -1.90 66.20 34.55
C GLY C 781 -2.42 66.36 33.15
N LYS C 782 -1.61 66.08 32.14
CA LYS C 782 -2.12 66.00 30.79
C LYS C 782 -2.83 64.64 30.71
N ILE C 783 -3.84 64.57 29.85
CA ILE C 783 -4.65 63.37 29.63
C ILE C 783 -4.43 62.89 28.20
N LEU C 784 -4.72 61.61 27.96
CA LEU C 784 -4.36 60.91 26.73
C LEU C 784 -5.51 60.20 26.02
N PRO C 785 -5.39 59.99 24.70
CA PRO C 785 -6.42 59.29 23.93
C PRO C 785 -6.58 57.84 24.35
N VAL C 786 -7.82 57.33 24.27
CA VAL C 786 -8.13 55.92 24.44
C VAL C 786 -8.62 55.31 23.14
N GLY C 787 -8.54 53.98 23.07
CA GLY C 787 -8.95 53.21 21.91
C GLY C 787 -10.28 52.55 22.20
N GLY C 788 -10.95 52.09 21.14
CA GLY C 788 -12.16 51.31 21.31
C GLY C 788 -13.33 52.09 21.85
N ILE C 789 -13.45 53.34 21.43
CA ILE C 789 -14.35 54.31 22.06
C ILE C 789 -15.82 53.87 21.93
N LYS C 790 -16.12 53.14 20.85
CA LYS C 790 -17.50 52.85 20.48
C LYS C 790 -18.25 52.01 21.50
N GLU C 791 -17.61 50.99 22.09
CA GLU C 791 -18.29 50.24 23.15
C GLU C 791 -18.52 51.13 24.35
N LYS C 792 -17.54 51.99 24.64
CA LYS C 792 -17.60 52.76 25.86
C LYS C 792 -18.77 53.72 25.84
N THR C 793 -18.99 54.41 24.72
CA THR C 793 -20.04 55.43 24.75
C THR C 793 -21.41 54.78 24.92
N ILE C 794 -21.62 53.61 24.30
CA ILE C 794 -22.90 52.94 24.46
C ILE C 794 -23.04 52.44 25.90
N ALA C 795 -21.96 51.95 26.48
CA ALA C 795 -22.02 51.55 27.88
C ALA C 795 -22.32 52.71 28.79
N ALA C 796 -21.80 53.89 28.46
CA ALA C 796 -22.09 55.04 29.30
C ALA C 796 -23.55 55.42 29.16
N LYS C 797 -24.12 55.18 27.98
CA LYS C 797 -25.53 55.44 27.81
C LYS C 797 -26.36 54.44 28.61
N ARG C 798 -25.92 53.19 28.64
CA ARG C 798 -26.69 52.15 29.31
C ARG C 798 -26.78 52.36 30.80
N ALA C 799 -25.76 52.99 31.39
CA ALA C 799 -25.66 53.07 32.85
C ALA C 799 -26.42 54.20 33.50
N GLY C 800 -27.16 55.02 32.77
CA GLY C 800 -27.84 56.11 33.45
C GLY C 800 -26.94 57.26 33.82
N VAL C 801 -25.75 57.33 33.23
CA VAL C 801 -24.87 58.45 33.50
C VAL C 801 -25.51 59.69 32.90
N THR C 802 -25.38 60.84 33.57
CA THR C 802 -25.97 62.09 33.10
C THR C 802 -24.91 63.21 33.06
N CYS C 803 -23.65 62.88 32.77
CA CYS C 803 -22.59 63.84 32.42
C CYS C 803 -21.37 63.04 31.97
N ILE C 804 -20.40 63.69 31.30
CA ILE C 804 -19.26 62.92 30.81
C ILE C 804 -18.11 63.84 30.41
N VAL C 805 -16.88 63.27 30.48
CA VAL C 805 -15.59 63.92 30.35
C VAL C 805 -14.69 63.03 29.51
N LEU C 806 -14.05 63.59 28.47
CA LEU C 806 -13.17 62.85 27.57
C LEU C 806 -11.86 63.59 27.33
N PRO C 807 -10.78 62.89 26.96
CA PRO C 807 -9.56 63.62 26.60
C PRO C 807 -9.87 64.47 25.39
N ALA C 808 -9.28 65.66 25.34
CA ALA C 808 -9.56 66.49 24.17
C ALA C 808 -9.06 65.83 22.90
N GLU C 809 -8.08 64.93 22.98
CA GLU C 809 -7.58 64.26 21.79
C GLU C 809 -8.65 63.43 21.11
N ASN C 810 -9.74 63.07 21.80
CA ASN C 810 -10.85 62.36 21.20
C ASN C 810 -12.01 63.30 20.87
N LYS C 811 -11.74 64.62 20.83
CA LYS C 811 -12.73 65.57 20.37
C LYS C 811 -13.08 65.35 18.91
N LYS C 812 -12.14 64.78 18.15
CA LYS C 812 -12.40 64.43 16.77
C LYS C 812 -13.28 63.22 16.75
N ASP C 813 -12.75 62.14 17.28
CA ASP C 813 -13.37 60.84 17.17
C ASP C 813 -14.76 60.84 17.78
N PHE C 814 -14.97 61.63 18.84
CA PHE C 814 -16.25 61.61 19.50
C PHE C 814 -17.41 62.01 18.61
N TYR C 815 -17.15 62.85 17.62
CA TYR C 815 -18.20 63.32 16.72
C TYR C 815 -18.51 62.36 15.59
N ASP C 816 -17.72 61.29 15.39
CA ASP C 816 -18.13 60.34 14.36
C ASP C 816 -19.43 59.61 14.70
N LEU C 817 -19.78 59.51 15.98
CA LEU C 817 -20.94 58.73 16.41
C LEU C 817 -22.26 59.34 15.99
N ALA C 818 -23.23 58.47 15.72
CA ALA C 818 -24.56 58.93 15.31
C ALA C 818 -25.15 59.75 16.45
N ALA C 819 -25.88 60.82 16.10
CA ALA C 819 -26.34 61.76 17.10
C ALA C 819 -27.27 61.11 18.11
N PHE C 820 -28.09 60.14 17.66
CA PHE C 820 -28.98 59.48 18.61
C PHE C 820 -28.14 58.71 19.61
N ILE C 821 -26.98 58.20 19.20
CA ILE C 821 -26.10 57.58 20.18
C ILE C 821 -25.61 58.65 21.15
N THR C 822 -25.35 59.84 20.62
CA THR C 822 -24.73 60.90 21.38
C THR C 822 -25.71 61.81 22.12
N GLU C 823 -27.01 61.63 21.90
CA GLU C 823 -28.00 62.44 22.57
C GLU C 823 -28.06 62.17 24.07
N GLY C 824 -28.26 63.23 24.85
CA GLY C 824 -28.42 63.10 26.28
C GLY C 824 -27.16 63.08 27.11
N LEU C 825 -25.99 63.12 26.49
CA LEU C 825 -24.74 63.19 27.22
C LEU C 825 -24.33 64.64 27.38
N GLU C 826 -23.31 64.88 28.22
CA GLU C 826 -22.81 66.24 28.41
C GLU C 826 -21.30 66.12 28.59
N VAL C 827 -20.62 66.20 27.49
CA VAL C 827 -19.20 65.94 27.42
C VAL C 827 -18.42 67.15 27.89
N HIS C 828 -17.19 66.89 28.33
CA HIS C 828 -16.27 67.92 28.76
C HIS C 828 -14.89 67.49 28.27
N PHE C 829 -14.55 67.89 27.04
CA PHE C 829 -13.20 67.61 26.56
C PHE C 829 -12.20 68.37 27.40
N VAL C 830 -11.09 67.71 27.70
CA VAL C 830 -10.06 68.29 28.55
C VAL C 830 -8.73 67.65 28.24
N GLU C 831 -7.65 68.40 28.53
CA GLU C 831 -6.28 67.91 28.39
C GLU C 831 -5.53 67.91 29.70
N HIS C 832 -5.32 69.06 30.31
CA HIS C 832 -4.65 69.14 31.60
C HIS C 832 -5.62 68.71 32.69
N TYR C 833 -5.10 68.07 33.73
CA TYR C 833 -5.94 67.49 34.77
C TYR C 833 -6.72 68.54 35.55
N ARG C 834 -6.18 69.77 35.66
CA ARG C 834 -6.78 70.83 36.48
C ARG C 834 -8.23 71.07 36.10
N GLU C 835 -8.52 70.93 34.80
CA GLU C 835 -9.85 71.08 34.25
C GLU C 835 -10.81 70.16 34.99
N ILE C 836 -10.51 68.86 35.01
CA ILE C 836 -11.43 67.88 35.58
C ILE C 836 -11.63 68.17 37.04
N PHE C 837 -10.55 68.60 37.69
CA PHE C 837 -10.58 68.82 39.12
C PHE C 837 -11.60 69.91 39.41
N ASP C 838 -11.74 70.88 38.48
CA ASP C 838 -12.68 71.97 38.64
C ASP C 838 -14.05 71.65 38.03
N ILE C 839 -14.15 70.54 37.31
CA ILE C 839 -15.30 69.94 36.65
C ILE C 839 -15.77 68.72 37.47
N ALA C 840 -15.24 68.57 38.69
CA ALA C 840 -15.47 67.47 39.61
C ALA C 840 -16.24 67.87 40.86
N PHE C 841 -15.79 68.87 41.63
CA PHE C 841 -16.37 69.08 42.96
C PHE C 841 -17.82 69.56 42.89
N PRO C 842 -18.15 70.76 42.37
CA PRO C 842 -19.51 71.29 42.56
C PRO C 842 -20.67 70.42 42.07
N HIS D 17 -48.07 -46.58 -83.79
CA HIS D 17 -48.93 -47.20 -82.80
C HIS D 17 -48.31 -47.20 -81.42
N LEU D 18 -48.19 -46.02 -80.82
CA LEU D 18 -47.70 -45.95 -79.46
C LEU D 18 -48.68 -45.07 -78.71
N PRO D 19 -48.93 -45.35 -77.43
CA PRO D 19 -49.84 -44.48 -76.68
C PRO D 19 -49.23 -43.10 -76.50
N LEU D 20 -50.09 -42.09 -76.40
CA LEU D 20 -49.60 -40.74 -76.18
C LEU D 20 -48.87 -40.85 -74.85
N ILE D 21 -47.71 -40.20 -74.72
CA ILE D 21 -47.01 -40.36 -73.45
C ILE D 21 -47.75 -39.53 -72.41
N ALA D 22 -47.69 -40.00 -71.16
CA ALA D 22 -48.25 -39.25 -70.04
C ALA D 22 -47.19 -38.32 -69.49
N ILE D 23 -47.24 -37.06 -69.91
CA ILE D 23 -46.30 -36.08 -69.41
C ILE D 23 -46.50 -35.84 -67.93
N THR D 24 -47.76 -35.80 -67.47
CA THR D 24 -48.16 -35.64 -66.07
C THR D 24 -47.35 -34.51 -65.40
N ARG D 25 -47.52 -33.32 -65.98
CA ARG D 25 -46.95 -32.07 -65.49
C ARG D 25 -45.41 -32.17 -65.41
N ASN D 26 -44.85 -32.31 -66.62
CA ASN D 26 -43.40 -32.38 -66.80
C ASN D 26 -43.09 -31.83 -68.20
N PRO D 27 -42.95 -30.52 -68.35
CA PRO D 27 -42.62 -29.99 -69.69
C PRO D 27 -41.25 -30.45 -70.17
N VAL D 28 -41.10 -30.62 -71.50
CA VAL D 28 -39.82 -30.96 -72.14
C VAL D 28 -39.68 -30.00 -73.31
N PHE D 29 -39.02 -28.90 -73.04
CA PHE D 29 -38.81 -27.90 -74.04
C PHE D 29 -37.87 -28.39 -75.14
N PRO D 30 -38.02 -27.85 -76.36
CA PRO D 30 -37.10 -28.23 -77.44
C PRO D 30 -35.71 -27.84 -76.99
N ARG D 31 -34.73 -28.65 -77.36
CA ARG D 31 -33.34 -28.45 -76.94
C ARG D 31 -33.24 -28.26 -75.44
N PHE D 32 -33.88 -29.16 -74.69
CA PHE D 32 -33.78 -29.06 -73.25
C PHE D 32 -34.02 -30.46 -72.70
N ILE D 33 -32.97 -31.07 -72.12
CA ILE D 33 -33.05 -32.43 -71.56
C ILE D 33 -33.99 -32.50 -70.36
N LYS D 34 -34.72 -33.61 -70.23
CA LYS D 34 -35.63 -33.81 -69.11
C LYS D 34 -35.77 -35.29 -68.74
N ILE D 35 -36.21 -35.54 -67.51
CA ILE D 35 -36.46 -36.86 -66.95
C ILE D 35 -37.94 -36.96 -66.57
N ILE D 36 -38.51 -38.17 -66.66
CA ILE D 36 -39.94 -38.43 -66.38
C ILE D 36 -40.06 -39.66 -65.48
N GLU D 37 -40.89 -39.51 -64.41
CA GLU D 37 -41.10 -40.50 -63.35
C GLU D 37 -42.61 -40.67 -63.03
N VAL D 38 -43.38 -41.27 -63.95
CA VAL D 38 -44.79 -41.60 -63.70
C VAL D 38 -44.92 -42.68 -62.61
N LYS D 39 -45.98 -42.56 -61.80
CA LYS D 39 -46.26 -43.58 -60.77
C LYS D 39 -46.73 -44.90 -61.37
N ASN D 40 -47.57 -44.82 -62.38
CA ASN D 40 -48.18 -46.00 -63.01
C ASN D 40 -47.12 -46.93 -63.60
N LYS D 41 -47.30 -48.26 -63.41
CA LYS D 41 -46.39 -49.23 -64.00
C LYS D 41 -46.76 -49.64 -65.43
N LYS D 42 -47.97 -49.35 -65.92
CA LYS D 42 -48.32 -49.74 -67.29
C LYS D 42 -47.41 -49.09 -68.32
N LEU D 43 -46.93 -47.87 -68.05
CA LEU D 43 -45.98 -47.29 -68.98
C LEU D 43 -44.67 -48.06 -68.92
N VAL D 44 -44.34 -48.64 -67.75
CA VAL D 44 -43.13 -49.45 -67.69
C VAL D 44 -43.32 -50.65 -68.58
N GLU D 45 -44.56 -51.16 -68.67
CA GLU D 45 -44.85 -52.28 -69.53
C GLU D 45 -44.60 -51.88 -70.98
N LEU D 46 -44.99 -50.64 -71.33
CA LEU D 46 -44.68 -50.13 -72.67
C LEU D 46 -43.18 -49.95 -72.90
N LEU D 47 -42.44 -49.53 -71.86
CA LEU D 47 -41.00 -49.35 -72.02
C LEU D 47 -40.30 -50.68 -72.23
N ARG D 48 -40.83 -51.75 -71.62
CA ARG D 48 -40.28 -53.08 -71.82
C ARG D 48 -40.71 -53.64 -73.16
N ARG D 49 -41.88 -53.24 -73.66
CA ARG D 49 -42.31 -53.73 -74.97
C ARG D 49 -41.47 -53.13 -76.10
N LYS D 50 -40.88 -51.95 -75.90
CA LYS D 50 -40.03 -51.31 -76.90
C LYS D 50 -38.59 -51.83 -76.90
N VAL D 51 -38.16 -52.58 -75.88
CA VAL D 51 -36.80 -53.08 -75.84
C VAL D 51 -36.55 -54.06 -76.98
N ARG D 52 -37.59 -54.80 -77.39
CA ARG D 52 -37.42 -55.72 -78.52
C ARG D 52 -37.31 -54.98 -79.85
N LEU D 53 -37.79 -53.74 -79.93
CA LEU D 53 -37.77 -53.02 -81.19
C LEU D 53 -36.34 -52.73 -81.62
N ALA D 54 -36.14 -52.67 -82.94
CA ALA D 54 -34.80 -52.42 -83.49
C ALA D 54 -34.31 -51.05 -83.07
N GLN D 55 -35.15 -50.03 -83.27
CA GLN D 55 -34.84 -48.64 -82.95
C GLN D 55 -35.68 -48.23 -81.74
N PRO D 56 -35.10 -47.91 -80.58
CA PRO D 56 -35.93 -47.44 -79.45
C PRO D 56 -36.25 -45.95 -79.59
N TYR D 57 -37.53 -45.60 -79.44
CA TYR D 57 -37.93 -44.21 -79.58
C TYR D 57 -39.18 -43.99 -78.72
N VAL D 58 -39.43 -42.73 -78.44
CA VAL D 58 -40.58 -42.29 -77.63
C VAL D 58 -41.00 -40.91 -78.08
N GLY D 59 -42.31 -40.64 -78.06
CA GLY D 59 -42.75 -39.30 -78.36
C GLY D 59 -42.82 -38.47 -77.09
N VAL D 60 -42.92 -37.16 -77.26
CA VAL D 60 -43.12 -36.23 -76.14
C VAL D 60 -44.16 -35.25 -76.67
N PHE D 61 -45.24 -35.09 -75.94
CA PHE D 61 -46.35 -34.22 -76.30
C PHE D 61 -46.55 -33.16 -75.23
N LEU D 62 -47.46 -32.21 -75.47
CA LEU D 62 -47.77 -31.19 -74.48
C LEU D 62 -49.22 -31.37 -74.08
N LYS D 63 -49.47 -31.23 -72.77
CA LYS D 63 -50.78 -31.35 -72.17
C LYS D 63 -51.61 -30.09 -72.28
N ARG D 64 -52.93 -30.26 -72.27
CA ARG D 64 -53.82 -29.13 -72.32
C ARG D 64 -54.08 -28.66 -70.90
N ASP D 65 -54.97 -27.70 -70.81
CA ASP D 65 -55.26 -27.02 -69.57
C ASP D 65 -55.92 -27.99 -68.61
N ASP D 66 -55.74 -27.72 -67.32
CA ASP D 66 -56.30 -28.56 -66.25
C ASP D 66 -55.79 -29.99 -66.35
N SER D 67 -54.55 -30.19 -65.89
CA SER D 67 -53.90 -31.50 -65.95
C SER D 67 -54.64 -32.50 -65.05
N ASN D 68 -54.77 -33.75 -65.51
CA ASN D 68 -55.50 -34.79 -64.79
C ASN D 68 -54.89 -36.14 -65.17
N GLU D 69 -54.26 -36.81 -64.21
CA GLU D 69 -53.65 -38.11 -64.49
C GLU D 69 -54.69 -39.13 -64.93
N SER D 70 -55.90 -39.06 -64.36
CA SER D 70 -56.94 -40.00 -64.77
C SER D 70 -57.36 -39.77 -66.22
N ASP D 71 -57.37 -38.51 -66.67
CA ASP D 71 -57.77 -38.21 -68.03
C ASP D 71 -56.69 -38.53 -69.05
N VAL D 72 -55.42 -38.60 -68.64
CA VAL D 72 -54.39 -38.94 -69.62
C VAL D 72 -54.55 -40.38 -70.06
N VAL D 73 -54.92 -41.27 -69.14
CA VAL D 73 -55.16 -42.67 -69.51
C VAL D 73 -56.60 -42.93 -69.96
N GLU D 74 -57.54 -42.03 -69.65
CA GLU D 74 -58.94 -42.21 -70.06
C GLU D 74 -59.22 -41.68 -71.46
N SER D 75 -58.89 -40.40 -71.73
CA SER D 75 -59.12 -39.76 -73.02
C SER D 75 -57.81 -39.30 -73.62
N LEU D 76 -57.85 -39.20 -74.95
CA LEU D 76 -56.71 -38.74 -75.74
C LEU D 76 -56.88 -37.32 -76.20
N ASP D 77 -57.94 -36.64 -75.76
CA ASP D 77 -58.13 -35.27 -76.18
C ASP D 77 -57.32 -34.32 -75.31
N GLU D 78 -56.93 -34.77 -74.11
CA GLU D 78 -56.22 -33.89 -73.19
C GLU D 78 -54.88 -33.43 -73.76
N ILE D 79 -54.21 -34.31 -74.49
CA ILE D 79 -52.93 -33.93 -75.05
C ILE D 79 -53.06 -32.97 -76.23
N TYR D 80 -52.07 -32.10 -76.37
CA TYR D 80 -52.02 -31.13 -77.46
C TYR D 80 -51.59 -31.77 -78.75
N HIS D 81 -51.99 -31.13 -79.85
CA HIS D 81 -51.56 -31.61 -81.16
C HIS D 81 -50.05 -31.54 -81.26
N THR D 82 -49.44 -30.62 -80.51
CA THR D 82 -48.01 -30.46 -80.53
C THR D 82 -47.32 -31.67 -79.95
N GLY D 83 -46.16 -31.99 -80.52
CA GLY D 83 -45.39 -33.15 -80.13
C GLY D 83 -43.92 -32.90 -80.34
N THR D 84 -43.12 -33.67 -79.63
CA THR D 84 -41.67 -33.53 -79.68
C THR D 84 -41.14 -34.96 -79.63
N PHE D 85 -41.07 -35.61 -80.79
CA PHE D 85 -40.52 -36.94 -80.88
C PHE D 85 -39.03 -36.92 -80.60
N ALA D 86 -38.55 -37.99 -79.98
CA ALA D 86 -37.14 -38.04 -79.63
C ALA D 86 -36.72 -39.47 -79.39
N GLN D 87 -35.45 -39.72 -79.69
CA GLN D 87 -34.83 -41.01 -79.50
C GLN D 87 -34.51 -41.30 -78.03
N ILE D 88 -34.61 -42.59 -77.67
CA ILE D 88 -34.28 -43.06 -76.34
C ILE D 88 -32.75 -43.14 -76.21
N HIS D 89 -32.24 -42.87 -74.99
CA HIS D 89 -30.81 -42.95 -74.73
C HIS D 89 -30.36 -44.27 -74.08
N GLU D 90 -30.54 -44.42 -72.76
CA GLU D 90 -30.06 -45.57 -72.03
C GLU D 90 -30.84 -45.68 -70.72
N MET D 91 -31.20 -46.90 -70.32
CA MET D 91 -31.84 -47.07 -69.02
C MET D 91 -30.83 -46.99 -67.89
N GLN D 92 -31.33 -46.59 -66.72
CA GLN D 92 -30.54 -46.46 -65.50
C GLN D 92 -31.30 -47.18 -64.40
N ASP D 93 -32.50 -46.65 -64.08
CA ASP D 93 -33.40 -47.24 -63.09
C ASP D 93 -32.70 -47.39 -61.74
N LEU D 94 -32.20 -46.27 -61.22
CA LEU D 94 -31.48 -46.33 -59.95
C LEU D 94 -32.38 -46.62 -58.75
N GLY D 95 -33.49 -45.86 -58.59
CA GLY D 95 -34.40 -46.04 -57.47
C GLY D 95 -35.85 -46.41 -57.72
N ASP D 96 -36.51 -45.63 -58.56
CA ASP D 96 -37.86 -45.89 -59.05
C ASP D 96 -37.81 -46.86 -60.23
N LYS D 97 -38.94 -47.53 -60.47
CA LYS D 97 -39.03 -48.43 -61.60
C LYS D 97 -39.31 -47.69 -62.91
N LEU D 98 -39.43 -46.35 -62.87
CA LEU D 98 -39.68 -45.54 -64.06
C LEU D 98 -38.85 -44.26 -63.98
N ARG D 99 -37.70 -44.31 -64.60
CA ARG D 99 -36.77 -43.18 -64.77
C ARG D 99 -36.51 -43.12 -66.26
N MET D 100 -37.48 -42.67 -67.05
CA MET D 100 -37.20 -42.58 -68.46
C MET D 100 -36.66 -41.19 -68.71
N ILE D 101 -35.58 -41.10 -69.47
CA ILE D 101 -35.08 -39.82 -69.93
C ILE D 101 -35.86 -39.44 -71.17
N VAL D 102 -36.09 -38.15 -71.32
CA VAL D 102 -36.83 -37.60 -72.44
C VAL D 102 -36.05 -36.38 -72.87
N MET D 103 -36.19 -36.04 -74.15
CA MET D 103 -35.47 -34.94 -74.74
C MET D 103 -36.38 -34.36 -75.80
N GLY D 104 -36.15 -33.09 -76.09
CA GLY D 104 -36.92 -32.39 -77.08
C GLY D 104 -36.02 -32.40 -78.30
N HIS D 105 -36.36 -33.25 -79.28
CA HIS D 105 -35.55 -33.45 -80.47
C HIS D 105 -36.23 -33.10 -81.79
N ARG D 106 -37.29 -33.79 -82.16
CA ARG D 106 -38.02 -33.60 -83.41
C ARG D 106 -39.37 -33.03 -83.03
N ARG D 107 -39.57 -31.72 -83.19
CA ARG D 107 -40.91 -31.20 -82.95
C ARG D 107 -41.73 -31.62 -84.15
N VAL D 108 -43.01 -31.83 -83.90
CA VAL D 108 -43.95 -32.31 -84.88
C VAL D 108 -45.32 -31.85 -84.42
N HIS D 109 -46.26 -31.78 -85.36
CA HIS D 109 -47.62 -31.31 -85.09
C HIS D 109 -48.60 -32.29 -85.73
N ILE D 110 -49.09 -33.22 -84.91
CA ILE D 110 -50.01 -34.19 -85.44
C ILE D 110 -51.27 -33.43 -85.83
N SER D 111 -51.86 -33.78 -86.97
CA SER D 111 -53.09 -33.10 -87.35
C SER D 111 -54.26 -33.43 -86.42
N ARG D 112 -54.29 -34.68 -85.94
CA ARG D 112 -55.36 -35.20 -85.08
C ARG D 112 -54.70 -36.37 -84.34
N GLN D 113 -54.38 -36.18 -83.05
CA GLN D 113 -53.78 -37.24 -82.22
C GLN D 113 -54.68 -38.45 -81.99
N LEU D 114 -55.99 -38.28 -82.12
CA LEU D 114 -56.93 -39.38 -81.91
C LEU D 114 -56.73 -40.51 -82.91
N GLU D 115 -56.24 -40.22 -84.09
CA GLU D 115 -56.06 -41.24 -85.11
C GLU D 115 -54.69 -41.84 -84.94
N MET D 166 -50.54 -43.53 -84.75
CA MET D 166 -51.27 -42.37 -85.25
C MET D 166 -50.56 -41.64 -86.34
N VAL D 167 -51.35 -41.24 -87.34
CA VAL D 167 -50.82 -40.56 -88.50
C VAL D 167 -50.23 -39.27 -87.99
N GLU D 168 -49.10 -38.88 -88.57
CA GLU D 168 -48.41 -37.68 -88.12
C GLU D 168 -47.65 -36.99 -89.24
N VAL D 169 -47.40 -35.70 -89.00
CA VAL D 169 -46.71 -34.87 -89.98
C VAL D 169 -45.99 -33.75 -89.24
N GLU D 170 -44.83 -33.41 -89.77
CA GLU D 170 -43.92 -32.39 -89.27
C GLU D 170 -44.33 -30.99 -89.77
N ASN D 171 -45.49 -30.45 -89.31
CA ASN D 171 -45.89 -29.08 -89.73
C ASN D 171 -45.14 -27.97 -88.97
N VAL D 172 -43.82 -28.07 -88.99
CA VAL D 172 -42.84 -27.21 -88.36
C VAL D 172 -42.59 -26.03 -89.30
N VAL D 173 -43.47 -25.03 -89.32
CA VAL D 173 -43.27 -23.89 -90.19
C VAL D 173 -41.99 -23.13 -89.79
N HIS D 174 -41.24 -22.66 -90.79
CA HIS D 174 -39.98 -21.92 -90.60
C HIS D 174 -39.65 -20.92 -91.71
N GLU D 175 -40.58 -20.04 -92.02
CA GLU D 175 -40.31 -19.04 -93.06
C GLU D 175 -39.21 -18.10 -92.60
N ASP D 176 -38.35 -17.68 -93.54
CA ASP D 176 -37.26 -16.74 -93.25
C ASP D 176 -36.98 -15.88 -94.47
N PHE D 177 -36.67 -14.59 -94.24
CA PHE D 177 -36.37 -13.66 -95.33
C PHE D 177 -35.03 -13.98 -96.01
N GLN D 178 -34.95 -13.69 -97.32
CA GLN D 178 -33.76 -14.01 -98.10
C GLN D 178 -32.54 -13.24 -97.63
N VAL D 179 -32.74 -12.05 -97.06
CA VAL D 179 -31.63 -11.26 -96.54
C VAL D 179 -31.48 -11.80 -95.13
N THR D 180 -30.34 -12.46 -94.87
CA THR D 180 -30.10 -13.07 -93.57
C THR D 180 -28.89 -12.44 -92.92
N GLU D 181 -29.05 -11.16 -92.64
CA GLU D 181 -28.10 -10.33 -91.93
C GLU D 181 -28.80 -9.84 -90.68
N GLU D 182 -29.89 -9.09 -90.86
CA GLU D 182 -30.71 -8.58 -89.76
C GLU D 182 -31.77 -9.56 -89.22
N VAL D 183 -31.99 -10.74 -89.84
CA VAL D 183 -32.97 -11.68 -89.26
C VAL D 183 -32.45 -12.38 -88.01
N LYS D 184 -31.14 -12.52 -87.89
CA LYS D 184 -30.55 -13.11 -86.69
C LYS D 184 -30.41 -12.09 -85.56
N ALA D 185 -30.65 -10.80 -85.82
CA ALA D 185 -30.52 -9.76 -84.81
C ALA D 185 -31.44 -9.97 -83.62
N LEU D 186 -32.62 -10.57 -83.84
CA LEU D 186 -33.49 -10.73 -82.69
C LEU D 186 -32.83 -11.71 -81.74
N THR D 187 -31.98 -12.62 -82.26
CA THR D 187 -31.31 -13.57 -81.38
C THR D 187 -30.39 -12.79 -80.46
N ALA D 188 -29.84 -11.66 -80.96
CA ALA D 188 -28.99 -10.81 -80.14
C ALA D 188 -29.82 -10.20 -79.02
N GLU D 189 -31.10 -9.95 -79.31
CA GLU D 189 -31.97 -9.44 -78.25
C GLU D 189 -32.34 -10.56 -77.30
N ILE D 190 -32.40 -11.78 -77.80
CA ILE D 190 -32.67 -12.94 -76.96
C ILE D 190 -31.52 -13.18 -75.97
N VAL D 191 -30.28 -13.20 -76.45
CA VAL D 191 -29.16 -13.39 -75.51
C VAL D 191 -28.95 -12.21 -74.56
N LYS D 192 -29.19 -10.95 -74.99
CA LYS D 192 -29.09 -9.83 -74.04
C LYS D 192 -30.17 -9.88 -72.96
N THR D 193 -31.39 -10.29 -73.36
CA THR D 193 -32.46 -10.51 -72.39
C THR D 193 -32.15 -11.68 -71.46
N ILE D 194 -31.73 -12.83 -72.02
CA ILE D 194 -31.41 -14.01 -71.19
C ILE D 194 -30.30 -13.68 -70.20
N ARG D 195 -29.33 -12.85 -70.59
CA ARG D 195 -28.32 -12.42 -69.62
C ARG D 195 -28.94 -11.59 -68.50
N ASP D 196 -29.92 -10.75 -68.83
CA ASP D 196 -30.59 -10.02 -67.75
C ASP D 196 -31.45 -10.95 -66.88
N ILE D 197 -32.01 -12.02 -67.46
CA ILE D 197 -32.88 -12.90 -66.70
C ILE D 197 -32.06 -13.77 -65.76
N ILE D 198 -30.90 -14.24 -66.21
CA ILE D 198 -30.09 -15.07 -65.33
C ILE D 198 -29.31 -14.22 -64.35
N ALA D 199 -29.17 -12.92 -64.61
CA ALA D 199 -28.47 -12.07 -63.65
C ALA D 199 -29.40 -11.54 -62.57
N LEU D 200 -30.64 -11.21 -62.93
CA LEU D 200 -31.62 -10.77 -61.95
C LEU D 200 -32.45 -11.92 -61.38
N ASN D 201 -32.60 -13.02 -62.12
CA ASN D 201 -33.26 -14.24 -61.62
C ASN D 201 -32.45 -15.47 -61.99
N PRO D 202 -31.30 -15.70 -61.35
CA PRO D 202 -30.54 -16.91 -61.67
C PRO D 202 -31.32 -18.18 -61.32
N LEU D 203 -31.39 -19.11 -62.27
CA LEU D 203 -32.02 -20.42 -62.09
C LEU D 203 -31.05 -21.55 -62.38
N TYR D 204 -30.43 -21.53 -63.56
CA TYR D 204 -29.44 -22.49 -64.03
C TYR D 204 -28.11 -21.77 -64.20
N ARG D 205 -27.10 -22.56 -64.51
CA ARG D 205 -25.78 -22.03 -64.74
C ARG D 205 -25.75 -21.15 -65.98
N GLU D 206 -24.90 -20.13 -65.91
CA GLU D 206 -24.70 -19.19 -67.00
C GLU D 206 -23.75 -19.77 -68.04
N SER D 207 -23.16 -20.94 -67.74
CA SER D 207 -22.20 -21.60 -68.60
C SER D 207 -22.81 -21.98 -69.95
N VAL D 208 -24.09 -22.35 -70.00
CA VAL D 208 -24.69 -22.71 -71.29
C VAL D 208 -24.68 -21.50 -72.22
N LEU D 209 -24.87 -20.30 -71.66
CA LEU D 209 -24.78 -19.10 -72.47
C LEU D 209 -23.35 -18.85 -72.94
N GLN D 210 -22.37 -19.20 -72.10
CA GLN D 210 -20.95 -19.12 -72.46
C GLN D 210 -20.54 -20.19 -73.46
N MET D 211 -21.25 -21.32 -73.50
CA MET D 211 -20.89 -22.39 -74.43
C MET D 211 -21.21 -21.93 -75.85
N MET D 212 -22.33 -21.24 -76.03
CA MET D 212 -22.78 -20.78 -77.34
C MET D 212 -22.64 -19.25 -77.27
N GLN D 213 -21.52 -18.77 -77.82
CA GLN D 213 -21.19 -17.35 -77.96
C GLN D 213 -21.24 -16.96 -79.43
N ALA D 214 -21.55 -15.70 -79.70
CA ALA D 214 -21.66 -15.23 -81.08
C ALA D 214 -20.33 -15.19 -81.84
N GLY D 215 -19.17 -15.15 -81.16
CA GLY D 215 -17.89 -15.18 -81.88
C GLY D 215 -17.43 -16.55 -82.33
N GLN D 216 -18.06 -17.60 -81.83
CA GLN D 216 -17.77 -18.99 -82.14
C GLN D 216 -18.30 -19.46 -83.49
N ARG D 217 -19.16 -18.68 -84.18
CA ARG D 217 -19.77 -19.03 -85.46
C ARG D 217 -20.64 -20.29 -85.36
N VAL D 218 -20.99 -20.75 -84.15
CA VAL D 218 -21.82 -21.93 -84.03
C VAL D 218 -23.32 -21.73 -84.08
N VAL D 219 -23.84 -20.49 -84.09
CA VAL D 219 -25.30 -20.42 -84.05
C VAL D 219 -25.82 -20.65 -85.47
N ASP D 220 -25.73 -21.89 -85.94
CA ASP D 220 -26.27 -22.27 -87.24
C ASP D 220 -27.80 -22.31 -87.24
N ASN D 221 -28.43 -22.38 -86.05
CA ASN D 221 -29.88 -22.51 -85.89
C ASN D 221 -30.45 -21.49 -84.89
N PRO D 222 -30.62 -20.21 -85.28
CA PRO D 222 -31.15 -19.25 -84.30
C PRO D 222 -32.51 -19.66 -83.77
N ILE D 223 -33.34 -20.33 -84.59
CA ILE D 223 -34.65 -20.72 -84.08
C ILE D 223 -34.53 -21.76 -82.98
N TYR D 224 -33.54 -22.64 -83.05
CA TYR D 224 -33.34 -23.58 -81.95
C TYR D 224 -32.82 -22.87 -80.72
N LEU D 225 -31.95 -21.88 -80.93
CA LEU D 225 -31.44 -21.12 -79.79
C LEU D 225 -32.55 -20.32 -79.14
N SER D 226 -33.44 -19.73 -79.94
CA SER D 226 -34.58 -19.00 -79.41
C SER D 226 -35.57 -19.92 -78.73
N ASP D 227 -35.72 -21.15 -79.21
CA ASP D 227 -36.63 -22.08 -78.55
C ASP D 227 -36.07 -22.48 -77.20
N MET D 228 -34.74 -22.66 -77.12
CA MET D 228 -34.15 -23.01 -75.83
C MET D 228 -34.13 -21.79 -74.91
N GLY D 229 -34.09 -20.59 -75.48
CA GLY D 229 -34.17 -19.37 -74.68
C GLY D 229 -35.55 -19.05 -74.18
N ALA D 230 -36.57 -19.38 -74.98
CA ALA D 230 -37.95 -19.28 -74.53
C ALA D 230 -38.27 -20.37 -73.52
N ALA D 231 -37.50 -21.46 -73.53
CA ALA D 231 -37.71 -22.56 -72.58
C ALA D 231 -37.46 -22.12 -71.15
N LEU D 232 -36.58 -21.14 -70.95
CA LEU D 232 -36.30 -20.63 -69.62
C LEU D 232 -37.44 -19.78 -69.05
N THR D 233 -38.41 -19.37 -69.87
CA THR D 233 -39.57 -18.68 -69.36
C THR D 233 -40.37 -19.58 -68.42
N GLY D 234 -40.91 -18.98 -67.37
CA GLY D 234 -41.74 -19.64 -66.39
C GLY D 234 -43.21 -19.72 -66.77
N ALA D 235 -43.56 -19.30 -67.97
CA ALA D 235 -44.95 -19.19 -68.42
C ALA D 235 -45.65 -20.55 -68.45
N GLU D 236 -46.98 -20.50 -68.32
CA GLU D 236 -47.82 -21.70 -68.26
C GLU D 236 -47.73 -22.48 -69.54
N SER D 237 -48.03 -23.79 -69.43
CA SER D 237 -48.00 -24.63 -70.61
C SER D 237 -48.96 -24.10 -71.66
N HIS D 238 -50.06 -23.48 -71.25
CA HIS D 238 -50.96 -22.92 -72.24
C HIS D 238 -50.25 -21.80 -73.00
N GLU D 239 -49.42 -21.04 -72.28
CA GLU D 239 -48.63 -20.01 -72.92
C GLU D 239 -47.60 -20.63 -73.86
N LEU D 240 -47.07 -21.79 -73.46
CA LEU D 240 -46.11 -22.48 -74.32
C LEU D 240 -46.81 -22.90 -75.61
N GLN D 241 -48.03 -23.42 -75.47
CA GLN D 241 -48.81 -23.81 -76.64
C GLN D 241 -49.05 -22.59 -77.51
N ASP D 242 -49.29 -21.44 -76.90
CA ASP D 242 -49.52 -20.26 -77.71
C ASP D 242 -48.26 -19.84 -78.48
N VAL D 243 -47.08 -19.95 -77.89
CA VAL D 243 -45.88 -19.63 -78.68
C VAL D 243 -45.63 -20.66 -79.78
N LEU D 244 -45.89 -21.94 -79.50
CA LEU D 244 -45.72 -22.95 -80.54
C LEU D 244 -46.75 -22.88 -81.65
N GLU D 245 -47.99 -22.41 -81.35
CA GLU D 245 -48.99 -22.33 -82.41
C GLU D 245 -48.56 -21.35 -83.46
N GLU D 246 -47.77 -20.35 -83.09
CA GLU D 246 -47.29 -19.41 -84.08
C GLU D 246 -46.39 -20.16 -85.06
N THR D 247 -46.50 -19.79 -86.33
CA THR D 247 -45.72 -20.33 -87.43
C THR D 247 -44.69 -19.33 -87.94
N ASN D 248 -45.11 -18.08 -88.19
CA ASN D 248 -44.18 -17.09 -88.71
C ASN D 248 -43.14 -16.89 -87.63
N ILE D 249 -41.89 -16.81 -88.05
CA ILE D 249 -40.79 -16.69 -87.09
C ILE D 249 -40.87 -15.44 -86.24
N PRO D 250 -41.04 -14.22 -86.78
CA PRO D 250 -41.17 -13.07 -85.88
C PRO D 250 -42.34 -13.23 -84.93
N LYS D 251 -43.44 -13.82 -85.38
CA LYS D 251 -44.61 -13.95 -84.53
C LYS D 251 -44.36 -14.86 -83.31
N ARG D 252 -43.82 -16.08 -83.54
CA ARG D 252 -43.53 -16.97 -82.42
C ARG D 252 -42.43 -16.43 -81.52
N LEU D 253 -41.47 -15.74 -82.13
CA LEU D 253 -40.46 -15.03 -81.35
C LEU D 253 -41.12 -13.97 -80.49
N TYR D 254 -41.94 -13.12 -81.08
CA TYR D 254 -42.50 -12.00 -80.36
C TYR D 254 -43.37 -12.45 -79.21
N LYS D 255 -44.11 -13.55 -79.40
CA LYS D 255 -44.88 -14.02 -78.26
C LYS D 255 -43.94 -14.55 -77.19
N ALA D 256 -42.79 -15.13 -77.60
CA ALA D 256 -41.82 -15.60 -76.60
C ALA D 256 -41.14 -14.43 -75.88
N LEU D 257 -40.92 -13.32 -76.58
CA LEU D 257 -40.36 -12.13 -75.93
C LEU D 257 -41.38 -11.51 -74.99
N SER D 258 -42.64 -11.35 -75.42
CA SER D 258 -43.64 -10.75 -74.55
C SER D 258 -43.83 -11.59 -73.31
N LEU D 259 -43.76 -12.90 -73.47
CA LEU D 259 -43.80 -13.79 -72.32
C LEU D 259 -42.56 -13.63 -71.44
N LEU D 260 -41.40 -13.34 -72.04
CA LEU D 260 -40.22 -13.03 -71.24
C LEU D 260 -40.44 -11.73 -70.48
N LYS D 261 -41.08 -10.76 -71.12
CA LYS D 261 -41.36 -9.48 -70.48
C LYS D 261 -42.26 -9.71 -69.29
N LYS D 262 -43.33 -10.48 -69.47
CA LYS D 262 -44.27 -10.72 -68.39
C LYS D 262 -43.59 -11.46 -67.25
N GLU D 263 -42.73 -12.41 -67.58
CA GLU D 263 -42.06 -13.15 -66.52
C GLU D 263 -41.05 -12.27 -65.80
N PHE D 264 -40.30 -11.43 -66.52
CA PHE D 264 -39.42 -10.53 -65.78
C PHE D 264 -40.17 -9.51 -64.96
N GLU D 265 -41.32 -9.03 -65.44
CA GLU D 265 -42.06 -8.09 -64.62
C GLU D 265 -42.61 -8.76 -63.38
N LEU D 266 -42.93 -10.05 -63.47
CA LEU D 266 -43.37 -10.76 -62.29
C LEU D 266 -42.21 -11.02 -61.33
N SER D 267 -41.08 -11.47 -61.85
CA SER D 267 -39.89 -11.67 -61.01
C SER D 267 -39.42 -10.37 -60.42
N LYS D 268 -39.61 -9.27 -61.13
CA LYS D 268 -39.19 -7.99 -60.62
C LYS D 268 -40.12 -7.59 -59.50
N LEU D 269 -41.43 -7.75 -59.71
CA LEU D 269 -42.38 -7.41 -58.66
C LEU D 269 -42.27 -8.31 -57.44
N GLN D 270 -41.95 -9.59 -57.62
CA GLN D 270 -41.74 -10.46 -56.46
C GLN D 270 -40.43 -10.15 -55.75
N GLN D 271 -39.37 -9.89 -56.51
CA GLN D 271 -38.08 -9.53 -55.93
C GLN D 271 -38.18 -8.21 -55.18
N ARG D 272 -38.99 -7.29 -55.71
CA ARG D 272 -39.18 -5.99 -55.09
C ARG D 272 -40.09 -6.14 -53.89
N LEU D 273 -41.12 -6.99 -53.99
CA LEU D 273 -41.97 -7.22 -52.84
C LEU D 273 -41.16 -7.81 -51.71
N GLY D 274 -40.20 -8.67 -52.05
CA GLY D 274 -39.36 -9.18 -51.01
C GLY D 274 -38.36 -8.14 -50.52
N ARG D 275 -37.83 -7.32 -51.43
CA ARG D 275 -36.92 -6.24 -51.02
C ARG D 275 -37.59 -5.16 -50.18
N GLU D 276 -38.84 -4.83 -50.46
CA GLU D 276 -39.54 -3.88 -49.62
C GLU D 276 -39.83 -4.48 -48.26
N VAL D 277 -40.37 -5.70 -48.23
CA VAL D 277 -40.67 -6.32 -46.95
C VAL D 277 -39.39 -6.51 -46.16
N GLU D 278 -38.30 -6.85 -46.85
CA GLU D 278 -37.02 -6.98 -46.20
C GLU D 278 -36.56 -5.67 -45.62
N GLU D 279 -36.74 -4.57 -46.35
CA GLU D 279 -36.37 -3.27 -45.82
C GLU D 279 -37.22 -2.90 -44.61
N LYS D 280 -38.49 -3.31 -44.61
CA LYS D 280 -39.35 -3.03 -43.48
C LYS D 280 -39.03 -3.91 -42.29
N ILE D 281 -38.33 -5.02 -42.52
CA ILE D 281 -37.79 -5.81 -41.43
C ILE D 281 -36.40 -5.32 -41.00
N LYS D 282 -35.63 -4.66 -41.89
CA LYS D 282 -34.37 -4.03 -41.47
C LYS D 282 -34.59 -2.82 -40.60
N GLN D 283 -35.81 -2.27 -40.56
CA GLN D 283 -36.07 -1.19 -39.62
C GLN D 283 -35.83 -1.60 -38.17
N THR D 284 -35.93 -2.90 -37.84
CA THR D 284 -35.55 -3.33 -36.51
C THR D 284 -34.09 -2.96 -36.32
N HIS D 285 -33.76 -2.40 -35.17
CA HIS D 285 -32.44 -1.82 -35.04
C HIS D 285 -31.36 -2.86 -34.91
N ARG D 286 -30.18 -2.47 -35.35
CA ARG D 286 -29.01 -3.33 -35.23
C ARG D 286 -28.64 -3.56 -33.77
N LYS D 287 -29.05 -2.66 -32.88
CA LYS D 287 -28.91 -2.87 -31.44
C LYS D 287 -29.63 -4.14 -31.02
N TYR D 288 -30.74 -4.47 -31.66
CA TYR D 288 -31.45 -5.69 -31.33
C TYR D 288 -30.58 -6.87 -31.69
N LEU D 289 -29.84 -6.76 -32.78
CA LEU D 289 -28.91 -7.82 -33.14
C LEU D 289 -27.85 -7.91 -32.04
N LEU D 290 -27.35 -6.78 -31.58
CA LEU D 290 -26.37 -6.82 -30.50
C LEU D 290 -26.99 -7.38 -29.22
N GLN D 291 -28.28 -7.16 -29.01
CA GLN D 291 -28.96 -7.80 -27.89
C GLN D 291 -28.99 -9.31 -28.09
N GLU D 292 -29.16 -9.73 -29.32
CA GLU D 292 -29.12 -11.14 -29.66
C GLU D 292 -27.74 -11.72 -29.40
N GLN D 293 -26.71 -10.91 -29.60
CA GLN D 293 -25.37 -11.37 -29.31
C GLN D 293 -25.24 -11.57 -27.82
N LEU D 294 -25.81 -10.63 -27.06
CA LEU D 294 -25.78 -10.71 -25.61
C LEU D 294 -26.42 -12.01 -25.15
N LYS D 295 -27.60 -12.30 -25.72
CA LYS D 295 -28.30 -13.52 -25.34
C LYS D 295 -27.44 -14.71 -25.67
N ILE D 296 -26.79 -14.69 -26.84
CA ILE D 296 -25.94 -15.80 -27.26
C ILE D 296 -24.86 -16.03 -26.22
N ILE D 297 -24.23 -14.92 -25.79
CA ILE D 297 -23.17 -15.00 -24.79
C ILE D 297 -23.65 -15.77 -23.57
N LYS D 298 -24.83 -15.39 -23.06
CA LYS D 298 -25.33 -16.09 -21.89
C LYS D 298 -25.72 -17.52 -22.20
N LYS D 299 -26.22 -17.77 -23.40
CA LYS D 299 -26.62 -19.11 -23.80
C LYS D 299 -25.45 -20.06 -23.67
N GLU D 300 -24.29 -19.61 -24.13
CA GLU D 300 -23.08 -20.40 -24.06
C GLU D 300 -22.20 -19.85 -22.97
N LEU D 301 -22.79 -19.68 -21.79
CA LEU D 301 -22.10 -19.18 -20.62
C LEU D 301 -22.94 -19.58 -19.43
N GLY D 302 -23.00 -20.88 -19.19
CA GLY D 302 -23.76 -21.38 -18.07
C GLY D 302 -22.88 -22.29 -17.26
N LEU D 303 -21.54 -22.04 -17.28
CA LEU D 303 -20.62 -22.87 -16.52
C LEU D 303 -19.57 -22.03 -15.79
N GLU D 304 -19.93 -20.84 -15.30
CA GLU D 304 -18.94 -20.05 -14.55
C GLU D 304 -19.65 -18.98 -13.73
N LYS D 305 -19.21 -18.81 -12.49
CA LYS D 305 -19.79 -17.82 -11.58
C LYS D 305 -19.10 -16.47 -11.76
N ASP D 306 -19.79 -15.40 -11.32
CA ASP D 306 -19.32 -14.01 -11.41
C ASP D 306 -18.69 -13.52 -10.10
N ASP D 307 -17.37 -13.69 -9.97
CA ASP D 307 -16.69 -13.24 -8.76
C ASP D 307 -16.66 -11.73 -8.60
N LYS D 308 -16.71 -10.99 -9.71
CA LYS D 308 -16.67 -9.53 -9.66
C LYS D 308 -18.06 -8.92 -9.71
N ASP D 309 -18.89 -9.42 -10.62
CA ASP D 309 -20.24 -8.89 -10.74
C ASP D 309 -21.05 -9.16 -9.49
N ALA D 310 -20.78 -10.28 -8.81
CA ALA D 310 -21.51 -10.61 -7.59
C ALA D 310 -21.39 -9.47 -6.58
N ILE D 311 -20.19 -8.93 -6.42
CA ILE D 311 -20.04 -7.83 -5.47
C ILE D 311 -20.72 -6.58 -6.00
N GLU D 312 -20.49 -6.28 -7.29
CA GLU D 312 -21.10 -5.09 -7.91
C GLU D 312 -22.62 -5.11 -7.73
N GLU D 313 -23.24 -6.23 -8.06
CA GLU D 313 -24.68 -6.29 -7.92
C GLU D 313 -25.10 -6.36 -6.47
N LYS D 314 -24.27 -6.94 -5.59
CA LYS D 314 -24.61 -6.96 -4.17
C LYS D 314 -24.71 -5.55 -3.64
N PHE D 315 -23.69 -4.76 -3.98
CA PHE D 315 -23.61 -3.37 -3.58
C PHE D 315 -24.74 -2.59 -4.20
N ARG D 316 -25.15 -2.98 -5.42
CA ARG D 316 -26.23 -2.29 -6.08
C ARG D 316 -27.55 -2.64 -5.43
N GLU D 317 -27.67 -3.87 -4.95
CA GLU D 317 -28.92 -4.35 -4.37
C GLU D 317 -29.18 -3.68 -3.04
N ARG D 318 -28.17 -3.66 -2.16
CA ARG D 318 -28.33 -2.93 -0.90
C ARG D 318 -28.56 -1.45 -1.15
N LEU D 319 -28.09 -0.93 -2.29
CA LEU D 319 -28.28 0.46 -2.63
C LEU D 319 -29.64 0.79 -3.20
N LYS D 320 -30.44 -0.21 -3.63
CA LYS D 320 -31.60 0.07 -4.47
C LYS D 320 -32.57 0.98 -3.74
N GLU D 321 -32.94 0.57 -2.54
CA GLU D 321 -33.98 1.25 -1.81
C GLU D 321 -33.58 2.66 -1.41
N LEU D 322 -32.29 2.90 -1.17
CA LEU D 322 -31.86 4.19 -0.64
C LEU D 322 -32.09 5.26 -1.71
N VAL D 323 -32.48 6.45 -1.26
CA VAL D 323 -32.57 7.61 -2.15
C VAL D 323 -31.22 8.31 -2.09
N VAL D 324 -30.28 7.80 -2.87
CA VAL D 324 -28.93 8.35 -2.84
C VAL D 324 -28.96 9.75 -3.43
N PRO D 325 -28.18 10.71 -2.93
CA PRO D 325 -28.00 11.95 -3.70
C PRO D 325 -27.35 11.60 -5.03
N LYS D 326 -27.75 12.29 -6.10
CA LYS D 326 -27.15 11.99 -7.41
C LYS D 326 -25.65 12.24 -7.35
N HIS D 327 -25.24 13.22 -6.57
CA HIS D 327 -23.84 13.58 -6.48
C HIS D 327 -23.07 12.37 -6.01
N VAL D 328 -23.57 11.77 -4.89
CA VAL D 328 -22.86 10.62 -4.40
C VAL D 328 -23.00 9.50 -5.41
N MET D 329 -24.10 9.50 -6.20
CA MET D 329 -24.31 8.43 -7.15
C MET D 329 -23.18 8.46 -8.16
N ASP D 330 -22.71 9.68 -8.45
CA ASP D 330 -21.61 9.87 -9.38
C ASP D 330 -20.37 9.24 -8.81
N VAL D 331 -20.13 9.53 -7.53
CA VAL D 331 -18.94 9.01 -6.89
C VAL D 331 -18.95 7.48 -6.91
N VAL D 332 -20.06 6.90 -6.47
CA VAL D 332 -20.16 5.45 -6.39
C VAL D 332 -20.03 4.87 -7.77
N ASP D 333 -20.57 5.57 -8.78
CA ASP D 333 -20.50 5.05 -10.13
C ASP D 333 -19.06 4.98 -10.57
N GLU D 334 -18.25 5.96 -10.13
CA GLU D 334 -16.86 5.97 -10.55
C GLU D 334 -16.19 4.72 -10.02
N GLU D 335 -16.36 4.46 -8.72
CA GLU D 335 -15.75 3.24 -8.19
C GLU D 335 -16.38 1.98 -8.79
N LEU D 336 -17.66 2.00 -9.15
CA LEU D 336 -18.24 0.84 -9.84
C LEU D 336 -17.54 0.60 -11.16
N SER D 337 -17.08 1.66 -11.80
CA SER D 337 -16.31 1.47 -13.02
C SER D 337 -14.93 0.93 -12.66
N LYS D 338 -14.25 1.61 -11.73
CA LYS D 338 -12.86 1.27 -11.46
C LYS D 338 -12.73 -0.10 -10.85
N LEU D 339 -13.73 -0.56 -10.10
CA LEU D 339 -13.64 -1.86 -9.48
C LEU D 339 -13.66 -2.98 -10.49
N GLY D 340 -14.15 -2.75 -11.70
CA GLY D 340 -14.11 -3.80 -12.70
C GLY D 340 -12.69 -4.07 -13.17
N LEU D 341 -11.97 -3.01 -13.54
CA LEU D 341 -10.61 -3.15 -14.04
C LEU D 341 -9.65 -3.58 -12.94
N LEU D 342 -9.94 -3.25 -11.67
CA LEU D 342 -9.02 -3.57 -10.59
C LEU D 342 -8.84 -5.06 -10.40
N ASP D 343 -7.62 -5.45 -10.02
CA ASP D 343 -7.33 -6.82 -9.63
C ASP D 343 -8.06 -7.16 -8.34
N ASN D 344 -8.45 -8.44 -8.27
CA ASN D 344 -9.26 -8.92 -7.16
C ASN D 344 -8.52 -8.75 -5.84
N HIS D 345 -7.18 -8.80 -5.87
CA HIS D 345 -6.34 -8.84 -4.68
C HIS D 345 -5.41 -7.64 -4.51
N SER D 346 -5.58 -6.56 -5.27
CA SER D 346 -4.70 -5.41 -5.04
C SER D 346 -4.99 -4.72 -3.72
N SER D 347 -3.96 -4.08 -3.18
CA SER D 347 -4.15 -3.36 -1.92
C SER D 347 -5.13 -2.22 -2.15
N GLU D 348 -5.05 -1.61 -3.34
CA GLU D 348 -5.99 -0.58 -3.71
C GLU D 348 -7.39 -1.15 -3.78
N PHE D 349 -7.51 -2.42 -4.21
CA PHE D 349 -8.81 -3.08 -4.16
C PHE D 349 -9.29 -3.20 -2.73
N ASN D 350 -8.37 -3.44 -1.79
CA ASN D 350 -8.79 -3.58 -0.40
C ASN D 350 -9.33 -2.26 0.11
N VAL D 351 -8.55 -1.18 -0.04
CA VAL D 351 -9.00 0.09 0.52
C VAL D 351 -10.26 0.56 -0.20
N THR D 352 -10.36 0.31 -1.50
CA THR D 352 -11.59 0.67 -2.20
C THR D 352 -12.74 -0.19 -1.73
N ARG D 353 -12.48 -1.45 -1.41
CA ARG D 353 -13.52 -2.31 -0.89
C ARG D 353 -14.02 -1.79 0.44
N ASN D 354 -13.09 -1.34 1.27
CA ASN D 354 -13.48 -0.72 2.52
C ASN D 354 -14.26 0.55 2.28
N TYR D 355 -13.84 1.34 1.30
CA TYR D 355 -14.53 2.58 1.01
C TYR D 355 -15.95 2.34 0.55
N LEU D 356 -16.14 1.26 -0.20
CA LEU D 356 -17.45 0.95 -0.71
C LEU D 356 -18.32 0.32 0.34
N ASP D 357 -17.73 -0.47 1.23
CA ASP D 357 -18.51 -0.93 2.36
C ASP D 357 -18.93 0.25 3.22
N TRP D 358 -18.06 1.25 3.32
CA TRP D 358 -18.34 2.40 4.15
C TRP D 358 -19.18 3.44 3.42
N LEU D 359 -19.43 3.25 2.12
CA LEU D 359 -20.38 4.07 1.39
C LEU D 359 -21.73 3.38 1.19
N THR D 360 -21.71 2.18 0.61
CA THR D 360 -22.95 1.49 0.29
C THR D 360 -23.74 1.18 1.54
N SER D 361 -23.05 0.94 2.65
CA SER D 361 -23.72 0.56 3.86
C SER D 361 -24.58 1.69 4.39
N ILE D 362 -24.14 2.92 4.16
CA ILE D 362 -24.73 4.11 4.77
C ILE D 362 -26.15 4.29 4.24
N PRO D 363 -27.17 4.51 5.09
CA PRO D 363 -28.49 4.87 4.55
C PRO D 363 -28.50 6.22 3.85
N TRP D 364 -29.31 6.32 2.80
CA TRP D 364 -29.49 7.55 2.04
C TRP D 364 -30.99 7.73 1.78
N GLY D 365 -31.60 8.63 2.53
CA GLY D 365 -32.99 8.94 2.42
C GLY D 365 -33.90 8.07 3.25
N LYS D 366 -33.38 7.05 3.91
CA LYS D 366 -34.20 6.33 4.87
C LYS D 366 -34.51 7.25 6.03
N TYR D 367 -35.72 7.15 6.57
CA TYR D 367 -36.14 7.97 7.70
C TYR D 367 -36.92 7.13 8.67
N SER D 368 -36.47 7.09 9.93
CA SER D 368 -37.27 6.47 10.96
C SER D 368 -38.61 7.19 11.05
N ASN D 369 -39.67 6.46 10.74
CA ASN D 369 -41.00 7.06 10.74
C ASN D 369 -41.30 7.51 12.16
N GLU D 370 -41.81 8.70 12.29
CA GLU D 370 -41.91 9.33 13.59
C GLU D 370 -43.34 9.19 14.10
N ASN D 371 -43.47 9.29 15.42
CA ASN D 371 -44.75 9.33 16.11
C ASN D 371 -45.08 10.78 16.39
N LEU D 372 -46.37 11.10 16.36
CA LEU D 372 -46.84 12.46 16.52
C LEU D 372 -48.06 12.46 17.41
N ASP D 373 -47.94 11.71 18.50
CA ASP D 373 -48.98 11.53 19.49
C ASP D 373 -48.52 12.30 20.73
N LEU D 374 -48.93 13.56 20.86
CA LEU D 374 -48.52 14.38 21.99
C LEU D 374 -48.92 13.75 23.32
N ALA D 375 -50.12 13.17 23.37
CA ALA D 375 -50.59 12.50 24.57
C ALA D 375 -49.73 11.29 24.89
N ARG D 376 -49.13 10.72 23.86
CA ARG D 376 -48.29 9.55 24.00
C ARG D 376 -46.89 9.92 24.40
N ALA D 377 -46.31 10.96 23.79
CA ALA D 377 -45.01 11.36 24.30
C ALA D 377 -45.14 11.81 25.75
N GLN D 378 -46.28 12.44 26.10
CA GLN D 378 -46.56 12.76 27.49
C GLN D 378 -46.51 11.52 28.34
N ALA D 379 -47.20 10.47 27.88
CA ALA D 379 -47.26 9.21 28.61
C ALA D 379 -45.88 8.64 28.81
N VAL D 380 -45.10 8.53 27.73
CA VAL D 380 -43.83 7.82 27.80
C VAL D 380 -42.89 8.59 28.70
N LEU D 381 -42.77 9.88 28.41
CA LEU D 381 -41.87 10.73 29.15
C LEU D 381 -42.27 10.82 30.61
N GLU D 382 -43.57 10.78 30.88
CA GLU D 382 -44.01 10.90 32.26
C GLU D 382 -43.73 9.62 32.99
N GLU D 383 -44.02 8.47 32.37
CA GLU D 383 -43.82 7.22 33.07
C GLU D 383 -42.37 6.99 33.33
N ASP D 384 -41.52 7.39 32.40
CA ASP D 384 -40.16 6.90 32.48
C ASP D 384 -39.28 7.70 33.41
N HIS D 385 -39.69 8.87 33.88
CA HIS D 385 -38.86 9.68 34.74
C HIS D 385 -39.73 10.58 35.60
N TYR D 386 -39.52 10.54 36.90
CA TYR D 386 -40.22 11.47 37.78
C TYR D 386 -39.73 12.87 37.47
N GLY D 387 -40.64 13.83 37.54
CA GLY D 387 -40.24 15.22 37.48
C GLY D 387 -39.62 15.52 36.15
N MET D 388 -38.62 16.38 36.18
CA MET D 388 -37.89 16.80 35.00
C MET D 388 -38.85 17.48 34.03
N GLU D 389 -39.60 18.43 34.56
CA GLU D 389 -40.59 19.14 33.77
C GLU D 389 -39.93 19.93 32.68
N ASP D 390 -38.70 20.39 32.93
CA ASP D 390 -38.02 21.25 31.98
C ASP D 390 -37.64 20.48 30.72
N VAL D 391 -36.93 19.36 30.87
CA VAL D 391 -36.56 18.59 29.68
C VAL D 391 -37.81 18.13 28.97
N LYS D 392 -38.82 17.78 29.75
CA LYS D 392 -40.08 17.39 29.17
C LYS D 392 -40.71 18.54 28.42
N LYS D 393 -40.64 19.72 29.00
CA LYS D 393 -41.24 20.88 28.39
C LYS D 393 -40.53 21.21 27.09
N ARG D 394 -39.22 21.01 27.10
CA ARG D 394 -38.46 21.27 25.90
C ARG D 394 -38.78 20.28 24.81
N ILE D 395 -38.83 18.99 25.16
CA ILE D 395 -39.05 18.00 24.15
C ILE D 395 -40.44 18.16 23.58
N LEU D 396 -41.38 18.55 24.44
CA LEU D 396 -42.71 18.84 23.96
C LEU D 396 -42.65 19.96 22.97
N GLU D 397 -41.82 20.97 23.24
CA GLU D 397 -41.69 22.05 22.28
C GLU D 397 -41.12 21.56 20.97
N PHE D 398 -40.14 20.65 21.03
CA PHE D 398 -39.51 20.17 19.82
C PHE D 398 -40.53 19.47 18.95
N ILE D 399 -41.23 18.55 19.57
CA ILE D 399 -42.25 17.82 18.86
C ILE D 399 -43.36 18.75 18.45
N ALA D 400 -43.68 19.74 19.28
CA ALA D 400 -44.77 20.65 18.99
C ALA D 400 -44.47 21.47 17.76
N VAL D 401 -43.20 21.69 17.49
CA VAL D 401 -42.81 22.32 16.25
C VAL D 401 -42.93 21.32 15.13
N SER D 402 -42.12 20.26 15.21
CA SER D 402 -42.00 19.34 14.09
C SER D 402 -43.33 18.72 13.72
N GLN D 403 -44.17 18.48 14.73
CA GLN D 403 -45.51 17.98 14.43
C GLN D 403 -46.33 19.01 13.69
N LEU D 404 -46.05 20.29 13.93
CA LEU D 404 -46.79 21.34 13.25
C LEU D 404 -46.21 21.69 11.91
N ARG D 405 -44.89 21.83 11.84
CA ARG D 405 -44.26 22.36 10.65
C ARG D 405 -43.67 21.23 9.82
N GLY D 406 -44.55 20.29 9.48
CA GLY D 406 -44.20 19.31 8.48
C GLY D 406 -42.98 18.52 8.88
N SER D 407 -41.96 18.65 8.05
CA SER D 407 -40.85 17.74 8.05
C SER D 407 -40.03 17.83 9.33
N THR D 408 -39.40 16.71 9.63
CA THR D 408 -38.48 16.58 10.73
C THR D 408 -37.25 17.47 10.56
N GLN D 409 -36.69 17.86 11.70
CA GLN D 409 -35.52 18.71 11.74
C GLN D 409 -34.67 18.11 12.83
N GLY D 410 -33.38 18.34 12.75
CA GLY D 410 -32.49 17.99 13.83
C GLY D 410 -32.41 19.10 14.81
N LYS D 411 -31.69 18.85 15.88
CA LYS D 411 -31.55 19.86 16.89
C LYS D 411 -30.50 19.33 17.85
N ILE D 412 -29.89 20.24 18.57
CA ILE D 412 -28.90 19.97 19.59
C ILE D 412 -29.50 20.31 20.94
N LEU D 413 -28.95 19.71 22.00
CA LEU D 413 -29.40 19.96 23.35
C LEU D 413 -28.24 19.67 24.29
N CYS D 414 -28.42 20.04 25.55
CA CYS D 414 -27.46 19.66 26.55
C CYS D 414 -28.14 19.45 27.88
N PHE D 415 -27.46 18.63 28.67
CA PHE D 415 -27.90 18.31 30.01
C PHE D 415 -26.73 18.42 30.96
N TYR D 416 -27.06 18.78 32.19
CA TYR D 416 -26.01 18.83 33.19
C TYR D 416 -26.49 18.77 34.63
N GLY D 417 -25.59 18.24 35.45
CA GLY D 417 -25.82 18.00 36.84
C GLY D 417 -24.90 16.89 37.33
N PRO D 418 -25.12 16.42 38.57
CA PRO D 418 -24.23 15.40 39.13
C PRO D 418 -24.26 14.14 38.31
N PRO D 419 -23.13 13.44 38.21
CA PRO D 419 -23.15 12.17 37.47
C PRO D 419 -24.04 11.13 38.15
N GLY D 420 -24.66 10.27 37.34
CA GLY D 420 -25.50 9.23 37.89
C GLY D 420 -26.85 9.74 38.36
N VAL D 421 -27.25 10.91 37.90
CA VAL D 421 -28.54 11.53 38.19
C VAL D 421 -29.68 10.95 37.35
N GLY D 422 -29.40 10.10 36.36
CA GLY D 422 -30.38 9.63 35.39
C GLY D 422 -30.33 10.27 34.02
N LYS D 423 -29.29 11.06 33.74
CA LYS D 423 -29.10 11.74 32.47
C LYS D 423 -29.31 10.82 31.29
N THR D 424 -28.49 9.78 31.21
CA THR D 424 -28.43 8.92 30.03
C THR D 424 -29.77 8.24 29.82
N SER D 425 -30.46 7.93 30.91
CA SER D 425 -31.69 7.16 30.82
C SER D 425 -32.74 7.90 30.00
N ILE D 426 -32.79 9.22 30.14
CA ILE D 426 -33.83 9.94 29.45
C ILE D 426 -33.60 9.95 27.96
N ALA D 427 -32.35 9.78 27.52
CA ALA D 427 -32.09 9.69 26.10
C ALA D 427 -32.80 8.51 25.47
N ARG D 428 -32.63 7.33 26.04
CA ARG D 428 -33.32 6.18 25.47
C ARG D 428 -34.81 6.37 25.63
N SER D 429 -35.24 7.02 26.72
CA SER D 429 -36.67 7.24 26.89
C SER D 429 -37.20 8.10 25.77
N ILE D 430 -36.43 9.13 25.41
CA ILE D 430 -36.75 9.93 24.25
C ILE D 430 -36.84 9.02 23.04
N ALA D 431 -35.82 8.17 22.88
CA ALA D 431 -35.75 7.33 21.68
C ALA D 431 -37.00 6.49 21.56
N ARG D 432 -37.52 6.04 22.70
CA ARG D 432 -38.80 5.35 22.73
C ARG D 432 -39.94 6.28 22.38
N ALA D 433 -39.78 7.55 22.67
CA ALA D 433 -40.84 8.50 22.36
C ALA D 433 -40.87 8.86 20.88
N LEU D 434 -39.73 9.23 20.34
CA LEU D 434 -39.59 9.64 18.95
C LEU D 434 -39.50 8.54 17.90
N ASN D 435 -39.25 7.30 18.27
CA ASN D 435 -39.27 6.14 17.37
C ASN D 435 -37.97 6.04 16.57
N ARG D 436 -37.06 7.00 16.66
CA ARG D 436 -35.77 6.94 16.00
C ARG D 436 -34.80 6.03 16.75
N GLU D 437 -33.80 5.53 16.00
CA GLU D 437 -32.81 4.62 16.57
C GLU D 437 -31.98 5.34 17.62
N TYR D 438 -31.55 4.59 18.63
CA TYR D 438 -30.71 5.11 19.70
C TYR D 438 -29.25 4.74 19.41
N PHE D 439 -28.34 5.55 19.96
CA PHE D 439 -26.91 5.25 19.96
C PHE D 439 -26.18 6.31 20.76
N ARG D 440 -25.10 5.92 21.43
CA ARG D 440 -24.32 6.81 22.28
C ARG D 440 -22.84 6.47 22.12
N PHE D 441 -21.97 7.39 22.51
CA PHE D 441 -20.53 7.09 22.51
C PHE D 441 -19.80 8.14 23.32
N SER D 442 -18.72 7.73 23.97
CA SER D 442 -17.94 8.63 24.80
C SER D 442 -17.06 9.57 23.98
N VAL D 443 -16.80 10.74 24.53
CA VAL D 443 -15.81 11.67 23.97
C VAL D 443 -14.91 12.21 25.08
N GLY D 444 -15.06 11.72 26.31
CA GLY D 444 -14.31 12.29 27.41
C GLY D 444 -12.82 12.06 27.25
N GLY D 445 -12.06 13.13 27.35
CA GLY D 445 -10.62 13.06 27.39
C GLY D 445 -9.98 12.88 26.03
N MET D 446 -10.78 12.75 24.98
CA MET D 446 -10.25 12.58 23.64
C MET D 446 -9.55 13.87 23.24
N THR D 447 -8.41 13.73 22.54
CA THR D 447 -7.62 14.85 22.08
C THR D 447 -7.47 14.90 20.57
N ASP D 448 -7.10 13.77 19.96
CA ASP D 448 -6.97 13.70 18.50
C ASP D 448 -8.33 13.84 17.81
N VAL D 449 -8.32 14.52 16.66
CA VAL D 449 -9.55 14.77 15.90
C VAL D 449 -9.92 13.66 14.92
N ALA D 450 -9.04 12.68 14.68
CA ALA D 450 -9.41 11.66 13.70
C ALA D 450 -10.65 10.92 14.15
N GLU D 451 -10.86 10.81 15.46
CA GLU D 451 -11.99 10.07 15.97
C GLU D 451 -13.28 10.76 15.55
N ILE D 452 -13.28 12.10 15.51
CA ILE D 452 -14.47 12.84 15.09
C ILE D 452 -14.48 13.13 13.59
N LYS D 453 -13.37 12.90 12.87
CA LYS D 453 -13.27 13.29 11.47
C LYS D 453 -12.58 12.28 10.56
N GLY D 454 -11.88 11.30 11.11
CA GLY D 454 -11.19 10.33 10.30
C GLY D 454 -9.90 10.93 9.76
N HIS D 455 -9.37 10.28 8.74
CA HIS D 455 -8.06 10.57 8.12
C HIS D 455 -8.24 10.63 6.61
N ARG D 456 -7.14 10.82 5.90
CA ARG D 456 -7.14 11.03 4.45
C ARG D 456 -7.31 9.71 3.71
N ARG D 457 -7.26 8.57 4.41
CA ARG D 457 -7.43 7.19 3.91
C ARG D 457 -6.24 6.73 3.07
N THR D 458 -5.28 7.61 2.79
CA THR D 458 -3.99 7.19 2.34
C THR D 458 -3.13 6.73 3.50
N TYR D 459 -3.59 6.95 4.73
CA TYR D 459 -2.91 6.39 5.88
C TYR D 459 -3.39 4.95 6.06
N VAL D 460 -2.58 4.18 6.79
CA VAL D 460 -2.80 2.73 6.85
C VAL D 460 -4.10 2.37 7.57
N GLY D 461 -4.34 2.94 8.75
CA GLY D 461 -5.42 2.47 9.59
C GLY D 461 -6.65 3.35 9.58
N ALA D 462 -6.78 4.19 8.56
CA ALA D 462 -7.80 5.23 8.56
C ALA D 462 -9.20 4.64 8.64
N MET D 463 -10.02 5.23 9.50
CA MET D 463 -11.43 4.94 9.64
C MET D 463 -12.19 6.25 9.73
N PRO D 464 -13.42 6.31 9.25
CA PRO D 464 -14.18 7.56 9.36
C PRO D 464 -14.42 7.88 10.82
N GLY D 465 -14.50 9.19 11.11
CA GLY D 465 -14.85 9.67 12.43
C GLY D 465 -16.10 8.97 12.96
N LYS D 466 -16.36 9.04 14.27
CA LYS D 466 -17.28 8.10 14.96
C LYS D 466 -18.70 8.12 14.38
N ILE D 467 -19.13 9.26 13.84
CA ILE D 467 -20.51 9.45 13.39
C ILE D 467 -20.83 8.40 12.34
N ILE D 468 -19.90 8.19 11.43
CA ILE D 468 -20.19 7.31 10.32
C ILE D 468 -20.29 5.88 10.79
N GLN D 469 -19.54 5.51 11.84
CA GLN D 469 -19.72 4.18 12.38
C GLN D 469 -21.12 4.03 12.94
N CYS D 470 -21.61 5.10 13.57
CA CYS D 470 -22.99 5.03 14.04
C CYS D 470 -23.95 4.85 12.90
N LEU D 471 -23.81 5.70 11.88
CA LEU D 471 -24.75 5.64 10.78
C LEU D 471 -24.69 4.32 10.05
N LYS D 472 -23.49 3.74 9.94
CA LYS D 472 -23.42 2.41 9.39
C LYS D 472 -24.14 1.43 10.29
N LYS D 473 -24.16 1.71 11.59
CA LYS D 473 -24.85 0.85 12.53
C LYS D 473 -26.35 1.16 12.50
N THR D 474 -26.71 2.38 12.89
CA THR D 474 -28.10 2.78 12.92
C THR D 474 -28.58 2.86 11.48
N LYS D 475 -29.55 2.01 11.15
CA LYS D 475 -29.99 1.89 9.78
C LYS D 475 -30.61 3.17 9.27
N THR D 476 -31.27 3.91 10.14
CA THR D 476 -31.94 5.15 9.75
C THR D 476 -30.92 6.24 9.44
N GLU D 477 -31.32 7.20 8.60
CA GLU D 477 -30.51 8.39 8.35
C GLU D 477 -30.63 9.44 9.44
N ASN D 478 -31.63 9.33 10.30
CA ASN D 478 -31.92 10.32 11.33
C ASN D 478 -32.09 9.64 12.69
N PRO D 479 -31.00 9.14 13.27
CA PRO D 479 -31.10 8.53 14.60
C PRO D 479 -30.90 9.56 15.70
N LEU D 480 -30.91 9.07 16.94
CA LEU D 480 -30.82 9.90 18.14
C LEU D 480 -29.37 9.85 18.62
N ILE D 481 -28.54 10.61 17.92
CA ILE D 481 -27.15 10.70 18.34
C ILE D 481 -27.10 11.19 19.78
N LEU D 482 -26.20 10.59 20.56
CA LEU D 482 -26.07 10.90 21.97
C LEU D 482 -24.57 10.98 22.25
N ILE D 483 -23.99 12.14 21.98
CA ILE D 483 -22.65 12.37 22.49
C ILE D 483 -22.80 12.55 23.99
N ASP D 484 -21.76 12.23 24.72
CA ASP D 484 -21.83 12.43 26.16
C ASP D 484 -20.48 12.83 26.71
N GLU D 485 -20.53 13.56 27.81
CA GLU D 485 -19.37 14.04 28.53
C GLU D 485 -18.54 14.89 27.59
N VAL D 486 -19.16 16.00 27.19
CA VAL D 486 -18.41 17.08 26.58
C VAL D 486 -17.60 17.82 27.64
N ASP D 487 -17.93 17.68 28.93
CA ASP D 487 -17.35 18.54 29.95
C ASP D 487 -15.84 18.36 30.05
N LYS D 488 -15.35 17.17 29.74
CA LYS D 488 -13.95 16.81 29.94
C LYS D 488 -13.42 16.27 28.64
N ILE D 489 -13.78 16.94 27.55
CA ILE D 489 -13.17 16.63 26.27
C ILE D 489 -11.70 16.97 26.43
N GLY D 490 -10.82 16.07 26.00
CA GLY D 490 -9.41 16.37 26.13
C GLY D 490 -9.07 17.54 25.23
N ARG D 491 -8.45 18.57 25.82
CA ARG D 491 -8.18 19.80 25.09
C ARG D 491 -6.82 20.41 25.41
N GLY D 492 -5.96 19.69 26.14
CA GLY D 492 -4.62 20.19 26.41
C GLY D 492 -3.72 20.05 25.21
N TYR D 493 -4.01 19.06 24.36
CA TYR D 493 -3.19 18.77 23.20
C TYR D 493 -3.25 19.95 22.24
N GLN D 494 -2.12 20.22 21.57
CA GLN D 494 -2.07 21.24 20.53
C GLN D 494 -3.15 20.97 19.49
N GLY D 495 -4.05 21.96 19.32
CA GLY D 495 -5.23 21.74 18.51
C GLY D 495 -6.31 21.18 19.41
N ASP D 496 -7.46 21.85 19.47
CA ASP D 496 -8.49 21.49 20.41
C ASP D 496 -9.55 20.70 19.67
N PRO D 497 -9.82 19.43 20.00
CA PRO D 497 -10.88 18.73 19.27
C PRO D 497 -12.23 19.36 19.44
N SER D 498 -12.45 20.08 20.56
CA SER D 498 -13.70 20.82 20.77
C SER D 498 -14.00 21.66 19.55
N SER D 499 -12.96 22.34 19.05
CA SER D 499 -13.08 23.16 17.86
C SER D 499 -13.61 22.33 16.72
N ALA D 500 -13.01 21.15 16.50
CA ALA D 500 -13.49 20.27 15.44
C ALA D 500 -14.96 19.95 15.65
N LEU D 501 -15.30 19.65 16.89
CA LEU D 501 -16.67 19.31 17.21
C LEU D 501 -17.60 20.47 16.96
N LEU D 502 -17.11 21.70 17.14
CA LEU D 502 -17.93 22.89 16.94
C LEU D 502 -18.49 22.93 15.53
N GLU D 503 -17.76 22.38 14.55
CA GLU D 503 -18.25 22.37 13.18
C GLU D 503 -19.52 21.57 13.14
N LEU D 504 -19.55 20.46 13.90
CA LEU D 504 -20.61 19.48 13.78
C LEU D 504 -21.93 20.12 14.18
N LEU D 505 -21.89 21.14 15.05
CA LEU D 505 -23.05 21.71 15.71
C LEU D 505 -23.68 22.87 14.98
N ASP D 506 -22.91 23.70 14.26
CA ASP D 506 -23.52 24.89 13.69
C ASP D 506 -24.56 24.35 12.70
N PRO D 507 -25.87 24.69 12.86
CA PRO D 507 -26.89 24.01 12.04
C PRO D 507 -26.70 24.15 10.56
N GLU D 508 -26.24 25.34 10.20
CA GLU D 508 -26.06 25.71 8.82
C GLU D 508 -25.06 24.75 8.18
N GLN D 509 -23.82 24.79 8.67
CA GLN D 509 -22.81 23.90 8.13
C GLN D 509 -23.11 22.47 8.48
N ASN D 510 -23.87 22.24 9.56
CA ASN D 510 -24.24 20.89 9.93
C ASN D 510 -25.08 20.26 8.85
N ALA D 511 -25.83 21.07 8.11
CA ALA D 511 -26.74 20.54 7.11
C ALA D 511 -26.01 19.75 6.04
N ASN D 512 -24.72 19.99 5.83
CA ASN D 512 -23.95 19.37 4.75
C ASN D 512 -22.62 18.93 5.35
N PHE D 513 -22.67 18.18 6.44
CA PHE D 513 -21.44 17.78 7.11
C PHE D 513 -20.56 16.99 6.16
N LEU D 514 -19.24 17.19 6.23
CA LEU D 514 -18.28 16.63 5.27
C LEU D 514 -17.14 15.96 6.01
N ASP D 515 -17.29 14.67 6.23
CA ASP D 515 -16.23 13.86 6.81
C ASP D 515 -15.06 13.66 5.86
N HIS D 516 -13.88 13.43 6.46
CA HIS D 516 -12.62 13.29 5.72
C HIS D 516 -12.37 11.90 5.17
N TYR D 517 -12.68 10.82 5.91
CA TYR D 517 -12.29 9.50 5.43
C TYR D 517 -12.95 9.21 4.09
N LEU D 518 -14.15 9.75 3.88
CA LEU D 518 -14.78 9.83 2.59
C LEU D 518 -15.15 11.30 2.45
N ASP D 519 -14.74 11.93 1.37
CA ASP D 519 -14.87 13.38 1.19
C ASP D 519 -16.15 13.68 0.44
N VAL D 520 -17.25 13.34 1.10
CA VAL D 520 -18.57 13.61 0.57
C VAL D 520 -19.36 14.34 1.65
N PRO D 521 -20.19 15.33 1.29
CA PRO D 521 -21.13 15.84 2.29
C PRO D 521 -22.06 14.72 2.68
N VAL D 522 -22.44 14.73 3.95
CA VAL D 522 -23.46 13.82 4.46
C VAL D 522 -24.43 14.70 5.25
N ASP D 523 -25.46 15.16 4.57
CA ASP D 523 -26.49 15.91 5.27
C ASP D 523 -27.08 14.97 6.29
N LEU D 524 -27.22 15.50 7.47
CA LEU D 524 -27.70 14.76 8.62
C LEU D 524 -28.54 15.71 9.42
N SER D 525 -29.09 16.73 8.76
CA SER D 525 -29.75 17.82 9.44
C SER D 525 -30.92 17.36 10.29
N LYS D 526 -31.53 16.22 9.94
CA LYS D 526 -32.63 15.70 10.74
C LYS D 526 -32.20 15.15 12.10
N VAL D 527 -30.93 14.78 12.26
CA VAL D 527 -30.44 14.16 13.49
C VAL D 527 -30.64 15.05 14.71
N LEU D 528 -30.93 14.41 15.83
CA LEU D 528 -31.24 15.09 17.09
C LEU D 528 -30.12 14.83 18.09
N PHE D 529 -29.17 15.75 18.11
CA PHE D 529 -27.99 15.57 18.92
C PHE D 529 -28.39 15.75 20.37
N ILE D 530 -27.61 15.15 21.27
CA ILE D 530 -27.73 15.42 22.69
C ILE D 530 -26.36 15.25 23.30
N CYS D 531 -26.07 16.04 24.33
CA CYS D 531 -24.79 16.01 25.00
C CYS D 531 -25.01 16.15 26.49
N THR D 532 -23.94 15.85 27.22
CA THR D 532 -23.95 15.79 28.66
C THR D 532 -22.65 16.32 29.21
N ALA D 533 -22.77 16.95 30.37
CA ALA D 533 -21.62 17.53 31.04
C ALA D 533 -22.00 17.81 32.47
N ASN D 534 -21.06 17.67 33.42
CA ASN D 534 -21.43 17.94 34.81
C ASN D 534 -21.37 19.41 35.15
N VAL D 535 -20.85 20.25 34.26
CA VAL D 535 -20.86 21.68 34.47
C VAL D 535 -20.61 22.34 33.13
N THR D 536 -21.26 23.48 32.93
CA THR D 536 -21.13 24.25 31.70
C THR D 536 -20.17 25.41 31.93
N ASP D 537 -18.91 25.09 32.24
CA ASP D 537 -17.87 26.12 32.27
C ASP D 537 -16.57 25.80 31.53
N THR D 538 -16.05 24.57 31.61
CA THR D 538 -14.84 24.30 30.85
C THR D 538 -15.10 24.23 29.36
N ILE D 539 -16.33 23.95 28.98
CA ILE D 539 -16.67 23.73 27.58
C ILE D 539 -16.47 25.07 26.85
N PRO D 540 -15.77 25.12 25.71
CA PRO D 540 -15.50 26.42 25.09
C PRO D 540 -16.80 27.13 24.70
N GLU D 541 -16.80 28.46 24.88
CA GLU D 541 -18.04 29.23 24.79
C GLU D 541 -18.75 29.03 23.47
N PRO D 542 -18.11 29.17 22.30
CA PRO D 542 -18.89 29.04 21.05
C PRO D 542 -19.55 27.68 20.97
N LEU D 543 -18.86 26.66 21.49
CA LEU D 543 -19.49 25.35 21.51
C LEU D 543 -20.58 25.31 22.56
N ARG D 544 -20.43 26.07 23.63
CA ARG D 544 -21.45 26.19 24.66
C ARG D 544 -22.68 26.92 24.16
N ASP D 545 -22.54 27.72 23.11
CA ASP D 545 -23.58 28.54 22.59
C ASP D 545 -24.41 27.81 21.54
N ARG D 546 -23.83 26.84 20.83
CA ARG D 546 -24.56 26.16 19.76
C ARG D 546 -25.78 25.41 20.26
N MET D 547 -25.77 25.02 21.52
CA MET D 547 -26.68 24.04 22.07
C MET D 547 -27.52 24.63 23.18
N GLU D 548 -28.72 24.09 23.33
CA GLU D 548 -29.56 24.49 24.44
C GLU D 548 -29.03 23.83 25.68
N MET D 549 -29.24 24.48 26.82
CA MET D 549 -28.72 24.02 28.10
C MET D 549 -29.91 23.69 28.97
N ILE D 550 -29.82 22.60 29.73
CA ILE D 550 -30.85 22.24 30.70
C ILE D 550 -30.12 21.52 31.83
N ASN D 551 -30.67 21.61 33.04
CA ASN D 551 -30.01 21.02 34.21
C ASN D 551 -31.00 20.15 34.98
N VAL D 552 -30.64 18.87 35.07
CA VAL D 552 -31.17 17.99 36.09
C VAL D 552 -30.59 18.31 37.45
N SER D 553 -31.41 18.18 38.50
CA SER D 553 -31.00 18.61 39.82
C SER D 553 -30.53 17.41 40.62
N GLY D 554 -30.27 17.65 41.91
CA GLY D 554 -30.11 16.57 42.86
C GLY D 554 -31.46 16.22 43.39
N TYR D 555 -31.53 15.16 44.18
CA TYR D 555 -32.80 14.67 44.68
C TYR D 555 -32.81 14.67 46.19
N VAL D 556 -33.87 15.21 46.77
CA VAL D 556 -33.97 15.24 48.20
C VAL D 556 -34.24 13.82 48.66
N ALA D 557 -33.86 13.54 49.90
CA ALA D 557 -34.02 12.20 50.46
C ALA D 557 -35.47 11.75 50.51
N GLN D 558 -36.37 12.71 50.50
CA GLN D 558 -37.76 12.35 50.45
C GLN D 558 -38.11 12.08 49.01
N GLU D 559 -37.96 13.05 48.11
CA GLU D 559 -38.36 12.73 46.74
C GLU D 559 -37.54 11.57 46.19
N LYS D 560 -36.28 11.44 46.63
CA LYS D 560 -35.45 10.31 46.25
C LYS D 560 -36.08 9.01 46.70
N LEU D 561 -36.81 9.04 47.82
CA LEU D 561 -37.56 7.87 48.22
C LEU D 561 -38.64 7.61 47.19
N ALA D 562 -39.54 8.58 47.05
CA ALA D 562 -40.75 8.33 46.28
C ALA D 562 -40.46 7.92 44.84
N ILE D 563 -39.35 8.39 44.25
CA ILE D 563 -38.89 7.78 42.99
C ILE D 563 -38.37 6.37 43.20
N ALA D 564 -37.70 6.13 44.33
CA ALA D 564 -37.03 4.84 44.52
C ALA D 564 -38.05 3.73 44.55
N GLU D 565 -39.13 3.98 45.23
CA GLU D 565 -40.17 3.01 45.42
C GLU D 565 -41.12 2.97 44.25
N ARG D 566 -40.95 3.85 43.26
CA ARG D 566 -41.81 3.86 42.08
C ARG D 566 -41.11 3.18 40.92
N TYR D 567 -39.88 3.58 40.63
CA TYR D 567 -39.14 3.07 39.49
C TYR D 567 -38.09 2.06 39.89
N LEU D 568 -37.18 2.47 40.75
CA LEU D 568 -35.99 1.69 41.05
C LEU D 568 -36.36 0.32 41.55
N VAL D 569 -37.24 0.25 42.56
CA VAL D 569 -37.57 -1.05 43.14
C VAL D 569 -38.15 -1.92 42.03
N PRO D 570 -39.20 -1.50 41.31
CA PRO D 570 -39.70 -2.31 40.19
C PRO D 570 -38.65 -2.56 39.15
N GLN D 571 -37.74 -1.60 38.97
CA GLN D 571 -36.73 -1.71 37.93
C GLN D 571 -35.79 -2.85 38.21
N ALA D 572 -35.25 -2.89 39.41
CA ALA D 572 -34.34 -3.97 39.70
C ALA D 572 -35.03 -5.33 39.74
N ARG D 573 -36.32 -5.40 40.11
CA ARG D 573 -36.87 -6.75 40.28
C ARG D 573 -36.87 -7.56 39.00
N ALA D 574 -37.12 -6.93 37.85
CA ALA D 574 -37.05 -7.72 36.64
C ALA D 574 -35.63 -8.16 36.33
N LEU D 575 -34.65 -7.29 36.59
CA LEU D 575 -33.28 -7.69 36.37
C LEU D 575 -32.85 -8.79 37.31
N CYS D 576 -33.44 -8.80 38.49
CA CYS D 576 -33.26 -9.89 39.40
C CYS D 576 -34.27 -10.99 39.25
N GLY D 577 -35.31 -10.80 38.44
CA GLY D 577 -36.18 -11.94 38.26
C GLY D 577 -36.98 -12.31 39.48
N LEU D 578 -37.01 -11.47 40.50
CA LEU D 578 -37.86 -11.73 41.63
C LEU D 578 -39.31 -11.47 41.29
N ASP D 579 -40.16 -11.90 42.21
CA ASP D 579 -41.60 -11.71 42.16
C ASP D 579 -42.08 -11.30 43.52
N GLU D 580 -43.30 -10.78 43.53
CA GLU D 580 -43.81 -10.10 44.71
C GLU D 580 -43.93 -11.04 45.90
N SER D 581 -43.90 -12.35 45.68
CA SER D 581 -43.84 -13.32 46.75
C SER D 581 -42.46 -13.49 47.34
N LYS D 582 -41.43 -12.80 46.83
CA LYS D 582 -40.09 -12.95 47.39
C LYS D 582 -39.53 -11.82 48.27
N ALA D 583 -39.48 -10.56 47.83
CA ALA D 583 -38.64 -9.53 48.50
C ALA D 583 -39.31 -8.18 48.80
N LYS D 584 -40.46 -8.11 49.50
CA LYS D 584 -40.95 -6.77 49.83
C LYS D 584 -39.95 -6.00 50.68
N LEU D 585 -39.82 -4.71 50.38
CA LEU D 585 -38.93 -3.84 51.13
C LEU D 585 -39.78 -2.81 51.84
N SER D 586 -39.40 -2.49 53.07
CA SER D 586 -40.11 -1.46 53.81
C SER D 586 -39.87 -0.09 53.17
N SER D 587 -40.82 0.83 53.31
CA SER D 587 -40.55 2.21 52.92
C SER D 587 -39.50 2.86 53.83
N ASP D 588 -39.46 2.43 55.08
CA ASP D 588 -38.57 3.11 56.00
C ASP D 588 -37.19 2.52 55.98
N VAL D 589 -37.04 1.23 55.68
CA VAL D 589 -35.68 0.73 55.59
C VAL D 589 -34.97 1.48 54.48
N LEU D 590 -35.70 1.85 53.43
CA LEU D 590 -35.10 2.70 52.43
C LEU D 590 -34.80 4.05 53.02
N THR D 591 -35.66 4.52 53.91
CA THR D 591 -35.39 5.78 54.59
C THR D 591 -34.11 5.71 55.38
N LEU D 592 -33.91 4.56 55.99
CA LEU D 592 -32.70 4.33 56.74
C LEU D 592 -31.52 4.23 55.80
N LEU D 593 -31.73 3.59 54.65
CA LEU D 593 -30.67 3.47 53.67
C LEU D 593 -30.25 4.83 53.17
N ILE D 594 -31.19 5.75 53.17
CA ILE D 594 -30.89 7.07 52.69
C ILE D 594 -30.15 7.82 53.78
N LYS D 595 -30.68 7.85 55.01
CA LYS D 595 -30.00 8.70 55.98
C LYS D 595 -28.63 8.15 56.35
N GLN D 596 -28.46 6.82 56.37
CA GLN D 596 -27.30 6.21 57.00
C GLN D 596 -26.37 5.48 56.05
N TYR D 597 -26.87 4.60 55.18
CA TYR D 597 -25.90 3.88 54.38
C TYR D 597 -25.58 4.64 53.08
N CYS D 598 -26.04 5.88 52.92
CA CYS D 598 -25.71 6.65 51.74
C CYS D 598 -25.93 8.12 52.00
N ARG D 599 -25.14 8.98 51.35
CA ARG D 599 -25.34 10.42 51.53
C ARG D 599 -24.81 11.07 50.25
N GLU D 600 -25.69 11.33 49.29
CA GLU D 600 -25.22 11.88 48.02
C GLU D 600 -26.34 12.55 47.26
N SER D 601 -25.95 13.41 46.33
CA SER D 601 -26.92 14.11 45.51
C SER D 601 -27.40 13.32 44.32
N GLY D 602 -26.76 12.22 43.94
CA GLY D 602 -27.19 11.42 42.82
C GLY D 602 -28.17 10.36 43.26
N VAL D 603 -28.37 9.37 42.40
CA VAL D 603 -29.10 8.15 42.74
C VAL D 603 -28.26 6.90 42.48
N ARG D 604 -27.07 7.06 41.91
CA ARG D 604 -26.23 5.94 41.52
C ARG D 604 -25.88 5.03 42.69
N ASN D 605 -25.29 5.60 43.74
CA ASN D 605 -24.79 4.70 44.77
C ASN D 605 -25.91 3.94 45.41
N LEU D 606 -27.08 4.56 45.55
CA LEU D 606 -28.18 3.80 46.08
C LEU D 606 -28.56 2.66 45.13
N GLN D 607 -28.35 2.86 43.80
CA GLN D 607 -28.70 1.86 42.80
C GLN D 607 -27.97 0.59 43.17
N LYS D 608 -26.66 0.75 43.32
CA LYS D 608 -25.79 -0.36 43.65
C LYS D 608 -26.25 -0.96 44.98
N GLN D 609 -26.37 -0.10 46.00
CA GLN D 609 -26.67 -0.54 47.36
C GLN D 609 -28.02 -1.25 47.48
N VAL D 610 -28.87 -1.12 46.47
CA VAL D 610 -30.05 -1.94 46.30
C VAL D 610 -29.67 -3.25 45.64
N GLU D 611 -28.82 -3.19 44.62
CA GLU D 611 -28.50 -4.40 43.89
C GLU D 611 -27.89 -5.42 44.80
N LYS D 612 -27.06 -4.96 45.74
CA LYS D 612 -26.49 -5.88 46.70
C LYS D 612 -27.57 -6.53 47.55
N VAL D 613 -28.61 -5.77 47.86
CA VAL D 613 -29.66 -6.30 48.71
C VAL D 613 -30.42 -7.38 47.99
N LEU D 614 -30.78 -7.11 46.76
CA LEU D 614 -31.53 -8.09 46.00
C LEU D 614 -30.68 -9.32 45.77
N ARG D 615 -29.40 -9.11 45.56
CA ARG D 615 -28.48 -10.19 45.24
C ARG D 615 -28.34 -11.11 46.47
N LYS D 616 -28.03 -10.56 47.65
CA LYS D 616 -27.93 -11.40 48.84
C LYS D 616 -29.28 -12.01 49.17
N SER D 617 -30.34 -11.31 48.79
CA SER D 617 -31.64 -11.90 48.95
C SER D 617 -31.81 -13.07 48.01
N ALA D 618 -31.18 -13.07 46.83
CA ALA D 618 -31.32 -14.24 45.98
C ALA D 618 -30.60 -15.41 46.62
N TYR D 619 -29.43 -15.12 47.19
CA TYR D 619 -28.64 -16.18 47.76
C TYR D 619 -29.42 -16.86 48.88
N LYS D 620 -30.28 -16.10 49.56
CA LYS D 620 -31.02 -16.72 50.66
C LYS D 620 -32.25 -17.49 50.19
N ILE D 621 -32.53 -17.52 48.90
CA ILE D 621 -33.67 -18.21 48.37
C ILE D 621 -33.24 -19.52 47.81
N VAL D 622 -32.26 -19.44 46.91
CA VAL D 622 -31.84 -20.63 46.19
C VAL D 622 -31.34 -21.68 47.17
N SER D 623 -30.83 -21.25 48.35
CA SER D 623 -30.38 -22.16 49.38
C SER D 623 -30.85 -21.81 50.76
N GLY D 624 -31.34 -20.61 50.99
CA GLY D 624 -31.74 -20.29 52.33
C GLY D 624 -33.08 -20.91 52.57
N GLU D 625 -33.53 -20.72 53.80
CA GLU D 625 -34.66 -21.44 54.37
C GLU D 625 -35.99 -20.73 54.08
N ALA D 626 -36.12 -19.46 54.46
CA ALA D 626 -37.35 -18.75 54.16
C ALA D 626 -37.51 -18.55 52.66
N GLU D 627 -38.74 -18.79 52.22
CA GLU D 627 -39.16 -18.64 50.83
C GLU D 627 -39.48 -17.23 50.44
N SER D 628 -39.60 -16.30 51.39
CA SER D 628 -40.00 -14.95 51.07
C SER D 628 -39.24 -13.97 51.95
N VAL D 629 -38.48 -13.11 51.32
CA VAL D 629 -37.83 -12.02 52.02
C VAL D 629 -38.85 -10.91 52.28
N GLU D 630 -38.83 -10.38 53.48
CA GLU D 630 -39.70 -9.26 53.90
C GLU D 630 -38.76 -8.32 54.59
N VAL D 631 -38.06 -7.49 53.82
CA VAL D 631 -37.02 -6.72 54.47
C VAL D 631 -37.63 -5.71 55.44
N THR D 632 -36.88 -5.42 56.50
CA THR D 632 -37.28 -4.50 57.53
C THR D 632 -36.05 -3.71 57.91
N PRO D 633 -36.23 -2.50 58.48
CA PRO D 633 -35.06 -1.69 58.87
C PRO D 633 -34.17 -2.39 59.85
N GLU D 634 -34.77 -3.21 60.69
CA GLU D 634 -34.00 -3.99 61.64
C GLU D 634 -33.41 -5.21 60.98
N ASN D 635 -34.14 -5.86 60.08
CA ASN D 635 -33.60 -7.05 59.42
C ASN D 635 -32.38 -6.71 58.53
N LEU D 636 -32.22 -5.44 58.15
CA LEU D 636 -31.31 -5.02 57.09
C LEU D 636 -29.87 -5.40 57.30
N GLN D 637 -29.40 -5.51 58.56
CA GLN D 637 -27.99 -5.77 58.80
C GLN D 637 -27.54 -7.00 58.06
N ASP D 638 -28.40 -8.05 58.08
CA ASP D 638 -28.00 -9.32 57.49
C ASP D 638 -27.70 -9.18 56.01
N PHE D 639 -28.31 -8.19 55.38
CA PHE D 639 -28.21 -8.01 53.95
C PHE D 639 -27.25 -6.93 53.54
N VAL D 640 -26.92 -6.01 54.44
CA VAL D 640 -26.07 -4.89 54.00
C VAL D 640 -25.01 -4.60 55.05
N GLY D 641 -25.13 -5.16 56.23
CA GLY D 641 -24.16 -4.92 57.22
C GLY D 641 -24.37 -3.58 57.88
N LYS D 642 -23.36 -3.20 58.64
CA LYS D 642 -23.43 -2.11 59.58
C LYS D 642 -23.38 -0.73 58.88
N PRO D 643 -23.88 0.33 59.53
CA PRO D 643 -23.93 1.65 58.87
C PRO D 643 -22.64 2.32 58.48
N VAL D 644 -22.75 3.03 57.34
CA VAL D 644 -21.70 3.83 56.75
C VAL D 644 -21.73 5.23 57.34
N PHE D 645 -22.87 5.92 57.23
CA PHE D 645 -23.01 7.30 57.69
C PHE D 645 -23.78 7.31 59.00
N THR D 646 -23.20 7.91 60.03
CA THR D 646 -23.81 8.00 61.37
C THR D 646 -23.97 9.43 61.87
N VAL D 647 -23.01 10.30 61.64
CA VAL D 647 -23.14 11.70 62.00
C VAL D 647 -23.96 12.38 60.93
N GLU D 648 -24.99 13.12 61.33
CA GLU D 648 -25.90 13.65 60.31
C GLU D 648 -25.20 14.82 59.65
N ARG D 649 -24.96 15.90 60.39
CA ARG D 649 -24.07 16.98 59.95
C ARG D 649 -22.73 16.70 60.58
N MET D 650 -21.72 17.45 60.17
CA MET D 650 -20.39 17.21 60.71
C MET D 650 -20.39 17.37 62.22
N TYR D 651 -21.04 18.40 62.76
CA TYR D 651 -21.19 18.52 64.21
C TYR D 651 -21.97 19.80 64.50
N ASP D 652 -22.43 19.93 65.74
CA ASP D 652 -22.98 21.19 66.22
C ASP D 652 -21.94 22.30 66.14
N VAL D 653 -22.38 23.52 65.83
CA VAL D 653 -21.47 24.64 65.59
C VAL D 653 -20.60 24.91 66.81
N THR D 654 -19.30 25.10 66.59
CA THR D 654 -18.52 25.65 67.68
C THR D 654 -18.76 27.17 67.73
N PRO D 655 -19.12 27.74 68.88
CA PRO D 655 -19.72 29.10 68.89
C PRO D 655 -18.83 30.18 68.26
N PRO D 656 -17.45 30.11 68.40
CA PRO D 656 -16.67 31.25 67.90
C PRO D 656 -16.44 31.28 66.41
N GLY D 657 -16.16 30.14 65.79
CA GLY D 657 -15.44 30.16 64.53
C GLY D 657 -15.89 29.26 63.41
N VAL D 658 -17.20 29.06 63.29
CA VAL D 658 -17.77 28.26 62.21
C VAL D 658 -19.13 28.85 61.87
N VAL D 659 -19.48 28.74 60.60
CA VAL D 659 -20.78 29.10 60.03
C VAL D 659 -21.00 28.19 58.84
N MET D 660 -22.14 27.52 58.80
CA MET D 660 -22.38 26.57 57.72
C MET D 660 -22.28 27.37 56.44
N GLY D 661 -21.57 26.81 55.48
CA GLY D 661 -21.41 27.42 54.19
C GLY D 661 -21.77 26.48 53.09
N LEU D 662 -22.83 26.82 52.39
CA LEU D 662 -23.23 26.02 51.25
C LEU D 662 -22.24 26.27 50.12
N ALA D 663 -22.02 25.25 49.30
CA ALA D 663 -21.11 25.40 48.18
C ALA D 663 -21.49 24.39 47.12
N TRP D 664 -21.31 24.78 45.86
CA TRP D 664 -21.79 24.00 44.73
C TRP D 664 -20.60 23.28 44.14
N THR D 665 -20.16 22.23 44.83
CA THR D 665 -19.05 21.47 44.29
C THR D 665 -19.51 20.71 43.06
N ALA D 666 -18.56 20.05 42.41
CA ALA D 666 -18.81 19.42 41.10
C ALA D 666 -19.92 18.40 41.15
N MET D 667 -20.14 17.76 42.29
CA MET D 667 -21.15 16.72 42.46
C MET D 667 -22.05 17.20 43.61
N GLY D 668 -23.00 18.04 43.25
CA GLY D 668 -24.02 18.49 44.19
C GLY D 668 -23.49 19.46 45.22
N GLY D 669 -24.41 20.08 45.96
CA GLY D 669 -24.03 21.06 46.94
C GLY D 669 -23.45 20.42 48.20
N SER D 670 -22.78 21.22 49.04
CA SER D 670 -22.26 20.71 50.29
C SER D 670 -22.08 21.84 51.29
N THR D 671 -22.29 21.52 52.56
CA THR D 671 -22.28 22.49 53.63
C THR D 671 -20.91 22.47 54.29
N LEU D 672 -19.97 23.12 53.64
CA LEU D 672 -18.66 23.23 54.24
C LEU D 672 -18.80 24.01 55.54
N PHE D 673 -17.91 23.74 56.47
CA PHE D 673 -17.71 24.57 57.63
C PHE D 673 -16.49 25.39 57.25
N VAL D 674 -16.25 26.45 57.97
CA VAL D 674 -15.05 27.24 57.79
C VAL D 674 -14.49 27.52 59.16
N GLU D 675 -13.18 27.38 59.32
CA GLU D 675 -12.61 27.39 60.64
C GLU D 675 -11.45 28.33 60.59
N THR D 676 -11.37 29.12 61.66
CA THR D 676 -10.41 30.17 61.83
C THR D 676 -10.07 30.21 63.31
N SER D 677 -8.95 30.83 63.61
CA SER D 677 -8.52 30.89 64.99
C SER D 677 -7.56 32.02 65.20
N LEU D 678 -7.56 32.54 66.42
CA LEU D 678 -6.53 33.48 66.80
C LEU D 678 -5.20 32.77 66.64
N ARG D 679 -4.27 33.46 66.02
CA ARG D 679 -3.01 32.87 65.61
C ARG D 679 -1.88 33.13 66.59
N ARG D 680 -2.13 33.82 67.70
CA ARG D 680 -1.03 34.22 68.57
C ARG D 680 -1.65 34.82 69.84
N PRO D 681 -0.91 34.89 70.96
CA PRO D 681 -1.43 35.63 72.12
C PRO D 681 -1.75 37.07 71.78
N GLN D 682 -2.81 37.56 72.41
CA GLN D 682 -3.39 38.83 72.02
C GLN D 682 -2.66 40.02 72.63
N ASP D 683 -2.18 39.90 73.87
CA ASP D 683 -1.69 41.07 74.61
C ASP D 683 -0.19 40.94 74.89
N LYS D 684 0.58 40.48 73.88
CA LYS D 684 2.03 40.59 73.99
C LYS D 684 2.48 42.04 74.04
N ASP D 685 1.76 42.92 73.34
CA ASP D 685 2.07 44.35 73.28
C ASP D 685 0.76 45.11 73.32
N ALA D 686 0.39 45.63 74.48
CA ALA D 686 -0.81 46.45 74.52
C ALA D 686 -0.63 47.73 73.72
N LYS D 687 0.62 48.21 73.60
CA LYS D 687 0.99 49.45 72.93
C LYS D 687 1.66 49.29 71.57
N GLY D 688 2.52 48.29 71.38
CA GLY D 688 3.16 48.05 70.10
C GLY D 688 2.15 47.81 69.00
N ASP D 689 2.31 48.47 67.84
CA ASP D 689 1.23 48.55 66.83
C ASP D 689 1.65 47.91 65.51
N LYS D 690 1.20 46.66 65.32
CA LYS D 690 1.37 45.85 64.13
C LYS D 690 0.06 45.14 63.83
N ASP D 691 -0.27 45.01 62.55
CA ASP D 691 -1.54 44.38 62.20
C ASP D 691 -1.48 42.88 62.45
N GLY D 692 -2.62 42.30 62.79
CA GLY D 692 -2.69 40.87 62.97
C GLY D 692 -3.34 40.33 61.73
N SER D 693 -2.50 39.86 60.82
CA SER D 693 -2.98 39.41 59.54
C SER D 693 -3.56 38.00 59.55
N LEU D 694 -4.42 37.76 58.58
CA LEU D 694 -5.00 36.45 58.36
C LEU D 694 -3.94 35.56 57.76
N GLU D 695 -4.13 34.26 57.86
CA GLU D 695 -3.50 33.36 56.89
C GLU D 695 -4.61 32.46 56.38
N VAL D 696 -5.09 32.76 55.20
CA VAL D 696 -6.09 31.91 54.57
C VAL D 696 -5.35 30.75 53.94
N THR D 697 -6.04 29.62 53.86
CA THR D 697 -5.48 28.37 53.38
C THR D 697 -6.54 27.65 52.57
N GLY D 698 -6.38 26.33 52.41
CA GLY D 698 -7.39 25.55 51.75
C GLY D 698 -7.33 25.48 50.25
N GLN D 699 -6.14 25.63 49.65
CA GLN D 699 -5.93 25.51 48.21
C GLN D 699 -6.82 26.52 47.50
N LEU D 700 -6.79 27.73 48.05
CA LEU D 700 -7.58 28.82 47.53
C LEU D 700 -7.22 29.12 46.08
N GLY D 701 -8.24 29.42 45.29
CA GLY D 701 -8.07 30.15 44.06
C GLY D 701 -7.77 31.62 44.26
N GLU D 702 -7.15 32.20 43.25
CA GLU D 702 -6.66 33.58 43.33
C GLU D 702 -7.81 34.55 43.56
N VAL D 703 -9.00 34.22 43.04
CA VAL D 703 -10.11 35.12 43.27
C VAL D 703 -10.47 35.09 44.72
N MET D 704 -10.34 33.93 45.36
CA MET D 704 -10.60 33.90 46.79
C MET D 704 -9.57 34.74 47.52
N LYS D 705 -8.33 34.79 47.02
CA LYS D 705 -7.31 35.62 47.65
C LYS D 705 -7.79 37.05 47.72
N GLU D 706 -8.24 37.54 46.57
CA GLU D 706 -8.69 38.91 46.54
C GLU D 706 -9.93 39.07 47.40
N SER D 707 -10.82 38.08 47.34
CA SER D 707 -12.05 38.11 48.08
C SER D 707 -11.82 38.18 49.58
N ALA D 708 -10.97 37.29 50.08
CA ALA D 708 -10.66 37.28 51.49
C ALA D 708 -9.93 38.52 51.94
N ARG D 709 -9.08 39.07 51.09
CA ARG D 709 -8.41 40.29 51.50
C ARG D 709 -9.42 41.40 51.69
N ILE D 710 -10.38 41.46 50.76
CA ILE D 710 -11.45 42.45 50.87
C ILE D 710 -12.28 42.20 52.09
N ALA D 711 -12.58 40.93 52.34
CA ALA D 711 -13.39 40.62 53.49
C ALA D 711 -12.71 40.99 54.79
N TYR D 712 -11.41 40.77 54.90
CA TYR D 712 -10.77 41.12 56.16
C TYR D 712 -10.77 42.63 56.33
N THR D 713 -10.42 43.33 55.27
CA THR D 713 -10.34 44.76 55.41
C THR D 713 -11.70 45.37 55.70
N PHE D 714 -12.75 44.86 55.05
CA PHE D 714 -14.07 45.36 55.36
C PHE D 714 -14.43 44.95 56.79
N ALA D 715 -13.99 43.76 57.21
CA ALA D 715 -14.30 43.28 58.54
C ALA D 715 -13.78 44.21 59.61
N ARG D 716 -12.49 44.52 59.55
CA ARG D 716 -11.95 45.40 60.58
C ARG D 716 -12.48 46.82 60.40
N ALA D 717 -12.88 47.14 59.16
CA ALA D 717 -13.55 48.41 58.89
C ALA D 717 -14.90 48.44 59.56
N PHE D 718 -15.53 47.27 59.73
CA PHE D 718 -16.86 47.21 60.28
C PHE D 718 -16.66 47.37 61.77
N LEU D 719 -15.66 46.66 62.30
CA LEU D 719 -15.52 46.56 63.73
C LEU D 719 -15.33 47.95 64.31
N MET D 720 -14.45 48.74 63.68
CA MET D 720 -14.39 50.13 64.10
C MET D 720 -15.60 50.95 63.67
N GLN D 721 -16.27 50.55 62.58
CA GLN D 721 -17.44 51.30 62.13
C GLN D 721 -18.56 51.31 63.14
N HIS D 722 -18.68 50.24 63.90
CA HIS D 722 -19.77 50.09 64.85
C HIS D 722 -19.35 49.93 66.29
N ALA D 723 -18.17 49.40 66.57
CA ALA D 723 -17.75 49.12 67.93
C ALA D 723 -16.34 49.69 68.09
N PRO D 724 -16.21 51.03 68.14
CA PRO D 724 -14.84 51.59 68.11
C PRO D 724 -13.99 51.12 69.27
N ALA D 725 -14.60 50.95 70.45
CA ALA D 725 -13.83 50.64 71.65
C ALA D 725 -13.17 49.28 71.50
N ASN D 726 -13.86 48.36 70.84
CA ASN D 726 -13.31 47.06 70.54
C ASN D 726 -12.24 47.22 69.49
N ASP D 727 -11.21 46.40 69.59
CA ASP D 727 -10.14 46.35 68.63
C ASP D 727 -9.67 44.92 68.37
N TYR D 728 -10.41 43.91 68.85
CA TYR D 728 -9.92 42.55 68.85
C TYR D 728 -9.51 42.03 67.49
N LEU D 729 -10.13 42.51 66.41
CA LEU D 729 -9.82 41.96 65.09
C LEU D 729 -8.76 42.77 64.38
N VAL D 730 -8.69 44.07 64.67
CA VAL D 730 -7.74 44.94 63.96
C VAL D 730 -6.30 44.67 64.39
N THR D 731 -6.09 44.09 65.58
CA THR D 731 -4.77 44.03 66.18
C THR D 731 -4.53 42.69 66.84
N SER D 732 -5.11 41.63 66.28
CA SER D 732 -4.92 40.29 66.81
C SER D 732 -4.82 39.38 65.60
N HIS D 733 -3.98 38.37 65.74
CA HIS D 733 -3.59 37.51 64.64
C HIS D 733 -4.70 36.54 64.30
N ILE D 734 -4.71 36.05 63.06
CA ILE D 734 -5.81 35.20 62.61
C ILE D 734 -5.33 34.22 61.57
N HIS D 735 -5.61 32.96 61.80
CA HIS D 735 -5.51 31.92 60.78
C HIS D 735 -6.92 31.67 60.27
N LEU D 736 -7.05 31.38 58.97
CA LEU D 736 -8.34 31.17 58.35
C LEU D 736 -8.21 30.05 57.33
N HIS D 737 -9.27 29.25 57.17
CA HIS D 737 -9.24 28.04 56.35
C HIS D 737 -10.56 27.80 55.63
N VAL D 738 -10.67 28.28 54.40
CA VAL D 738 -11.80 27.90 53.56
C VAL D 738 -11.59 26.46 53.09
N PRO D 739 -12.50 25.50 53.31
CA PRO D 739 -12.25 24.16 52.75
C PRO D 739 -12.22 24.15 51.24
N GLU D 740 -11.37 23.30 50.69
CA GLU D 740 -11.41 23.08 49.26
C GLU D 740 -12.66 22.28 48.95
N GLY D 741 -13.14 22.42 47.73
CA GLY D 741 -14.27 21.64 47.26
C GLY D 741 -15.15 22.48 46.36
N ALA D 742 -15.16 23.79 46.64
CA ALA D 742 -15.99 24.72 45.90
C ALA D 742 -15.60 24.76 44.43
N THR D 743 -16.59 24.95 43.60
CA THR D 743 -16.35 25.19 42.18
C THR D 743 -15.57 26.49 42.03
N PRO D 744 -14.62 26.60 41.09
CA PRO D 744 -13.77 27.81 41.08
C PRO D 744 -14.57 29.09 40.97
N LYS D 745 -15.70 29.03 40.25
CA LYS D 745 -16.50 30.21 40.03
C LYS D 745 -17.24 30.63 41.29
N ASP D 746 -17.76 29.65 42.04
CA ASP D 746 -18.56 29.98 43.22
C ASP D 746 -17.74 30.21 44.48
N GLY D 747 -16.41 30.00 44.44
CA GLY D 747 -15.55 30.17 45.60
C GLY D 747 -15.86 31.43 46.38
N PRO D 748 -15.89 32.59 45.70
CA PRO D 748 -16.17 33.86 46.41
C PRO D 748 -17.50 33.85 47.10
N SER D 749 -18.47 33.05 46.64
CA SER D 749 -19.79 33.04 47.26
C SER D 749 -19.72 32.59 48.72
N ALA D 750 -18.62 31.96 49.14
CA ALA D 750 -18.50 31.69 50.56
C ALA D 750 -18.22 32.96 51.37
N GLY D 751 -17.84 34.05 50.72
CA GLY D 751 -17.25 35.16 51.46
C GLY D 751 -18.21 35.76 52.47
N CYS D 752 -19.51 35.71 52.18
CA CYS D 752 -20.49 36.24 53.12
C CYS D 752 -20.36 35.55 54.45
N THR D 753 -20.25 34.23 54.40
CA THR D 753 -20.10 33.43 55.61
C THR D 753 -18.84 33.85 56.32
N ILE D 754 -17.78 34.13 55.53
CA ILE D 754 -16.48 34.47 56.08
C ILE D 754 -16.64 35.68 56.97
N VAL D 755 -17.50 36.61 56.58
CA VAL D 755 -17.67 37.80 57.37
C VAL D 755 -18.17 37.40 58.74
N THR D 756 -19.24 36.60 58.76
CA THR D 756 -19.74 36.19 60.06
C THR D 756 -18.81 35.21 60.74
N ALA D 757 -17.92 34.56 59.96
CA ALA D 757 -16.89 33.71 60.54
C ALA D 757 -15.97 34.53 61.39
N LEU D 758 -15.74 35.76 60.98
CA LEU D 758 -14.83 36.59 61.70
C LEU D 758 -15.56 37.20 62.87
N LEU D 759 -16.76 37.73 62.61
CA LEU D 759 -17.42 38.48 63.65
C LEU D 759 -17.81 37.64 64.85
N SER D 760 -18.25 36.40 64.63
CA SER D 760 -18.56 35.53 65.75
C SER D 760 -17.31 35.33 66.60
N LEU D 761 -16.21 34.93 65.94
CA LEU D 761 -14.95 34.76 66.63
C LEU D 761 -14.45 36.10 67.16
N ALA D 762 -14.84 37.21 66.52
CA ALA D 762 -14.36 38.50 67.00
C ALA D 762 -15.10 38.94 68.25
N MET D 763 -16.20 38.27 68.62
CA MET D 763 -16.91 38.54 69.84
C MET D 763 -17.07 37.32 70.71
N GLY D 764 -16.76 36.13 70.20
CA GLY D 764 -17.01 34.94 70.96
C GLY D 764 -18.47 34.53 70.97
N ARG D 765 -19.31 35.21 70.21
CA ARG D 765 -20.72 34.95 70.22
C ARG D 765 -21.04 33.75 69.35
N PRO D 766 -21.88 32.81 69.82
CA PRO D 766 -22.34 31.78 68.91
C PRO D 766 -23.13 32.38 67.77
N VAL D 767 -23.00 31.77 66.61
CA VAL D 767 -23.89 32.11 65.52
C VAL D 767 -25.23 31.46 65.87
N ARG D 768 -26.33 32.06 65.41
CA ARG D 768 -27.63 31.45 65.62
C ARG D 768 -27.69 30.07 64.99
N GLN D 769 -28.39 29.16 65.67
CA GLN D 769 -28.34 27.76 65.30
C GLN D 769 -28.93 27.56 63.92
N ASN D 770 -28.32 26.62 63.19
CA ASN D 770 -28.73 26.06 61.90
C ASN D 770 -29.32 27.13 61.01
N LEU D 771 -28.46 28.09 60.69
CA LEU D 771 -28.84 29.26 59.91
C LEU D 771 -27.77 29.39 58.85
N ALA D 772 -27.94 28.61 57.79
CA ALA D 772 -26.99 28.60 56.69
C ALA D 772 -27.07 29.92 55.95
N MET D 773 -25.97 30.26 55.27
CA MET D 773 -25.95 31.48 54.49
C MET D 773 -25.03 31.22 53.32
N THR D 774 -25.03 32.16 52.39
CA THR D 774 -24.15 32.14 51.24
C THR D 774 -24.18 33.52 50.60
N GLY D 775 -23.75 33.61 49.34
CA GLY D 775 -23.71 34.87 48.61
C GLY D 775 -22.33 35.49 48.50
N GLU D 776 -22.26 36.48 47.60
CA GLU D 776 -21.02 37.16 47.27
C GLU D 776 -21.12 38.57 47.83
N VAL D 777 -19.98 39.05 48.32
CA VAL D 777 -19.82 40.38 48.85
C VAL D 777 -18.99 41.29 47.98
N SER D 778 -19.11 42.56 48.28
CA SER D 778 -18.69 43.66 47.47
C SER D 778 -18.08 44.70 48.38
N LEU D 779 -17.26 44.28 49.33
CA LEU D 779 -16.40 45.19 50.08
C LEU D 779 -17.13 46.19 50.98
N THR D 780 -18.46 46.16 51.05
CA THR D 780 -19.20 46.97 52.01
C THR D 780 -20.40 46.23 52.62
N GLY D 781 -20.59 44.95 52.34
CA GLY D 781 -21.64 44.19 52.94
C GLY D 781 -22.83 44.09 52.02
N LYS D 782 -22.78 44.79 50.89
CA LYS D 782 -23.75 44.58 49.86
C LYS D 782 -23.46 43.21 49.28
N ILE D 783 -24.53 42.50 49.00
CA ILE D 783 -24.47 41.14 48.53
C ILE D 783 -24.66 41.15 47.03
N LEU D 784 -24.18 40.10 46.35
CA LEU D 784 -24.17 39.98 44.90
C LEU D 784 -24.79 38.63 44.51
N PRO D 785 -25.35 38.51 43.30
CA PRO D 785 -25.96 37.23 42.90
C PRO D 785 -24.97 36.07 42.80
N VAL D 786 -25.48 34.88 43.13
CA VAL D 786 -24.72 33.64 43.08
C VAL D 786 -25.48 32.57 42.29
N GLY D 787 -24.71 31.72 41.60
CA GLY D 787 -25.30 30.65 40.84
C GLY D 787 -25.45 29.44 41.74
N GLY D 788 -26.07 28.39 41.20
CA GLY D 788 -26.18 27.12 41.91
C GLY D 788 -27.16 27.09 43.05
N ILE D 789 -28.12 28.01 43.07
CA ILE D 789 -28.94 28.28 44.26
C ILE D 789 -29.70 27.02 44.64
N LYS D 790 -30.11 26.29 43.62
CA LYS D 790 -31.00 25.16 43.77
C LYS D 790 -30.22 24.08 44.48
N GLU D 791 -29.01 23.83 43.99
CA GLU D 791 -28.15 22.83 44.59
C GLU D 791 -27.82 23.21 46.00
N LYS D 792 -27.66 24.51 46.24
CA LYS D 792 -27.39 25.00 47.58
C LYS D 792 -28.52 24.64 48.52
N THR D 793 -29.75 24.97 48.13
CA THR D 793 -30.85 24.74 49.06
C THR D 793 -31.07 23.27 49.28
N ILE D 794 -30.82 22.45 48.26
CA ILE D 794 -30.93 21.02 48.46
C ILE D 794 -29.88 20.56 49.47
N ALA D 795 -28.64 21.01 49.31
CA ALA D 795 -27.62 20.59 50.26
C ALA D 795 -27.93 21.06 51.67
N ALA D 796 -28.46 22.28 51.79
CA ALA D 796 -28.84 22.76 53.11
C ALA D 796 -29.97 21.95 53.68
N LYS D 797 -30.82 21.49 52.79
CA LYS D 797 -31.88 20.61 53.19
C LYS D 797 -31.27 19.32 53.69
N ARG D 798 -30.19 18.87 53.00
CA ARG D 798 -29.61 17.57 53.32
C ARG D 798 -29.03 17.60 54.72
N ALA D 799 -28.53 18.74 55.15
CA ALA D 799 -27.89 18.80 56.44
C ALA D 799 -28.91 19.02 57.54
N GLY D 800 -30.18 19.16 57.20
CA GLY D 800 -31.21 19.41 58.15
C GLY D 800 -31.31 20.84 58.58
N VAL D 801 -30.60 21.73 57.91
CA VAL D 801 -30.71 23.13 58.26
C VAL D 801 -32.12 23.60 57.95
N THR D 802 -32.59 24.58 58.71
CA THR D 802 -33.97 25.04 58.64
C THR D 802 -34.13 26.55 58.80
N CYS D 803 -33.05 27.35 58.68
CA CYS D 803 -33.23 28.80 58.76
C CYS D 803 -32.30 29.52 57.81
N ILE D 804 -32.21 29.00 56.59
CA ILE D 804 -31.22 29.44 55.61
C ILE D 804 -31.48 30.89 55.36
N VAL D 805 -30.44 31.66 55.07
CA VAL D 805 -30.58 33.07 54.79
C VAL D 805 -29.93 33.26 53.45
N LEU D 806 -30.55 34.06 52.57
CA LEU D 806 -30.08 34.19 51.19
C LEU D 806 -30.19 35.62 50.66
N PRO D 807 -29.37 35.97 49.65
CA PRO D 807 -29.47 37.32 49.06
C PRO D 807 -30.80 37.63 48.41
N ALA D 808 -31.22 38.89 48.56
CA ALA D 808 -32.47 39.34 47.98
C ALA D 808 -32.40 39.26 46.47
N GLU D 809 -31.22 39.45 45.92
CA GLU D 809 -31.04 39.49 44.48
C GLU D 809 -31.25 38.15 43.81
N ASN D 810 -31.22 37.03 44.55
CA ASN D 810 -31.51 35.73 43.97
C ASN D 810 -33.00 35.38 44.07
N LYS D 811 -33.80 36.25 44.70
CA LYS D 811 -35.14 35.89 45.16
C LYS D 811 -36.02 35.42 44.02
N LYS D 812 -35.83 35.99 42.81
CA LYS D 812 -36.74 35.67 41.70
C LYS D 812 -36.70 34.16 41.46
N ASP D 813 -35.52 33.58 41.69
CA ASP D 813 -35.23 32.19 41.50
C ASP D 813 -35.95 31.37 42.55
N PHE D 814 -36.11 31.95 43.75
CA PHE D 814 -36.58 31.23 44.91
C PHE D 814 -37.97 30.67 44.72
N TYR D 815 -38.78 31.25 43.87
CA TYR D 815 -40.14 30.77 43.71
C TYR D 815 -40.27 29.66 42.65
N ASP D 816 -39.16 29.15 42.08
CA ASP D 816 -39.24 27.92 41.27
C ASP D 816 -39.23 26.64 42.13
N LEU D 817 -39.01 26.74 43.44
CA LEU D 817 -38.88 25.55 44.27
C LEU D 817 -40.20 24.88 44.60
N ALA D 818 -40.16 23.56 44.75
CA ALA D 818 -41.37 22.84 45.12
C ALA D 818 -41.73 23.28 46.52
N ALA D 819 -43.03 23.21 46.87
CA ALA D 819 -43.47 23.82 48.12
C ALA D 819 -42.80 23.12 49.29
N PHE D 820 -42.67 21.81 49.18
CA PHE D 820 -42.05 21.04 50.23
C PHE D 820 -40.57 21.39 50.30
N ILE D 821 -39.97 21.79 49.18
CA ILE D 821 -38.57 22.19 49.22
C ILE D 821 -38.44 23.48 50.00
N THR D 822 -39.33 24.43 49.77
CA THR D 822 -39.21 25.68 50.51
C THR D 822 -39.70 25.55 51.95
N GLU D 823 -40.44 24.51 52.25
CA GLU D 823 -40.93 24.28 53.61
C GLU D 823 -39.76 24.07 54.59
N GLY D 824 -39.80 24.77 55.72
CA GLY D 824 -38.87 24.52 56.80
C GLY D 824 -37.58 25.28 56.75
N LEU D 825 -37.19 25.77 55.59
CA LEU D 825 -36.08 26.70 55.48
C LEU D 825 -36.66 28.07 55.80
N GLU D 826 -35.83 29.02 56.29
CA GLU D 826 -36.37 30.37 56.56
C GLU D 826 -35.47 31.55 56.15
N VAL D 827 -35.60 31.94 54.88
CA VAL D 827 -34.81 33.03 54.34
C VAL D 827 -35.33 34.34 54.90
N HIS D 828 -34.41 35.24 55.15
CA HIS D 828 -34.69 36.63 55.46
C HIS D 828 -33.91 37.24 54.32
N PHE D 829 -34.56 37.64 53.24
CA PHE D 829 -33.74 38.26 52.22
C PHE D 829 -33.18 39.54 52.80
N VAL D 830 -31.99 39.87 52.35
CA VAL D 830 -31.24 41.04 52.79
C VAL D 830 -30.35 41.54 51.67
N GLU D 831 -29.89 42.75 51.85
CA GLU D 831 -29.02 43.43 50.91
C GLU D 831 -27.69 43.83 51.52
N HIS D 832 -27.66 44.42 52.70
CA HIS D 832 -26.42 44.88 53.31
C HIS D 832 -26.16 44.07 54.57
N TYR D 833 -24.91 43.67 54.75
CA TYR D 833 -24.59 42.67 55.76
C TYR D 833 -24.93 43.12 57.17
N ARG D 834 -25.01 44.43 57.45
CA ARG D 834 -25.31 44.87 58.83
C ARG D 834 -26.62 44.28 59.35
N GLU D 835 -27.54 43.99 58.43
CA GLU D 835 -28.80 43.42 58.85
C GLU D 835 -28.49 42.01 59.28
N ILE D 836 -27.67 41.31 58.46
CA ILE D 836 -27.37 39.91 58.73
C ILE D 836 -26.75 39.84 60.13
N PHE D 837 -25.91 40.85 60.45
CA PHE D 837 -25.28 40.89 61.76
C PHE D 837 -26.33 41.04 62.83
N ASP D 838 -27.41 41.73 62.49
CA ASP D 838 -28.37 42.07 63.52
C ASP D 838 -29.47 41.05 63.69
N ILE D 839 -29.54 40.07 62.81
CA ILE D 839 -30.40 38.91 63.04
C ILE D 839 -29.59 37.74 63.56
N ALA D 840 -28.33 37.63 63.15
CA ALA D 840 -27.53 36.51 63.62
C ALA D 840 -27.29 36.62 65.12
N PHE D 841 -27.11 37.86 65.60
CA PHE D 841 -26.86 38.20 67.00
C PHE D 841 -27.88 39.24 67.42
N PRO D 842 -29.15 38.85 67.62
CA PRO D 842 -30.24 39.80 67.88
C PRO D 842 -30.00 40.68 69.11
N HIS E 17 12.19 10.28 -79.35
CA HIS E 17 12.27 11.55 -78.64
C HIS E 17 11.05 11.78 -77.78
N LEU E 18 11.02 11.12 -76.63
CA LEU E 18 10.00 11.37 -75.64
C LEU E 18 10.71 11.44 -74.30
N PRO E 19 10.19 12.19 -73.34
CA PRO E 19 10.83 12.25 -72.03
C PRO E 19 10.77 10.88 -71.39
N LEU E 20 11.77 10.58 -70.58
CA LEU E 20 11.82 9.28 -69.93
C LEU E 20 10.60 9.10 -69.02
N ILE E 21 10.15 7.86 -68.97
CA ILE E 21 8.98 7.50 -68.17
C ILE E 21 9.45 7.24 -66.75
N ALA E 22 8.70 7.78 -65.80
CA ALA E 22 9.02 7.59 -64.38
C ALA E 22 8.69 6.14 -64.09
N ILE E 23 9.70 5.30 -64.10
CA ILE E 23 9.48 3.87 -63.88
C ILE E 23 8.85 3.63 -62.51
N THR E 24 9.35 4.31 -61.47
CA THR E 24 8.85 4.21 -60.10
C THR E 24 8.77 2.75 -59.62
N ARG E 25 9.96 2.18 -59.47
CA ARG E 25 10.20 0.81 -58.98
C ARG E 25 9.34 -0.24 -59.71
N ASN E 26 9.25 -0.14 -61.04
CA ASN E 26 8.49 -1.09 -61.87
C ASN E 26 9.41 -1.72 -62.91
N PRO E 27 10.11 -2.81 -62.61
CA PRO E 27 10.99 -3.41 -63.63
C PRO E 27 10.13 -4.05 -64.71
N VAL E 28 10.30 -3.60 -65.96
CA VAL E 28 9.51 -4.10 -67.11
C VAL E 28 10.37 -5.01 -67.97
N PHE E 29 10.15 -6.28 -67.79
CA PHE E 29 10.83 -7.41 -68.38
C PHE E 29 10.37 -7.69 -69.83
N PRO E 30 11.25 -8.17 -70.73
CA PRO E 30 10.83 -8.38 -72.13
C PRO E 30 9.68 -9.38 -72.30
N ARG E 31 8.79 -9.11 -73.25
CA ARG E 31 7.63 -9.97 -73.57
C ARG E 31 6.74 -10.36 -72.39
N PHE E 32 6.34 -9.36 -71.60
CA PHE E 32 5.46 -9.57 -70.44
C PHE E 32 4.57 -8.37 -70.25
N ILE E 33 3.25 -8.60 -70.31
CA ILE E 33 2.32 -7.50 -70.13
C ILE E 33 2.58 -6.97 -68.73
N LYS E 34 2.52 -5.66 -68.59
CA LYS E 34 2.80 -5.02 -67.31
C LYS E 34 2.01 -3.74 -67.21
N ILE E 35 1.86 -3.29 -65.97
CA ILE E 35 1.14 -2.08 -65.61
C ILE E 35 2.13 -1.12 -64.96
N ILE E 36 1.89 0.16 -65.18
CA ILE E 36 2.68 1.23 -64.59
C ILE E 36 1.66 2.16 -63.96
N GLU E 37 1.99 2.62 -62.74
CA GLU E 37 1.09 3.47 -61.96
C GLU E 37 1.95 4.48 -61.20
N VAL E 38 2.42 5.48 -61.93
CA VAL E 38 3.11 6.62 -61.33
C VAL E 38 2.11 7.49 -60.58
N LYS E 39 2.53 7.99 -59.43
CA LYS E 39 1.61 8.83 -58.65
C LYS E 39 1.42 10.19 -59.31
N ASN E 40 2.42 10.70 -60.00
CA ASN E 40 2.31 11.96 -60.72
C ASN E 40 1.35 11.84 -61.91
N LYS E 41 0.58 12.91 -62.13
CA LYS E 41 -0.34 12.99 -63.25
C LYS E 41 0.29 13.65 -64.47
N LYS E 42 1.53 14.15 -64.33
CA LYS E 42 2.22 14.79 -65.44
C LYS E 42 2.50 13.82 -66.58
N LEU E 43 2.73 12.54 -66.28
CA LEU E 43 2.95 11.59 -67.35
C LEU E 43 1.68 11.40 -68.18
N VAL E 44 0.49 11.63 -67.59
CA VAL E 44 -0.73 11.51 -68.37
C VAL E 44 -0.71 12.55 -69.47
N GLU E 45 -0.09 13.70 -69.22
CA GLU E 45 0.03 14.73 -70.25
C GLU E 45 0.83 14.18 -71.42
N LEU E 46 1.95 13.51 -71.12
CA LEU E 46 2.75 12.93 -72.19
C LEU E 46 2.02 11.82 -72.93
N LEU E 47 1.22 11.03 -72.21
CA LEU E 47 0.47 9.97 -72.88
C LEU E 47 -0.62 10.53 -73.79
N ARG E 48 -1.24 11.64 -73.39
CA ARG E 48 -2.24 12.31 -74.22
C ARG E 48 -1.61 13.06 -75.38
N ARG E 49 -0.41 13.59 -75.22
CA ARG E 49 0.25 14.29 -76.33
C ARG E 49 0.65 13.34 -77.45
N LYS E 50 0.87 12.07 -77.14
CA LYS E 50 1.20 11.09 -78.18
C LYS E 50 0.00 10.37 -78.80
N VAL E 51 -1.22 10.57 -78.28
CA VAL E 51 -2.38 9.92 -78.93
C VAL E 51 -2.57 10.51 -80.34
N ARG E 52 -2.19 11.77 -80.52
CA ARG E 52 -2.36 12.48 -81.79
C ARG E 52 -1.44 11.95 -82.90
N LEU E 53 -0.33 11.30 -82.54
CA LEU E 53 0.61 10.78 -83.52
C LEU E 53 -0.02 9.61 -84.30
N ALA E 54 0.33 9.52 -85.59
CA ALA E 54 -0.16 8.39 -86.38
C ALA E 54 0.46 7.07 -85.95
N GLN E 55 1.66 7.11 -85.35
CA GLN E 55 2.41 5.93 -84.91
C GLN E 55 2.78 6.22 -83.46
N PRO E 56 1.84 6.11 -82.53
CA PRO E 56 2.20 6.31 -81.12
C PRO E 56 3.15 5.24 -80.63
N TYR E 57 4.01 5.65 -79.71
CA TYR E 57 4.97 4.76 -79.11
C TYR E 57 5.23 5.29 -77.72
N VAL E 58 5.85 4.46 -76.91
CA VAL E 58 6.21 4.81 -75.55
C VAL E 58 7.46 4.02 -75.25
N GLY E 59 8.38 4.65 -74.53
CA GLY E 59 9.59 3.98 -74.14
C GLY E 59 9.50 3.52 -72.70
N VAL E 60 10.27 2.49 -72.42
CA VAL E 60 10.35 1.89 -71.11
C VAL E 60 11.85 1.74 -70.87
N PHE E 61 12.32 2.24 -69.75
CA PHE E 61 13.71 2.17 -69.38
C PHE E 61 13.79 1.58 -67.99
N LEU E 62 15.01 1.32 -67.50
CA LEU E 62 15.19 0.77 -66.17
C LEU E 62 16.05 1.77 -65.38
N LYS E 63 15.66 1.99 -64.13
CA LYS E 63 16.34 2.88 -63.20
C LYS E 63 17.61 2.26 -62.62
N ARG E 64 18.59 3.11 -62.24
CA ARG E 64 19.82 2.60 -61.64
C ARG E 64 19.63 2.57 -60.11
N ASP E 65 20.72 2.29 -59.40
CA ASP E 65 20.67 2.10 -57.96
C ASP E 65 20.34 3.42 -57.27
N ASP E 66 19.72 3.31 -56.09
CA ASP E 66 19.28 4.45 -55.30
C ASP E 66 18.28 5.25 -56.12
N SER E 67 17.06 4.73 -56.21
CA SER E 67 16.02 5.41 -56.96
C SER E 67 15.77 6.76 -56.31
N ASN E 68 15.50 7.77 -57.13
CA ASN E 68 15.27 9.13 -56.61
C ASN E 68 14.41 9.87 -57.63
N GLU E 69 13.16 10.17 -57.26
CA GLU E 69 12.27 10.85 -58.19
C GLU E 69 12.76 12.25 -58.54
N SER E 70 13.39 12.93 -57.56
CA SER E 70 13.90 14.25 -57.85
C SER E 70 15.05 14.16 -58.82
N ASP E 71 15.84 13.09 -58.74
CA ASP E 71 16.92 12.97 -59.71
C ASP E 71 16.35 12.65 -61.07
N VAL E 72 15.21 11.93 -61.12
CA VAL E 72 14.64 11.55 -62.39
C VAL E 72 14.21 12.79 -63.15
N VAL E 73 13.66 13.77 -62.42
CA VAL E 73 13.26 15.02 -63.06
C VAL E 73 14.39 16.03 -63.18
N GLU E 74 15.52 15.81 -62.49
CA GLU E 74 16.64 16.75 -62.55
C GLU E 74 17.70 16.34 -63.56
N SER E 75 18.14 15.08 -63.50
CA SER E 75 19.09 14.48 -64.41
C SER E 75 18.45 13.32 -65.14
N LEU E 76 18.99 13.02 -66.32
CA LEU E 76 18.52 11.90 -67.12
C LEU E 76 19.50 10.74 -67.10
N ASP E 77 20.64 10.85 -66.39
CA ASP E 77 21.59 9.75 -66.37
C ASP E 77 21.24 8.66 -65.36
N GLU E 78 20.32 8.93 -64.42
CA GLU E 78 19.97 7.92 -63.43
C GLU E 78 19.36 6.72 -64.12
N ILE E 79 18.53 6.99 -65.12
CA ILE E 79 17.91 5.92 -65.85
C ILE E 79 18.96 5.23 -66.70
N TYR E 80 18.84 3.92 -66.85
CA TYR E 80 19.82 3.20 -67.63
C TYR E 80 19.70 3.50 -69.11
N HIS E 81 20.84 3.35 -69.79
CA HIS E 81 20.87 3.54 -71.23
C HIS E 81 19.95 2.56 -71.95
N THR E 82 19.75 1.36 -71.40
CA THR E 82 18.83 0.43 -72.03
C THR E 82 17.41 0.99 -71.96
N GLY E 83 16.69 0.77 -73.05
CA GLY E 83 15.30 1.13 -73.14
C GLY E 83 14.55 0.01 -73.82
N THR E 84 13.22 0.08 -73.73
CA THR E 84 12.37 -0.91 -74.37
C THR E 84 11.16 -0.17 -74.98
N PHE E 85 11.37 0.37 -76.18
CA PHE E 85 10.34 1.07 -76.94
C PHE E 85 9.25 0.12 -77.37
N ALA E 86 8.03 0.63 -77.43
CA ALA E 86 6.88 -0.23 -77.68
C ALA E 86 5.76 0.58 -78.28
N GLN E 87 4.90 -0.13 -79.01
CA GLN E 87 3.66 0.42 -79.51
C GLN E 87 2.62 0.40 -78.40
N ILE E 88 1.69 1.37 -78.42
CA ILE E 88 0.61 1.35 -77.45
C ILE E 88 -0.48 0.40 -77.93
N HIS E 89 -1.21 -0.17 -76.97
CA HIS E 89 -2.32 -1.08 -77.22
C HIS E 89 -3.61 -0.53 -76.65
N GLU E 90 -3.75 -0.43 -75.31
CA GLU E 90 -4.96 0.16 -74.78
C GLU E 90 -4.77 0.63 -73.35
N MET E 91 -5.34 1.80 -73.06
CA MET E 91 -5.47 2.40 -71.73
C MET E 91 -6.57 1.71 -70.95
N GLN E 92 -6.47 1.74 -69.61
CA GLN E 92 -7.52 1.17 -68.78
C GLN E 92 -7.92 2.25 -67.76
N ASP E 93 -7.04 2.55 -66.81
CA ASP E 93 -7.29 3.56 -65.77
C ASP E 93 -8.58 3.28 -65.00
N LEU E 94 -8.63 2.09 -64.38
CA LEU E 94 -9.79 1.74 -63.58
C LEU E 94 -9.91 2.61 -62.33
N GLY E 95 -8.84 2.71 -61.54
CA GLY E 95 -8.83 3.55 -60.36
C GLY E 95 -8.00 4.81 -60.51
N ASP E 96 -6.70 4.63 -60.66
CA ASP E 96 -5.82 5.77 -60.90
C ASP E 96 -6.00 6.30 -62.31
N LYS E 97 -5.60 7.56 -62.50
CA LYS E 97 -5.70 8.20 -63.80
C LYS E 97 -4.50 7.88 -64.69
N LEU E 98 -3.59 7.00 -64.25
CA LEU E 98 -2.38 6.67 -64.97
C LEU E 98 -2.09 5.20 -64.69
N ARG E 99 -2.75 4.34 -65.46
CA ARG E 99 -2.62 2.88 -65.40
C ARG E 99 -2.22 2.47 -66.81
N MET E 100 -0.95 2.58 -67.14
CA MET E 100 -0.49 2.37 -68.51
C MET E 100 0.06 0.98 -68.69
N ILE E 101 -0.20 0.41 -69.87
CA ILE E 101 0.22 -0.95 -70.18
C ILE E 101 1.51 -0.87 -70.97
N VAL E 102 2.53 -1.57 -70.48
CA VAL E 102 3.81 -1.67 -71.14
C VAL E 102 4.02 -3.13 -71.53
N MET E 103 4.89 -3.32 -72.51
CA MET E 103 5.36 -4.60 -72.98
C MET E 103 6.72 -4.37 -73.63
N GLY E 104 7.35 -5.48 -73.99
CA GLY E 104 8.66 -5.47 -74.59
C GLY E 104 8.71 -5.95 -76.03
N HIS E 105 8.71 -4.99 -76.95
CA HIS E 105 8.82 -5.20 -78.40
C HIS E 105 10.20 -4.79 -78.89
N ARG E 106 10.56 -3.51 -78.79
CA ARG E 106 11.78 -2.99 -79.40
C ARG E 106 12.73 -2.76 -78.24
N ARG E 107 13.67 -3.67 -78.06
CA ARG E 107 14.74 -3.48 -77.10
C ARG E 107 15.76 -2.52 -77.70
N VAL E 108 16.47 -1.81 -76.84
CA VAL E 108 17.50 -0.89 -77.31
C VAL E 108 18.46 -0.58 -76.17
N HIS E 109 19.65 -0.12 -76.53
CA HIS E 109 20.69 0.36 -75.62
C HIS E 109 21.05 1.65 -76.33
N ILE E 110 20.50 2.75 -75.80
CA ILE E 110 20.80 4.06 -76.33
C ILE E 110 22.27 4.36 -76.09
N SER E 111 22.95 4.94 -77.10
CA SER E 111 24.36 5.27 -76.88
C SER E 111 24.50 6.35 -75.80
N ARG E 112 23.54 7.27 -75.75
CA ARG E 112 23.55 8.40 -74.82
C ARG E 112 22.09 8.84 -74.76
N GLN E 113 21.39 8.49 -73.68
CA GLN E 113 19.99 8.93 -73.58
C GLN E 113 19.88 10.43 -73.46
N LEU E 114 20.90 11.09 -72.92
CA LEU E 114 20.88 12.55 -72.84
C LEU E 114 20.82 13.16 -74.24
N GLU E 115 21.39 12.47 -75.22
CA GLU E 115 21.43 12.90 -76.61
C GLU E 115 20.19 12.37 -77.32
N MET E 166 15.54 10.99 -78.31
CA MET E 166 16.78 10.28 -78.08
C MET E 166 17.08 9.36 -79.24
N VAL E 167 18.36 9.35 -79.61
CA VAL E 167 18.83 8.53 -80.70
C VAL E 167 18.60 7.07 -80.35
N GLU E 168 18.25 6.25 -81.34
CA GLU E 168 18.04 4.84 -81.08
C GLU E 168 18.27 4.02 -82.34
N VAL E 169 18.61 2.74 -82.13
CA VAL E 169 18.86 1.83 -83.23
C VAL E 169 18.54 0.40 -82.77
N GLU E 170 18.02 -0.43 -83.70
CA GLU E 170 17.67 -1.83 -83.39
C GLU E 170 18.91 -2.72 -83.52
N ASN E 171 19.79 -2.56 -82.55
CA ASN E 171 21.03 -3.34 -82.39
C ASN E 171 20.76 -4.64 -81.64
N VAL E 172 19.90 -5.48 -82.24
CA VAL E 172 19.57 -6.75 -81.60
C VAL E 172 20.63 -7.80 -81.93
N VAL E 173 21.82 -7.63 -81.33
CA VAL E 173 22.95 -8.53 -81.53
C VAL E 173 22.58 -9.90 -81.00
N HIS E 174 23.01 -10.95 -81.68
CA HIS E 174 22.68 -12.32 -81.32
C HIS E 174 23.76 -13.27 -81.82
N GLU E 175 25.03 -12.98 -81.53
CA GLU E 175 26.05 -13.92 -81.99
C GLU E 175 25.86 -15.27 -81.33
N ASP E 176 26.04 -16.31 -82.13
CA ASP E 176 25.96 -17.69 -81.73
C ASP E 176 26.92 -18.50 -82.58
N PHE E 177 27.48 -19.57 -82.01
CA PHE E 177 28.34 -20.41 -82.83
C PHE E 177 27.40 -21.05 -83.85
N GLN E 178 27.92 -21.37 -85.05
CA GLN E 178 27.05 -21.95 -86.08
C GLN E 178 26.48 -23.27 -85.61
N VAL E 179 27.23 -24.04 -84.81
CA VAL E 179 26.71 -25.33 -84.38
C VAL E 179 25.80 -24.97 -83.22
N THR E 180 24.51 -24.99 -83.53
CA THR E 180 23.48 -24.67 -82.58
C THR E 180 22.70 -25.95 -82.34
N GLU E 181 23.41 -26.89 -81.74
CA GLU E 181 22.85 -28.14 -81.30
C GLU E 181 23.06 -28.17 -79.80
N GLU E 182 24.31 -28.14 -79.36
CA GLU E 182 24.53 -28.09 -77.94
C GLU E 182 24.47 -26.70 -77.36
N VAL E 183 24.44 -25.62 -78.15
CA VAL E 183 24.30 -24.36 -77.43
C VAL E 183 22.88 -24.21 -76.92
N LYS E 184 21.88 -24.72 -77.66
CA LYS E 184 20.52 -24.68 -77.15
C LYS E 184 20.18 -25.88 -76.30
N ALA E 185 21.02 -26.92 -76.31
CA ALA E 185 20.75 -28.10 -75.51
C ALA E 185 20.81 -27.76 -74.04
N LEU E 186 21.65 -26.79 -73.68
CA LEU E 186 21.72 -26.34 -72.31
C LEU E 186 20.40 -25.71 -71.89
N THR E 187 19.68 -25.12 -72.87
CA THR E 187 18.41 -24.44 -72.58
C THR E 187 17.42 -25.42 -72.01
N ALA E 188 17.51 -26.70 -72.43
CA ALA E 188 16.59 -27.69 -71.90
C ALA E 188 16.80 -27.87 -70.40
N GLU E 189 18.04 -27.75 -69.95
CA GLU E 189 18.31 -27.83 -68.52
C GLU E 189 17.91 -26.54 -67.84
N ILE E 190 17.97 -25.42 -68.59
CA ILE E 190 17.53 -24.14 -68.04
C ILE E 190 16.03 -24.16 -67.79
N VAL E 191 15.28 -24.67 -68.75
CA VAL E 191 13.83 -24.78 -68.57
C VAL E 191 13.51 -25.83 -67.52
N LYS E 192 14.29 -26.93 -67.44
CA LYS E 192 14.03 -27.88 -66.36
C LYS E 192 14.21 -27.26 -65.00
N THR E 193 15.21 -26.41 -64.87
CA THR E 193 15.38 -25.70 -63.62
C THR E 193 14.22 -24.74 -63.37
N ILE E 194 13.85 -23.95 -64.39
CA ILE E 194 12.76 -22.99 -64.22
C ILE E 194 11.45 -23.70 -63.90
N ARG E 195 11.23 -24.86 -64.52
CA ARG E 195 10.05 -25.66 -64.24
C ARG E 195 10.11 -26.21 -62.83
N ASP E 196 11.32 -26.45 -62.30
CA ASP E 196 11.36 -26.93 -60.92
C ASP E 196 11.15 -25.78 -59.94
N ILE E 197 11.49 -24.54 -60.34
CA ILE E 197 11.21 -23.42 -59.44
C ILE E 197 9.72 -23.15 -59.38
N ILE E 198 9.05 -23.12 -60.54
CA ILE E 198 7.61 -22.87 -60.50
C ILE E 198 6.83 -24.09 -60.00
N ALA E 199 7.38 -25.30 -60.09
CA ALA E 199 6.66 -26.46 -59.58
C ALA E 199 6.78 -26.55 -58.07
N LEU E 200 7.99 -26.42 -57.55
CA LEU E 200 8.18 -26.46 -56.11
C LEU E 200 7.83 -25.13 -55.46
N ASN E 201 7.89 -24.03 -56.21
CA ASN E 201 7.57 -22.69 -55.70
C ASN E 201 6.68 -21.99 -56.70
N PRO E 202 5.41 -22.41 -56.81
CA PRO E 202 4.55 -21.80 -57.82
C PRO E 202 4.31 -20.35 -57.50
N LEU E 203 4.59 -19.50 -58.47
CA LEU E 203 4.41 -18.05 -58.34
C LEU E 203 3.38 -17.60 -59.36
N TYR E 204 3.65 -17.90 -60.62
CA TYR E 204 2.78 -17.64 -61.75
C TYR E 204 2.38 -18.97 -62.33
N ARG E 205 1.45 -18.89 -63.27
CA ARG E 205 0.94 -20.07 -63.91
C ARG E 205 2.03 -20.76 -64.69
N GLU E 206 1.96 -22.09 -64.70
CA GLU E 206 2.90 -22.85 -65.51
C GLU E 206 2.40 -22.84 -66.96
N SER E 207 1.17 -22.33 -67.18
CA SER E 207 0.57 -22.29 -68.49
C SER E 207 1.37 -21.41 -69.43
N VAL E 208 2.02 -20.36 -68.94
CA VAL E 208 2.85 -19.60 -69.87
C VAL E 208 4.01 -20.45 -70.37
N LEU E 209 4.56 -21.30 -69.50
CA LEU E 209 5.60 -22.25 -69.94
C LEU E 209 5.05 -23.30 -70.90
N GLN E 210 3.84 -23.76 -70.67
CA GLN E 210 3.18 -24.70 -71.56
C GLN E 210 2.72 -24.04 -72.86
N MET E 211 2.51 -22.72 -72.88
CA MET E 211 2.06 -22.10 -74.12
C MET E 211 3.20 -22.04 -75.11
N MET E 212 4.36 -21.63 -74.65
CA MET E 212 5.53 -21.50 -75.48
C MET E 212 6.38 -22.60 -74.87
N GLN E 213 6.21 -23.83 -75.37
CA GLN E 213 6.98 -24.98 -74.95
C GLN E 213 8.08 -25.20 -75.99
N ALA E 214 9.22 -25.74 -75.55
CA ALA E 214 10.29 -26.04 -76.50
C ALA E 214 9.96 -27.20 -77.43
N GLY E 215 9.12 -28.14 -77.01
CA GLY E 215 8.79 -29.33 -77.78
C GLY E 215 7.80 -29.15 -78.89
N GLN E 216 7.13 -28.00 -78.95
CA GLN E 216 6.16 -27.72 -80.00
C GLN E 216 6.84 -27.20 -81.28
N ARG E 217 8.14 -26.90 -81.24
CA ARG E 217 8.98 -26.36 -82.32
C ARG E 217 8.47 -25.00 -82.85
N VAL E 218 7.53 -24.38 -82.15
CA VAL E 218 6.92 -23.07 -82.38
C VAL E 218 7.76 -21.96 -81.73
N VAL E 219 8.94 -22.30 -81.20
CA VAL E 219 9.77 -21.31 -80.48
C VAL E 219 10.60 -20.61 -81.56
N ASP E 220 9.92 -19.70 -82.27
CA ASP E 220 10.57 -18.89 -83.28
C ASP E 220 11.58 -17.92 -82.68
N ASN E 221 11.47 -17.63 -81.37
CA ASN E 221 12.36 -16.68 -80.70
C ASN E 221 12.95 -17.27 -79.42
N PRO E 222 13.96 -18.16 -79.52
CA PRO E 222 14.54 -18.70 -78.27
C PRO E 222 15.07 -17.59 -77.38
N ILE E 223 15.61 -16.51 -77.97
CA ILE E 223 16.14 -15.43 -77.14
C ILE E 223 15.03 -14.79 -76.32
N TYR E 224 13.84 -14.66 -76.89
CA TYR E 224 12.69 -14.18 -76.16
C TYR E 224 12.25 -15.19 -75.13
N LEU E 225 12.42 -16.48 -75.43
CA LEU E 225 12.15 -17.49 -74.40
C LEU E 225 13.08 -17.28 -73.22
N SER E 226 14.38 -17.09 -73.48
CA SER E 226 15.31 -16.88 -72.38
C SER E 226 15.01 -15.58 -71.65
N ASP E 227 14.48 -14.58 -72.37
CA ASP E 227 14.10 -13.32 -71.71
C ASP E 227 12.88 -13.49 -70.85
N MET E 228 11.89 -14.23 -71.32
CA MET E 228 10.72 -14.51 -70.50
C MET E 228 11.10 -15.37 -69.30
N GLY E 229 12.10 -16.25 -69.46
CA GLY E 229 12.52 -17.03 -68.31
C GLY E 229 13.36 -16.26 -67.32
N ALA E 230 14.16 -15.32 -67.80
CA ALA E 230 14.82 -14.41 -66.87
C ALA E 230 13.83 -13.43 -66.26
N ALA E 231 12.70 -13.20 -66.92
CA ALA E 231 11.67 -12.32 -66.38
C ALA E 231 11.07 -12.87 -65.11
N LEU E 232 11.04 -14.19 -64.94
CA LEU E 232 10.49 -14.71 -63.70
C LEU E 232 11.37 -14.41 -62.50
N THR E 233 12.67 -14.13 -62.71
CA THR E 233 13.56 -13.87 -61.58
C THR E 233 13.11 -12.64 -60.80
N GLY E 234 13.29 -12.70 -59.48
CA GLY E 234 13.05 -11.61 -58.56
C GLY E 234 14.23 -10.68 -58.33
N ALA E 235 15.33 -10.90 -59.04
CA ALA E 235 16.58 -10.17 -58.83
C ALA E 235 16.42 -8.67 -59.10
N GLU E 236 17.18 -7.88 -58.35
CA GLU E 236 17.08 -6.43 -58.44
C GLU E 236 17.44 -5.98 -59.85
N SER E 237 16.83 -4.86 -60.25
CA SER E 237 16.97 -4.35 -61.61
C SER E 237 18.40 -4.07 -62.04
N HIS E 238 19.28 -3.72 -61.11
CA HIS E 238 20.68 -3.54 -61.49
C HIS E 238 21.37 -4.82 -61.97
N GLU E 239 21.08 -5.95 -61.34
CA GLU E 239 21.64 -7.21 -61.83
C GLU E 239 21.07 -7.59 -63.19
N LEU E 240 19.80 -7.28 -63.42
CA LEU E 240 19.17 -7.55 -64.71
C LEU E 240 19.76 -6.65 -65.76
N GLN E 241 20.07 -5.43 -65.38
CA GLN E 241 20.72 -4.52 -66.30
C GLN E 241 22.08 -5.05 -66.68
N ASP E 242 22.77 -5.67 -65.74
CA ASP E 242 24.06 -6.25 -66.07
C ASP E 242 23.88 -7.40 -67.03
N VAL E 243 22.80 -8.17 -66.87
CA VAL E 243 22.53 -9.21 -67.85
C VAL E 243 22.16 -8.59 -69.20
N LEU E 244 21.49 -7.43 -69.20
CA LEU E 244 21.16 -6.75 -70.45
C LEU E 244 22.40 -6.19 -71.12
N GLU E 245 23.41 -5.84 -70.33
CA GLU E 245 24.65 -5.31 -70.89
C GLU E 245 25.34 -6.38 -71.74
N GLU E 246 25.14 -7.65 -71.39
CA GLU E 246 25.74 -8.72 -72.16
C GLU E 246 25.22 -8.69 -73.58
N THR E 247 26.11 -8.91 -74.52
CA THR E 247 25.76 -9.05 -75.92
C THR E 247 25.81 -10.50 -76.33
N ASN E 248 26.85 -11.17 -75.86
CA ASN E 248 27.03 -12.58 -76.17
C ASN E 248 25.94 -13.41 -75.51
N ILE E 249 25.42 -14.36 -76.27
CA ILE E 249 24.38 -15.27 -75.77
C ILE E 249 24.83 -16.17 -74.62
N PRO E 250 25.93 -16.93 -74.71
CA PRO E 250 26.31 -17.78 -73.58
C PRO E 250 26.57 -17.01 -72.28
N LYS E 251 27.11 -15.80 -72.34
CA LYS E 251 27.38 -15.06 -71.11
C LYS E 251 26.11 -14.65 -70.39
N ARG E 252 25.15 -14.07 -71.12
CA ARG E 252 23.88 -13.70 -70.50
C ARG E 252 23.16 -14.95 -70.03
N LEU E 253 23.34 -16.06 -70.75
CA LEU E 253 22.75 -17.32 -70.31
C LEU E 253 23.38 -17.78 -69.01
N TYR E 254 24.70 -17.66 -68.92
CA TYR E 254 25.42 -18.11 -67.74
C TYR E 254 25.06 -17.26 -66.55
N LYS E 255 24.79 -15.97 -66.79
CA LYS E 255 24.44 -15.10 -65.69
C LYS E 255 23.01 -15.31 -65.22
N ALA E 256 22.08 -15.44 -66.18
CA ALA E 256 20.68 -15.68 -65.82
C ALA E 256 20.52 -17.02 -65.11
N LEU E 257 21.30 -18.00 -65.53
CA LEU E 257 21.29 -19.27 -64.82
C LEU E 257 21.90 -19.16 -63.44
N SER E 258 23.01 -18.41 -63.30
CA SER E 258 23.57 -18.35 -61.97
C SER E 258 22.61 -17.66 -61.02
N LEU E 259 21.88 -16.66 -61.51
CA LEU E 259 20.86 -16.03 -60.68
C LEU E 259 19.70 -16.98 -60.38
N LEU E 260 19.35 -17.80 -61.35
CA LEU E 260 18.26 -18.74 -61.15
C LEU E 260 18.59 -19.80 -60.11
N LYS E 261 19.80 -20.36 -60.20
CA LYS E 261 20.23 -21.30 -59.18
C LYS E 261 20.30 -20.59 -57.83
N LYS E 262 20.69 -19.30 -57.84
CA LYS E 262 20.78 -18.57 -56.57
C LYS E 262 19.40 -18.53 -55.93
N GLU E 263 18.36 -18.44 -56.75
CA GLU E 263 17.04 -18.59 -56.19
C GLU E 263 16.82 -20.04 -55.73
N PHE E 264 17.38 -21.01 -56.47
CA PHE E 264 17.10 -22.42 -56.18
C PHE E 264 17.66 -22.91 -54.85
N GLU E 265 18.84 -22.46 -54.48
CA GLU E 265 19.42 -22.94 -53.23
C GLU E 265 18.61 -22.42 -52.06
N LEU E 266 18.33 -21.13 -52.10
CA LEU E 266 17.56 -20.46 -51.06
C LEU E 266 16.15 -20.99 -50.96
N SER E 267 15.57 -21.36 -52.08
CA SER E 267 14.23 -21.90 -52.05
C SER E 267 14.27 -23.21 -51.32
N LYS E 268 15.20 -24.08 -51.76
CA LYS E 268 15.34 -25.40 -51.18
C LYS E 268 15.59 -25.29 -49.69
N LEU E 269 16.32 -24.25 -49.30
CA LEU E 269 16.52 -23.98 -47.89
C LEU E 269 15.21 -23.69 -47.20
N GLN E 270 14.35 -22.86 -47.80
CA GLN E 270 13.10 -22.51 -47.13
C GLN E 270 12.20 -23.73 -46.95
N GLN E 271 12.22 -24.62 -47.93
CA GLN E 271 11.37 -25.81 -47.81
C GLN E 271 11.89 -26.76 -46.76
N ARG E 272 13.21 -26.94 -46.71
CA ARG E 272 13.79 -27.79 -45.68
C ARG E 272 13.53 -27.22 -44.30
N LEU E 273 13.62 -25.89 -44.17
CA LEU E 273 13.39 -25.28 -42.86
C LEU E 273 11.96 -25.47 -42.42
N GLY E 274 11.03 -25.40 -43.37
CA GLY E 274 9.64 -25.56 -42.98
C GLY E 274 9.35 -26.97 -42.54
N ARG E 275 9.74 -27.97 -43.35
CA ARG E 275 9.45 -29.34 -42.95
C ARG E 275 10.14 -29.72 -41.65
N GLU E 276 11.36 -29.22 -41.43
CA GLU E 276 12.05 -29.52 -40.19
C GLU E 276 11.35 -28.94 -38.98
N VAL E 277 11.06 -27.62 -39.01
CA VAL E 277 10.45 -27.00 -37.84
C VAL E 277 9.09 -27.60 -37.57
N GLU E 278 8.38 -27.95 -38.63
CA GLU E 278 7.06 -28.51 -38.47
C GLU E 278 7.14 -29.92 -37.88
N GLU E 279 8.06 -30.77 -38.33
CA GLU E 279 8.18 -32.10 -37.73
C GLU E 279 8.55 -32.03 -36.27
N LYS E 280 9.35 -31.04 -35.89
CA LYS E 280 9.67 -30.88 -34.49
C LYS E 280 8.42 -30.58 -33.70
N ILE E 281 7.57 -29.72 -34.27
CA ILE E 281 6.31 -29.37 -33.62
C ILE E 281 5.43 -30.60 -33.54
N LYS E 282 5.45 -31.42 -34.58
CA LYS E 282 4.65 -32.63 -34.58
C LYS E 282 5.10 -33.51 -33.45
N GLN E 283 6.39 -33.79 -33.42
CA GLN E 283 6.97 -34.64 -32.40
C GLN E 283 6.58 -34.15 -31.02
N THR E 284 6.59 -32.84 -30.86
CA THR E 284 6.22 -32.19 -29.63
C THR E 284 4.79 -32.53 -29.25
N HIS E 285 3.87 -32.25 -30.19
CA HIS E 285 2.47 -32.50 -29.94
C HIS E 285 2.25 -33.97 -29.65
N ARG E 286 2.85 -34.82 -30.48
CA ARG E 286 2.79 -36.28 -30.36
C ARG E 286 3.07 -36.69 -28.94
N LYS E 287 4.16 -36.13 -28.40
CA LYS E 287 4.53 -36.42 -27.03
C LYS E 287 3.44 -36.01 -26.08
N TYR E 288 2.77 -34.87 -26.35
CA TYR E 288 1.75 -34.48 -25.39
C TYR E 288 0.62 -35.48 -25.41
N LEU E 289 0.31 -36.00 -26.60
CA LEU E 289 -0.72 -37.01 -26.73
C LEU E 289 -0.40 -38.23 -25.90
N LEU E 290 0.82 -38.76 -26.09
CA LEU E 290 1.22 -39.94 -25.33
C LEU E 290 1.16 -39.68 -23.83
N GLN E 291 1.58 -38.49 -23.42
CA GLN E 291 1.52 -38.14 -22.01
C GLN E 291 0.09 -38.12 -21.49
N GLU E 292 -0.83 -37.61 -22.30
CA GLU E 292 -2.24 -37.64 -21.92
C GLU E 292 -2.74 -39.06 -21.78
N GLN E 293 -2.29 -39.94 -22.67
CA GLN E 293 -2.72 -41.32 -22.56
C GLN E 293 -2.25 -41.91 -21.25
N LEU E 294 -0.99 -41.61 -20.89
CA LEU E 294 -0.47 -42.10 -19.62
C LEU E 294 -1.30 -41.57 -18.49
N LYS E 295 -1.74 -40.30 -18.59
CA LYS E 295 -2.48 -39.64 -17.53
C LYS E 295 -3.68 -40.54 -17.35
N ILE E 296 -4.59 -40.52 -18.33
CA ILE E 296 -5.93 -41.06 -18.14
C ILE E 296 -5.88 -42.52 -17.74
N ILE E 297 -4.95 -43.29 -18.32
CA ILE E 297 -4.87 -44.70 -17.97
C ILE E 297 -4.40 -44.85 -16.54
N LYS E 298 -3.53 -43.96 -16.03
CA LYS E 298 -3.16 -44.09 -14.63
C LYS E 298 -4.22 -43.46 -13.74
N LYS E 299 -4.96 -42.49 -14.27
CA LYS E 299 -6.02 -41.85 -13.53
C LYS E 299 -7.13 -42.83 -13.26
N GLU E 300 -7.34 -43.77 -14.18
CA GLU E 300 -8.37 -44.76 -13.98
C GLU E 300 -7.80 -45.94 -13.21
N LEU E 301 -6.60 -46.39 -13.54
CA LEU E 301 -5.96 -47.55 -12.94
C LEU E 301 -4.91 -47.19 -11.89
N GLY E 302 -5.13 -47.62 -10.64
CA GLY E 302 -4.16 -47.33 -9.59
C GLY E 302 -4.61 -46.24 -8.68
N LEU E 303 -4.89 -45.10 -9.29
CA LEU E 303 -5.44 -43.97 -8.57
C LEU E 303 -6.95 -44.17 -8.43
N GLU E 304 -7.59 -44.62 -9.51
CA GLU E 304 -9.03 -44.92 -9.57
C GLU E 304 -9.86 -43.73 -9.10
N LYS E 305 -9.39 -42.53 -9.45
CA LYS E 305 -10.02 -41.23 -9.23
C LYS E 305 -10.62 -41.08 -7.83
N ASP E 306 -9.91 -41.56 -6.79
CA ASP E 306 -10.41 -41.50 -5.41
C ASP E 306 -9.50 -40.76 -4.42
N ASP E 307 -8.31 -40.29 -4.83
CA ASP E 307 -7.45 -39.59 -3.87
C ASP E 307 -8.12 -38.31 -3.38
N LYS E 308 -8.83 -37.61 -4.28
CA LYS E 308 -9.59 -36.42 -3.91
C LYS E 308 -10.91 -36.74 -3.20
N ASP E 309 -11.56 -37.85 -3.56
CA ASP E 309 -12.81 -38.21 -2.89
C ASP E 309 -12.59 -38.55 -1.44
N ALA E 310 -11.43 -39.09 -1.09
CA ALA E 310 -11.13 -39.48 0.27
C ALA E 310 -11.24 -38.31 1.23
N ILE E 311 -10.91 -37.12 0.76
CA ILE E 311 -11.00 -35.93 1.60
C ILE E 311 -12.40 -35.36 1.56
N GLU E 312 -13.08 -35.35 0.40
CA GLU E 312 -14.41 -34.76 0.39
C GLU E 312 -15.37 -35.57 1.26
N GLU E 313 -15.28 -36.91 1.13
CA GLU E 313 -16.11 -37.75 1.97
C GLU E 313 -15.67 -37.69 3.42
N LYS E 314 -14.36 -37.50 3.66
CA LYS E 314 -13.90 -37.32 5.03
C LYS E 314 -14.51 -36.10 5.68
N PHE E 315 -14.58 -34.98 4.94
CA PHE E 315 -15.27 -33.81 5.47
C PHE E 315 -16.73 -34.11 5.70
N ARG E 316 -17.36 -34.89 4.81
CA ARG E 316 -18.78 -35.19 5.01
C ARG E 316 -18.99 -35.99 6.30
N GLU E 317 -18.24 -37.08 6.47
CA GLU E 317 -18.43 -37.90 7.67
C GLU E 317 -18.05 -37.12 8.91
N ARG E 318 -17.04 -36.25 8.82
CA ARG E 318 -16.71 -35.45 9.99
C ARG E 318 -17.85 -34.48 10.29
N LEU E 319 -18.60 -34.07 9.27
CA LEU E 319 -19.69 -33.13 9.46
C LEU E 319 -20.98 -33.79 9.94
N LYS E 320 -21.21 -35.06 9.57
CA LYS E 320 -22.54 -35.65 9.65
C LYS E 320 -23.08 -35.69 11.08
N GLU E 321 -22.23 -36.04 12.04
CA GLU E 321 -22.66 -36.15 13.43
C GLU E 321 -23.09 -34.80 13.98
N LEU E 322 -22.47 -33.72 13.52
CA LEU E 322 -22.75 -32.40 14.05
C LEU E 322 -24.16 -31.97 13.68
N VAL E 323 -24.86 -31.35 14.62
CA VAL E 323 -26.19 -30.77 14.33
C VAL E 323 -25.90 -29.38 13.78
N VAL E 324 -25.60 -29.35 12.50
CA VAL E 324 -25.08 -28.14 11.85
C VAL E 324 -26.21 -27.13 11.64
N PRO E 325 -26.00 -25.83 11.96
CA PRO E 325 -26.94 -24.80 11.51
C PRO E 325 -26.96 -24.74 10.00
N LYS E 326 -28.11 -24.40 9.44
CA LYS E 326 -28.27 -24.44 7.99
C LYS E 326 -27.35 -23.45 7.28
N HIS E 327 -26.85 -22.42 7.97
CA HIS E 327 -25.97 -21.43 7.37
C HIS E 327 -24.73 -22.05 6.75
N VAL E 328 -24.26 -23.18 7.28
CA VAL E 328 -23.00 -23.78 6.85
C VAL E 328 -23.15 -24.78 5.71
N MET E 329 -24.24 -25.57 5.70
CA MET E 329 -24.38 -26.70 4.77
C MET E 329 -24.18 -26.30 3.31
N ASP E 330 -24.74 -25.16 2.91
CA ASP E 330 -24.51 -24.67 1.56
C ASP E 330 -23.04 -24.39 1.30
N VAL E 331 -22.34 -23.80 2.27
CA VAL E 331 -20.94 -23.46 2.07
C VAL E 331 -20.10 -24.73 1.96
N VAL E 332 -20.31 -25.68 2.87
CA VAL E 332 -19.48 -26.89 2.85
C VAL E 332 -19.70 -27.66 1.55
N ASP E 333 -20.95 -27.71 1.06
CA ASP E 333 -21.18 -28.47 -0.16
C ASP E 333 -20.58 -27.76 -1.37
N GLU E 334 -20.81 -26.45 -1.51
CA GLU E 334 -20.28 -25.78 -2.68
C GLU E 334 -18.75 -25.73 -2.65
N GLU E 335 -18.16 -25.53 -1.47
CA GLU E 335 -16.71 -25.59 -1.38
C GLU E 335 -16.20 -27.00 -1.62
N LEU E 336 -16.98 -28.03 -1.25
CA LEU E 336 -16.58 -29.39 -1.55
C LEU E 336 -16.58 -29.63 -3.05
N SER E 337 -17.50 -29.01 -3.79
CA SER E 337 -17.44 -29.10 -5.25
C SER E 337 -16.24 -28.33 -5.78
N LYS E 338 -15.95 -27.19 -5.16
CA LYS E 338 -14.79 -26.37 -5.54
C LYS E 338 -13.50 -27.10 -5.28
N LEU E 339 -13.49 -27.99 -4.29
CA LEU E 339 -12.33 -28.83 -4.04
C LEU E 339 -12.36 -30.09 -4.90
N GLY E 340 -13.54 -30.47 -5.40
CA GLY E 340 -13.67 -31.68 -6.16
C GLY E 340 -13.18 -31.53 -7.57
N LEU E 341 -13.34 -30.33 -8.15
CA LEU E 341 -12.75 -30.11 -9.46
C LEU E 341 -11.26 -29.83 -9.39
N LEU E 342 -10.83 -29.12 -8.35
CA LEU E 342 -9.43 -28.80 -8.16
C LEU E 342 -8.58 -30.03 -7.86
N ASP E 343 -7.41 -30.11 -8.49
CA ASP E 343 -6.50 -31.21 -8.26
C ASP E 343 -5.80 -31.00 -6.91
N ASN E 344 -5.30 -32.11 -6.33
CA ASN E 344 -4.71 -32.05 -5.00
C ASN E 344 -3.55 -31.06 -4.92
N HIS E 345 -2.81 -30.89 -6.00
CA HIS E 345 -1.64 -30.02 -5.99
C HIS E 345 -1.98 -28.54 -6.12
N SER E 346 -3.21 -28.21 -6.52
CA SER E 346 -3.60 -26.82 -6.68
C SER E 346 -3.55 -26.07 -5.35
N SER E 347 -2.96 -24.87 -5.36
CA SER E 347 -2.93 -24.04 -4.16
C SER E 347 -4.34 -23.69 -3.73
N GLU E 348 -5.20 -23.44 -4.71
CA GLU E 348 -6.61 -23.20 -4.42
C GLU E 348 -7.25 -24.45 -3.81
N PHE E 349 -6.81 -25.65 -4.20
CA PHE E 349 -7.34 -26.87 -3.57
C PHE E 349 -7.03 -26.86 -2.09
N ASN E 350 -5.79 -26.50 -1.73
CA ASN E 350 -5.41 -26.52 -0.33
C ASN E 350 -6.18 -25.46 0.46
N VAL E 351 -6.11 -24.20 0.02
CA VAL E 351 -6.74 -23.15 0.83
C VAL E 351 -8.25 -23.36 0.89
N THR E 352 -8.87 -23.87 -0.18
CA THR E 352 -10.29 -24.19 -0.09
C THR E 352 -10.55 -25.36 0.83
N ARG E 353 -9.63 -26.34 0.85
CA ARG E 353 -9.74 -27.44 1.80
C ARG E 353 -9.69 -26.91 3.22
N ASN E 354 -8.82 -25.92 3.46
CA ASN E 354 -8.71 -25.34 4.79
C ASN E 354 -9.95 -24.55 5.16
N TYR E 355 -10.49 -23.77 4.22
CA TYR E 355 -11.65 -22.97 4.55
C TYR E 355 -12.86 -23.85 4.83
N LEU E 356 -13.00 -24.94 4.09
CA LEU E 356 -14.02 -25.93 4.41
C LEU E 356 -13.70 -26.66 5.69
N ASP E 357 -12.40 -26.86 5.97
CA ASP E 357 -11.99 -27.64 7.12
C ASP E 357 -12.43 -26.97 8.40
N TRP E 358 -12.29 -25.64 8.45
CA TRP E 358 -12.70 -24.96 9.67
C TRP E 358 -14.19 -25.11 9.87
N LEU E 359 -14.97 -24.96 8.80
CA LEU E 359 -16.41 -25.03 8.93
C LEU E 359 -16.88 -26.41 9.34
N THR E 360 -16.18 -27.46 8.92
CA THR E 360 -16.55 -28.79 9.37
C THR E 360 -16.06 -29.06 10.78
N SER E 361 -14.80 -28.67 11.04
CA SER E 361 -14.17 -28.95 12.32
C SER E 361 -14.80 -28.18 13.47
N ILE E 362 -15.36 -27.02 13.20
CA ILE E 362 -15.89 -26.19 14.29
C ILE E 362 -17.09 -26.90 14.90
N PRO E 363 -17.26 -26.94 16.23
CA PRO E 363 -18.43 -27.64 16.78
C PRO E 363 -19.72 -26.94 16.40
N TRP E 364 -20.77 -27.73 16.25
CA TRP E 364 -22.11 -27.24 15.92
C TRP E 364 -23.17 -27.82 16.83
N GLY E 365 -23.72 -26.95 17.68
CA GLY E 365 -24.85 -27.25 18.53
C GLY E 365 -24.51 -28.01 19.78
N LYS E 366 -23.23 -28.17 20.09
CA LYS E 366 -22.83 -28.92 21.27
C LYS E 366 -22.60 -27.94 22.41
N TYR E 367 -23.65 -27.66 23.18
CA TYR E 367 -23.47 -26.90 24.41
C TYR E 367 -23.07 -27.89 25.48
N SER E 368 -22.04 -27.56 26.25
CA SER E 368 -21.78 -28.33 27.45
C SER E 368 -22.84 -28.04 28.49
N ASN E 369 -23.29 -29.09 29.14
CA ASN E 369 -24.11 -28.94 30.32
C ASN E 369 -23.21 -28.44 31.44
N GLU E 370 -23.74 -27.59 32.30
CA GLU E 370 -22.97 -26.99 33.37
C GLU E 370 -23.87 -27.11 34.58
N ASN E 371 -23.34 -27.73 35.62
CA ASN E 371 -24.11 -27.86 36.83
C ASN E 371 -24.25 -26.51 37.51
N LEU E 372 -25.33 -26.39 38.29
CA LEU E 372 -25.60 -25.17 39.03
C LEU E 372 -26.01 -25.37 40.46
N ASP E 373 -26.47 -26.55 40.87
CA ASP E 373 -26.96 -26.73 42.21
C ASP E 373 -25.87 -26.44 43.22
N LEU E 374 -26.27 -25.70 44.24
CA LEU E 374 -25.35 -25.03 45.12
C LEU E 374 -24.48 -25.91 46.02
N ALA E 375 -24.87 -27.15 46.28
CA ALA E 375 -24.09 -27.96 47.20
C ALA E 375 -22.65 -28.18 46.73
N ARG E 376 -22.45 -28.96 45.66
CA ARG E 376 -21.06 -29.10 45.21
C ARG E 376 -20.56 -27.87 44.51
N ALA E 377 -21.44 -26.92 44.14
CA ALA E 377 -20.98 -25.65 43.58
C ALA E 377 -20.16 -24.93 44.62
N GLN E 378 -20.68 -24.87 45.83
CA GLN E 378 -19.91 -24.13 46.78
C GLN E 378 -18.78 -24.99 47.21
N ALA E 379 -19.05 -26.27 47.45
CA ALA E 379 -18.03 -27.10 48.05
C ALA E 379 -16.80 -27.19 47.17
N VAL E 380 -16.96 -27.25 45.84
CA VAL E 380 -15.76 -27.20 45.01
C VAL E 380 -15.17 -25.83 45.08
N LEU E 381 -16.03 -24.80 45.21
CA LEU E 381 -15.44 -23.49 45.14
C LEU E 381 -14.56 -23.22 46.35
N GLU E 382 -14.92 -23.81 47.49
CA GLU E 382 -14.12 -23.75 48.70
C GLU E 382 -12.97 -24.74 48.71
N GLU E 383 -12.99 -25.75 47.83
CA GLU E 383 -12.03 -26.84 47.94
C GLU E 383 -10.59 -26.40 47.74
N ASP E 384 -10.35 -25.38 46.94
CA ASP E 384 -9.02 -25.14 46.39
C ASP E 384 -8.57 -23.70 46.50
N HIS E 385 -9.13 -22.94 47.44
CA HIS E 385 -8.68 -21.59 47.76
C HIS E 385 -9.10 -21.26 49.18
N TYR E 386 -8.13 -21.26 50.07
CA TYR E 386 -8.41 -20.94 51.45
C TYR E 386 -8.81 -19.48 51.60
N GLY E 387 -9.71 -19.24 52.56
CA GLY E 387 -10.19 -17.90 52.84
C GLY E 387 -10.88 -17.30 51.64
N MET E 388 -10.58 -16.04 51.37
CA MET E 388 -11.16 -15.26 50.26
C MET E 388 -12.68 -15.36 50.29
N GLU E 389 -13.25 -15.27 51.49
CA GLU E 389 -14.67 -15.46 51.69
C GLU E 389 -15.51 -14.44 50.95
N ASP E 390 -15.01 -13.22 50.81
CA ASP E 390 -15.83 -12.16 50.25
C ASP E 390 -16.17 -12.42 48.80
N VAL E 391 -15.14 -12.60 47.98
CA VAL E 391 -15.42 -12.83 46.60
C VAL E 391 -16.12 -14.15 46.41
N LYS E 392 -15.83 -15.09 47.30
CA LYS E 392 -16.54 -16.36 47.31
C LYS E 392 -18.00 -16.18 47.61
N LYS E 393 -18.33 -15.13 48.35
CA LYS E 393 -19.73 -14.85 48.58
C LYS E 393 -20.34 -14.28 47.34
N ARG E 394 -19.64 -13.34 46.73
CA ARG E 394 -20.23 -12.67 45.58
C ARG E 394 -20.45 -13.70 44.47
N ILE E 395 -19.54 -14.67 44.37
CA ILE E 395 -19.65 -15.62 43.29
C ILE E 395 -20.81 -16.54 43.56
N LEU E 396 -21.01 -16.91 44.81
CA LEU E 396 -22.19 -17.68 45.13
C LEU E 396 -23.45 -16.89 44.89
N GLU E 397 -23.39 -15.60 45.16
CA GLU E 397 -24.54 -14.76 44.94
C GLU E 397 -24.91 -14.75 43.47
N PHE E 398 -23.90 -14.57 42.60
CA PHE E 398 -24.17 -14.55 41.18
C PHE E 398 -24.64 -15.88 40.68
N ILE E 399 -24.03 -16.94 41.20
CA ILE E 399 -24.43 -18.26 40.79
C ILE E 399 -25.88 -18.48 41.13
N ALA E 400 -26.30 -17.99 42.31
CA ALA E 400 -27.68 -18.18 42.72
C ALA E 400 -28.62 -17.49 41.77
N VAL E 401 -28.38 -16.21 41.51
CA VAL E 401 -29.30 -15.47 40.65
C VAL E 401 -29.28 -16.06 39.24
N SER E 402 -28.10 -16.48 38.79
CA SER E 402 -28.02 -17.09 37.48
C SER E 402 -28.78 -18.39 37.44
N GLN E 403 -28.75 -19.17 38.53
CA GLN E 403 -29.54 -20.40 38.55
C GLN E 403 -31.03 -20.07 38.55
N LEU E 404 -31.41 -18.91 39.10
CA LEU E 404 -32.82 -18.55 39.17
C LEU E 404 -33.36 -17.87 37.94
N ARG E 405 -32.74 -16.77 37.54
CA ARG E 405 -33.24 -15.96 36.44
C ARG E 405 -32.85 -16.52 35.08
N GLY E 406 -33.27 -17.76 34.85
CA GLY E 406 -33.23 -18.39 33.55
C GLY E 406 -31.86 -18.75 33.07
N SER E 407 -31.03 -17.78 32.73
CA SER E 407 -29.72 -18.08 32.16
C SER E 407 -28.87 -16.81 32.18
N THR E 408 -27.57 -16.99 31.93
CA THR E 408 -26.54 -15.95 32.09
C THR E 408 -26.52 -15.03 30.87
N GLN E 409 -27.33 -13.96 30.92
CA GLN E 409 -27.25 -12.89 29.93
C GLN E 409 -26.97 -11.50 30.50
N GLY E 410 -26.97 -11.31 31.83
CA GLY E 410 -27.00 -9.95 32.34
C GLY E 410 -25.75 -9.10 32.13
N LYS E 411 -24.67 -9.39 32.87
CA LYS E 411 -23.46 -8.57 32.83
C LYS E 411 -22.26 -9.42 33.21
N ILE E 412 -21.12 -9.20 32.55
CA ILE E 412 -19.93 -9.95 32.90
C ILE E 412 -19.38 -9.47 34.23
N LEU E 413 -18.92 -10.40 35.04
CA LEU E 413 -18.19 -10.08 36.26
C LEU E 413 -16.73 -9.72 35.96
N CYS E 414 -16.12 -8.95 36.86
CA CYS E 414 -14.73 -8.56 36.73
C CYS E 414 -14.07 -8.69 38.09
N PHE E 415 -12.75 -8.67 38.08
CA PHE E 415 -11.97 -8.76 39.29
C PHE E 415 -10.80 -7.80 39.21
N TYR E 416 -10.44 -7.23 40.34
CA TYR E 416 -9.27 -6.37 40.31
C TYR E 416 -8.61 -6.20 41.66
N GLY E 417 -7.28 -6.10 41.58
CA GLY E 417 -6.40 -5.99 42.70
C GLY E 417 -4.96 -6.19 42.26
N PRO E 418 -4.04 -6.11 43.22
CA PRO E 418 -2.62 -6.24 42.87
C PRO E 418 -2.32 -7.61 42.27
N PRO E 419 -1.39 -7.67 41.32
CA PRO E 419 -1.08 -8.95 40.66
C PRO E 419 -0.52 -10.01 41.60
N GLY E 420 -0.84 -11.28 41.29
CA GLY E 420 -0.35 -12.40 42.08
C GLY E 420 -1.19 -12.73 43.28
N VAL E 421 -2.34 -12.08 43.40
CA VAL E 421 -3.35 -12.37 44.42
C VAL E 421 -4.22 -13.57 44.08
N GLY E 422 -4.03 -14.23 42.93
CA GLY E 422 -4.74 -15.45 42.59
C GLY E 422 -5.89 -15.30 41.64
N LYS E 423 -6.03 -14.14 40.99
CA LYS E 423 -7.03 -13.93 39.95
C LYS E 423 -7.18 -15.11 38.98
N THR E 424 -6.09 -15.40 38.28
CA THR E 424 -6.06 -16.52 37.36
C THR E 424 -6.26 -17.83 38.09
N SER E 425 -5.85 -17.87 39.35
CA SER E 425 -6.07 -19.08 40.11
C SER E 425 -7.53 -19.34 40.36
N ILE E 426 -8.32 -18.30 40.54
CA ILE E 426 -9.71 -18.53 40.92
C ILE E 426 -10.61 -18.73 39.72
N ALA E 427 -10.32 -18.05 38.61
CA ALA E 427 -11.17 -18.25 37.44
C ALA E 427 -11.16 -19.70 37.00
N ARG E 428 -9.99 -20.33 37.01
CA ARG E 428 -9.87 -21.70 36.57
C ARG E 428 -10.68 -22.62 37.47
N SER E 429 -10.68 -22.32 38.77
CA SER E 429 -11.46 -23.17 39.65
C SER E 429 -12.91 -23.00 39.32
N ILE E 430 -13.31 -21.76 39.02
CA ILE E 430 -14.70 -21.57 38.69
C ILE E 430 -15.03 -22.36 37.43
N ALA E 431 -14.05 -22.46 36.51
CA ALA E 431 -14.23 -23.17 35.25
C ALA E 431 -14.68 -24.57 35.54
N ARG E 432 -13.91 -25.24 36.39
CA ARG E 432 -14.33 -26.57 36.83
C ARG E 432 -15.62 -26.51 37.61
N ALA E 433 -15.83 -25.43 38.36
CA ALA E 433 -16.98 -25.35 39.26
C ALA E 433 -18.28 -25.46 38.49
N LEU E 434 -18.33 -24.91 37.29
CA LEU E 434 -19.49 -25.10 36.43
C LEU E 434 -19.36 -26.26 35.49
N ASN E 435 -18.21 -26.91 35.44
CA ASN E 435 -17.93 -28.09 34.64
C ASN E 435 -17.76 -27.70 33.15
N ARG E 436 -18.01 -26.45 32.74
CA ARG E 436 -17.75 -26.04 31.38
C ARG E 436 -16.24 -25.84 31.21
N GLU E 437 -15.81 -25.96 29.96
CA GLU E 437 -14.40 -25.93 29.61
C GLU E 437 -13.80 -24.53 29.76
N TYR E 438 -12.50 -24.52 30.02
CA TYR E 438 -11.72 -23.33 30.27
C TYR E 438 -10.98 -22.90 29.01
N PHE E 439 -10.78 -21.59 28.91
CA PHE E 439 -9.75 -21.07 28.05
C PHE E 439 -9.49 -19.64 28.45
N ARG E 440 -8.23 -19.26 28.44
CA ARG E 440 -7.80 -17.92 28.76
C ARG E 440 -7.31 -17.24 27.49
N PHE E 441 -7.48 -15.92 27.44
CA PHE E 441 -7.02 -15.18 26.26
C PHE E 441 -6.65 -13.83 26.82
N SER E 442 -5.39 -13.70 27.19
CA SER E 442 -4.91 -12.42 27.70
C SER E 442 -4.97 -11.44 26.55
N VAL E 443 -5.36 -10.20 26.84
CA VAL E 443 -5.41 -9.16 25.82
C VAL E 443 -4.77 -7.86 26.30
N GLY E 444 -4.05 -7.91 27.44
CA GLY E 444 -3.42 -6.75 28.04
C GLY E 444 -2.43 -6.12 27.09
N GLY E 445 -2.62 -4.86 26.72
CA GLY E 445 -1.71 -4.23 25.80
C GLY E 445 -1.96 -4.56 24.34
N MET E 446 -3.03 -5.31 24.05
CA MET E 446 -3.29 -5.72 22.69
C MET E 446 -3.60 -4.50 21.85
N THR E 447 -3.24 -4.60 20.57
CA THR E 447 -3.46 -3.51 19.63
C THR E 447 -4.33 -3.95 18.48
N ASP E 448 -3.92 -5.01 17.78
CA ASP E 448 -4.62 -5.44 16.58
C ASP E 448 -6.03 -5.94 16.84
N VAL E 449 -6.97 -5.50 16.00
CA VAL E 449 -8.32 -6.05 16.01
C VAL E 449 -8.43 -7.23 15.04
N ALA E 450 -7.49 -7.37 14.09
CA ALA E 450 -7.56 -8.48 13.16
C ALA E 450 -7.40 -9.81 13.86
N GLU E 451 -6.56 -9.85 14.91
CA GLU E 451 -6.37 -11.10 15.64
C GLU E 451 -7.67 -11.51 16.31
N ILE E 452 -8.49 -10.52 16.64
CA ILE E 452 -9.84 -10.82 17.09
C ILE E 452 -10.69 -11.24 15.91
N LYS E 453 -10.62 -10.49 14.80
CA LYS E 453 -11.49 -10.76 13.67
C LYS E 453 -11.02 -11.86 12.74
N GLY E 454 -9.77 -12.29 12.82
CA GLY E 454 -9.29 -13.18 11.78
C GLY E 454 -9.03 -12.44 10.49
N HIS E 455 -8.28 -13.04 9.58
CA HIS E 455 -8.03 -12.46 8.27
C HIS E 455 -9.04 -12.98 7.26
N ARG E 456 -9.11 -12.32 6.09
CA ARG E 456 -10.16 -12.59 5.11
C ARG E 456 -10.09 -13.99 4.49
N ARG E 457 -8.96 -14.70 4.60
CA ARG E 457 -8.53 -15.91 3.87
C ARG E 457 -7.88 -15.59 2.51
N THR E 458 -7.83 -14.33 2.09
CA THR E 458 -7.08 -13.99 0.87
C THR E 458 -5.58 -13.85 1.16
N TYR E 459 -5.22 -13.29 2.30
CA TYR E 459 -3.80 -13.12 2.60
C TYR E 459 -3.16 -14.45 2.87
N VAL E 460 -1.85 -14.51 2.60
CA VAL E 460 -1.08 -15.73 2.87
C VAL E 460 -1.17 -16.01 4.36
N GLY E 461 -1.46 -17.25 4.70
CA GLY E 461 -1.44 -17.61 6.09
C GLY E 461 -2.62 -17.09 6.89
N ALA E 462 -3.66 -16.57 6.23
CA ALA E 462 -4.78 -15.95 6.96
C ALA E 462 -5.46 -17.00 7.82
N MET E 463 -5.81 -16.61 9.06
CA MET E 463 -6.46 -17.53 10.00
C MET E 463 -7.61 -16.87 10.75
N PRO E 464 -8.59 -17.65 11.21
CA PRO E 464 -9.69 -17.08 11.98
C PRO E 464 -9.14 -16.52 13.28
N GLY E 465 -9.77 -15.46 13.79
CA GLY E 465 -9.34 -14.80 15.03
C GLY E 465 -9.20 -15.78 16.19
N LYS E 466 -8.59 -15.36 17.30
CA LYS E 466 -8.16 -16.30 18.35
C LYS E 466 -9.27 -17.15 18.95
N ILE E 467 -10.47 -16.61 19.08
CA ILE E 467 -11.52 -17.31 19.80
C ILE E 467 -11.96 -18.58 19.11
N ILE E 468 -11.92 -18.62 17.78
CA ILE E 468 -12.40 -19.79 17.07
C ILE E 468 -11.50 -20.97 17.36
N GLN E 469 -10.21 -20.73 17.61
CA GLN E 469 -9.33 -21.82 17.99
C GLN E 469 -9.87 -22.44 19.27
N CYS E 470 -10.18 -21.59 20.24
CA CYS E 470 -10.72 -22.12 21.48
C CYS E 470 -12.07 -22.77 21.26
N LEU E 471 -12.87 -22.21 20.35
CA LEU E 471 -14.16 -22.80 20.04
C LEU E 471 -14.03 -24.16 19.39
N LYS E 472 -12.92 -24.39 18.70
CA LYS E 472 -12.62 -25.70 18.18
C LYS E 472 -12.13 -26.56 19.33
N LYS E 473 -11.20 -26.00 20.09
CA LYS E 473 -10.46 -26.74 21.09
C LYS E 473 -11.38 -27.22 22.19
N THR E 474 -12.30 -26.37 22.62
CA THR E 474 -13.25 -26.78 23.65
C THR E 474 -14.31 -27.73 23.10
N LYS E 475 -14.42 -27.84 21.78
CA LYS E 475 -15.37 -28.70 21.09
C LYS E 475 -16.80 -28.50 21.59
N THR E 476 -17.14 -27.25 21.91
CA THR E 476 -18.45 -26.91 22.45
C THR E 476 -18.70 -25.44 22.14
N GLU E 477 -19.94 -24.99 22.36
CA GLU E 477 -20.30 -23.60 22.11
C GLU E 477 -20.51 -22.79 23.38
N ASN E 478 -20.28 -23.36 24.56
CA ASN E 478 -20.37 -22.60 25.80
C ASN E 478 -19.15 -22.87 26.69
N PRO E 479 -17.97 -22.46 26.24
CA PRO E 479 -16.85 -22.39 27.17
C PRO E 479 -17.06 -21.19 28.07
N LEU E 480 -16.43 -21.23 29.22
CA LEU E 480 -16.28 -20.04 30.06
C LEU E 480 -14.97 -19.36 29.69
N ILE E 481 -14.94 -18.80 28.48
CA ILE E 481 -13.74 -18.11 28.02
C ILE E 481 -13.47 -16.94 28.98
N LEU E 482 -12.18 -16.59 29.13
CA LEU E 482 -11.72 -15.68 30.16
C LEU E 482 -10.66 -14.75 29.60
N ILE E 483 -10.94 -13.47 29.61
CA ILE E 483 -9.93 -12.46 29.32
C ILE E 483 -9.04 -12.28 30.54
N ASP E 484 -7.80 -11.82 30.30
CA ASP E 484 -6.78 -11.64 31.32
C ASP E 484 -6.05 -10.32 31.16
N GLU E 485 -5.67 -9.75 32.32
CA GLU E 485 -4.88 -8.53 32.46
C GLU E 485 -5.45 -7.45 31.57
N VAL E 486 -6.66 -7.07 31.91
CA VAL E 486 -7.41 -6.11 31.11
C VAL E 486 -7.04 -4.65 31.40
N ASP E 487 -6.23 -4.38 32.44
CA ASP E 487 -6.02 -2.99 32.86
C ASP E 487 -5.41 -2.09 31.78
N LYS E 488 -4.66 -2.66 30.82
CA LYS E 488 -3.79 -1.87 29.95
C LYS E 488 -4.01 -2.18 28.47
N ILE E 489 -5.26 -2.12 27.99
CA ILE E 489 -5.55 -2.07 26.56
C ILE E 489 -5.86 -0.63 26.18
N GLY E 490 -5.60 -0.32 24.91
CA GLY E 490 -5.88 0.94 24.30
C GLY E 490 -4.74 1.20 23.36
N ARG E 491 -4.82 2.28 22.57
CA ARG E 491 -3.70 2.76 21.78
C ARG E 491 -3.23 1.68 20.83
N GLY E 492 -4.20 1.06 20.16
CA GLY E 492 -3.94 0.02 19.20
C GLY E 492 -3.59 0.57 17.85
N TYR E 493 -3.34 -0.34 16.90
CA TYR E 493 -3.01 0.09 15.54
C TYR E 493 -4.14 0.86 14.87
N GLN E 494 -5.39 0.65 15.30
CA GLN E 494 -6.56 1.39 14.87
C GLN E 494 -7.17 2.21 16.00
N GLY E 495 -6.34 2.80 16.87
CA GLY E 495 -6.85 3.48 18.06
C GLY E 495 -6.93 2.53 19.23
N ASP E 496 -7.89 1.61 19.28
CA ASP E 496 -7.86 0.54 20.29
C ASP E 496 -8.55 -0.70 19.74
N PRO E 497 -8.03 -1.92 20.01
CA PRO E 497 -8.82 -3.12 19.66
C PRO E 497 -10.17 -3.20 20.33
N SER E 498 -10.31 -2.60 21.52
CA SER E 498 -11.39 -2.91 22.45
C SER E 498 -12.78 -2.72 21.84
N SER E 499 -12.94 -1.74 20.94
CA SER E 499 -14.25 -1.46 20.34
C SER E 499 -14.89 -2.69 19.70
N ALA E 500 -14.14 -3.41 18.84
CA ALA E 500 -14.72 -4.62 18.26
C ALA E 500 -15.04 -5.64 19.33
N LEU E 501 -14.23 -5.68 20.38
CA LEU E 501 -14.56 -6.60 21.44
C LEU E 501 -15.86 -6.21 22.09
N LEU E 502 -16.21 -4.91 22.15
CA LEU E 502 -17.53 -4.64 22.71
C LEU E 502 -18.63 -5.28 21.87
N GLU E 503 -18.42 -5.36 20.53
CA GLU E 503 -19.37 -6.05 19.66
C GLU E 503 -19.50 -7.49 20.04
N LEU E 504 -18.39 -8.07 20.48
CA LEU E 504 -18.47 -9.45 20.92
C LEU E 504 -19.15 -9.50 22.26
N LEU E 505 -18.71 -8.64 23.17
CA LEU E 505 -19.22 -8.64 24.53
C LEU E 505 -20.70 -8.30 24.56
N ASP E 506 -21.18 -7.53 23.61
CA ASP E 506 -22.59 -7.15 23.63
C ASP E 506 -23.42 -8.39 23.39
N PRO E 507 -24.38 -8.74 24.27
CA PRO E 507 -25.09 -10.04 24.15
C PRO E 507 -25.81 -10.25 22.84
N GLU E 508 -26.29 -9.20 22.20
CA GLU E 508 -27.09 -9.33 20.99
C GLU E 508 -26.22 -9.23 19.75
N GLN E 509 -25.28 -8.28 19.73
CA GLN E 509 -24.49 -8.03 18.54
C GLN E 509 -23.63 -9.23 18.18
N ASN E 510 -23.23 -10.00 19.19
CA ASN E 510 -22.46 -11.21 18.94
C ASN E 510 -23.28 -12.44 18.60
N ALA E 511 -24.63 -12.36 18.64
CA ALA E 511 -25.42 -13.54 18.31
C ALA E 511 -25.14 -14.05 16.91
N ASN E 512 -24.77 -13.16 15.99
CA ASN E 512 -24.32 -13.50 14.64
C ASN E 512 -23.00 -12.79 14.39
N PHE E 513 -22.06 -12.95 15.32
CA PHE E 513 -20.73 -12.39 15.15
C PHE E 513 -20.10 -12.98 13.91
N LEU E 514 -19.28 -12.18 13.21
CA LEU E 514 -18.70 -12.58 11.95
C LEU E 514 -17.22 -12.21 11.92
N ASP E 515 -16.41 -13.26 11.89
CA ASP E 515 -14.98 -13.24 11.64
C ASP E 515 -14.71 -12.97 10.16
N HIS E 516 -13.58 -12.35 9.87
CA HIS E 516 -13.21 -12.19 8.47
C HIS E 516 -12.95 -13.52 7.78
N TYR E 517 -12.44 -14.52 8.51
CA TYR E 517 -12.03 -15.78 7.89
C TYR E 517 -13.17 -16.73 7.52
N LEU E 518 -14.40 -16.52 7.99
CA LEU E 518 -15.53 -17.39 7.63
C LEU E 518 -16.81 -16.58 7.53
N ASP E 519 -17.46 -16.63 6.37
CA ASP E 519 -18.67 -15.83 6.16
C ASP E 519 -19.83 -16.23 7.08
N VAL E 520 -19.86 -17.47 7.54
CA VAL E 520 -20.98 -17.98 8.34
C VAL E 520 -20.99 -17.42 9.76
N PRO E 521 -22.10 -16.82 10.24
CA PRO E 521 -22.24 -16.57 11.68
C PRO E 521 -22.31 -17.87 12.49
N VAL E 522 -21.75 -17.81 13.70
CA VAL E 522 -21.76 -18.91 14.66
C VAL E 522 -22.34 -18.41 15.97
N ASP E 523 -23.22 -19.23 16.57
CA ASP E 523 -23.76 -18.84 17.86
C ASP E 523 -22.67 -18.82 18.92
N LEU E 524 -22.73 -17.81 19.77
CA LEU E 524 -21.84 -17.78 20.91
C LEU E 524 -22.55 -17.17 22.11
N SER E 525 -23.89 -17.04 22.04
CA SER E 525 -24.61 -16.24 23.03
C SER E 525 -24.42 -16.75 24.44
N LYS E 526 -24.23 -18.06 24.59
CA LYS E 526 -24.23 -18.67 25.90
C LYS E 526 -22.87 -18.60 26.61
N VAL E 527 -21.80 -18.12 25.95
CA VAL E 527 -20.49 -18.02 26.63
C VAL E 527 -20.59 -17.16 27.87
N LEU E 528 -19.99 -17.66 28.95
CA LEU E 528 -19.94 -16.97 30.22
C LEU E 528 -18.56 -16.32 30.22
N PHE E 529 -18.52 -15.11 29.72
CA PHE E 529 -17.29 -14.36 29.57
C PHE E 529 -16.79 -13.98 30.95
N ILE E 530 -15.49 -13.72 31.10
CA ILE E 530 -14.91 -13.17 32.33
C ILE E 530 -13.75 -12.25 31.97
N CYS E 531 -13.47 -11.32 32.88
CA CYS E 531 -12.45 -10.29 32.76
C CYS E 531 -11.75 -10.05 34.08
N THR E 532 -10.52 -9.56 33.99
CA THR E 532 -9.71 -9.32 35.17
C THR E 532 -8.69 -8.25 34.85
N ALA E 533 -8.31 -7.47 35.86
CA ALA E 533 -7.34 -6.41 35.61
C ALA E 533 -6.80 -5.90 36.93
N ASN E 534 -5.64 -5.26 36.88
CA ASN E 534 -5.07 -4.73 38.11
C ASN E 534 -5.74 -3.45 38.58
N VAL E 535 -5.97 -2.50 37.68
CA VAL E 535 -6.57 -1.19 38.00
C VAL E 535 -7.32 -0.66 36.79
N THR E 536 -8.50 -0.08 37.06
CA THR E 536 -9.45 0.32 36.02
C THR E 536 -9.41 1.83 35.75
N ASP E 537 -8.36 2.24 35.09
CA ASP E 537 -8.34 3.62 34.63
C ASP E 537 -8.07 3.71 33.15
N THR E 538 -7.13 2.93 32.62
CA THR E 538 -6.91 3.03 31.19
C THR E 538 -7.97 2.26 30.40
N ILE E 539 -8.74 1.40 31.08
CA ILE E 539 -9.78 0.66 30.36
C ILE E 539 -10.81 1.66 29.84
N PRO E 540 -11.32 1.53 28.60
CA PRO E 540 -12.38 2.45 28.20
C PRO E 540 -13.58 2.26 29.12
N GLU E 541 -14.22 3.37 29.49
CA GLU E 541 -15.34 3.32 30.42
C GLU E 541 -16.47 2.43 29.90
N PRO E 542 -16.89 2.51 28.61
CA PRO E 542 -18.06 1.72 28.17
C PRO E 542 -17.88 0.24 28.43
N LEU E 543 -16.67 -0.29 28.34
CA LEU E 543 -16.54 -1.64 28.88
C LEU E 543 -16.70 -1.63 30.39
N ARG E 544 -16.13 -0.64 31.09
CA ARG E 544 -16.05 -0.72 32.55
C ARG E 544 -17.42 -0.76 33.23
N ASP E 545 -18.41 -0.07 32.68
CA ASP E 545 -19.78 -0.19 33.17
C ASP E 545 -20.61 -1.32 32.56
N ARG E 546 -20.12 -1.98 31.51
CA ARG E 546 -20.86 -3.07 30.86
C ARG E 546 -20.78 -4.39 31.62
N MET E 547 -20.03 -4.42 32.71
CA MET E 547 -19.59 -5.61 33.39
C MET E 547 -19.38 -5.25 34.86
N GLU E 548 -19.57 -6.21 35.77
CA GLU E 548 -19.40 -5.88 37.18
C GLU E 548 -17.94 -5.61 37.50
N MET E 549 -17.68 -5.36 38.79
CA MET E 549 -16.32 -5.11 39.29
C MET E 549 -16.22 -5.64 40.72
N ILE E 550 -15.83 -6.87 40.87
CA ILE E 550 -15.49 -7.35 42.19
C ILE E 550 -14.09 -6.88 42.54
N ASN E 551 -13.85 -6.66 43.83
CA ASN E 551 -12.59 -6.09 44.32
C ASN E 551 -11.92 -7.17 45.14
N VAL E 552 -11.03 -7.90 44.51
CA VAL E 552 -10.11 -8.72 45.28
C VAL E 552 -9.18 -7.78 46.04
N SER E 553 -8.78 -8.21 47.24
CA SER E 553 -8.01 -7.43 48.19
C SER E 553 -6.70 -8.21 48.45
N GLY E 554 -5.91 -7.79 49.44
CA GLY E 554 -4.64 -8.42 49.69
C GLY E 554 -4.76 -9.60 50.63
N TYR E 555 -3.61 -10.03 51.17
CA TYR E 555 -3.56 -11.18 52.06
C TYR E 555 -2.81 -10.82 53.34
N VAL E 556 -2.80 -11.76 54.28
CA VAL E 556 -2.11 -11.60 55.56
C VAL E 556 -1.08 -12.71 55.65
N ALA E 557 0.09 -12.37 56.19
CA ALA E 557 1.18 -13.35 56.26
C ALA E 557 0.87 -14.56 57.13
N GLN E 558 0.11 -14.35 58.21
CA GLN E 558 -0.17 -15.44 59.14
C GLN E 558 -0.92 -16.52 58.42
N GLU E 559 -1.95 -16.12 57.73
CA GLU E 559 -2.70 -17.13 57.04
C GLU E 559 -1.94 -17.55 55.79
N LYS E 560 -1.25 -16.58 55.16
CA LYS E 560 -0.58 -16.84 53.88
C LYS E 560 0.39 -18.01 53.93
N LEU E 561 0.94 -18.32 55.12
CA LEU E 561 1.81 -19.50 55.20
C LEU E 561 1.09 -20.79 54.86
N ALA E 562 -0.19 -20.87 55.22
CA ALA E 562 -0.93 -22.11 55.01
C ALA E 562 -1.02 -22.45 53.55
N ILE E 563 -1.01 -21.44 52.68
CA ILE E 563 -1.04 -21.69 51.25
C ILE E 563 0.23 -22.40 50.90
N ALA E 564 1.33 -21.85 51.35
CA ALA E 564 2.60 -22.39 50.94
C ALA E 564 2.75 -23.81 51.46
N GLU E 565 2.18 -24.06 52.63
CA GLU E 565 2.24 -25.35 53.24
C GLU E 565 1.19 -26.30 52.73
N ARG E 566 0.28 -25.83 51.91
CA ARG E 566 -0.80 -26.63 51.42
C ARG E 566 -0.81 -26.65 49.92
N TYR E 567 -0.41 -25.55 49.29
CA TYR E 567 -0.35 -25.43 47.83
C TYR E 567 1.04 -25.19 47.28
N LEU E 568 1.70 -24.10 47.66
CA LEU E 568 2.90 -23.67 46.94
C LEU E 568 4.03 -24.69 47.00
N VAL E 569 4.48 -25.08 48.19
CA VAL E 569 5.60 -26.01 48.28
C VAL E 569 5.27 -27.32 47.58
N PRO E 570 4.15 -27.98 47.87
CA PRO E 570 3.90 -29.29 47.25
C PRO E 570 3.87 -29.23 45.75
N GLN E 571 3.36 -28.13 45.20
CA GLN E 571 3.24 -28.04 43.77
C GLN E 571 4.50 -27.53 43.12
N ALA E 572 5.19 -26.54 43.66
CA ALA E 572 6.43 -26.18 43.01
C ALA E 572 7.40 -27.33 43.13
N ARG E 573 7.34 -28.05 44.24
CA ARG E 573 8.12 -29.24 44.43
C ARG E 573 7.71 -30.31 43.47
N ALA E 574 6.44 -30.31 43.10
CA ALA E 574 6.01 -31.24 42.09
C ALA E 574 6.49 -30.78 40.73
N LEU E 575 6.42 -29.47 40.50
CA LEU E 575 6.85 -28.91 39.23
C LEU E 575 8.33 -29.22 38.99
N CYS E 576 9.12 -29.22 40.06
CA CYS E 576 10.50 -29.65 40.01
C CYS E 576 10.69 -31.15 40.13
N GLY E 577 9.65 -31.89 40.49
CA GLY E 577 9.71 -33.33 40.49
C GLY E 577 10.38 -33.92 41.70
N LEU E 578 10.83 -33.10 42.65
CA LEU E 578 11.61 -33.60 43.75
C LEU E 578 10.77 -34.49 44.63
N ASP E 579 11.43 -35.42 45.28
CA ASP E 579 10.76 -36.16 46.33
C ASP E 579 10.41 -35.28 47.50
N GLU E 580 9.24 -35.54 48.06
CA GLU E 580 8.83 -34.88 49.28
C GLU E 580 9.77 -35.18 50.44
N SER E 581 10.45 -36.31 50.39
CA SER E 581 11.26 -36.78 51.48
C SER E 581 12.64 -36.16 51.54
N LYS E 582 13.06 -35.35 50.55
CA LYS E 582 14.42 -34.81 50.56
C LYS E 582 14.59 -33.29 50.77
N ALA E 583 13.53 -32.50 50.78
CA ALA E 583 13.69 -31.03 50.82
C ALA E 583 12.67 -30.37 51.72
N LYS E 584 12.43 -30.92 52.90
CA LYS E 584 11.40 -30.29 53.72
C LYS E 584 11.89 -28.98 54.28
N LEU E 585 10.93 -28.11 54.53
CA LEU E 585 11.14 -26.76 54.98
C LEU E 585 10.22 -26.56 56.17
N SER E 586 10.78 -26.24 57.31
CA SER E 586 9.97 -25.95 58.48
C SER E 586 9.12 -24.73 58.23
N SER E 587 7.85 -24.84 58.63
CA SER E 587 6.90 -23.78 58.34
C SER E 587 7.38 -22.50 58.96
N ASP E 588 8.00 -22.58 60.13
CA ASP E 588 8.50 -21.38 60.75
C ASP E 588 9.63 -20.76 59.94
N VAL E 589 10.43 -21.58 59.24
CA VAL E 589 11.43 -21.03 58.34
C VAL E 589 10.79 -20.29 57.19
N LEU E 590 9.70 -20.84 56.68
CA LEU E 590 8.97 -20.17 55.63
C LEU E 590 8.34 -18.89 56.17
N THR E 591 7.97 -18.91 57.45
CA THR E 591 7.52 -17.71 58.14
C THR E 591 8.61 -16.67 58.06
N LEU E 592 9.84 -17.09 58.32
CA LEU E 592 10.95 -16.15 58.31
C LEU E 592 11.11 -15.58 56.91
N LEU E 593 10.86 -16.40 55.88
CA LEU E 593 10.99 -15.88 54.51
C LEU E 593 9.97 -14.79 54.27
N ILE E 594 8.77 -15.00 54.77
CA ILE E 594 7.75 -13.98 54.63
C ILE E 594 8.10 -12.78 55.47
N LYS E 595 8.55 -13.03 56.68
CA LYS E 595 8.77 -11.98 57.65
C LYS E 595 9.92 -11.10 57.23
N GLN E 596 10.83 -11.61 56.40
CA GLN E 596 12.02 -10.86 56.04
C GLN E 596 11.97 -10.48 54.57
N TYR E 597 11.87 -11.46 53.70
CA TYR E 597 12.10 -11.28 52.28
C TYR E 597 10.87 -10.91 51.46
N CYS E 598 9.68 -10.81 52.05
CA CYS E 598 8.55 -10.35 51.26
C CYS E 598 7.36 -9.98 52.10
N ARG E 599 6.85 -8.77 51.88
CA ARG E 599 5.67 -8.27 52.57
C ARG E 599 4.83 -7.50 51.58
N GLU E 600 3.66 -8.03 51.22
CA GLU E 600 2.86 -7.46 50.13
C GLU E 600 1.47 -8.10 50.18
N SER E 601 0.71 -7.92 49.11
CA SER E 601 -0.56 -8.59 48.87
C SER E 601 -0.36 -9.88 48.09
N GLY E 602 0.29 -9.78 46.93
CA GLY E 602 0.37 -10.92 46.05
C GLY E 602 1.29 -11.98 46.61
N VAL E 603 1.01 -13.25 46.28
CA VAL E 603 1.86 -14.36 46.68
C VAL E 603 2.98 -14.63 45.66
N ARG E 604 2.95 -13.95 44.51
CA ARG E 604 3.90 -14.19 43.43
C ARG E 604 5.35 -14.03 43.87
N ASN E 605 5.67 -12.90 44.53
CA ASN E 605 7.08 -12.71 44.85
C ASN E 605 7.54 -13.77 45.83
N LEU E 606 6.62 -14.21 46.70
CA LEU E 606 6.98 -15.30 47.57
C LEU E 606 7.26 -16.53 46.75
N GLN E 607 6.52 -16.67 45.62
CA GLN E 607 6.65 -17.86 44.81
C GLN E 607 8.07 -17.94 44.32
N LYS E 608 8.61 -16.76 44.02
CA LYS E 608 9.97 -16.67 43.52
C LYS E 608 10.99 -17.02 44.58
N GLN E 609 10.79 -16.50 45.79
CA GLN E 609 11.75 -16.82 46.84
C GLN E 609 11.74 -18.29 47.20
N VAL E 610 10.56 -18.87 47.19
CA VAL E 610 10.42 -20.26 47.52
C VAL E 610 11.10 -21.11 46.47
N GLU E 611 10.80 -20.85 45.19
CA GLU E 611 11.40 -21.65 44.13
C GLU E 611 12.88 -21.51 44.12
N LYS E 612 13.40 -20.35 44.52
CA LYS E 612 14.83 -20.20 44.50
C LYS E 612 15.43 -21.11 45.57
N VAL E 613 14.78 -21.12 46.74
CA VAL E 613 15.18 -22.02 47.81
C VAL E 613 15.12 -23.47 47.34
N LEU E 614 14.11 -23.79 46.57
CA LEU E 614 13.93 -25.15 46.11
C LEU E 614 15.03 -25.55 45.16
N ARG E 615 15.25 -24.73 44.17
CA ARG E 615 16.19 -25.09 43.13
C ARG E 615 17.58 -25.19 43.73
N LYS E 616 17.87 -24.33 44.71
CA LYS E 616 19.16 -24.45 45.37
C LYS E 616 19.27 -25.74 46.15
N SER E 617 18.15 -26.17 46.75
CA SER E 617 18.15 -27.50 47.33
C SER E 617 18.37 -28.56 46.28
N ALA E 618 17.86 -28.34 45.09
CA ALA E 618 17.98 -29.34 44.05
C ALA E 618 19.42 -29.53 43.60
N TYR E 619 20.13 -28.44 43.33
CA TYR E 619 21.52 -28.59 42.93
C TYR E 619 22.42 -29.11 44.03
N LYS E 620 22.10 -28.82 45.28
CA LYS E 620 22.91 -29.43 46.33
C LYS E 620 22.49 -30.86 46.61
N ILE E 621 21.37 -31.31 46.04
CA ILE E 621 20.96 -32.70 46.12
C ILE E 621 21.54 -33.56 44.97
N VAL E 622 21.46 -33.10 43.70
CA VAL E 622 21.61 -34.01 42.55
C VAL E 622 22.96 -34.69 42.55
N SER E 623 24.00 -33.94 42.83
CA SER E 623 25.33 -34.50 42.82
C SER E 623 26.14 -33.93 43.96
N GLY E 624 25.53 -33.20 44.89
CA GLY E 624 26.29 -32.59 45.95
C GLY E 624 26.44 -33.68 46.99
N GLU E 625 26.69 -33.25 48.21
CA GLU E 625 26.86 -34.18 49.30
C GLU E 625 25.71 -34.06 50.30
N ALA E 626 24.50 -34.02 49.77
CA ALA E 626 23.31 -33.90 50.61
C ALA E 626 22.27 -34.81 49.98
N GLU E 627 21.76 -35.73 50.80
CA GLU E 627 20.73 -36.65 50.37
C GLU E 627 19.35 -36.12 50.63
N SER E 628 19.21 -35.25 51.63
CA SER E 628 17.91 -34.69 51.94
C SER E 628 18.11 -33.35 52.62
N VAL E 629 17.84 -32.28 51.89
CA VAL E 629 17.99 -30.96 52.48
C VAL E 629 16.87 -30.69 53.48
N GLU E 630 17.20 -29.87 54.44
CA GLU E 630 16.26 -29.35 55.40
C GLU E 630 16.89 -28.01 55.73
N VAL E 631 16.39 -26.96 55.07
CA VAL E 631 16.97 -25.63 55.17
C VAL E 631 16.81 -25.16 56.61
N THR E 632 17.80 -24.42 57.10
CA THR E 632 17.84 -23.94 58.47
C THR E 632 18.28 -22.48 58.49
N PRO E 633 17.89 -21.72 59.53
CA PRO E 633 18.20 -20.28 59.53
C PRO E 633 19.68 -20.03 59.42
N GLU E 634 20.50 -20.91 59.98
CA GLU E 634 21.93 -20.68 59.88
C GLU E 634 22.38 -20.96 58.45
N ASN E 635 21.93 -22.07 57.82
CA ASN E 635 22.34 -22.26 56.43
C ASN E 635 21.46 -21.44 55.49
N LEU E 636 20.38 -20.83 55.99
CA LEU E 636 19.50 -20.06 55.12
C LEU E 636 20.22 -18.92 54.41
N GLN E 637 21.27 -18.38 55.02
CA GLN E 637 22.01 -17.33 54.36
C GLN E 637 22.73 -17.86 53.16
N ASP E 638 23.03 -19.16 53.17
CA ASP E 638 23.72 -19.72 52.04
C ASP E 638 22.76 -19.93 50.90
N PHE E 639 21.46 -19.99 51.16
CA PHE E 639 20.57 -20.16 50.01
C PHE E 639 20.20 -18.81 49.46
N VAL E 640 19.68 -17.91 50.27
CA VAL E 640 19.28 -16.61 49.73
C VAL E 640 20.34 -15.57 50.01
N GLY E 641 20.64 -15.33 51.28
CA GLY E 641 21.63 -14.33 51.63
C GLY E 641 21.04 -13.31 52.56
N LYS E 642 21.66 -12.15 52.57
CA LYS E 642 21.30 -11.01 53.41
C LYS E 642 19.84 -10.55 53.20
N PRO E 643 18.98 -10.57 54.23
CA PRO E 643 17.61 -10.07 54.05
C PRO E 643 17.53 -8.61 53.66
N VAL E 644 16.56 -8.27 52.81
CA VAL E 644 16.43 -6.89 52.42
C VAL E 644 15.87 -6.11 53.61
N PHE E 645 14.68 -6.50 54.08
CA PHE E 645 14.12 -5.87 55.26
C PHE E 645 14.61 -6.69 56.46
N THR E 646 14.33 -6.18 57.64
CA THR E 646 14.72 -6.79 58.90
C THR E 646 13.81 -6.23 59.98
N VAL E 647 13.55 -7.04 61.01
CA VAL E 647 12.75 -6.53 62.10
C VAL E 647 13.55 -5.36 62.63
N GLU E 648 12.91 -4.21 62.66
CA GLU E 648 13.57 -2.97 63.03
C GLU E 648 13.28 -2.54 64.45
N ARG E 649 12.00 -2.31 64.76
CA ARG E 649 11.57 -1.78 66.04
C ARG E 649 12.44 -0.58 66.35
N MET E 650 12.22 0.44 65.52
CA MET E 650 13.18 1.52 65.34
C MET E 650 13.51 2.22 66.65
N TYR E 651 12.58 2.17 67.60
CA TYR E 651 12.74 2.72 68.93
C TYR E 651 12.26 1.70 69.93
N ASP E 652 12.65 1.96 71.17
CA ASP E 652 12.39 1.08 72.28
C ASP E 652 11.19 1.65 73.01
N VAL E 653 11.27 2.95 73.31
CA VAL E 653 10.24 3.65 74.07
C VAL E 653 9.86 4.98 73.42
N THR E 654 10.53 5.40 72.32
CA THR E 654 10.15 6.63 71.62
C THR E 654 10.28 7.77 72.62
N PRO E 655 11.47 8.23 72.98
CA PRO E 655 11.57 9.32 73.98
C PRO E 655 10.91 10.59 73.48
N PRO E 656 10.87 11.66 74.29
CA PRO E 656 9.98 12.77 73.91
C PRO E 656 10.38 13.37 72.57
N GLY E 657 9.35 13.78 71.85
CA GLY E 657 9.48 14.40 70.56
C GLY E 657 9.82 13.44 69.43
N VAL E 658 9.39 12.19 69.53
CA VAL E 658 9.54 11.25 68.44
C VAL E 658 8.42 10.27 68.65
N VAL E 659 7.80 9.81 67.56
CA VAL E 659 6.68 8.89 67.65
C VAL E 659 6.59 8.06 66.38
N MET E 660 6.13 6.82 66.50
CA MET E 660 5.94 5.97 65.33
C MET E 660 4.70 6.46 64.61
N GLY E 661 4.59 6.21 63.31
CA GLY E 661 3.35 6.62 62.65
C GLY E 661 2.97 5.72 61.53
N LEU E 662 1.69 5.41 61.51
CA LEU E 662 1.17 4.58 60.45
C LEU E 662 1.06 5.31 59.13
N ALA E 663 1.18 4.54 58.06
CA ALA E 663 1.01 5.07 56.71
C ALA E 663 0.51 3.92 55.86
N TRP E 664 -0.45 4.19 54.97
CA TRP E 664 -1.00 3.17 54.10
C TRP E 664 -0.22 3.34 52.80
N THR E 665 0.90 2.66 52.72
CA THR E 665 1.72 2.71 51.52
C THR E 665 0.99 2.05 50.37
N ALA E 666 1.36 2.46 49.15
CA ALA E 666 0.78 1.86 47.95
C ALA E 666 0.99 0.35 47.90
N MET E 667 2.03 -0.17 48.55
CA MET E 667 2.18 -1.59 48.76
C MET E 667 2.11 -1.67 50.27
N GLY E 668 1.06 -2.31 50.78
CA GLY E 668 0.90 -2.56 52.20
C GLY E 668 0.95 -1.31 53.08
N GLY E 669 0.89 -1.52 54.39
CA GLY E 669 1.00 -0.45 55.35
C GLY E 669 2.46 -0.18 55.72
N SER E 670 2.63 0.75 56.66
CA SER E 670 3.94 1.10 57.18
C SER E 670 3.72 1.89 58.46
N THR E 671 4.77 1.98 59.28
CA THR E 671 4.78 2.64 60.58
C THR E 671 5.90 3.65 60.69
N LEU E 672 5.98 4.52 59.70
CA LEU E 672 7.06 5.49 59.64
C LEU E 672 6.96 6.37 60.87
N PHE E 673 8.12 6.76 61.38
CA PHE E 673 8.15 7.59 62.56
C PHE E 673 7.99 9.04 62.18
N VAL E 674 7.85 9.91 63.18
CA VAL E 674 7.77 11.35 63.00
C VAL E 674 8.52 12.01 64.12
N GLU E 675 9.24 13.08 63.76
CA GLU E 675 10.24 13.68 64.62
C GLU E 675 10.04 15.17 64.57
N THR E 676 10.44 15.80 65.67
CA THR E 676 10.22 17.21 65.88
C THR E 676 11.35 17.68 66.78
N SER E 677 11.78 18.92 66.62
CA SER E 677 12.81 19.40 67.53
C SER E 677 12.84 20.90 67.57
N LEU E 678 13.31 21.40 68.70
CA LEU E 678 13.58 22.82 68.82
C LEU E 678 14.64 23.17 67.82
N ARG E 679 14.62 24.41 67.32
CA ARG E 679 15.53 24.77 66.26
C ARG E 679 16.37 25.99 66.55
N ARG E 680 16.15 26.70 67.65
CA ARG E 680 17.00 27.83 68.01
C ARG E 680 17.02 27.99 69.52
N PRO E 681 18.04 28.67 70.07
CA PRO E 681 18.11 28.88 71.53
C PRO E 681 16.92 29.60 72.08
N GLN E 682 16.47 29.12 73.24
CA GLN E 682 15.24 29.64 73.79
C GLN E 682 15.38 31.08 74.27
N ASP E 683 16.57 31.49 74.70
CA ASP E 683 16.72 32.76 75.40
C ASP E 683 17.62 33.74 74.64
N LYS E 684 17.47 33.84 73.32
CA LYS E 684 18.20 34.89 72.61
C LYS E 684 17.74 36.28 73.07
N ASP E 685 16.49 36.39 73.48
CA ASP E 685 15.95 37.59 74.13
C ASP E 685 14.89 37.13 75.12
N ALA E 686 15.18 37.26 76.43
CA ALA E 686 14.29 36.75 77.47
C ALA E 686 12.89 37.36 77.39
N LYS E 687 12.78 38.61 76.99
CA LYS E 687 11.50 39.26 76.78
C LYS E 687 10.97 39.20 75.34
N GLY E 688 11.76 38.70 74.39
CA GLY E 688 11.40 38.81 72.99
C GLY E 688 10.09 38.16 72.59
N ASP E 689 9.21 38.97 71.99
CA ASP E 689 7.90 38.50 71.52
C ASP E 689 8.05 38.10 70.05
N LYS E 690 8.34 36.83 69.80
CA LYS E 690 8.58 36.38 68.43
C LYS E 690 8.13 34.94 68.24
N ASP E 691 7.61 34.68 67.04
CA ASP E 691 6.88 33.46 66.76
C ASP E 691 7.80 32.26 66.92
N GLY E 692 7.26 31.19 67.46
CA GLY E 692 8.00 29.95 67.44
C GLY E 692 7.80 29.26 66.12
N SER E 693 8.31 29.84 65.04
CA SER E 693 7.97 29.36 63.71
C SER E 693 8.39 27.92 63.49
N LEU E 694 7.50 27.17 62.86
CA LEU E 694 7.79 25.85 62.37
C LEU E 694 8.59 25.92 61.08
N GLU E 695 9.32 24.85 60.83
CA GLU E 695 9.98 24.62 59.54
C GLU E 695 9.78 23.13 59.28
N VAL E 696 8.71 22.82 58.57
CA VAL E 696 8.39 21.45 58.25
C VAL E 696 9.25 20.95 57.10
N THR E 697 9.50 19.65 57.12
CA THR E 697 10.21 18.87 56.12
C THR E 697 9.66 17.45 56.10
N GLY E 698 10.03 16.72 55.04
CA GLY E 698 9.55 15.39 54.76
C GLY E 698 9.01 15.15 53.37
N GLN E 699 9.51 15.95 52.43
CA GLN E 699 9.20 15.85 51.00
C GLN E 699 7.70 16.04 50.85
N LEU E 700 7.18 16.95 51.64
CA LEU E 700 5.79 17.28 51.62
C LEU E 700 5.35 17.96 50.34
N GLY E 701 4.20 17.55 49.83
CA GLY E 701 3.56 18.34 48.83
C GLY E 701 2.90 19.50 49.51
N GLU E 702 2.59 20.55 48.74
CA GLU E 702 2.06 21.77 49.34
C GLU E 702 0.73 21.52 50.03
N VAL E 703 -0.03 20.56 49.48
CA VAL E 703 -1.28 20.15 50.08
C VAL E 703 -1.04 19.67 51.50
N MET E 704 0.13 19.10 51.76
CA MET E 704 0.49 18.83 53.13
C MET E 704 1.00 20.08 53.82
N LYS E 705 1.85 20.88 53.13
CA LYS E 705 2.55 22.01 53.77
C LYS E 705 1.58 22.99 54.38
N GLU E 706 0.39 23.09 53.80
CA GLU E 706 -0.63 23.88 54.41
C GLU E 706 -1.17 23.16 55.62
N SER E 707 -1.40 21.85 55.46
CA SER E 707 -2.07 21.09 56.50
C SER E 707 -1.25 21.02 57.77
N ALA E 708 0.07 20.93 57.62
CA ALA E 708 0.91 20.99 58.79
C ALA E 708 0.77 22.32 59.49
N ARG E 709 0.60 23.38 58.73
CA ARG E 709 0.49 24.69 59.32
C ARG E 709 -0.82 24.87 60.03
N ILE E 710 -1.90 24.41 59.42
CA ILE E 710 -3.20 24.58 60.07
C ILE E 710 -3.22 23.76 61.35
N ALA E 711 -2.61 22.58 61.29
CA ALA E 711 -2.47 21.77 62.49
C ALA E 711 -1.62 22.50 63.50
N TYR E 712 -0.60 23.22 63.03
CA TYR E 712 0.27 23.95 63.92
C TYR E 712 -0.53 24.97 64.68
N THR E 713 -1.34 25.71 63.96
CA THR E 713 -2.15 26.71 64.61
C THR E 713 -3.11 26.08 65.60
N PHE E 714 -3.68 24.92 65.23
CA PHE E 714 -4.60 24.30 66.17
C PHE E 714 -3.87 23.79 67.42
N ALA E 715 -2.64 23.33 67.26
CA ALA E 715 -1.88 22.90 68.42
C ALA E 715 -1.61 24.06 69.33
N ARG E 716 -1.13 25.16 68.76
CA ARG E 716 -0.79 26.33 69.57
C ARG E 716 -2.03 26.89 70.24
N ALA E 717 -3.20 26.67 69.63
CA ALA E 717 -4.45 27.14 70.22
C ALA E 717 -4.79 26.25 71.39
N PHE E 718 -4.71 24.94 71.17
CA PHE E 718 -5.08 24.00 72.22
C PHE E 718 -4.21 24.30 73.42
N LEU E 719 -2.91 24.41 73.18
CA LEU E 719 -1.97 24.57 74.27
C LEU E 719 -2.26 25.83 75.04
N MET E 720 -2.37 26.96 74.33
CA MET E 720 -2.58 28.22 75.03
C MET E 720 -3.88 28.19 75.79
N GLN E 721 -4.86 27.47 75.26
CA GLN E 721 -6.08 27.25 76.01
C GLN E 721 -5.83 26.39 77.24
N HIS E 722 -4.85 25.50 77.18
CA HIS E 722 -4.69 24.51 78.24
C HIS E 722 -3.79 24.97 79.38
N ALA E 723 -2.59 25.46 79.08
CA ALA E 723 -1.55 25.68 80.07
C ALA E 723 -1.00 27.09 80.02
N PRO E 724 -1.70 28.06 80.63
CA PRO E 724 -1.33 29.48 80.42
C PRO E 724 0.08 29.85 80.83
N ALA E 725 0.65 29.21 81.86
CA ALA E 725 1.96 29.63 82.33
C ALA E 725 3.03 29.37 81.27
N ASN E 726 3.01 28.18 80.69
CA ASN E 726 3.94 27.81 79.64
C ASN E 726 3.78 28.74 78.44
N ASP E 727 4.92 29.17 77.92
CA ASP E 727 4.99 30.02 76.73
C ASP E 727 5.92 29.45 75.66
N TYR E 728 6.39 28.21 75.87
CA TYR E 728 7.34 27.49 75.03
C TYR E 728 6.96 27.68 73.57
N LEU E 729 5.78 27.17 73.23
CA LEU E 729 5.41 26.99 71.85
C LEU E 729 5.25 28.30 71.11
N VAL E 730 4.87 29.37 71.81
CA VAL E 730 4.72 30.63 71.12
C VAL E 730 6.05 31.12 70.59
N THR E 731 7.12 30.91 71.35
CA THR E 731 8.41 31.52 71.03
C THR E 731 9.62 30.59 71.11
N SER E 732 9.82 29.79 70.07
CA SER E 732 11.11 29.15 69.75
C SER E 732 10.99 28.36 68.44
N HIS E 733 11.97 28.51 67.54
CA HIS E 733 11.92 27.82 66.25
C HIS E 733 11.96 26.30 66.40
N ILE E 734 11.22 25.61 65.54
CA ILE E 734 11.01 24.17 65.63
C ILE E 734 11.02 23.56 64.25
N HIS E 735 12.01 22.73 63.98
CA HIS E 735 12.08 21.94 62.76
C HIS E 735 11.33 20.63 62.94
N LEU E 736 10.72 20.15 61.85
CA LEU E 736 9.83 18.98 61.91
C LEU E 736 10.01 18.14 60.66
N HIS E 737 10.03 16.81 60.84
CA HIS E 737 10.29 15.86 59.77
C HIS E 737 9.15 14.87 59.60
N VAL E 738 8.78 14.61 58.34
CA VAL E 738 7.75 13.65 57.98
C VAL E 738 8.33 12.62 56.99
N PRO E 739 8.72 11.44 57.46
CA PRO E 739 9.32 10.45 56.56
C PRO E 739 8.39 10.00 55.45
N GLU E 740 8.97 9.74 54.28
CA GLU E 740 8.20 9.36 53.13
C GLU E 740 7.60 7.96 53.34
N GLY E 741 6.51 7.67 52.61
CA GLY E 741 5.95 6.33 52.58
C GLY E 741 4.44 6.20 52.42
N ALA E 742 3.69 7.21 52.84
CA ALA E 742 2.24 7.19 52.69
C ALA E 742 1.81 7.30 51.23
N THR E 743 0.76 6.58 50.90
CA THR E 743 0.09 6.83 49.63
C THR E 743 -0.55 8.21 49.71
N PRO E 744 -0.41 9.06 48.67
CA PRO E 744 -0.74 10.49 48.83
C PRO E 744 -2.15 10.82 49.26
N LYS E 745 -3.12 10.02 48.82
CA LYS E 745 -4.49 10.23 49.23
C LYS E 745 -4.66 10.06 50.72
N ASP E 746 -3.85 9.20 51.33
CA ASP E 746 -3.85 8.98 52.75
C ASP E 746 -2.86 9.82 53.53
N GLY E 747 -2.13 10.72 52.87
CA GLY E 747 -1.12 11.48 53.54
C GLY E 747 -1.55 12.35 54.72
N PRO E 748 -2.57 13.19 54.53
CA PRO E 748 -3.00 14.06 55.63
C PRO E 748 -3.43 13.32 56.87
N SER E 749 -3.93 12.11 56.70
CA SER E 749 -4.44 11.23 57.75
C SER E 749 -3.59 11.15 59.01
N ALA E 750 -2.29 11.35 58.89
CA ALA E 750 -1.39 11.31 60.03
C ALA E 750 -1.22 12.63 60.73
N GLY E 751 -2.09 13.61 60.46
CA GLY E 751 -1.85 14.95 60.97
C GLY E 751 -1.84 14.98 62.47
N CYS E 752 -2.69 14.15 63.08
CA CYS E 752 -2.87 14.21 64.51
C CYS E 752 -1.62 13.81 65.24
N THR E 753 -0.84 12.94 64.63
CA THR E 753 0.35 12.49 65.31
C THR E 753 1.28 13.66 65.51
N ILE E 754 1.32 14.55 64.54
CA ILE E 754 2.11 15.74 64.67
C ILE E 754 1.53 16.55 65.78
N VAL E 755 0.20 16.62 65.80
CA VAL E 755 -0.50 17.43 66.78
C VAL E 755 -0.17 16.91 68.15
N THR E 756 0.06 15.63 68.25
CA THR E 756 0.44 15.06 69.51
C THR E 756 1.93 15.21 69.77
N ALA E 757 2.73 15.17 68.71
CA ALA E 757 4.18 15.28 68.86
C ALA E 757 4.58 16.59 69.51
N LEU E 758 3.98 17.67 69.03
CA LEU E 758 4.30 18.99 69.57
C LEU E 758 3.94 19.07 71.02
N LEU E 759 2.82 18.43 71.37
CA LEU E 759 2.39 18.43 72.75
C LEU E 759 3.39 17.69 73.59
N SER E 760 3.87 16.55 73.11
CA SER E 760 4.87 15.84 73.90
C SER E 760 6.10 16.71 74.03
N LEU E 761 6.45 17.42 72.95
CA LEU E 761 7.58 18.32 73.03
C LEU E 761 7.30 19.45 74.00
N ALA E 762 6.04 19.81 74.18
CA ALA E 762 5.74 20.81 75.19
C ALA E 762 5.97 20.24 76.57
N MET E 763 5.17 19.24 76.97
CA MET E 763 5.28 18.78 78.35
C MET E 763 6.61 18.13 78.62
N GLY E 764 7.24 17.59 77.58
CA GLY E 764 8.47 16.87 77.80
C GLY E 764 8.19 15.53 78.41
N ARG E 765 6.93 15.09 78.36
CA ARG E 765 6.47 13.87 78.95
C ARG E 765 6.06 12.92 77.83
N PRO E 766 6.63 11.72 77.71
CA PRO E 766 6.27 10.84 76.60
C PRO E 766 4.82 10.37 76.64
N VAL E 767 4.34 10.00 75.46
CA VAL E 767 3.01 9.43 75.25
C VAL E 767 2.94 8.10 75.99
N ARG E 768 1.75 7.52 76.10
CA ARG E 768 1.69 6.12 76.44
C ARG E 768 2.38 5.34 75.33
N GLN E 769 3.13 4.32 75.74
CA GLN E 769 4.04 3.61 74.85
C GLN E 769 3.35 2.77 73.80
N ASN E 770 4.06 2.58 72.66
CA ASN E 770 3.66 1.67 71.56
C ASN E 770 2.19 1.88 71.21
N LEU E 771 1.82 3.14 71.17
CA LEU E 771 0.49 3.58 70.89
C LEU E 771 0.42 4.18 69.49
N ALA E 772 0.18 3.31 68.55
CA ALA E 772 -0.07 3.76 67.19
C ALA E 772 -1.37 4.53 67.16
N MET E 773 -1.47 5.44 66.21
CA MET E 773 -2.70 6.16 66.01
C MET E 773 -2.66 6.85 64.68
N THR E 774 -3.82 7.00 64.08
CA THR E 774 -3.94 7.58 62.75
C THR E 774 -5.21 8.44 62.78
N GLY E 775 -5.69 8.83 61.62
CA GLY E 775 -6.98 9.48 61.43
C GLY E 775 -6.84 10.96 61.12
N GLU E 776 -7.69 11.45 60.21
CA GLU E 776 -7.65 12.87 59.87
C GLU E 776 -8.30 13.65 61.00
N VAL E 777 -7.87 14.89 61.15
CA VAL E 777 -8.35 15.84 62.15
C VAL E 777 -8.75 17.13 61.48
N SER E 778 -9.67 17.84 62.12
CA SER E 778 -10.02 19.15 61.65
C SER E 778 -9.72 20.04 62.85
N LEU E 779 -9.73 21.34 62.58
CA LEU E 779 -9.15 22.42 63.40
C LEU E 779 -9.67 22.65 64.81
N THR E 780 -10.58 21.82 65.24
CA THR E 780 -11.01 21.79 66.62
C THR E 780 -10.97 20.35 67.07
N GLY E 781 -10.05 19.58 66.49
CA GLY E 781 -9.82 18.28 67.03
C GLY E 781 -10.91 17.39 66.59
N LYS E 782 -11.58 17.69 65.49
CA LYS E 782 -12.66 16.84 65.02
C LYS E 782 -12.10 15.74 64.16
N ILE E 783 -11.86 14.59 64.80
CA ILE E 783 -11.32 13.44 64.12
C ILE E 783 -12.31 13.05 63.02
N LEU E 784 -11.80 12.68 61.85
CA LEU E 784 -12.64 12.35 60.70
C LEU E 784 -12.36 10.91 60.24
N PRO E 785 -13.34 10.18 59.68
CA PRO E 785 -13.14 8.76 59.37
C PRO E 785 -12.06 8.56 58.31
N VAL E 786 -11.31 7.47 58.42
CA VAL E 786 -10.23 7.17 57.48
C VAL E 786 -10.32 5.72 56.98
N GLY E 787 -9.81 5.50 55.77
CA GLY E 787 -9.90 4.20 55.12
C GLY E 787 -8.69 3.31 55.43
N GLY E 788 -8.71 2.12 54.85
CA GLY E 788 -7.54 1.26 54.89
C GLY E 788 -7.21 0.65 56.22
N ILE E 789 -8.21 0.41 57.05
CA ILE E 789 -7.94 -0.01 58.43
C ILE E 789 -7.20 -1.33 58.44
N LYS E 790 -7.45 -2.16 57.44
CA LYS E 790 -6.89 -3.51 57.34
C LYS E 790 -5.38 -3.47 57.33
N GLU E 791 -4.81 -2.84 56.31
CA GLU E 791 -3.36 -2.85 56.14
C GLU E 791 -2.71 -2.18 57.33
N LYS E 792 -3.34 -1.12 57.82
CA LYS E 792 -2.80 -0.44 58.97
C LYS E 792 -2.78 -1.36 60.17
N THR E 793 -3.81 -2.19 60.29
CA THR E 793 -3.86 -3.11 61.42
C THR E 793 -2.79 -4.17 61.32
N ILE E 794 -2.66 -4.80 60.15
CA ILE E 794 -1.66 -5.88 60.07
C ILE E 794 -0.26 -5.33 60.25
N ALA E 795 -0.02 -4.10 59.81
CA ALA E 795 1.29 -3.52 60.02
C ALA E 795 1.53 -3.30 61.50
N ALA E 796 0.54 -2.72 62.17
CA ALA E 796 0.69 -2.49 63.60
C ALA E 796 0.81 -3.79 64.38
N LYS E 797 0.17 -4.87 63.91
CA LYS E 797 0.17 -6.12 64.67
C LYS E 797 1.58 -6.64 64.87
N ARG E 798 2.42 -6.40 63.89
CA ARG E 798 3.80 -6.81 63.94
C ARG E 798 4.67 -5.72 64.54
N ALA E 799 4.10 -4.54 64.87
CA ALA E 799 4.87 -3.44 65.44
C ALA E 799 4.80 -3.31 66.96
N GLY E 800 4.28 -4.30 67.67
CA GLY E 800 4.18 -4.13 69.11
C GLY E 800 3.13 -3.19 69.62
N VAL E 801 2.15 -2.84 68.79
CA VAL E 801 1.13 -1.89 69.21
C VAL E 801 0.33 -2.42 70.38
N THR E 802 -0.06 -1.53 71.31
CA THR E 802 -0.93 -1.90 72.42
C THR E 802 -2.31 -1.29 72.26
N CYS E 803 -2.39 0.01 71.96
CA CYS E 803 -3.63 0.76 72.10
C CYS E 803 -3.84 1.71 70.93
N ILE E 804 -4.44 1.20 69.86
CA ILE E 804 -4.82 2.04 68.74
C ILE E 804 -5.96 2.94 69.15
N VAL E 805 -6.01 4.13 68.57
CA VAL E 805 -7.14 5.03 68.74
C VAL E 805 -7.56 5.42 67.33
N LEU E 806 -8.86 5.34 67.09
CA LEU E 806 -9.48 5.43 65.77
C LEU E 806 -10.66 6.38 65.71
N PRO E 807 -11.03 6.86 64.52
CA PRO E 807 -12.18 7.76 64.44
C PRO E 807 -13.40 7.08 64.99
N ALA E 808 -14.18 7.83 65.76
CA ALA E 808 -15.36 7.20 66.33
C ALA E 808 -16.35 6.77 65.27
N GLU E 809 -16.28 7.35 64.07
CA GLU E 809 -17.16 7.00 62.98
C GLU E 809 -16.75 5.74 62.26
N ASN E 810 -15.58 5.18 62.56
CA ASN E 810 -15.05 4.07 61.79
C ASN E 810 -15.09 2.70 62.44
N LYS E 811 -15.65 2.59 63.67
CA LYS E 811 -15.49 1.37 64.44
C LYS E 811 -16.02 0.15 63.68
N LYS E 812 -17.11 0.34 62.94
CA LYS E 812 -17.75 -0.78 62.27
C LYS E 812 -16.77 -1.42 61.33
N ASP E 813 -16.04 -0.59 60.59
CA ASP E 813 -15.11 -1.10 59.60
C ASP E 813 -14.03 -1.86 60.32
N PHE E 814 -13.64 -1.38 61.52
CA PHE E 814 -12.63 -2.07 62.28
C PHE E 814 -13.17 -3.41 62.73
N TYR E 815 -14.48 -3.49 62.89
CA TYR E 815 -15.16 -4.68 63.31
C TYR E 815 -15.52 -5.55 62.11
N ASP E 816 -15.32 -5.08 60.87
CA ASP E 816 -15.49 -5.94 59.72
C ASP E 816 -14.26 -6.82 59.41
N LEU E 817 -13.13 -6.57 60.05
CA LEU E 817 -11.87 -7.30 59.84
C LEU E 817 -11.88 -8.74 60.38
N ALA E 818 -11.03 -9.58 59.78
CA ALA E 818 -10.94 -11.00 60.16
C ALA E 818 -10.58 -11.10 61.65
N ALA E 819 -11.16 -12.09 62.33
CA ALA E 819 -11.14 -12.12 63.80
C ALA E 819 -9.74 -12.13 64.45
N PHE E 820 -8.83 -13.01 63.99
CA PHE E 820 -7.56 -13.24 64.71
C PHE E 820 -6.70 -11.97 64.72
N ILE E 821 -6.91 -11.12 63.74
CA ILE E 821 -6.13 -9.92 63.54
C ILE E 821 -6.27 -9.02 64.76
N THR E 822 -7.51 -8.83 65.21
CA THR E 822 -7.74 -7.85 66.25
C THR E 822 -7.30 -8.32 67.64
N GLU E 823 -6.97 -9.60 67.82
CA GLU E 823 -6.64 -10.13 69.14
C GLU E 823 -5.48 -9.37 69.72
N GLY E 824 -5.50 -9.15 71.05
CA GLY E 824 -4.46 -8.31 71.62
C GLY E 824 -4.89 -6.88 71.88
N LEU E 825 -4.59 -6.03 70.90
CA LEU E 825 -4.55 -4.57 71.05
C LEU E 825 -5.81 -3.95 71.59
N GLU E 826 -5.61 -3.00 72.49
CA GLU E 826 -6.70 -2.17 72.96
C GLU E 826 -7.04 -1.18 71.88
N VAL E 827 -8.29 -0.71 71.87
CA VAL E 827 -8.74 0.23 70.87
C VAL E 827 -9.47 1.34 71.59
N HIS E 828 -9.59 2.49 70.94
CA HIS E 828 -10.33 3.62 71.45
C HIS E 828 -10.93 4.32 70.25
N PHE E 829 -12.14 4.85 70.42
CA PHE E 829 -12.85 5.56 69.38
C PHE E 829 -12.98 7.01 69.84
N VAL E 830 -12.78 7.95 68.92
CA VAL E 830 -12.81 9.37 69.27
C VAL E 830 -13.30 10.30 68.18
N GLU E 831 -13.79 11.45 68.65
CA GLU E 831 -14.28 12.55 67.83
C GLU E 831 -13.49 13.83 68.09
N HIS E 832 -13.42 14.28 69.34
CA HIS E 832 -12.62 15.43 69.75
C HIS E 832 -11.22 15.05 70.17
N TYR E 833 -10.20 15.78 69.67
CA TYR E 833 -8.83 15.37 69.96
C TYR E 833 -8.57 15.38 71.45
N ARG E 834 -9.30 16.19 72.23
CA ARG E 834 -9.03 16.29 73.66
C ARG E 834 -9.12 14.95 74.35
N GLU E 835 -9.88 14.03 73.76
CA GLU E 835 -9.98 12.68 74.26
C GLU E 835 -8.60 12.04 74.16
N ILE E 836 -7.94 12.20 73.02
CA ILE E 836 -6.67 11.54 72.85
C ILE E 836 -5.73 12.10 73.90
N PHE E 837 -5.85 13.42 74.14
CA PHE E 837 -5.01 14.04 75.12
C PHE E 837 -5.38 13.59 76.52
N ASP E 838 -6.59 13.09 76.67
CA ASP E 838 -7.05 12.47 77.89
C ASP E 838 -6.66 11.02 78.00
N ILE E 839 -6.12 10.43 76.95
CA ILE E 839 -5.62 9.07 76.98
C ILE E 839 -4.14 9.03 77.25
N ALA E 840 -3.38 9.81 76.50
CA ALA E 840 -1.93 9.70 76.56
C ALA E 840 -1.34 10.11 77.90
N PHE E 841 -2.00 10.98 78.66
CA PHE E 841 -1.45 11.55 79.89
C PHE E 841 -2.40 11.44 81.07
N PRO E 842 -2.57 10.23 81.65
CA PRO E 842 -3.49 10.03 82.78
C PRO E 842 -3.34 11.01 83.96
N HIS F 17 -21.18 -76.52 -78.70
CA HIS F 17 -19.83 -77.09 -78.80
C HIS F 17 -18.80 -76.26 -78.04
N LEU F 18 -18.89 -76.26 -76.71
CA LEU F 18 -17.92 -75.55 -75.89
C LEU F 18 -17.46 -76.49 -74.80
N PRO F 19 -16.21 -76.40 -74.33
CA PRO F 19 -15.82 -77.26 -73.21
C PRO F 19 -16.59 -76.86 -71.97
N LEU F 20 -16.86 -77.83 -71.11
CA LEU F 20 -17.53 -77.51 -69.85
C LEU F 20 -16.61 -76.60 -69.04
N ILE F 21 -17.20 -75.61 -68.38
CA ILE F 21 -16.40 -74.68 -67.61
C ILE F 21 -15.90 -75.37 -66.34
N ALA F 22 -14.73 -74.92 -65.87
CA ALA F 22 -14.09 -75.36 -64.62
C ALA F 22 -14.58 -74.48 -63.49
N ILE F 23 -15.56 -74.97 -62.74
CA ILE F 23 -16.13 -74.18 -61.65
C ILE F 23 -15.11 -73.92 -60.54
N THR F 24 -14.33 -74.95 -60.17
CA THR F 24 -13.26 -74.90 -59.17
C THR F 24 -13.71 -74.14 -57.91
N ARG F 25 -14.76 -74.69 -57.29
CA ARG F 25 -15.31 -74.26 -56.01
C ARG F 25 -15.74 -72.78 -56.05
N ASN F 26 -16.57 -72.45 -57.05
CA ASN F 26 -17.08 -71.10 -57.25
C ASN F 26 -18.54 -71.23 -57.70
N PRO F 27 -19.48 -71.44 -56.77
CA PRO F 27 -20.90 -71.55 -57.16
C PRO F 27 -21.44 -70.25 -57.77
N VAL F 28 -22.38 -70.39 -58.72
CA VAL F 28 -23.05 -69.24 -59.33
C VAL F 28 -24.55 -69.53 -59.29
N PHE F 29 -25.21 -69.00 -58.26
CA PHE F 29 -26.64 -69.13 -58.04
C PHE F 29 -27.44 -68.33 -59.06
N PRO F 30 -28.69 -68.71 -59.36
CA PRO F 30 -29.47 -67.94 -60.33
C PRO F 30 -29.63 -66.50 -59.84
N ARG F 31 -29.58 -65.57 -60.79
CA ARG F 31 -29.69 -64.13 -60.54
C ARG F 31 -28.74 -63.62 -59.45
N PHE F 32 -27.45 -63.94 -59.61
CA PHE F 32 -26.44 -63.52 -58.63
C PHE F 32 -25.13 -63.37 -59.39
N ILE F 33 -24.59 -62.14 -59.45
CA ILE F 33 -23.34 -61.85 -60.16
C ILE F 33 -22.14 -62.59 -59.57
N LYS F 34 -21.24 -63.03 -60.46
CA LYS F 34 -20.02 -63.72 -60.06
C LYS F 34 -18.93 -63.47 -61.09
N ILE F 35 -17.68 -63.71 -60.67
CA ILE F 35 -16.47 -63.55 -61.47
C ILE F 35 -15.77 -64.92 -61.56
N ILE F 36 -15.00 -65.14 -62.64
CA ILE F 36 -14.23 -66.37 -62.84
C ILE F 36 -12.82 -66.03 -63.30
N GLU F 37 -11.83 -66.72 -62.63
CA GLU F 37 -10.38 -66.60 -62.80
C GLU F 37 -9.80 -68.03 -62.77
N VAL F 38 -9.96 -68.76 -63.89
CA VAL F 38 -9.27 -70.03 -64.08
C VAL F 38 -7.78 -69.82 -64.35
N LYS F 39 -6.94 -70.75 -63.90
CA LYS F 39 -5.49 -70.62 -64.12
C LYS F 39 -5.09 -71.09 -65.50
N ASN F 40 -5.76 -72.11 -66.02
CA ASN F 40 -5.45 -72.66 -67.34
C ASN F 40 -5.58 -71.61 -68.43
N LYS F 41 -4.60 -71.57 -69.33
CA LYS F 41 -4.61 -70.61 -70.42
C LYS F 41 -5.47 -71.04 -71.60
N LYS F 42 -5.93 -72.30 -71.66
CA LYS F 42 -6.73 -72.73 -72.80
C LYS F 42 -8.07 -72.00 -72.91
N LEU F 43 -8.69 -71.64 -71.78
CA LEU F 43 -9.96 -70.91 -71.83
C LEU F 43 -9.83 -69.50 -72.39
N VAL F 44 -8.67 -68.85 -72.23
CA VAL F 44 -8.54 -67.50 -72.77
C VAL F 44 -8.69 -67.53 -74.29
N GLU F 45 -8.22 -68.60 -74.93
CA GLU F 45 -8.36 -68.68 -76.38
C GLU F 45 -9.82 -68.77 -76.77
N LEU F 46 -10.61 -69.47 -75.96
CA LEU F 46 -12.05 -69.49 -76.21
C LEU F 46 -12.70 -68.15 -75.94
N LEU F 47 -12.27 -67.43 -74.90
CA LEU F 47 -12.89 -66.13 -74.66
C LEU F 47 -12.55 -65.14 -75.77
N ARG F 48 -11.36 -65.25 -76.37
CA ARG F 48 -11.01 -64.37 -77.48
C ARG F 48 -11.71 -64.81 -78.75
N ARG F 49 -11.98 -66.10 -78.91
CA ARG F 49 -12.68 -66.57 -80.10
C ARG F 49 -14.17 -66.21 -80.08
N LYS F 50 -14.77 -65.98 -78.91
CA LYS F 50 -16.18 -65.56 -78.86
C LYS F 50 -16.38 -64.05 -79.01
N VAL F 51 -15.32 -63.24 -78.97
CA VAL F 51 -15.51 -61.80 -79.16
C VAL F 51 -15.99 -61.53 -80.58
N ARG F 52 -15.51 -62.31 -81.55
CA ARG F 52 -15.99 -62.15 -82.93
C ARG F 52 -17.43 -62.61 -83.08
N LEU F 53 -17.93 -63.50 -82.21
CA LEU F 53 -19.27 -64.06 -82.36
C LEU F 53 -20.31 -62.96 -82.20
N ALA F 54 -21.42 -63.13 -82.92
CA ALA F 54 -22.48 -62.13 -82.90
C ALA F 54 -23.06 -61.94 -81.51
N GLN F 55 -23.43 -63.05 -80.86
CA GLN F 55 -24.03 -63.01 -79.54
C GLN F 55 -23.01 -63.52 -78.54
N PRO F 56 -22.48 -62.71 -77.61
CA PRO F 56 -21.56 -63.29 -76.62
C PRO F 56 -22.33 -63.91 -75.47
N TYR F 57 -21.91 -65.10 -75.06
CA TYR F 57 -22.57 -65.79 -73.96
C TYR F 57 -21.61 -66.86 -73.47
N VAL F 58 -21.97 -67.46 -72.33
CA VAL F 58 -21.20 -68.55 -71.75
C VAL F 58 -22.14 -69.31 -70.83
N GLY F 59 -21.86 -70.60 -70.64
CA GLY F 59 -22.67 -71.44 -69.78
C GLY F 59 -21.92 -71.79 -68.52
N VAL F 60 -22.67 -71.88 -67.42
CA VAL F 60 -22.14 -72.13 -66.09
C VAL F 60 -22.80 -73.41 -65.62
N PHE F 61 -22.01 -74.41 -65.34
CA PHE F 61 -22.51 -75.70 -64.88
C PHE F 61 -21.93 -75.85 -63.49
N LEU F 62 -22.38 -76.86 -62.76
CA LEU F 62 -21.80 -77.16 -61.45
C LEU F 62 -21.22 -78.57 -61.42
N LYS F 63 -20.04 -78.67 -60.83
CA LYS F 63 -19.25 -79.88 -60.62
C LYS F 63 -19.80 -80.67 -59.43
N ARG F 64 -19.53 -81.99 -59.39
CA ARG F 64 -20.02 -82.79 -58.28
C ARG F 64 -18.98 -82.79 -57.14
N ASP F 65 -19.29 -83.57 -56.11
CA ASP F 65 -18.52 -83.66 -54.88
C ASP F 65 -17.16 -84.28 -55.13
N ASP F 66 -16.22 -83.95 -54.24
CA ASP F 66 -14.81 -84.34 -54.35
C ASP F 66 -14.20 -83.78 -55.64
N SER F 67 -13.96 -82.48 -55.57
CA SER F 67 -13.41 -81.71 -56.68
C SER F 67 -12.00 -82.16 -57.06
N ASN F 68 -11.72 -82.11 -58.37
CA ASN F 68 -10.44 -82.51 -58.94
C ASN F 68 -10.27 -81.74 -60.24
N GLU F 69 -9.27 -80.85 -60.29
CA GLU F 69 -9.00 -80.08 -61.50
C GLU F 69 -8.55 -80.96 -62.67
N SER F 70 -7.80 -82.03 -62.37
CA SER F 70 -7.37 -82.88 -63.46
C SER F 70 -8.55 -83.58 -64.08
N ASP F 71 -9.55 -83.93 -63.27
CA ASP F 71 -10.73 -84.53 -63.88
C ASP F 71 -11.47 -83.48 -64.69
N VAL F 72 -11.37 -82.20 -64.29
CA VAL F 72 -12.09 -81.13 -64.98
C VAL F 72 -11.55 -80.96 -66.40
N VAL F 73 -10.23 -81.14 -66.56
CA VAL F 73 -9.62 -81.04 -67.89
C VAL F 73 -9.56 -82.38 -68.61
N GLU F 74 -9.83 -83.49 -67.93
CA GLU F 74 -9.83 -84.81 -68.58
C GLU F 74 -11.18 -85.28 -69.12
N SER F 75 -12.25 -85.17 -68.33
CA SER F 75 -13.58 -85.64 -68.71
C SER F 75 -14.67 -84.57 -68.61
N LEU F 76 -15.71 -84.74 -69.43
CA LEU F 76 -16.86 -83.85 -69.41
C LEU F 76 -18.04 -84.48 -68.68
N ASP F 77 -17.92 -85.73 -68.20
CA ASP F 77 -19.00 -86.36 -67.46
C ASP F 77 -18.98 -86.00 -65.98
N GLU F 78 -17.88 -85.43 -65.49
CA GLU F 78 -17.72 -85.09 -64.07
C GLU F 78 -18.68 -84.00 -63.58
N ILE F 79 -19.02 -83.05 -64.45
CA ILE F 79 -19.92 -81.95 -64.14
C ILE F 79 -21.37 -82.38 -64.02
N TYR F 80 -22.13 -81.72 -63.14
CA TYR F 80 -23.55 -82.07 -63.03
C TYR F 80 -24.29 -81.52 -64.24
N HIS F 81 -25.43 -82.16 -64.48
CA HIS F 81 -26.30 -81.83 -65.59
C HIS F 81 -26.90 -80.43 -65.54
N THR F 82 -27.06 -79.82 -64.35
CA THR F 82 -27.63 -78.49 -64.33
C THR F 82 -26.67 -77.47 -64.94
N GLY F 83 -27.23 -76.50 -65.66
CA GLY F 83 -26.45 -75.49 -66.35
C GLY F 83 -27.15 -74.15 -66.26
N THR F 84 -26.39 -73.09 -66.52
CA THR F 84 -26.91 -71.73 -66.44
C THR F 84 -26.25 -70.83 -67.51
N PHE F 85 -26.77 -70.83 -68.73
CA PHE F 85 -26.27 -69.87 -69.73
C PHE F 85 -26.58 -68.41 -69.36
N ALA F 86 -25.69 -67.51 -69.80
CA ALA F 86 -25.83 -66.07 -69.57
C ALA F 86 -24.98 -65.28 -70.56
N GLN F 87 -25.22 -63.94 -70.61
CA GLN F 87 -24.51 -62.97 -71.44
C GLN F 87 -23.37 -62.22 -70.73
N ILE F 88 -22.28 -61.98 -71.48
CA ILE F 88 -21.13 -61.21 -70.99
C ILE F 88 -21.48 -59.73 -70.89
N HIS F 89 -20.83 -59.02 -69.94
CA HIS F 89 -21.06 -57.59 -69.71
C HIS F 89 -19.92 -56.81 -70.36
N GLU F 90 -18.74 -56.81 -69.73
CA GLU F 90 -17.56 -56.15 -70.26
C GLU F 90 -16.36 -56.80 -69.58
N MET F 91 -15.28 -57.03 -70.33
CA MET F 91 -14.05 -57.55 -69.77
C MET F 91 -13.24 -56.47 -69.06
N GLN F 92 -12.42 -56.89 -68.09
CA GLN F 92 -11.54 -55.99 -67.35
C GLN F 92 -10.11 -56.52 -67.29
N ASP F 93 -9.88 -57.66 -66.62
CA ASP F 93 -8.55 -58.26 -66.50
C ASP F 93 -7.56 -57.29 -65.87
N LEU F 94 -7.95 -56.80 -64.69
CA LEU F 94 -7.12 -55.84 -63.98
C LEU F 94 -5.80 -56.45 -63.56
N GLY F 95 -5.86 -57.59 -62.86
CA GLY F 95 -4.67 -58.27 -62.38
C GLY F 95 -4.40 -59.55 -63.12
N ASP F 96 -5.38 -60.46 -63.14
CA ASP F 96 -5.26 -61.67 -63.93
C ASP F 96 -5.66 -61.38 -65.37
N LYS F 97 -5.21 -62.24 -66.27
CA LYS F 97 -5.49 -62.17 -67.69
C LYS F 97 -6.85 -62.81 -68.02
N LEU F 98 -7.54 -63.33 -67.01
CA LEU F 98 -8.81 -64.05 -67.11
C LEU F 98 -9.69 -63.59 -65.95
N ARG F 99 -10.49 -62.56 -66.19
CA ARG F 99 -11.42 -62.04 -65.20
C ARG F 99 -12.78 -61.96 -65.90
N MET F 100 -13.26 -63.10 -66.38
CA MET F 100 -14.56 -63.08 -67.03
C MET F 100 -15.64 -62.96 -65.96
N ILE F 101 -16.78 -62.35 -66.33
CA ILE F 101 -17.94 -62.25 -65.43
C ILE F 101 -19.00 -63.24 -65.86
N VAL F 102 -19.65 -63.86 -64.87
CA VAL F 102 -20.70 -64.84 -65.08
C VAL F 102 -21.91 -64.40 -64.27
N MET F 103 -23.06 -64.92 -64.67
CA MET F 103 -24.34 -64.63 -64.07
C MET F 103 -25.25 -65.79 -64.30
N GLY F 104 -26.25 -65.88 -63.42
CA GLY F 104 -27.27 -66.88 -63.55
C GLY F 104 -28.51 -66.23 -64.10
N HIS F 105 -28.73 -66.38 -65.41
CA HIS F 105 -29.84 -65.76 -66.14
C HIS F 105 -30.78 -66.82 -66.70
N ARG F 106 -30.26 -67.78 -67.50
CA ARG F 106 -31.05 -68.82 -68.15
C ARG F 106 -30.60 -70.13 -67.53
N ARG F 107 -31.42 -70.62 -66.58
CA ARG F 107 -31.25 -71.93 -65.97
C ARG F 107 -31.68 -73.05 -66.92
N VAL F 108 -31.06 -74.21 -66.76
CA VAL F 108 -31.38 -75.39 -67.57
C VAL F 108 -30.89 -76.64 -66.86
N HIS F 109 -31.46 -77.79 -67.20
CA HIS F 109 -30.99 -79.09 -66.71
C HIS F 109 -30.90 -79.96 -67.96
N ILE F 110 -29.67 -80.09 -68.50
CA ILE F 110 -29.45 -80.98 -69.64
C ILE F 110 -29.77 -82.40 -69.23
N SER F 111 -30.41 -83.17 -70.11
CA SER F 111 -30.66 -84.58 -69.80
C SER F 111 -29.37 -85.34 -69.50
N ARG F 112 -28.48 -85.46 -70.49
CA ARG F 112 -27.29 -86.30 -70.39
C ARG F 112 -26.07 -85.57 -70.93
N GLN F 113 -25.17 -85.11 -70.07
CA GLN F 113 -23.96 -84.45 -70.56
C GLN F 113 -23.06 -85.43 -71.32
N LEU F 114 -23.16 -86.73 -71.00
CA LEU F 114 -22.37 -87.73 -71.70
C LEU F 114 -22.71 -87.77 -73.17
N GLU F 115 -23.95 -87.47 -73.51
CA GLU F 115 -24.37 -87.47 -74.89
C GLU F 115 -23.91 -86.15 -75.52
N MET F 166 -24.22 -76.89 -77.63
CA MET F 166 -24.78 -78.09 -77.03
C MET F 166 -26.24 -77.88 -76.93
N VAL F 167 -27.05 -78.86 -77.34
CA VAL F 167 -28.50 -78.69 -77.34
C VAL F 167 -28.94 -78.37 -75.92
N GLU F 168 -29.90 -77.46 -75.80
CA GLU F 168 -30.42 -77.04 -74.50
C GLU F 168 -31.84 -76.54 -74.68
N VAL F 169 -32.63 -76.59 -73.60
CA VAL F 169 -34.03 -76.16 -73.64
C VAL F 169 -34.40 -75.53 -72.30
N GLU F 170 -35.27 -74.53 -72.37
CA GLU F 170 -35.75 -73.77 -71.20
C GLU F 170 -36.93 -74.46 -70.52
N ASN F 171 -36.64 -75.57 -69.84
CA ASN F 171 -37.69 -76.26 -69.09
C ASN F 171 -37.84 -75.61 -67.71
N VAL F 172 -38.06 -74.29 -67.68
CA VAL F 172 -38.22 -73.48 -66.47
C VAL F 172 -39.67 -73.54 -65.99
N VAL F 173 -40.07 -74.67 -65.38
CA VAL F 173 -41.45 -74.82 -64.92
C VAL F 173 -41.78 -73.78 -63.84
N HIS F 174 -42.99 -73.21 -63.92
CA HIS F 174 -43.46 -72.24 -62.92
C HIS F 174 -44.99 -72.22 -62.87
N GLU F 175 -45.60 -73.39 -62.65
CA GLU F 175 -47.05 -73.49 -62.47
C GLU F 175 -47.45 -72.79 -61.16
N ASP F 176 -48.64 -72.20 -61.15
CA ASP F 176 -49.12 -71.57 -59.92
C ASP F 176 -50.64 -71.67 -59.84
N PHE F 177 -51.10 -71.86 -58.60
CA PHE F 177 -52.50 -72.01 -58.22
C PHE F 177 -53.35 -70.75 -58.42
N GLN F 178 -54.63 -70.98 -58.75
CA GLN F 178 -55.59 -69.90 -59.01
C GLN F 178 -55.84 -69.00 -57.81
N VAL F 179 -55.76 -69.53 -56.60
CA VAL F 179 -55.93 -68.73 -55.40
C VAL F 179 -54.60 -68.04 -55.10
N THR F 180 -54.60 -66.70 -55.17
CA THR F 180 -53.41 -65.91 -54.86
C THR F 180 -53.65 -64.92 -53.73
N GLU F 181 -54.06 -65.43 -52.57
CA GLU F 181 -54.26 -64.64 -51.37
C GLU F 181 -53.21 -64.97 -50.30
N GLU F 182 -53.32 -66.15 -49.67
CA GLU F 182 -52.40 -66.55 -48.60
C GLU F 182 -50.99 -66.85 -49.09
N VAL F 183 -50.85 -67.37 -50.31
CA VAL F 183 -49.57 -67.81 -50.88
C VAL F 183 -48.44 -66.79 -50.68
N LYS F 184 -48.66 -65.53 -51.06
CA LYS F 184 -47.58 -64.52 -51.03
C LYS F 184 -47.01 -64.29 -49.63
N ALA F 185 -47.75 -64.68 -48.58
CA ALA F 185 -47.30 -64.48 -47.21
C ALA F 185 -45.92 -65.10 -46.99
N LEU F 186 -45.65 -66.24 -47.66
CA LEU F 186 -44.40 -66.95 -47.42
C LEU F 186 -43.18 -66.08 -47.74
N THR F 187 -43.31 -65.16 -48.70
CA THR F 187 -42.15 -64.35 -49.08
C THR F 187 -41.72 -63.45 -47.92
N ALA F 188 -42.69 -62.97 -47.13
CA ALA F 188 -42.39 -62.21 -45.94
C ALA F 188 -41.52 -63.00 -44.96
N GLU F 189 -41.90 -64.26 -44.71
CA GLU F 189 -41.09 -65.08 -43.83
C GLU F 189 -39.74 -65.37 -44.42
N ILE F 190 -39.66 -65.51 -45.75
CA ILE F 190 -38.37 -65.78 -46.37
C ILE F 190 -37.45 -64.58 -46.18
N VAL F 191 -37.95 -63.37 -46.43
CA VAL F 191 -37.08 -62.22 -46.15
C VAL F 191 -36.83 -62.05 -44.67
N LYS F 192 -37.80 -62.42 -43.82
CA LYS F 192 -37.58 -62.36 -42.39
C LYS F 192 -36.52 -63.36 -41.95
N THR F 193 -36.53 -64.55 -42.57
CA THR F 193 -35.47 -65.51 -42.32
C THR F 193 -34.15 -64.94 -42.80
N ILE F 194 -34.14 -64.42 -44.02
CA ILE F 194 -32.96 -63.81 -44.60
C ILE F 194 -32.47 -62.65 -43.73
N ARG F 195 -33.41 -61.92 -43.10
CA ARG F 195 -33.04 -60.87 -42.16
C ARG F 195 -32.38 -61.43 -40.91
N ASP F 196 -32.78 -62.61 -40.47
CA ASP F 196 -32.12 -63.24 -39.34
C ASP F 196 -30.81 -63.92 -39.72
N ILE F 197 -30.61 -64.29 -40.99
CA ILE F 197 -29.35 -64.91 -41.36
C ILE F 197 -28.29 -63.85 -41.53
N ILE F 198 -28.64 -62.73 -42.16
CA ILE F 198 -27.67 -61.68 -42.32
C ILE F 198 -27.46 -60.98 -40.98
N ALA F 199 -28.42 -61.07 -40.03
CA ALA F 199 -28.17 -60.39 -38.76
C ALA F 199 -27.25 -61.17 -37.83
N LEU F 200 -27.53 -62.45 -37.58
CA LEU F 200 -26.67 -63.24 -36.71
C LEU F 200 -25.43 -63.78 -37.42
N ASN F 201 -25.47 -63.94 -38.75
CA ASN F 201 -24.32 -64.38 -39.54
C ASN F 201 -24.24 -63.50 -40.78
N PRO F 202 -23.87 -62.22 -40.62
CA PRO F 202 -23.81 -61.36 -41.80
C PRO F 202 -22.79 -61.81 -42.83
N LEU F 203 -23.19 -61.67 -44.08
CA LEU F 203 -22.37 -61.99 -45.25
C LEU F 203 -22.56 -60.85 -46.23
N TYR F 204 -23.80 -60.46 -46.56
CA TYR F 204 -24.06 -59.33 -47.44
C TYR F 204 -24.94 -58.27 -46.76
N ARG F 205 -24.93 -57.09 -47.38
CA ARG F 205 -25.64 -55.88 -46.94
C ARG F 205 -27.14 -55.93 -47.29
N GLU F 206 -27.98 -55.32 -46.43
CA GLU F 206 -29.44 -55.52 -46.40
C GLU F 206 -30.30 -54.53 -47.20
N SER F 207 -29.70 -53.53 -47.86
CA SER F 207 -30.43 -52.58 -48.71
C SER F 207 -31.06 -53.22 -49.94
N VAL F 208 -30.45 -54.27 -50.50
CA VAL F 208 -31.04 -54.95 -51.65
C VAL F 208 -32.39 -55.54 -51.31
N LEU F 209 -32.57 -55.98 -50.07
CA LEU F 209 -33.89 -56.35 -49.59
C LEU F 209 -34.79 -55.11 -49.51
N GLN F 210 -34.23 -53.95 -49.15
CA GLN F 210 -35.01 -52.70 -49.14
C GLN F 210 -35.31 -52.17 -50.53
N MET F 211 -34.56 -52.56 -51.55
CA MET F 211 -34.79 -52.08 -52.91
C MET F 211 -35.96 -52.79 -53.52
N MET F 212 -36.13 -54.07 -53.19
CA MET F 212 -37.22 -54.90 -53.68
C MET F 212 -38.01 -55.13 -52.41
N GLN F 213 -39.10 -54.37 -52.26
CA GLN F 213 -40.03 -54.43 -51.14
C GLN F 213 -41.39 -54.93 -51.60
N ALA F 214 -42.07 -55.64 -50.71
CA ALA F 214 -43.35 -56.24 -51.10
C ALA F 214 -44.44 -55.22 -51.36
N GLY F 215 -44.39 -54.03 -50.77
CA GLY F 215 -45.48 -53.09 -51.07
C GLY F 215 -45.35 -52.34 -52.39
N GLN F 216 -44.17 -52.36 -53.04
CA GLN F 216 -43.97 -51.72 -54.33
C GLN F 216 -44.51 -52.51 -55.53
N ARG F 217 -44.83 -53.80 -55.37
CA ARG F 217 -45.32 -54.66 -56.45
C ARG F 217 -44.30 -54.81 -57.61
N VAL F 218 -43.02 -54.47 -57.40
CA VAL F 218 -42.03 -54.58 -58.48
C VAL F 218 -41.49 -56.00 -58.61
N VAL F 219 -41.83 -56.91 -57.69
CA VAL F 219 -41.40 -58.30 -57.71
C VAL F 219 -42.32 -59.08 -58.65
N ASP F 220 -42.21 -58.88 -59.97
CA ASP F 220 -43.02 -59.64 -60.91
C ASP F 220 -42.78 -61.16 -60.86
N ASN F 221 -41.60 -61.61 -60.40
CA ASN F 221 -41.20 -63.03 -60.39
C ASN F 221 -40.70 -63.41 -58.99
N PRO F 222 -41.59 -63.79 -58.05
CA PRO F 222 -41.11 -64.16 -56.69
C PRO F 222 -40.11 -65.30 -56.60
N ILE F 223 -40.14 -66.30 -57.50
CA ILE F 223 -39.25 -67.44 -57.35
C ILE F 223 -37.80 -67.01 -57.52
N TYR F 224 -37.53 -66.02 -58.38
CA TYR F 224 -36.20 -65.45 -58.49
C TYR F 224 -35.83 -64.70 -57.22
N LEU F 225 -36.80 -64.13 -56.51
CA LEU F 225 -36.44 -63.46 -55.26
C LEU F 225 -36.04 -64.50 -54.24
N SER F 226 -36.74 -65.63 -54.20
CA SER F 226 -36.33 -66.71 -53.32
C SER F 226 -34.99 -67.31 -53.76
N ASP F 227 -34.67 -67.24 -55.07
CA ASP F 227 -33.36 -67.71 -55.53
C ASP F 227 -32.26 -66.75 -55.13
N MET F 228 -32.50 -65.44 -55.26
CA MET F 228 -31.49 -64.47 -54.85
C MET F 228 -31.24 -64.58 -53.36
N GLY F 229 -32.29 -64.87 -52.59
CA GLY F 229 -32.14 -64.98 -51.16
C GLY F 229 -31.50 -66.28 -50.74
N ALA F 230 -31.77 -67.37 -51.48
CA ALA F 230 -31.08 -68.61 -51.23
C ALA F 230 -29.63 -68.51 -51.66
N ALA F 231 -29.32 -67.62 -52.60
CA ALA F 231 -27.93 -67.44 -53.00
C ALA F 231 -27.11 -66.89 -51.85
N LEU F 232 -27.75 -66.10 -50.98
CA LEU F 232 -27.06 -65.55 -49.83
C LEU F 232 -26.70 -66.61 -48.79
N THR F 233 -27.35 -67.78 -48.82
CA THR F 233 -27.03 -68.85 -47.90
C THR F 233 -25.66 -69.47 -48.14
N GLY F 234 -25.05 -69.94 -47.06
CA GLY F 234 -23.76 -70.59 -47.06
C GLY F 234 -23.80 -72.09 -47.18
N ALA F 235 -24.95 -72.68 -47.50
CA ALA F 235 -25.09 -74.12 -47.42
C ALA F 235 -24.27 -74.82 -48.49
N GLU F 236 -23.88 -76.06 -48.18
CA GLU F 236 -23.00 -76.81 -49.06
C GLU F 236 -23.68 -77.00 -50.43
N SER F 237 -22.85 -77.16 -51.45
CA SER F 237 -23.33 -77.38 -52.82
C SER F 237 -24.09 -78.69 -53.03
N HIS F 238 -23.86 -79.74 -52.25
CA HIS F 238 -24.75 -80.90 -52.34
C HIS F 238 -26.17 -80.55 -51.94
N GLU F 239 -26.32 -79.73 -50.90
CA GLU F 239 -27.67 -79.36 -50.49
C GLU F 239 -28.32 -78.51 -51.57
N LEU F 240 -27.54 -77.70 -52.28
CA LEU F 240 -28.08 -76.96 -53.42
C LEU F 240 -28.49 -77.91 -54.52
N GLN F 241 -27.70 -78.96 -54.74
CA GLN F 241 -28.04 -79.95 -55.76
C GLN F 241 -29.31 -80.69 -55.38
N ASP F 242 -29.50 -80.92 -54.09
CA ASP F 242 -30.74 -81.55 -53.65
C ASP F 242 -31.92 -80.63 -53.86
N VAL F 243 -31.72 -79.33 -53.63
CA VAL F 243 -32.80 -78.37 -53.89
C VAL F 243 -33.10 -78.26 -55.38
N LEU F 244 -32.07 -78.35 -56.22
CA LEU F 244 -32.28 -78.29 -57.66
C LEU F 244 -32.98 -79.55 -58.18
N GLU F 245 -32.79 -80.69 -57.53
CA GLU F 245 -33.47 -81.90 -58.00
C GLU F 245 -34.98 -81.77 -57.85
N GLU F 246 -35.44 -81.00 -56.88
CA GLU F 246 -36.86 -80.80 -56.65
C GLU F 246 -37.48 -80.03 -57.82
N THR F 247 -38.72 -80.39 -58.15
CA THR F 247 -39.47 -79.76 -59.24
C THR F 247 -40.61 -78.86 -58.77
N ASN F 248 -41.45 -79.34 -57.86
CA ASN F 248 -42.59 -78.54 -57.40
C ASN F 248 -42.17 -77.32 -56.60
N ILE F 249 -42.85 -76.20 -56.87
CA ILE F 249 -42.49 -74.93 -56.23
C ILE F 249 -42.63 -74.95 -54.70
N PRO F 250 -43.77 -75.37 -54.11
CA PRO F 250 -43.83 -75.40 -52.63
C PRO F 250 -42.80 -76.30 -52.01
N LYS F 251 -42.45 -77.40 -52.67
CA LYS F 251 -41.47 -78.33 -52.12
C LYS F 251 -40.09 -77.70 -52.05
N ARG F 252 -39.65 -77.06 -53.15
CA ARG F 252 -38.33 -76.40 -53.11
C ARG F 252 -38.32 -75.21 -52.16
N LEU F 253 -39.47 -74.54 -52.01
CA LEU F 253 -39.56 -73.45 -51.04
C LEU F 253 -39.47 -73.99 -49.61
N TYR F 254 -40.03 -75.16 -49.37
CA TYR F 254 -40.03 -75.76 -48.04
C TYR F 254 -38.68 -76.35 -47.74
N LYS F 255 -38.05 -76.99 -48.73
CA LYS F 255 -36.71 -77.51 -48.54
C LYS F 255 -35.75 -76.36 -48.27
N ALA F 256 -35.94 -75.23 -48.97
CA ALA F 256 -35.09 -74.07 -48.73
C ALA F 256 -35.33 -73.52 -47.34
N LEU F 257 -36.56 -73.56 -46.85
CA LEU F 257 -36.80 -73.10 -45.49
C LEU F 257 -36.19 -74.05 -44.47
N SER F 258 -36.29 -75.37 -44.71
CA SER F 258 -35.67 -76.32 -43.80
C SER F 258 -34.16 -76.20 -43.80
N LEU F 259 -33.57 -75.92 -44.96
CA LEU F 259 -32.14 -75.69 -45.03
C LEU F 259 -31.77 -74.41 -44.29
N LEU F 260 -32.65 -73.40 -44.36
CA LEU F 260 -32.41 -72.17 -43.61
C LEU F 260 -32.46 -72.48 -42.11
N LYS F 261 -33.33 -73.42 -41.73
CA LYS F 261 -33.42 -73.85 -40.34
C LYS F 261 -32.15 -74.56 -39.93
N LYS F 262 -31.62 -75.45 -40.79
CA LYS F 262 -30.43 -76.20 -40.43
C LYS F 262 -29.20 -75.32 -40.36
N GLU F 263 -29.08 -74.37 -41.28
CA GLU F 263 -27.91 -73.51 -41.22
C GLU F 263 -27.98 -72.56 -40.04
N PHE F 264 -29.16 -71.99 -39.75
CA PHE F 264 -29.24 -71.17 -38.54
C PHE F 264 -29.10 -71.95 -37.25
N GLU F 265 -29.65 -73.16 -37.18
CA GLU F 265 -29.46 -73.95 -35.97
C GLU F 265 -28.02 -74.41 -35.78
N LEU F 266 -27.33 -74.72 -36.87
CA LEU F 266 -25.93 -75.11 -36.75
C LEU F 266 -25.06 -73.92 -36.35
N SER F 267 -25.25 -72.78 -37.02
CA SER F 267 -24.51 -71.58 -36.68
C SER F 267 -24.83 -71.15 -35.25
N LYS F 268 -26.07 -71.40 -34.80
CA LYS F 268 -26.46 -71.04 -33.45
C LYS F 268 -25.71 -71.91 -32.46
N LEU F 269 -25.67 -73.24 -32.67
CA LEU F 269 -24.94 -74.08 -31.72
C LEU F 269 -23.45 -73.74 -31.71
N GLN F 270 -22.88 -73.36 -32.86
CA GLN F 270 -21.48 -72.98 -32.86
C GLN F 270 -21.29 -71.65 -32.12
N GLN F 271 -22.20 -70.69 -32.34
CA GLN F 271 -22.15 -69.39 -31.67
C GLN F 271 -22.39 -69.52 -30.17
N ARG F 272 -23.19 -70.50 -29.75
CA ARG F 272 -23.49 -70.74 -28.35
C ARG F 272 -22.29 -71.41 -27.71
N LEU F 273 -21.71 -72.37 -28.43
CA LEU F 273 -20.46 -72.98 -27.98
C LEU F 273 -19.40 -71.91 -27.84
N GLY F 274 -19.47 -70.89 -28.69
CA GLY F 274 -18.52 -69.82 -28.64
C GLY F 274 -18.90 -68.83 -27.56
N ARG F 275 -20.20 -68.69 -27.26
CA ARG F 275 -20.60 -67.92 -26.09
C ARG F 275 -20.08 -68.55 -24.81
N GLU F 276 -19.94 -69.87 -24.82
CA GLU F 276 -19.38 -70.54 -23.66
C GLU F 276 -17.88 -70.28 -23.61
N VAL F 277 -17.23 -70.40 -24.77
CA VAL F 277 -15.80 -70.16 -24.84
C VAL F 277 -15.50 -68.68 -24.50
N GLU F 278 -16.40 -67.78 -24.92
CA GLU F 278 -16.26 -66.35 -24.61
C GLU F 278 -16.40 -66.11 -23.13
N GLU F 279 -17.29 -66.83 -22.49
CA GLU F 279 -17.43 -66.68 -21.06
C GLU F 279 -16.17 -67.17 -20.34
N LYS F 280 -15.60 -68.30 -20.78
CA LYS F 280 -14.37 -68.78 -20.13
C LYS F 280 -13.19 -67.87 -20.38
N ILE F 281 -13.21 -67.15 -21.49
CA ILE F 281 -12.19 -66.13 -21.70
C ILE F 281 -12.50 -64.88 -20.92
N LYS F 282 -13.77 -64.63 -20.67
CA LYS F 282 -14.15 -63.48 -19.87
C LYS F 282 -13.66 -63.70 -18.46
N GLN F 283 -13.59 -64.96 -18.03
CA GLN F 283 -13.08 -65.30 -16.70
C GLN F 283 -11.71 -64.71 -16.44
N THR F 284 -10.90 -64.51 -17.49
CA THR F 284 -9.63 -63.85 -17.23
C THR F 284 -10.06 -62.54 -16.60
N HIS F 285 -9.87 -62.44 -15.30
CA HIS F 285 -10.29 -61.30 -14.52
C HIS F 285 -9.84 -59.94 -14.99
N ARG F 286 -10.62 -58.92 -14.60
CA ARG F 286 -10.29 -57.54 -14.94
C ARG F 286 -8.91 -57.20 -14.42
N LYS F 287 -8.48 -57.82 -13.33
CA LYS F 287 -7.14 -57.54 -12.82
C LYS F 287 -6.12 -57.83 -13.89
N TYR F 288 -6.30 -58.91 -14.66
CA TYR F 288 -5.32 -59.22 -15.69
C TYR F 288 -5.32 -58.12 -16.76
N LEU F 289 -6.50 -57.53 -16.98
CA LEU F 289 -6.66 -56.37 -17.85
C LEU F 289 -5.79 -55.27 -17.28
N LEU F 290 -6.11 -54.86 -16.05
CA LEU F 290 -5.43 -53.74 -15.46
C LEU F 290 -3.92 -54.00 -15.38
N GLN F 291 -3.50 -55.26 -15.17
CA GLN F 291 -2.06 -55.58 -15.13
C GLN F 291 -1.39 -55.30 -16.46
N GLU F 292 -2.10 -55.59 -17.54
CA GLU F 292 -1.68 -55.15 -18.85
C GLU F 292 -1.50 -53.66 -18.78
N GLN F 293 -2.59 -52.89 -18.60
CA GLN F 293 -2.55 -51.43 -18.56
C GLN F 293 -1.40 -50.86 -17.71
N LEU F 294 -1.14 -51.49 -16.57
CA LEU F 294 0.08 -51.24 -15.82
C LEU F 294 1.32 -51.41 -16.67
N LYS F 295 1.46 -52.58 -17.34
CA LYS F 295 2.64 -52.78 -18.19
C LYS F 295 2.73 -51.67 -19.23
N ILE F 296 1.59 -51.32 -19.81
CA ILE F 296 1.54 -50.23 -20.77
C ILE F 296 1.99 -48.93 -20.10
N ILE F 297 1.59 -48.72 -18.86
CA ILE F 297 2.02 -47.48 -18.22
C ILE F 297 3.53 -47.49 -18.05
N LYS F 298 4.14 -48.69 -17.89
CA LYS F 298 5.57 -48.76 -17.72
C LYS F 298 6.34 -48.85 -19.02
N LYS F 299 5.67 -49.13 -20.14
CA LYS F 299 6.34 -49.25 -21.44
C LYS F 299 6.14 -47.95 -22.16
N GLU F 300 6.48 -46.88 -21.47
CA GLU F 300 6.30 -45.52 -21.95
C GLU F 300 7.28 -44.68 -21.17
N LEU F 301 7.49 -43.47 -21.68
CA LEU F 301 8.36 -42.49 -21.07
C LEU F 301 9.73 -43.10 -20.75
N GLY F 302 10.48 -43.35 -21.81
CA GLY F 302 11.82 -43.86 -21.60
C GLY F 302 12.79 -42.78 -22.01
N LEU F 303 12.35 -41.52 -22.00
CA LEU F 303 13.24 -40.46 -22.43
C LEU F 303 14.35 -40.20 -21.38
N GLU F 304 13.97 -39.81 -20.15
CA GLU F 304 14.93 -39.54 -19.06
C GLU F 304 14.35 -39.65 -17.64
N LYS F 305 13.65 -40.73 -17.28
CA LYS F 305 13.08 -40.84 -15.94
C LYS F 305 14.04 -41.48 -14.92
N ASP F 306 15.15 -42.06 -15.38
CA ASP F 306 16.09 -42.73 -14.50
C ASP F 306 16.77 -41.80 -13.48
N ASP F 307 17.13 -40.58 -13.89
CA ASP F 307 17.79 -39.67 -12.96
C ASP F 307 16.88 -39.45 -11.75
N LYS F 308 15.62 -39.14 -12.02
CA LYS F 308 14.70 -38.93 -10.92
C LYS F 308 14.55 -40.19 -10.12
N ASP F 309 14.54 -41.34 -10.79
CA ASP F 309 14.38 -42.62 -10.09
C ASP F 309 15.42 -42.76 -8.99
N ALA F 310 16.69 -42.50 -9.33
CA ALA F 310 17.72 -42.62 -8.31
C ALA F 310 17.58 -41.53 -7.24
N ILE F 311 17.18 -40.33 -7.66
CA ILE F 311 17.02 -39.23 -6.71
C ILE F 311 15.92 -39.57 -5.69
N GLU F 312 14.80 -40.09 -6.20
CA GLU F 312 13.67 -40.52 -5.39
C GLU F 312 14.09 -41.55 -4.35
N GLU F 313 14.78 -42.61 -4.81
CA GLU F 313 15.21 -43.64 -3.87
C GLU F 313 16.19 -43.06 -2.86
N LYS F 314 17.05 -42.15 -3.30
CA LYS F 314 17.99 -41.51 -2.39
C LYS F 314 17.24 -40.78 -1.30
N PHE F 315 16.23 -40.01 -1.67
CA PHE F 315 15.46 -39.30 -0.66
C PHE F 315 14.68 -40.27 0.23
N ARG F 316 14.27 -41.43 -0.30
CA ARG F 316 13.62 -42.40 0.57
C ARG F 316 14.55 -42.92 1.64
N GLU F 317 15.75 -43.37 1.24
CA GLU F 317 16.70 -43.84 2.23
C GLU F 317 17.07 -42.73 3.19
N ARG F 318 17.13 -41.49 2.70
CA ARG F 318 17.39 -40.36 3.59
C ARG F 318 16.27 -40.22 4.62
N LEU F 319 15.03 -40.52 4.24
CA LEU F 319 13.97 -40.48 5.23
C LEU F 319 14.14 -41.58 6.26
N LYS F 320 14.73 -42.70 5.85
CA LYS F 320 14.64 -43.93 6.64
C LYS F 320 15.22 -43.77 8.05
N GLU F 321 16.47 -43.35 8.14
CA GLU F 321 17.14 -43.25 9.44
C GLU F 321 16.46 -42.25 10.36
N LEU F 322 15.80 -41.25 9.78
CA LEU F 322 15.05 -40.29 10.58
C LEU F 322 13.89 -40.98 11.29
N VAL F 323 13.57 -40.48 12.47
CA VAL F 323 12.33 -40.89 13.17
C VAL F 323 11.25 -39.96 12.64
N VAL F 324 10.75 -40.32 11.47
CA VAL F 324 9.89 -39.46 10.66
C VAL F 324 8.53 -39.25 11.33
N PRO F 325 8.09 -38.02 11.62
CA PRO F 325 6.69 -37.83 12.03
C PRO F 325 5.70 -38.18 10.93
N LYS F 326 4.54 -38.65 11.35
CA LYS F 326 3.49 -39.08 10.43
C LYS F 326 3.03 -37.97 9.49
N HIS F 327 2.98 -36.73 9.99
CA HIS F 327 2.54 -35.58 9.20
C HIS F 327 3.39 -35.44 7.94
N VAL F 328 4.67 -35.20 8.17
CA VAL F 328 5.60 -35.06 7.07
C VAL F 328 5.69 -36.36 6.30
N MET F 329 5.52 -37.51 6.97
CA MET F 329 5.61 -38.79 6.26
C MET F 329 4.58 -38.85 5.15
N ASP F 330 3.33 -38.53 5.47
CA ASP F 330 2.28 -38.62 4.45
C ASP F 330 2.48 -37.55 3.39
N VAL F 331 2.84 -36.32 3.83
CA VAL F 331 3.02 -35.26 2.84
C VAL F 331 4.18 -35.61 1.91
N VAL F 332 5.21 -36.28 2.45
CA VAL F 332 6.33 -36.71 1.64
C VAL F 332 5.91 -37.79 0.66
N ASP F 333 5.05 -38.71 1.10
CA ASP F 333 4.61 -39.74 0.17
C ASP F 333 3.87 -39.11 -1.00
N GLU F 334 3.03 -38.11 -0.69
CA GLU F 334 2.33 -37.45 -1.78
C GLU F 334 3.31 -36.72 -2.69
N GLU F 335 4.22 -35.93 -2.12
CA GLU F 335 5.16 -35.17 -2.94
C GLU F 335 6.09 -36.06 -3.74
N LEU F 336 6.48 -37.21 -3.20
CA LEU F 336 7.32 -38.11 -3.98
C LEU F 336 6.53 -38.68 -5.15
N SER F 337 5.25 -38.98 -4.91
CA SER F 337 4.40 -39.38 -6.02
C SER F 337 4.29 -38.26 -7.04
N LYS F 338 4.15 -37.02 -6.58
CA LYS F 338 4.07 -35.88 -7.49
C LYS F 338 5.36 -35.72 -8.27
N LEU F 339 6.48 -36.04 -7.63
CA LEU F 339 7.75 -36.02 -8.32
C LEU F 339 7.75 -37.10 -9.37
N GLY F 340 7.06 -38.21 -9.11
CA GLY F 340 6.97 -39.31 -10.04
C GLY F 340 6.01 -39.03 -11.17
N LEU F 341 5.14 -38.04 -11.00
CA LEU F 341 4.26 -37.68 -12.10
C LEU F 341 4.99 -36.77 -13.06
N LEU F 342 5.69 -35.78 -12.54
CA LEU F 342 6.21 -34.76 -13.42
C LEU F 342 7.45 -35.25 -14.15
N ASP F 343 7.68 -34.66 -15.32
CA ASP F 343 8.92 -34.83 -16.05
C ASP F 343 10.08 -34.24 -15.26
N ASN F 344 11.27 -34.83 -15.41
CA ASN F 344 12.42 -34.42 -14.61
C ASN F 344 12.85 -32.96 -14.87
N HIS F 345 12.71 -32.45 -16.10
CA HIS F 345 13.38 -31.19 -16.44
C HIS F 345 12.50 -29.95 -16.25
N SER F 346 11.19 -30.11 -16.11
CA SER F 346 10.32 -28.93 -16.06
C SER F 346 10.45 -28.19 -14.74
N SER F 347 10.10 -26.91 -14.80
CA SER F 347 10.28 -26.01 -13.67
C SER F 347 9.52 -26.48 -12.45
N GLU F 348 8.24 -26.86 -12.62
CA GLU F 348 7.48 -27.26 -11.45
C GLU F 348 8.05 -28.51 -10.80
N PHE F 349 8.61 -29.42 -11.61
CA PHE F 349 9.34 -30.55 -11.04
C PHE F 349 10.54 -30.04 -10.26
N ASN F 350 11.15 -28.96 -10.73
CA ASN F 350 12.34 -28.46 -10.09
C ASN F 350 11.99 -27.84 -8.75
N VAL F 351 10.93 -27.04 -8.72
CA VAL F 351 10.45 -26.45 -7.48
C VAL F 351 9.94 -27.52 -6.50
N THR F 352 9.33 -28.58 -7.03
CA THR F 352 8.93 -29.73 -6.23
C THR F 352 10.15 -30.37 -5.59
N ARG F 353 11.17 -30.60 -6.41
CA ARG F 353 12.39 -31.24 -5.95
C ARG F 353 13.01 -30.42 -4.86
N ASN F 354 13.04 -29.09 -5.01
CA ASN F 354 13.69 -28.27 -4.02
C ASN F 354 12.94 -28.32 -2.70
N TYR F 355 11.61 -28.28 -2.75
CA TYR F 355 10.83 -28.39 -1.53
C TYR F 355 11.09 -29.72 -0.87
N LEU F 356 11.22 -30.76 -1.70
CA LEU F 356 11.49 -32.08 -1.17
C LEU F 356 12.85 -32.16 -0.55
N ASP F 357 13.84 -31.51 -1.15
CA ASP F 357 15.17 -31.56 -0.60
C ASP F 357 15.19 -30.88 0.73
N TRP F 358 14.57 -29.71 0.81
CA TRP F 358 14.57 -29.00 2.07
C TRP F 358 13.79 -29.77 3.12
N LEU F 359 12.78 -30.53 2.69
CA LEU F 359 11.96 -31.28 3.62
C LEU F 359 12.68 -32.49 4.16
N THR F 360 13.27 -33.28 3.27
CA THR F 360 14.04 -34.44 3.71
C THR F 360 15.20 -33.96 4.55
N SER F 361 15.70 -32.77 4.23
CA SER F 361 16.90 -32.24 4.85
C SER F 361 16.65 -31.96 6.31
N ILE F 362 15.39 -31.71 6.68
CA ILE F 362 15.14 -31.42 8.09
C ILE F 362 15.51 -32.65 8.90
N PRO F 363 16.38 -32.56 9.91
CA PRO F 363 16.64 -33.74 10.74
C PRO F 363 15.37 -34.12 11.46
N TRP F 364 15.13 -35.42 11.60
CA TRP F 364 13.92 -35.86 12.27
C TRP F 364 14.30 -36.98 13.22
N GLY F 365 14.07 -36.74 14.51
CA GLY F 365 14.38 -37.65 15.58
C GLY F 365 15.73 -37.48 16.23
N LYS F 366 16.71 -36.86 15.54
CA LYS F 366 18.00 -36.68 16.16
C LYS F 366 17.92 -35.67 17.30
N TYR F 367 18.67 -35.94 18.36
CA TYR F 367 18.72 -35.10 19.54
C TYR F 367 20.15 -35.18 20.06
N SER F 368 20.92 -34.12 19.82
CA SER F 368 22.31 -34.09 20.29
C SER F 368 22.42 -34.33 21.79
N ASN F 369 23.36 -35.20 22.13
CA ASN F 369 23.55 -35.64 23.49
C ASN F 369 23.97 -34.44 24.32
N GLU F 370 23.34 -34.32 25.47
CA GLU F 370 23.59 -33.29 26.44
C GLU F 370 24.82 -33.66 27.25
N ASN F 371 25.46 -32.67 27.83
CA ASN F 371 26.48 -33.00 28.81
C ASN F 371 25.76 -33.50 30.04
N LEU F 372 26.41 -34.41 30.78
CA LEU F 372 25.81 -34.95 31.99
C LEU F 372 26.78 -34.93 33.15
N ASP F 373 28.09 -34.94 32.92
CA ASP F 373 28.98 -34.71 34.03
C ASP F 373 28.80 -33.28 34.47
N LEU F 374 28.78 -33.06 35.76
CA LEU F 374 28.53 -31.71 36.21
C LEU F 374 29.90 -31.08 36.23
N ALA F 375 30.83 -31.67 36.99
CA ALA F 375 32.13 -31.07 37.24
C ALA F 375 32.86 -30.80 35.93
N ARG F 376 32.63 -31.63 34.92
CA ARG F 376 33.23 -31.37 33.62
C ARG F 376 32.71 -30.04 33.09
N ALA F 377 31.38 -29.89 33.09
CA ALA F 377 30.75 -28.67 32.63
C ALA F 377 31.18 -27.50 33.51
N GLN F 378 31.43 -27.78 34.78
CA GLN F 378 31.87 -26.78 35.73
C GLN F 378 33.22 -26.23 35.31
N ALA F 379 34.16 -27.12 35.03
CA ALA F 379 35.49 -26.67 34.62
C ALA F 379 35.41 -25.92 33.30
N VAL F 380 34.52 -26.36 32.40
CA VAL F 380 34.44 -25.73 31.10
C VAL F 380 33.94 -24.31 31.22
N LEU F 381 32.82 -24.14 31.91
CA LEU F 381 32.31 -22.81 32.11
C LEU F 381 33.25 -21.93 32.96
N GLU F 382 33.97 -22.53 33.92
CA GLU F 382 34.92 -21.78 34.72
C GLU F 382 36.12 -21.28 33.95
N GLU F 383 36.53 -21.96 32.89
CA GLU F 383 37.89 -21.72 32.43
C GLU F 383 38.00 -20.58 31.42
N ASP F 384 36.90 -19.89 31.09
CA ASP F 384 36.97 -18.75 30.17
C ASP F 384 36.21 -17.53 30.65
N HIS F 385 35.59 -17.55 31.83
CA HIS F 385 34.91 -16.37 32.37
C HIS F 385 34.85 -16.45 33.89
N TYR F 386 35.65 -15.62 34.55
CA TYR F 386 35.61 -15.53 36.00
C TYR F 386 34.28 -14.97 36.52
N GLY F 387 33.89 -15.48 37.68
CA GLY F 387 32.81 -14.92 38.47
C GLY F 387 31.43 -15.34 38.06
N MET F 388 30.45 -14.48 38.39
CA MET F 388 29.01 -14.65 38.11
C MET F 388 28.53 -16.04 38.52
N GLU F 389 28.82 -16.37 39.79
CA GLU F 389 28.49 -17.69 40.34
C GLU F 389 27.01 -17.95 40.31
N ASP F 390 26.20 -16.92 40.51
CA ASP F 390 24.75 -17.10 40.63
C ASP F 390 24.21 -17.69 39.35
N VAL F 391 24.57 -17.10 38.22
CA VAL F 391 24.06 -17.57 36.94
C VAL F 391 24.61 -18.96 36.68
N LYS F 392 25.85 -19.22 37.11
CA LYS F 392 26.42 -20.54 36.96
C LYS F 392 25.64 -21.56 37.77
N LYS F 393 25.27 -21.19 38.99
CA LYS F 393 24.46 -22.07 39.81
C LYS F 393 23.11 -22.27 39.18
N ARG F 394 22.59 -21.24 38.50
CA ARG F 394 21.29 -21.38 37.88
C ARG F 394 21.34 -22.41 36.78
N ILE F 395 22.43 -22.41 36.05
CA ILE F 395 22.56 -23.41 35.00
C ILE F 395 22.73 -24.78 35.63
N LEU F 396 23.46 -24.85 36.74
CA LEU F 396 23.61 -26.12 37.45
C LEU F 396 22.27 -26.66 37.86
N GLU F 397 21.48 -25.80 38.47
CA GLU F 397 20.18 -26.21 38.93
C GLU F 397 19.26 -26.53 37.77
N PHE F 398 19.45 -25.87 36.63
CA PHE F 398 18.68 -26.22 35.45
C PHE F 398 19.03 -27.63 35.03
N ILE F 399 20.32 -27.95 35.05
CA ILE F 399 20.76 -29.30 34.70
C ILE F 399 20.14 -30.30 35.64
N ALA F 400 20.09 -29.95 36.92
CA ALA F 400 19.55 -30.83 37.94
C ALA F 400 18.10 -31.15 37.65
N VAL F 401 17.26 -30.10 37.65
CA VAL F 401 15.81 -30.29 37.49
C VAL F 401 15.48 -30.90 36.14
N SER F 402 16.31 -30.65 35.12
CA SER F 402 16.02 -31.23 33.83
C SER F 402 16.20 -32.73 33.89
N GLN F 403 17.30 -33.20 34.46
CA GLN F 403 17.46 -34.63 34.60
C GLN F 403 16.38 -35.20 35.50
N LEU F 404 16.23 -34.60 36.68
CA LEU F 404 15.40 -35.19 37.71
C LEU F 404 13.97 -35.24 37.27
N ARG F 405 13.52 -34.24 36.54
CA ARG F 405 12.24 -34.33 35.85
C ARG F 405 12.48 -34.82 34.43
N GLY F 406 13.23 -35.93 34.32
CA GLY F 406 13.43 -36.71 33.12
C GLY F 406 13.92 -35.85 31.98
N SER F 407 13.01 -35.66 31.03
CA SER F 407 13.37 -35.01 29.78
C SER F 407 13.92 -33.63 30.07
N THR F 408 14.97 -33.26 29.36
CA THR F 408 15.57 -31.96 29.55
C THR F 408 14.83 -30.96 28.68
N GLN F 409 13.63 -30.63 29.14
CA GLN F 409 12.82 -29.65 28.43
C GLN F 409 13.56 -28.33 28.35
N GLY F 410 13.42 -27.67 27.21
CA GLY F 410 14.08 -26.41 26.93
C GLY F 410 13.29 -25.16 27.29
N LYS F 411 13.73 -24.47 28.33
CA LYS F 411 13.09 -23.26 28.84
C LYS F 411 13.93 -22.02 28.60
N ILE F 412 13.24 -20.97 28.18
CA ILE F 412 13.88 -19.74 27.76
C ILE F 412 14.35 -18.98 28.99
N LEU F 413 15.36 -18.13 28.81
CA LEU F 413 15.73 -17.13 29.80
C LEU F 413 16.57 -16.04 29.11
N CYS F 414 16.55 -14.85 29.71
CA CYS F 414 17.05 -13.64 29.06
C CYS F 414 17.98 -12.87 29.99
N PHE F 415 19.27 -12.89 29.69
CA PHE F 415 20.20 -12.04 30.44
C PHE F 415 20.05 -10.57 30.11
N TYR F 416 20.43 -9.76 31.09
CA TYR F 416 20.42 -8.32 30.89
C TYR F 416 21.30 -7.61 31.88
N GLY F 417 21.90 -6.52 31.42
CA GLY F 417 22.79 -5.71 32.20
C GLY F 417 23.56 -4.73 31.34
N PRO F 418 24.55 -4.05 31.93
CA PRO F 418 25.30 -3.04 31.18
C PRO F 418 26.05 -3.65 30.02
N PRO F 419 26.22 -2.90 28.92
CA PRO F 419 26.82 -3.47 27.70
C PRO F 419 28.26 -3.89 27.94
N GLY F 420 28.68 -4.95 27.28
CA GLY F 420 30.06 -5.35 27.28
C GLY F 420 30.41 -6.34 28.34
N VAL F 421 29.54 -6.50 29.35
CA VAL F 421 29.84 -7.27 30.55
C VAL F 421 30.07 -8.77 30.26
N GLY F 422 29.89 -9.25 29.02
CA GLY F 422 30.08 -10.64 28.62
C GLY F 422 28.85 -11.50 28.44
N LYS F 423 27.64 -10.92 28.55
CA LYS F 423 26.41 -11.69 28.30
C LYS F 423 26.44 -12.43 26.98
N THR F 424 26.76 -11.72 25.93
CA THR F 424 26.93 -12.38 24.66
C THR F 424 28.11 -13.34 24.68
N SER F 425 29.15 -13.00 25.45
CA SER F 425 30.36 -13.78 25.34
C SER F 425 30.36 -15.04 26.16
N ILE F 426 29.38 -15.24 27.03
CA ILE F 426 29.33 -16.46 27.83
C ILE F 426 28.58 -17.56 27.08
N ALA F 427 27.59 -17.13 26.28
CA ALA F 427 26.58 -18.02 25.70
C ALA F 427 27.24 -19.17 24.98
N ARG F 428 28.25 -18.83 24.18
CA ARG F 428 28.93 -19.82 23.36
C ARG F 428 29.45 -20.95 24.24
N SER F 429 30.17 -20.59 25.30
CA SER F 429 30.75 -21.58 26.21
C SER F 429 29.65 -22.40 26.84
N ILE F 430 28.53 -21.74 27.16
CA ILE F 430 27.41 -22.44 27.76
C ILE F 430 26.90 -23.51 26.81
N ALA F 431 26.73 -23.15 25.54
CA ALA F 431 26.21 -24.14 24.61
C ALA F 431 27.19 -25.30 24.46
N ARG F 432 28.48 -25.00 24.60
CA ARG F 432 29.49 -26.04 24.53
C ARG F 432 29.61 -26.82 25.82
N ALA F 433 29.11 -26.26 26.91
CA ALA F 433 29.09 -26.93 28.19
C ALA F 433 27.85 -27.78 28.27
N LEU F 434 26.72 -27.24 27.82
CA LEU F 434 25.49 -28.00 27.80
C LEU F 434 25.50 -29.04 26.70
N ASN F 435 26.43 -28.93 25.75
CA ASN F 435 26.81 -29.89 24.73
C ASN F 435 25.85 -29.84 23.52
N ARG F 436 24.76 -29.07 23.57
CA ARG F 436 23.90 -28.92 22.40
C ARG F 436 24.47 -27.87 21.44
N GLU F 437 24.09 -27.97 20.16
CA GLU F 437 24.64 -27.07 19.15
C GLU F 437 24.19 -25.62 19.34
N TYR F 438 25.14 -24.71 19.17
CA TYR F 438 24.96 -23.28 19.38
C TYR F 438 24.41 -22.67 18.11
N PHE F 439 23.72 -21.55 18.26
CA PHE F 439 23.42 -20.71 17.11
C PHE F 439 22.85 -19.38 17.59
N ARG F 440 23.45 -18.31 17.11
CA ARG F 440 22.97 -16.99 17.47
C ARG F 440 21.99 -16.55 16.40
N PHE F 441 21.35 -15.43 16.63
CA PHE F 441 20.24 -15.07 15.78
C PHE F 441 20.04 -13.62 16.16
N SER F 442 20.04 -12.73 15.18
CA SER F 442 20.08 -11.29 15.43
C SER F 442 18.76 -10.76 14.90
N VAL F 443 17.75 -10.86 15.75
CA VAL F 443 16.45 -10.34 15.41
C VAL F 443 16.45 -8.82 15.32
N GLY F 444 17.42 -8.14 15.95
CA GLY F 444 17.39 -6.69 16.08
C GLY F 444 17.25 -6.01 14.73
N GLY F 445 16.24 -5.16 14.64
CA GLY F 445 15.94 -4.46 13.43
C GLY F 445 15.17 -5.27 12.40
N MET F 446 14.93 -6.56 12.67
CA MET F 446 14.18 -7.37 11.73
C MET F 446 12.76 -6.86 11.64
N THR F 447 12.17 -6.91 10.44
CA THR F 447 10.78 -6.52 10.24
C THR F 447 9.98 -7.57 9.51
N ASP F 448 10.57 -8.21 8.52
CA ASP F 448 9.87 -9.17 7.68
C ASP F 448 9.84 -10.52 8.37
N VAL F 449 8.64 -10.93 8.80
CA VAL F 449 8.48 -12.21 9.49
C VAL F 449 8.93 -13.37 8.60
N ALA F 450 8.89 -13.18 7.27
CA ALA F 450 9.18 -14.26 6.33
C ALA F 450 10.58 -14.81 6.55
N GLU F 451 11.50 -13.99 7.07
CA GLU F 451 12.84 -14.50 7.29
C GLU F 451 12.82 -15.68 8.28
N ILE F 452 11.94 -15.61 9.28
CA ILE F 452 11.72 -16.72 10.20
C ILE F 452 10.66 -17.71 9.71
N LYS F 453 9.95 -17.40 8.62
CA LYS F 453 8.79 -18.15 8.17
C LYS F 453 8.83 -18.64 6.72
N GLY F 454 9.63 -18.05 5.87
CA GLY F 454 9.62 -18.39 4.47
C GLY F 454 8.41 -17.85 3.71
N HIS F 455 8.11 -18.53 2.60
CA HIS F 455 7.09 -18.13 1.65
C HIS F 455 6.39 -19.36 1.05
N ARG F 456 5.32 -19.09 0.30
CA ARG F 456 4.34 -20.11 -0.09
C ARG F 456 4.89 -21.18 -1.02
N ARG F 457 6.07 -20.99 -1.60
CA ARG F 457 6.82 -21.83 -2.53
C ARG F 457 6.26 -21.78 -3.95
N THR F 458 5.06 -21.24 -4.18
CA THR F 458 4.64 -20.91 -5.53
C THR F 458 5.32 -19.64 -5.99
N TYR F 459 5.63 -18.76 -5.04
CA TYR F 459 6.31 -17.50 -5.31
C TYR F 459 7.72 -17.78 -5.78
N VAL F 460 8.20 -16.97 -6.73
CA VAL F 460 9.56 -17.14 -7.23
C VAL F 460 10.55 -16.86 -6.11
N GLY F 461 11.54 -17.73 -5.99
CA GLY F 461 12.65 -17.57 -5.05
C GLY F 461 12.36 -17.86 -3.59
N ALA F 462 11.21 -18.44 -3.27
CA ALA F 462 10.88 -18.66 -1.87
C ALA F 462 11.85 -19.66 -1.22
N MET F 463 12.19 -19.40 0.04
CA MET F 463 13.04 -20.24 0.86
C MET F 463 12.45 -20.35 2.25
N PRO F 464 12.68 -21.45 2.96
CA PRO F 464 12.06 -21.60 4.29
C PRO F 464 12.65 -20.63 5.29
N GLY F 465 11.85 -20.31 6.30
CA GLY F 465 12.28 -19.48 7.40
C GLY F 465 13.61 -19.86 8.03
N LYS F 466 14.24 -18.89 8.71
CA LYS F 466 15.63 -19.07 9.13
C LYS F 466 15.78 -20.15 10.19
N ILE F 467 14.82 -20.27 11.10
CA ILE F 467 15.03 -21.17 12.24
C ILE F 467 15.13 -22.61 11.74
N ILE F 468 14.40 -22.93 10.68
CA ILE F 468 14.53 -24.25 10.08
C ILE F 468 15.93 -24.41 9.52
N GLN F 469 16.50 -23.32 9.01
CA GLN F 469 17.88 -23.35 8.54
C GLN F 469 18.80 -23.62 9.72
N CYS F 470 18.48 -23.03 10.87
CA CYS F 470 19.29 -23.26 12.06
C CYS F 470 19.25 -24.71 12.45
N LEU F 471 18.08 -25.35 12.29
CA LEU F 471 18.00 -26.76 12.61
C LEU F 471 18.89 -27.54 11.67
N LYS F 472 18.74 -27.30 10.38
CA LYS F 472 19.49 -28.05 9.39
C LYS F 472 20.98 -27.82 9.57
N LYS F 473 21.36 -26.63 10.02
CA LYS F 473 22.77 -26.35 10.19
C LYS F 473 23.28 -27.01 11.44
N THR F 474 22.51 -26.91 12.51
CA THR F 474 22.93 -27.51 13.76
C THR F 474 22.82 -29.01 13.67
N LYS F 475 22.09 -29.53 12.68
CA LYS F 475 22.01 -30.95 12.43
C LYS F 475 21.41 -31.64 13.68
N THR F 476 20.54 -30.93 14.40
CA THR F 476 19.81 -31.47 15.54
C THR F 476 18.49 -30.73 15.70
N GLU F 477 17.57 -31.39 16.39
CA GLU F 477 16.31 -30.79 16.78
C GLU F 477 16.35 -30.19 18.17
N ASN F 478 17.49 -30.25 18.84
CA ASN F 478 17.67 -29.64 20.15
C ASN F 478 18.98 -28.84 20.20
N PRO F 479 19.08 -27.71 19.43
CA PRO F 479 20.23 -26.79 19.59
C PRO F 479 19.93 -25.64 20.53
N LEU F 480 20.96 -24.87 20.89
CA LEU F 480 20.83 -23.72 21.79
C LEU F 480 20.81 -22.50 20.88
N ILE F 481 19.64 -22.27 20.29
CA ILE F 481 19.43 -21.07 19.50
C ILE F 481 19.55 -19.90 20.43
N LEU F 482 20.12 -18.79 19.93
CA LEU F 482 20.36 -17.63 20.77
C LEU F 482 19.93 -16.37 20.03
N ILE F 483 18.70 -15.94 20.29
CA ILE F 483 18.30 -14.65 19.77
C ILE F 483 19.04 -13.63 20.62
N ASP F 484 19.28 -12.45 20.07
CA ASP F 484 20.05 -11.44 20.78
C ASP F 484 19.46 -10.06 20.65
N GLU F 485 19.56 -9.29 21.74
CA GLU F 485 19.14 -7.90 21.77
C GLU F 485 17.73 -7.75 21.23
N VAL F 486 16.84 -8.60 21.75
CA VAL F 486 15.45 -8.69 21.31
C VAL F 486 14.76 -7.35 21.47
N ASP F 487 15.19 -6.55 22.43
CA ASP F 487 14.53 -5.29 22.73
C ASP F 487 14.60 -4.30 21.57
N LYS F 488 15.51 -4.51 20.63
CA LYS F 488 15.71 -3.57 19.55
C LYS F 488 14.66 -3.71 18.47
N ILE F 489 13.78 -4.72 18.56
CA ILE F 489 12.72 -4.95 17.58
C ILE F 489 11.80 -3.75 17.53
N GLY F 490 11.44 -3.33 16.31
CA GLY F 490 10.58 -2.19 16.13
C GLY F 490 9.11 -2.56 15.97
N ARG F 491 8.82 -3.85 15.72
CA ARG F 491 7.46 -4.40 15.61
C ARG F 491 6.41 -3.50 14.96
N GLY F 492 6.75 -2.80 13.89
CA GLY F 492 5.87 -1.77 13.36
C GLY F 492 4.93 -2.29 12.28
N TYR F 493 4.59 -1.40 11.34
CA TYR F 493 3.60 -1.73 10.33
C TYR F 493 4.03 -2.91 9.47
N GLN F 494 3.08 -3.83 9.23
CA GLN F 494 3.23 -5.00 8.34
C GLN F 494 4.49 -5.84 8.63
N GLY F 495 5.10 -5.67 9.80
CA GLY F 495 6.32 -6.31 10.22
C GLY F 495 5.94 -7.21 11.35
N ASP F 496 5.98 -6.68 12.58
CA ASP F 496 5.50 -7.42 13.75
C ASP F 496 6.18 -8.77 13.95
N PRO F 497 7.51 -8.90 13.86
CA PRO F 497 8.11 -10.18 14.24
C PRO F 497 7.80 -10.59 15.65
N SER F 498 7.61 -9.63 16.57
CA SER F 498 7.43 -10.00 17.98
C SER F 498 6.25 -10.95 18.16
N SER F 499 5.21 -10.83 17.33
CA SER F 499 4.13 -11.80 17.39
C SER F 499 4.62 -13.18 17.00
N ALA F 500 5.46 -13.24 15.96
CA ALA F 500 6.05 -14.51 15.56
C ALA F 500 6.92 -15.05 16.67
N LEU F 501 7.60 -14.14 17.38
CA LEU F 501 8.40 -14.55 18.53
C LEU F 501 7.50 -15.18 19.58
N LEU F 502 6.38 -14.52 19.90
CA LEU F 502 5.48 -15.07 20.90
C LEU F 502 4.97 -16.43 20.49
N GLU F 503 4.78 -16.64 19.19
CA GLU F 503 4.46 -17.96 18.69
C GLU F 503 5.64 -18.93 18.92
N LEU F 504 6.87 -18.43 18.77
CA LEU F 504 8.04 -19.30 18.91
C LEU F 504 8.35 -19.65 20.36
N LEU F 505 8.25 -18.69 21.25
CA LEU F 505 8.55 -18.88 22.66
C LEU F 505 7.41 -19.52 23.41
N ASP F 506 6.26 -19.70 22.76
CA ASP F 506 5.10 -20.29 23.39
C ASP F 506 5.49 -21.70 23.83
N PRO F 507 5.24 -22.11 25.09
CA PRO F 507 5.72 -23.43 25.53
C PRO F 507 5.21 -24.59 24.71
N GLU F 508 4.02 -24.46 24.14
CA GLU F 508 3.37 -25.53 23.40
C GLU F 508 3.26 -25.26 21.90
N GLN F 509 2.93 -24.03 21.46
CA GLN F 509 2.79 -23.84 20.01
C GLN F 509 4.09 -24.11 19.27
N ASN F 510 5.22 -23.91 19.94
CA ASN F 510 6.49 -24.29 19.32
C ASN F 510 6.53 -25.79 19.03
N ALA F 511 5.79 -26.61 19.81
CA ALA F 511 5.72 -28.05 19.58
C ALA F 511 5.11 -28.37 18.22
N ASN F 512 4.30 -27.48 17.68
CA ASN F 512 3.61 -27.69 16.42
C ASN F 512 3.74 -26.46 15.54
N PHE F 513 4.84 -25.73 15.71
CA PHE F 513 5.06 -24.56 14.89
C PHE F 513 5.18 -25.00 13.45
N LEU F 514 4.78 -24.12 12.54
CA LEU F 514 4.85 -24.39 11.13
C LEU F 514 5.11 -23.06 10.47
N ASP F 515 5.94 -23.08 9.43
CA ASP F 515 6.31 -21.91 8.68
C ASP F 515 5.44 -21.78 7.42
N HIS F 516 5.47 -20.60 6.81
CA HIS F 516 4.73 -20.41 5.56
C HIS F 516 5.24 -21.30 4.44
N TYR F 517 6.52 -21.68 4.48
CA TYR F 517 7.10 -22.50 3.41
C TYR F 517 6.77 -23.96 3.65
N LEU F 518 7.31 -24.53 4.72
CA LEU F 518 6.95 -25.85 5.18
C LEU F 518 5.82 -25.75 6.18
N ASP F 519 4.65 -26.18 5.74
CA ASP F 519 3.41 -25.97 6.48
C ASP F 519 3.20 -27.04 7.54
N VAL F 520 4.05 -28.07 7.63
CA VAL F 520 3.90 -29.12 8.62
C VAL F 520 4.15 -28.53 10.01
N PRO F 521 3.46 -28.99 11.07
CA PRO F 521 3.90 -28.63 12.43
C PRO F 521 5.28 -29.21 12.72
N VAL F 522 6.06 -28.54 13.58
CA VAL F 522 7.37 -29.06 13.96
C VAL F 522 7.55 -28.93 15.47
N ASP F 523 8.27 -29.90 16.05
CA ASP F 523 8.50 -29.95 17.49
C ASP F 523 9.65 -29.04 17.93
N LEU F 524 9.36 -28.07 18.80
CA LEU F 524 10.36 -27.16 19.34
C LEU F 524 10.11 -26.96 20.85
N SER F 525 9.95 -28.04 21.61
CA SER F 525 9.84 -27.94 23.07
C SER F 525 11.16 -28.17 23.80
N LYS F 526 11.98 -29.08 23.30
CA LYS F 526 13.22 -29.41 23.98
C LYS F 526 14.29 -28.35 23.76
N VAL F 527 14.18 -27.56 22.68
CA VAL F 527 15.13 -26.50 22.43
C VAL F 527 15.06 -25.46 23.54
N LEU F 528 16.22 -25.08 24.04
CA LEU F 528 16.37 -24.17 25.17
C LEU F 528 16.86 -22.82 24.63
N PHE F 529 15.93 -21.90 24.38
CA PHE F 529 16.32 -20.59 23.86
C PHE F 529 17.00 -19.79 24.95
N ILE F 530 17.80 -18.82 24.52
CA ILE F 530 18.38 -17.82 25.41
C ILE F 530 18.18 -16.50 24.69
N CYS F 531 18.24 -15.42 25.46
CA CYS F 531 18.10 -14.07 24.93
C CYS F 531 18.97 -13.14 25.74
N THR F 532 19.22 -11.96 25.17
CA THR F 532 20.00 -10.95 25.87
C THR F 532 19.47 -9.60 25.45
N ALA F 533 19.65 -8.63 26.35
CA ALA F 533 19.26 -7.25 26.05
C ALA F 533 19.90 -6.36 27.11
N ASN F 534 20.22 -5.12 26.73
CA ASN F 534 20.81 -4.22 27.70
C ASN F 534 19.84 -3.65 28.72
N VAL F 535 18.54 -3.75 28.49
CA VAL F 535 17.56 -3.27 29.45
C VAL F 535 16.25 -3.96 29.18
N THR F 536 15.54 -4.27 30.25
CA THR F 536 14.29 -5.02 30.17
C THR F 536 13.08 -4.15 29.85
N ASP F 537 13.23 -2.84 29.78
CA ASP F 537 12.06 -1.98 29.73
C ASP F 537 11.37 -1.97 28.37
N THR F 538 12.13 -1.84 27.29
CA THR F 538 11.52 -1.66 25.98
C THR F 538 10.96 -2.93 25.34
N ILE F 539 11.29 -4.11 25.83
CA ILE F 539 10.77 -5.33 25.20
C ILE F 539 9.26 -5.39 25.40
N PRO F 540 8.45 -5.79 24.41
CA PRO F 540 7.01 -5.84 24.64
C PRO F 540 6.72 -6.82 25.77
N GLU F 541 5.76 -6.44 26.62
CA GLU F 541 5.49 -7.24 27.81
C GLU F 541 5.08 -8.68 27.49
N PRO F 542 4.16 -8.97 26.56
CA PRO F 542 3.75 -10.38 26.39
C PRO F 542 4.91 -11.30 26.08
N LEU F 543 5.89 -10.82 25.32
CA LEU F 543 7.11 -11.60 25.22
C LEU F 543 7.85 -11.61 26.56
N ARG F 544 7.81 -10.50 27.30
CA ARG F 544 8.57 -10.39 28.54
C ARG F 544 8.11 -11.36 29.62
N ASP F 545 6.84 -11.73 29.64
CA ASP F 545 6.32 -12.55 30.72
C ASP F 545 6.87 -13.98 30.74
N ARG F 546 7.26 -14.50 29.58
CA ARG F 546 7.30 -15.92 29.35
C ARG F 546 8.58 -16.60 29.84
N MET F 547 9.53 -15.85 30.39
CA MET F 547 10.77 -16.46 30.86
C MET F 547 11.38 -15.66 32.00
N GLU F 548 12.11 -16.40 32.84
CA GLU F 548 12.91 -15.79 33.89
C GLU F 548 14.07 -15.03 33.27
N MET F 549 14.53 -14.01 33.99
CA MET F 549 15.51 -13.05 33.48
C MET F 549 16.66 -12.96 34.47
N ILE F 550 17.66 -13.84 34.35
CA ILE F 550 18.82 -13.70 35.20
C ILE F 550 19.45 -12.34 34.94
N ASN F 551 19.97 -11.72 35.97
CA ASN F 551 20.52 -10.37 35.86
C ASN F 551 22.02 -10.48 36.03
N VAL F 552 22.72 -10.66 34.93
CA VAL F 552 24.15 -10.41 34.99
C VAL F 552 24.32 -8.90 35.18
N SER F 553 25.35 -8.51 35.93
CA SER F 553 25.63 -7.08 36.11
C SER F 553 26.92 -6.90 36.88
N GLY F 554 27.62 -5.82 36.53
CA GLY F 554 28.67 -5.27 37.34
C GLY F 554 29.99 -6.00 37.17
N TYR F 555 31.05 -5.35 37.64
CA TYR F 555 32.38 -5.94 37.81
C TYR F 555 33.19 -5.03 38.73
N VAL F 556 33.52 -5.52 39.92
CA VAL F 556 34.30 -4.72 40.86
C VAL F 556 35.73 -4.58 40.32
N ALA F 557 36.36 -3.45 40.65
CA ALA F 557 37.64 -3.12 40.06
C ALA F 557 38.71 -4.17 40.36
N GLN F 558 38.63 -4.81 41.52
CA GLN F 558 39.56 -5.89 41.84
C GLN F 558 39.34 -7.08 40.89
N GLU F 559 38.08 -7.50 40.72
CA GLU F 559 37.79 -8.61 39.83
C GLU F 559 38.18 -8.29 38.40
N LYS F 560 37.96 -7.05 38.00
CA LYS F 560 38.30 -6.66 36.65
C LYS F 560 39.80 -6.70 36.45
N LEU F 561 40.56 -6.30 37.47
CA LEU F 561 42.01 -6.40 37.40
C LEU F 561 42.46 -7.84 37.27
N ALA F 562 41.82 -8.74 38.02
CA ALA F 562 42.18 -10.16 37.94
C ALA F 562 41.90 -10.70 36.54
N ILE F 563 40.68 -10.47 36.05
CA ILE F 563 40.27 -10.96 34.73
C ILE F 563 41.23 -10.44 33.69
N ALA F 564 41.56 -9.14 33.75
CA ALA F 564 42.40 -8.54 32.74
C ALA F 564 43.74 -9.22 32.70
N GLU F 565 44.42 -9.30 33.85
CA GLU F 565 45.79 -9.79 33.82
C GLU F 565 45.84 -11.24 33.40
N ARG F 566 44.77 -12.00 33.65
CA ARG F 566 44.81 -13.43 33.40
C ARG F 566 44.08 -13.82 32.13
N TYR F 567 43.13 -13.01 31.67
CA TYR F 567 42.36 -13.31 30.47
C TYR F 567 42.56 -12.26 29.39
N LEU F 568 42.39 -10.97 29.69
CA LEU F 568 42.48 -9.98 28.61
C LEU F 568 43.89 -9.92 28.13
N VAL F 569 44.80 -9.71 29.07
CA VAL F 569 46.17 -9.43 28.72
C VAL F 569 46.71 -10.56 27.84
N PRO F 570 46.63 -11.84 28.26
CA PRO F 570 47.10 -12.90 27.36
C PRO F 570 46.35 -12.93 26.04
N GLN F 571 45.05 -12.61 26.09
CA GLN F 571 44.21 -12.68 24.90
C GLN F 571 44.62 -11.66 23.87
N ALA F 572 44.66 -10.41 24.29
CA ALA F 572 45.08 -9.36 23.40
C ALA F 572 46.53 -9.54 23.00
N ARG F 573 47.33 -10.18 23.84
CA ARG F 573 48.72 -10.36 23.48
C ARG F 573 48.86 -11.39 22.37
N ALA F 574 48.11 -12.49 22.45
CA ALA F 574 48.11 -13.39 21.33
C ALA F 574 47.48 -12.77 20.11
N LEU F 575 46.47 -11.92 20.27
CA LEU F 575 45.90 -11.27 19.11
C LEU F 575 46.84 -10.25 18.46
N CYS F 576 47.68 -9.56 19.24
CA CYS F 576 48.67 -8.60 18.75
C CYS F 576 50.09 -9.11 18.60
N GLY F 577 50.41 -10.34 18.96
CA GLY F 577 51.69 -10.90 18.58
C GLY F 577 52.89 -10.42 19.39
N LEU F 578 52.70 -9.45 20.29
CA LEU F 578 53.78 -8.98 21.14
C LEU F 578 54.27 -10.12 22.01
N ASP F 579 55.58 -10.21 22.19
CA ASP F 579 56.08 -11.26 23.04
C ASP F 579 55.67 -10.99 24.46
N GLU F 580 55.52 -12.07 25.22
CA GLU F 580 55.21 -11.92 26.63
C GLU F 580 56.30 -11.14 27.35
N SER F 581 57.53 -11.28 26.88
CA SER F 581 58.68 -10.60 27.47
C SER F 581 58.74 -9.14 27.07
N LYS F 582 58.54 -8.89 25.78
CA LYS F 582 58.93 -7.62 25.19
C LYS F 582 58.11 -6.49 25.74
N ALA F 583 56.85 -6.74 26.10
CA ALA F 583 55.97 -5.66 26.55
C ALA F 583 55.49 -6.06 27.93
N LYS F 584 56.37 -5.80 28.89
CA LYS F 584 56.08 -6.04 30.30
C LYS F 584 55.02 -5.04 30.74
N LEU F 585 54.07 -5.47 31.57
CA LEU F 585 53.08 -4.56 32.16
C LEU F 585 52.86 -4.86 33.63
N SER F 586 53.29 -3.96 34.50
CA SER F 586 53.04 -4.19 35.91
C SER F 586 51.56 -4.10 36.21
N SER F 587 51.19 -4.83 37.27
CA SER F 587 49.90 -4.64 37.90
C SER F 587 49.73 -3.24 38.45
N ASP F 588 50.82 -2.57 38.81
CA ASP F 588 50.75 -1.21 39.32
C ASP F 588 50.20 -0.25 38.29
N VAL F 589 50.79 -0.28 37.09
CA VAL F 589 50.37 0.65 36.05
C VAL F 589 48.92 0.40 35.72
N LEU F 590 48.54 -0.86 35.74
CA LEU F 590 47.17 -1.23 35.50
C LEU F 590 46.28 -0.73 36.62
N THR F 591 46.79 -0.77 37.86
CA THR F 591 46.04 -0.27 39.00
C THR F 591 45.76 1.21 38.84
N LEU F 592 46.72 1.91 38.27
CA LEU F 592 46.55 3.34 38.08
C LEU F 592 45.48 3.58 37.05
N LEU F 593 45.54 2.81 35.95
CA LEU F 593 44.55 2.98 34.91
C LEU F 593 43.16 2.64 35.41
N ILE F 594 43.08 1.74 36.38
CA ILE F 594 41.79 1.40 36.96
C ILE F 594 41.31 2.52 37.87
N LYS F 595 42.19 3.00 38.75
CA LYS F 595 41.74 3.99 39.73
C LYS F 595 41.34 5.28 39.06
N GLN F 596 42.03 5.63 37.98
CA GLN F 596 41.86 6.95 37.41
C GLN F 596 40.97 7.00 36.20
N TYR F 597 40.84 5.91 35.42
CA TYR F 597 40.12 6.00 34.14
C TYR F 597 38.87 5.14 34.05
N CYS F 598 38.98 3.82 34.17
CA CYS F 598 37.85 2.92 33.90
C CYS F 598 37.14 2.61 35.20
N ARG F 599 36.11 3.40 35.50
CA ARG F 599 35.28 3.17 36.65
C ARG F 599 33.85 3.02 36.16
N GLU F 600 33.54 1.82 35.66
CA GLU F 600 32.22 1.47 35.15
C GLU F 600 32.15 -0.04 34.94
N SER F 601 30.92 -0.54 34.80
CA SER F 601 30.67 -1.99 34.78
C SER F 601 31.28 -2.71 33.59
N GLY F 602 31.36 -2.08 32.42
CA GLY F 602 31.80 -2.79 31.24
C GLY F 602 33.28 -3.14 31.25
N VAL F 603 33.61 -4.18 30.48
CA VAL F 603 35.00 -4.59 30.28
C VAL F 603 35.65 -4.03 29.02
N ARG F 604 34.87 -3.63 28.01
CA ARG F 604 35.44 -3.27 26.71
C ARG F 604 36.40 -2.08 26.79
N ASN F 605 36.07 -1.07 27.58
CA ASN F 605 36.85 0.16 27.57
C ASN F 605 38.27 -0.12 28.05
N LEU F 606 38.39 -0.98 29.05
CA LEU F 606 39.68 -1.43 29.52
C LEU F 606 40.42 -2.16 28.42
N GLN F 607 39.67 -2.90 27.61
CA GLN F 607 40.27 -3.59 26.49
C GLN F 607 40.87 -2.56 25.55
N LYS F 608 40.19 -1.43 25.39
CA LYS F 608 40.69 -0.37 24.51
C LYS F 608 41.99 0.17 25.07
N GLN F 609 42.05 0.31 26.40
CA GLN F 609 43.24 0.86 27.04
C GLN F 609 44.43 -0.05 26.86
N VAL F 610 44.25 -1.34 27.14
CA VAL F 610 45.36 -2.27 27.00
C VAL F 610 45.82 -2.26 25.56
N GLU F 611 44.88 -2.21 24.62
CA GLU F 611 45.28 -2.16 23.22
C GLU F 611 46.08 -0.91 22.92
N LYS F 612 45.68 0.22 23.51
CA LYS F 612 46.39 1.46 23.22
C LYS F 612 47.83 1.35 23.64
N VAL F 613 48.05 0.85 24.85
CA VAL F 613 49.43 0.78 25.32
C VAL F 613 50.20 -0.24 24.50
N LEU F 614 49.55 -1.35 24.15
CA LEU F 614 50.22 -2.38 23.37
C LEU F 614 50.56 -1.83 22.01
N ARG F 615 49.66 -1.02 21.47
CA ARG F 615 49.90 -0.40 20.19
C ARG F 615 51.13 0.47 20.29
N LYS F 616 51.17 1.35 21.28
CA LYS F 616 52.28 2.29 21.36
C LYS F 616 53.60 1.57 21.56
N SER F 617 53.57 0.47 22.31
CA SER F 617 54.76 -0.34 22.42
C SER F 617 55.14 -0.98 21.09
N ALA F 618 54.14 -1.38 20.28
CA ALA F 618 54.44 -1.99 19.00
C ALA F 618 55.10 -1.02 18.06
N TYR F 619 54.60 0.21 17.99
CA TYR F 619 55.23 1.18 17.11
C TYR F 619 56.61 1.55 17.60
N LYS F 620 56.78 1.63 18.92
CA LYS F 620 58.10 1.99 19.40
C LYS F 620 59.10 0.89 19.13
N ILE F 621 58.66 -0.34 18.96
CA ILE F 621 59.60 -1.37 18.55
C ILE F 621 59.77 -1.32 17.06
N VAL F 622 58.66 -1.13 16.35
CA VAL F 622 58.66 -1.29 14.91
C VAL F 622 59.50 -0.23 14.27
N SER F 623 59.57 0.96 14.86
CA SER F 623 60.41 2.00 14.31
C SER F 623 61.17 2.84 15.32
N GLY F 624 61.01 2.63 16.62
CA GLY F 624 61.86 3.39 17.50
C GLY F 624 63.26 2.82 17.57
N GLU F 625 63.78 2.80 18.79
CA GLU F 625 65.16 2.42 19.12
C GLU F 625 65.21 1.26 20.11
N ALA F 626 64.43 1.31 21.20
CA ALA F 626 64.54 0.32 22.26
C ALA F 626 64.12 -1.04 21.72
N GLU F 627 64.78 -2.09 22.21
CA GLU F 627 64.31 -3.43 21.93
C GLU F 627 63.15 -3.86 22.82
N SER F 628 62.79 -3.08 23.83
CA SER F 628 61.62 -3.35 24.65
C SER F 628 61.21 -2.02 25.25
N VAL F 629 59.90 -1.77 25.38
CA VAL F 629 59.48 -0.64 26.18
C VAL F 629 59.46 -1.10 27.62
N GLU F 630 59.54 -0.15 28.55
CA GLU F 630 59.43 -0.44 29.98
C GLU F 630 58.64 0.70 30.61
N VAL F 631 57.34 0.50 30.61
CA VAL F 631 56.38 1.48 31.08
C VAL F 631 56.37 1.46 32.60
N THR F 632 56.54 2.62 33.19
CA THR F 632 56.39 2.84 34.61
C THR F 632 55.40 3.99 34.73
N PRO F 633 54.65 4.10 35.83
CA PRO F 633 53.53 5.07 35.88
C PRO F 633 53.96 6.49 35.61
N GLU F 634 55.18 6.85 36.00
CA GLU F 634 55.68 8.17 35.67
C GLU F 634 55.76 8.32 34.15
N ASN F 635 56.08 7.24 33.43
CA ASN F 635 56.07 7.34 31.97
C ASN F 635 54.65 7.45 31.44
N LEU F 636 53.67 6.90 32.18
CA LEU F 636 52.33 6.64 31.63
C LEU F 636 51.68 7.89 31.11
N GLN F 637 52.05 9.04 31.71
CA GLN F 637 51.36 10.30 31.46
C GLN F 637 51.37 10.63 29.98
N ASP F 638 52.41 10.20 29.25
CA ASP F 638 52.49 10.53 27.82
C ASP F 638 51.75 9.49 27.00
N PHE F 639 51.69 8.25 27.49
CA PHE F 639 51.06 7.19 26.71
C PHE F 639 49.55 7.32 26.80
N VAL F 640 49.00 7.47 28.01
CA VAL F 640 47.57 7.75 28.14
C VAL F 640 47.26 9.23 28.02
N GLY F 641 48.26 10.10 28.03
CA GLY F 641 47.94 11.49 27.88
C GLY F 641 47.34 11.99 29.19
N LYS F 642 46.49 13.01 29.06
CA LYS F 642 45.96 13.72 30.21
C LYS F 642 45.07 12.76 31.02
N PRO F 643 45.29 12.57 32.33
CA PRO F 643 44.30 11.82 33.09
C PRO F 643 42.95 12.51 33.08
N VAL F 644 41.91 11.69 33.06
CA VAL F 644 40.55 12.20 33.06
C VAL F 644 40.16 12.59 34.47
N PHE F 645 40.12 11.62 35.36
CA PHE F 645 39.77 11.86 36.74
C PHE F 645 40.98 12.46 37.45
N THR F 646 40.72 13.26 38.47
CA THR F 646 41.74 13.90 39.27
C THR F 646 41.91 13.09 40.55
N VAL F 647 43.17 12.88 40.96
CA VAL F 647 43.37 12.13 42.18
C VAL F 647 42.92 13.00 43.34
N GLU F 648 42.47 12.35 44.41
CA GLU F 648 41.92 13.11 45.51
C GLU F 648 43.02 13.81 46.28
N ARG F 649 42.70 14.96 46.86
CA ARG F 649 43.67 15.70 47.66
C ARG F 649 43.78 14.88 48.94
N MET F 650 44.58 13.80 48.88
CA MET F 650 44.63 12.85 49.99
C MET F 650 45.28 13.51 51.18
N TYR F 651 44.46 13.99 52.10
CA TYR F 651 44.97 14.56 53.33
C TYR F 651 45.37 13.40 54.23
N ASP F 652 46.33 13.65 55.11
CA ASP F 652 46.92 12.61 55.95
C ASP F 652 46.22 12.38 57.29
N VAL F 653 46.19 13.41 58.13
CA VAL F 653 45.67 13.33 59.50
C VAL F 653 44.38 14.13 59.70
N THR F 654 43.77 14.61 58.64
CA THR F 654 42.45 15.24 58.67
C THR F 654 42.36 16.45 59.59
N PRO F 655 42.94 17.59 59.20
CA PRO F 655 42.80 18.80 60.01
C PRO F 655 41.34 19.19 60.06
N PRO F 656 40.90 19.85 61.15
CA PRO F 656 39.45 19.88 61.42
C PRO F 656 38.66 20.53 60.29
N GLY F 657 37.51 19.94 60.04
CA GLY F 657 36.71 20.24 58.90
C GLY F 657 36.97 19.38 57.69
N VAL F 658 37.71 18.27 57.83
CA VAL F 658 37.90 17.29 56.76
C VAL F 658 38.01 15.96 57.46
N VAL F 659 37.51 14.90 56.83
CA VAL F 659 37.65 13.58 57.41
C VAL F 659 37.40 12.54 56.33
N MET F 660 38.05 11.38 56.46
CA MET F 660 37.81 10.34 55.50
C MET F 660 36.42 9.78 55.78
N GLY F 661 35.75 9.36 54.73
CA GLY F 661 34.43 8.78 54.85
C GLY F 661 34.23 7.74 53.78
N LEU F 662 33.88 6.55 54.24
CA LEU F 662 33.68 5.43 53.32
C LEU F 662 32.49 5.69 52.44
N ALA F 663 32.59 5.23 51.19
CA ALA F 663 31.48 5.37 50.27
C ALA F 663 31.41 4.09 49.46
N TRP F 664 30.19 3.60 49.29
CA TRP F 664 29.94 2.40 48.51
C TRP F 664 29.67 2.92 47.13
N THR F 665 30.74 3.10 46.36
CA THR F 665 30.56 3.58 45.00
C THR F 665 29.78 2.52 44.18
N ALA F 666 29.59 2.81 42.89
CA ALA F 666 28.86 1.87 42.05
C ALA F 666 29.57 0.52 41.94
N MET F 667 30.90 0.51 42.05
CA MET F 667 31.70 -0.72 42.05
C MET F 667 32.75 -0.60 43.15
N GLY F 668 32.68 -1.48 44.14
CA GLY F 668 33.60 -1.37 45.23
C GLY F 668 33.25 -0.17 46.10
N GLY F 669 34.25 0.27 46.85
CA GLY F 669 34.11 1.42 47.72
C GLY F 669 35.37 2.27 47.68
N SER F 670 35.25 3.50 48.17
CA SER F 670 36.37 4.42 48.15
C SER F 670 36.32 5.33 49.37
N THR F 671 37.51 5.75 49.81
CA THR F 671 37.62 6.61 51.00
C THR F 671 37.50 8.08 50.62
N LEU F 672 36.28 8.48 50.30
CA LEU F 672 36.05 9.85 49.89
C LEU F 672 36.28 10.75 51.10
N PHE F 673 37.01 11.84 50.94
CA PHE F 673 37.27 12.73 52.08
C PHE F 673 36.17 13.78 52.04
N VAL F 674 35.25 13.75 52.99
CA VAL F 674 34.35 14.88 53.14
C VAL F 674 35.13 16.09 53.61
N GLU F 675 34.85 17.24 53.00
CA GLU F 675 35.47 18.53 53.28
C GLU F 675 34.42 19.51 53.74
N THR F 676 34.75 20.26 54.78
CA THR F 676 33.88 21.26 55.35
C THR F 676 34.68 22.46 55.79
N SER F 677 34.14 23.65 55.55
CA SER F 677 34.87 24.84 55.91
C SER F 677 33.91 26.00 55.90
N LEU F 678 34.18 26.95 56.78
CA LEU F 678 33.49 28.23 56.76
C LEU F 678 33.77 28.88 55.42
N ARG F 679 32.72 29.40 54.77
CA ARG F 679 32.86 29.92 53.41
C ARG F 679 32.70 31.42 53.27
N ARG F 680 32.29 32.11 54.31
CA ARG F 680 32.09 33.53 54.24
C ARG F 680 32.08 33.88 55.71
N PRO F 681 32.71 34.97 56.14
CA PRO F 681 32.95 35.15 57.57
C PRO F 681 31.68 35.23 58.40
N GLN F 682 31.75 34.65 59.59
CA GLN F 682 30.60 34.54 60.47
C GLN F 682 30.10 35.90 60.89
N ASP F 683 30.95 36.92 60.85
CA ASP F 683 30.76 38.14 61.62
C ASP F 683 30.10 39.20 60.76
N LYS F 684 29.10 38.78 59.98
CA LYS F 684 28.29 39.73 59.23
C LYS F 684 27.70 40.82 60.12
N ASP F 685 27.45 40.51 61.38
CA ASP F 685 27.23 41.49 62.43
C ASP F 685 27.35 40.78 63.78
N ALA F 686 27.96 41.46 64.74
CA ALA F 686 28.05 40.87 66.07
C ALA F 686 26.68 40.72 66.70
N LYS F 687 25.78 41.66 66.42
CA LYS F 687 24.40 41.56 66.88
C LYS F 687 23.54 40.73 65.93
N GLY F 688 24.01 40.43 64.72
CA GLY F 688 23.18 39.76 63.72
C GLY F 688 22.73 38.38 64.16
N ASP F 689 21.44 38.11 64.04
CA ASP F 689 20.86 36.79 64.34
C ASP F 689 20.87 35.82 63.16
N LYS F 690 21.42 36.20 62.01
CA LYS F 690 21.25 35.41 60.80
C LYS F 690 21.81 33.99 60.90
N ASP F 691 21.09 33.05 60.29
CA ASP F 691 21.50 31.65 60.28
C ASP F 691 22.68 31.47 59.34
N GLY F 692 23.47 30.44 59.61
CA GLY F 692 24.49 30.02 58.67
C GLY F 692 24.00 29.16 57.52
N SER F 693 23.32 29.78 56.54
CA SER F 693 22.84 29.04 55.39
C SER F 693 23.98 28.39 54.63
N LEU F 694 23.79 27.13 54.28
CA LEU F 694 24.79 26.35 53.59
C LEU F 694 24.55 26.45 52.09
N GLU F 695 25.64 26.30 51.36
CA GLU F 695 25.65 26.32 49.91
C GLU F 695 26.38 25.04 49.56
N VAL F 696 25.60 23.98 49.44
CA VAL F 696 26.10 22.67 49.09
C VAL F 696 26.65 22.61 47.68
N THR F 697 27.61 21.72 47.49
CA THR F 697 28.16 21.43 46.18
C THR F 697 28.56 19.97 46.18
N GLY F 698 28.90 19.48 45.00
CA GLY F 698 29.07 18.07 44.78
C GLY F 698 27.80 17.46 44.21
N GLN F 699 27.26 18.00 43.12
CA GLN F 699 26.07 17.49 42.41
C GLN F 699 24.94 17.17 43.40
N LEU F 700 24.46 18.23 44.03
CA LEU F 700 23.39 18.13 45.02
C LEU F 700 22.10 17.54 44.45
N GLY F 701 21.48 16.53 45.16
CA GLY F 701 20.12 16.16 44.85
C GLY F 701 19.11 16.95 45.69
N GLU F 702 17.85 16.96 45.26
CA GLU F 702 16.82 17.64 46.05
C GLU F 702 16.58 16.97 47.39
N VAL F 703 16.64 15.64 47.43
CA VAL F 703 16.40 14.95 48.67
C VAL F 703 17.60 15.10 49.57
N MET F 704 18.80 14.96 49.02
CA MET F 704 19.97 15.07 49.85
C MET F 704 20.09 16.49 50.36
N LYS F 705 19.57 17.46 49.58
CA LYS F 705 19.54 18.84 50.03
C LYS F 705 18.76 18.91 51.32
N GLU F 706 17.58 18.29 51.34
CA GLU F 706 16.79 18.34 52.56
C GLU F 706 17.51 17.58 53.66
N SER F 707 18.20 16.50 53.30
CA SER F 707 18.95 15.71 54.26
C SER F 707 20.04 16.56 54.88
N ALA F 708 20.67 17.39 54.07
CA ALA F 708 21.70 18.26 54.59
C ALA F 708 21.06 19.25 55.54
N ARG F 709 19.85 19.74 55.21
CA ARG F 709 19.21 20.66 56.15
C ARG F 709 18.85 19.95 57.43
N ILE F 710 18.52 18.67 57.33
CA ILE F 710 18.29 17.86 58.52
C ILE F 710 19.57 17.86 59.33
N ALA F 711 20.70 17.61 58.69
CA ALA F 711 21.96 17.61 59.41
C ALA F 711 22.23 19.00 60.01
N TYR F 712 21.80 20.06 59.33
CA TYR F 712 22.02 21.39 59.86
C TYR F 712 21.27 21.64 61.14
N THR F 713 19.97 21.40 61.09
CA THR F 713 19.15 21.60 62.27
C THR F 713 19.51 20.65 63.39
N PHE F 714 19.87 19.41 63.06
CA PHE F 714 20.19 18.48 64.13
C PHE F 714 21.49 18.90 64.77
N ALA F 715 22.49 19.27 63.95
CA ALA F 715 23.76 19.70 64.50
C ALA F 715 23.55 20.92 65.35
N ARG F 716 22.62 21.78 64.94
CA ARG F 716 22.34 22.98 65.72
C ARG F 716 21.78 22.57 67.06
N ALA F 717 20.77 21.69 67.05
CA ALA F 717 20.17 21.24 68.29
C ALA F 717 21.19 20.51 69.15
N PHE F 718 22.09 19.77 68.52
CA PHE F 718 23.08 19.02 69.28
C PHE F 718 24.00 20.00 69.98
N LEU F 719 24.43 21.02 69.26
CA LEU F 719 25.33 21.96 69.90
C LEU F 719 24.63 22.67 71.03
N MET F 720 23.33 22.90 70.89
CA MET F 720 22.60 23.40 72.03
C MET F 720 22.57 22.35 73.14
N GLN F 721 22.46 21.08 72.76
CA GLN F 721 22.38 20.01 73.75
C GLN F 721 23.66 19.89 74.53
N HIS F 722 24.78 20.18 73.87
CA HIS F 722 26.08 19.88 74.41
C HIS F 722 26.68 21.07 75.15
N ALA F 723 26.94 22.16 74.44
CA ALA F 723 27.60 23.35 74.99
C ALA F 723 26.87 24.63 74.61
N PRO F 724 25.85 25.05 75.38
CA PRO F 724 24.96 26.13 74.92
C PRO F 724 25.68 27.44 74.58
N ALA F 725 26.76 27.78 75.31
CA ALA F 725 27.49 29.03 75.08
C ALA F 725 28.03 29.13 73.66
N ASN F 726 28.31 28.00 73.04
CA ASN F 726 28.69 27.97 71.64
C ASN F 726 27.54 28.45 70.78
N ASP F 727 27.86 29.30 69.81
CA ASP F 727 26.89 29.75 68.83
C ASP F 727 27.46 29.86 67.42
N TYR F 728 28.77 29.62 67.23
CA TYR F 728 29.46 29.72 65.94
C TYR F 728 28.60 29.10 64.84
N LEU F 729 28.31 27.81 65.01
CA LEU F 729 27.57 27.09 63.99
C LEU F 729 26.15 27.63 63.88
N VAL F 730 25.63 28.21 64.97
CA VAL F 730 24.25 28.70 64.98
C VAL F 730 24.13 29.85 64.00
N THR F 731 25.21 30.63 63.86
CA THR F 731 25.24 31.75 62.95
C THR F 731 26.63 31.74 62.31
N SER F 732 26.79 30.94 61.25
CA SER F 732 27.92 31.04 60.34
C SER F 732 27.76 30.11 59.15
N HIS F 733 27.85 30.69 57.97
CA HIS F 733 27.64 29.97 56.72
C HIS F 733 28.82 29.04 56.43
N ILE F 734 28.55 27.86 55.88
CA ILE F 734 29.58 26.81 55.83
C ILE F 734 29.47 26.03 54.53
N HIS F 735 30.45 26.16 53.64
CA HIS F 735 30.48 25.31 52.46
C HIS F 735 31.01 23.93 52.85
N LEU F 736 30.53 22.93 52.13
CA LEU F 736 31.05 21.60 52.25
C LEU F 736 31.01 20.93 50.89
N HIS F 737 31.92 19.99 50.74
CA HIS F 737 32.10 19.21 49.53
C HIS F 737 32.28 17.77 49.96
N VAL F 738 31.32 16.94 49.59
CA VAL F 738 31.44 15.49 49.76
C VAL F 738 31.75 14.93 48.38
N PRO F 739 32.89 14.27 48.16
CA PRO F 739 33.20 13.81 46.81
C PRO F 739 32.14 12.85 46.32
N GLU F 740 31.83 12.95 45.04
CA GLU F 740 30.78 12.14 44.43
C GLU F 740 31.34 10.89 43.78
N GLY F 741 30.41 10.05 43.38
CA GLY F 741 30.63 8.74 42.81
C GLY F 741 29.69 7.78 43.49
N ALA F 742 29.33 8.06 44.75
CA ALA F 742 28.35 7.24 45.43
C ALA F 742 26.98 7.40 44.77
N THR F 743 26.27 6.29 44.64
CA THR F 743 24.91 6.28 44.13
C THR F 743 23.97 7.01 45.11
N PRO F 744 22.89 7.66 44.62
CA PRO F 744 22.02 8.42 45.53
C PRO F 744 21.47 7.56 46.67
N LYS F 745 21.21 6.28 46.40
CA LYS F 745 20.68 5.41 47.45
C LYS F 745 21.66 5.30 48.60
N ASP F 746 22.96 5.37 48.28
CA ASP F 746 23.99 5.33 49.30
C ASP F 746 24.26 6.71 49.85
N GLY F 747 23.63 7.76 49.28
CA GLY F 747 23.98 9.12 49.64
C GLY F 747 23.73 9.44 51.09
N PRO F 748 22.66 8.92 51.73
CA PRO F 748 22.49 9.20 53.17
C PRO F 748 23.66 8.71 53.99
N SER F 749 24.36 7.67 53.54
CA SER F 749 25.41 7.06 54.35
C SER F 749 26.49 8.09 54.68
N ALA F 750 26.71 9.06 53.79
CA ALA F 750 27.68 10.11 54.04
C ALA F 750 27.24 11.03 55.16
N GLY F 751 25.93 11.07 55.45
CA GLY F 751 25.37 12.15 56.24
C GLY F 751 25.98 12.19 57.63
N CYS F 752 26.28 11.01 58.18
CA CYS F 752 26.87 10.95 59.49
C CYS F 752 28.21 11.63 59.48
N THR F 753 29.00 11.37 58.43
CA THR F 753 30.26 12.07 58.28
C THR F 753 30.03 13.57 58.26
N ILE F 754 29.00 14.01 57.52
CA ILE F 754 28.68 15.44 57.42
C ILE F 754 28.42 15.99 58.80
N VAL F 755 27.66 15.23 59.61
CA VAL F 755 27.32 15.66 60.95
C VAL F 755 28.60 15.91 61.74
N THR F 756 29.44 14.87 61.85
CA THR F 756 30.65 14.98 62.66
C THR F 756 31.55 16.08 62.13
N ALA F 757 31.56 16.25 60.78
CA ALA F 757 32.25 17.34 60.11
C ALA F 757 31.88 18.66 60.76
N LEU F 758 30.58 19.01 60.71
CA LEU F 758 30.10 20.29 61.21
C LEU F 758 30.54 20.47 62.64
N LEU F 759 30.48 19.39 63.43
CA LEU F 759 30.78 19.50 64.84
C LEU F 759 32.23 19.86 65.05
N SER F 760 33.13 19.18 64.30
CA SER F 760 34.54 19.51 64.33
C SER F 760 34.72 20.99 64.01
N LEU F 761 34.08 21.43 62.92
CA LEU F 761 34.21 22.81 62.49
C LEU F 761 33.65 23.73 63.55
N ALA F 762 32.59 23.27 64.24
CA ALA F 762 32.00 24.14 65.22
C ALA F 762 32.94 24.41 66.38
N MET F 763 33.79 23.42 66.73
CA MET F 763 34.71 23.57 67.85
C MET F 763 36.18 23.71 67.49
N GLY F 764 36.57 23.44 66.25
CA GLY F 764 37.96 23.56 65.87
C GLY F 764 38.86 22.39 66.24
N ARG F 765 38.34 21.34 66.88
CA ARG F 765 39.17 20.19 67.24
C ARG F 765 39.29 19.27 66.04
N PRO F 766 40.50 18.89 65.61
CA PRO F 766 40.58 17.90 64.54
C PRO F 766 39.94 16.61 65.00
N VAL F 767 39.28 15.92 64.06
CA VAL F 767 38.80 14.59 64.36
C VAL F 767 40.00 13.69 64.65
N ARG F 768 39.79 12.68 65.50
CA ARG F 768 40.85 11.70 65.79
C ARG F 768 41.29 11.06 64.49
N GLN F 769 42.59 10.83 64.35
CA GLN F 769 43.15 10.45 63.06
C GLN F 769 42.66 9.08 62.62
N ASN F 770 42.63 8.90 61.30
CA ASN F 770 42.32 7.62 60.62
C ASN F 770 41.05 6.97 61.18
N LEU F 771 40.00 7.78 61.24
CA LEU F 771 38.68 7.32 61.65
C LEU F 771 37.73 7.54 60.49
N ALA F 772 37.31 6.45 59.87
CA ALA F 772 36.31 6.48 58.83
C ALA F 772 34.97 6.10 59.46
N MET F 773 33.89 6.57 58.87
CA MET F 773 32.58 6.22 59.38
C MET F 773 31.62 6.39 58.23
N THR F 774 30.42 5.89 58.42
CA THR F 774 29.37 6.12 57.43
C THR F 774 28.06 5.66 58.06
N GLY F 775 26.97 6.26 57.61
CA GLY F 775 25.67 5.90 58.16
C GLY F 775 24.63 6.96 57.84
N GLU F 776 23.51 6.83 58.52
CA GLU F 776 22.37 7.72 58.34
C GLU F 776 21.84 8.06 59.72
N VAL F 777 21.33 9.28 59.85
CA VAL F 777 20.90 9.88 61.11
C VAL F 777 19.57 10.59 60.94
N SER F 778 18.77 10.59 62.01
CA SER F 778 17.35 10.87 61.95
C SER F 778 16.91 11.90 63.00
N LEU F 779 17.59 13.06 63.05
CA LEU F 779 17.20 14.22 63.88
C LEU F 779 17.21 13.98 65.39
N THR F 780 17.70 12.85 65.85
CA THR F 780 18.01 12.64 67.25
C THR F 780 19.28 11.84 67.41
N GLY F 781 19.99 11.54 66.33
CA GLY F 781 21.28 10.93 66.41
C GLY F 781 21.17 9.44 66.41
N LYS F 782 19.96 8.91 66.24
CA LYS F 782 19.81 7.49 66.17
C LYS F 782 20.17 7.14 64.75
N ILE F 783 21.33 6.53 64.63
CA ILE F 783 21.87 6.17 63.35
C ILE F 783 20.99 5.06 62.77
N LEU F 784 20.93 4.95 61.43
CA LEU F 784 20.03 4.04 60.74
C LEU F 784 20.86 3.10 59.84
N PRO F 785 20.37 1.88 59.55
CA PRO F 785 21.17 0.93 58.78
C PRO F 785 21.49 1.38 57.37
N VAL F 786 22.68 0.96 56.92
CA VAL F 786 23.09 1.10 55.54
C VAL F 786 23.51 -0.27 55.02
N GLY F 787 23.45 -0.43 53.70
CA GLY F 787 23.67 -1.68 53.01
C GLY F 787 25.01 -1.79 52.28
N GLY F 788 25.25 -2.97 51.70
CA GLY F 788 26.46 -3.16 50.90
C GLY F 788 27.78 -3.26 51.64
N ILE F 789 27.77 -3.68 52.90
CA ILE F 789 28.87 -3.45 53.83
C ILE F 789 30.17 -4.09 53.34
N LYS F 790 30.08 -5.17 52.55
CA LYS F 790 31.27 -5.90 52.13
C LYS F 790 32.20 -5.01 51.29
N GLU F 791 31.61 -4.16 50.44
CA GLU F 791 32.43 -3.36 49.54
C GLU F 791 33.14 -2.24 50.29
N LYS F 792 32.40 -1.57 51.14
CA LYS F 792 32.97 -0.57 52.02
C LYS F 792 34.01 -1.18 52.95
N THR F 793 33.81 -2.43 53.36
CA THR F 793 34.78 -3.07 54.24
C THR F 793 36.11 -3.27 53.53
N ILE F 794 36.08 -3.84 52.31
CA ILE F 794 37.35 -4.04 51.60
C ILE F 794 37.98 -2.70 51.30
N ALA F 795 37.17 -1.69 51.01
CA ALA F 795 37.75 -0.39 50.73
C ALA F 795 38.41 0.17 51.99
N ALA F 796 37.76 0.01 53.15
CA ALA F 796 38.36 0.51 54.38
C ALA F 796 39.62 -0.25 54.72
N LYS F 797 39.63 -1.56 54.51
CA LYS F 797 40.86 -2.31 54.73
C LYS F 797 41.91 -1.88 53.73
N ARG F 798 41.50 -1.56 52.51
CA ARG F 798 42.47 -1.11 51.52
C ARG F 798 43.05 0.23 51.91
N ALA F 799 42.24 1.09 52.52
CA ALA F 799 42.71 2.42 52.87
C ALA F 799 43.49 2.46 54.17
N GLY F 800 43.48 1.39 54.96
CA GLY F 800 44.21 1.36 56.20
C GLY F 800 43.49 2.03 57.36
N VAL F 801 42.29 2.56 57.15
CA VAL F 801 41.58 3.19 58.27
C VAL F 801 41.27 2.12 59.30
N THR F 802 41.50 2.44 60.57
CA THR F 802 41.43 1.44 61.62
C THR F 802 40.10 1.41 62.35
N CYS F 803 39.36 2.53 62.37
CA CYS F 803 38.15 2.64 63.18
C CYS F 803 36.99 3.02 62.29
N ILE F 804 36.41 1.99 61.68
CA ILE F 804 35.11 2.09 61.01
C ILE F 804 34.01 2.13 62.06
N VAL F 805 32.91 2.76 61.70
CA VAL F 805 31.76 2.86 62.58
C VAL F 805 30.55 2.59 61.72
N LEU F 806 29.69 1.72 62.23
CA LEU F 806 28.60 1.14 61.47
C LEU F 806 27.30 1.26 62.23
N PRO F 807 26.15 1.28 61.56
CA PRO F 807 24.90 1.15 62.32
C PRO F 807 24.86 -0.21 63.01
N ALA F 808 24.29 -0.24 64.21
CA ALA F 808 24.33 -1.46 65.02
C ALA F 808 23.64 -2.62 64.31
N GLU F 809 22.57 -2.31 63.57
CA GLU F 809 21.78 -3.33 62.89
C GLU F 809 22.60 -4.00 61.80
N ASN F 810 23.57 -3.29 61.25
CA ASN F 810 24.43 -3.84 60.23
C ASN F 810 25.42 -4.86 60.76
N LYS F 811 25.49 -5.05 62.09
CA LYS F 811 26.55 -5.86 62.71
C LYS F 811 26.60 -7.23 62.06
N LYS F 812 25.46 -7.93 62.04
CA LYS F 812 25.45 -9.28 61.48
C LYS F 812 25.80 -9.24 59.99
N ASP F 813 25.43 -8.15 59.30
CA ASP F 813 25.78 -8.01 57.89
C ASP F 813 27.30 -7.99 57.75
N PHE F 814 27.98 -7.36 58.71
CA PHE F 814 29.44 -7.39 58.77
C PHE F 814 29.96 -8.77 59.14
N TYR F 815 29.23 -9.52 59.96
CA TYR F 815 29.71 -10.84 60.32
C TYR F 815 29.70 -11.79 59.14
N ASP F 816 28.85 -11.55 58.15
CA ASP F 816 28.83 -12.37 56.96
C ASP F 816 30.13 -12.24 56.15
N LEU F 817 30.87 -11.15 56.33
CA LEU F 817 32.10 -10.95 55.58
C LEU F 817 33.12 -12.03 55.92
N ALA F 818 33.94 -12.38 54.92
CA ALA F 818 35.01 -13.36 55.12
C ALA F 818 36.06 -12.94 56.15
N ALA F 819 36.51 -13.93 56.94
CA ALA F 819 37.39 -13.67 58.08
C ALA F 819 38.74 -13.06 57.67
N PHE F 820 39.28 -13.47 56.51
CA PHE F 820 40.65 -13.11 56.15
C PHE F 820 40.89 -11.61 56.02
N ILE F 821 39.86 -10.86 55.61
CA ILE F 821 40.01 -9.42 55.40
C ILE F 821 39.88 -8.61 56.70
N THR F 822 39.36 -9.20 57.78
CA THR F 822 38.96 -8.48 59.00
C THR F 822 40.07 -8.24 60.00
N GLU F 823 41.26 -8.77 59.79
CA GLU F 823 42.25 -8.73 60.85
C GLU F 823 42.72 -7.31 61.11
N GLY F 824 42.87 -6.98 62.39
CA GLY F 824 43.54 -5.78 62.81
C GLY F 824 42.63 -4.58 63.05
N LEU F 825 41.43 -4.57 62.49
CA LEU F 825 40.51 -3.45 62.65
C LEU F 825 39.64 -3.55 63.90
N GLU F 826 39.42 -2.37 64.51
CA GLU F 826 38.63 -2.18 65.72
C GLU F 826 37.27 -1.67 65.26
N VAL F 827 36.46 -2.59 64.74
CA VAL F 827 35.16 -2.20 64.22
C VAL F 827 34.29 -1.68 65.34
N HIS F 828 33.49 -0.65 65.03
CA HIS F 828 32.51 -0.15 65.98
C HIS F 828 31.12 -0.26 65.38
N PHE F 829 30.19 -0.60 66.25
CA PHE F 829 28.76 -0.68 65.99
C PHE F 829 28.06 0.34 66.89
N VAL F 830 27.23 1.19 66.29
CA VAL F 830 26.51 2.21 67.05
C VAL F 830 25.11 2.32 66.49
N GLU F 831 24.23 2.86 67.32
CA GLU F 831 22.86 3.13 66.94
C GLU F 831 22.62 4.60 67.22
N HIS F 832 23.05 5.09 68.37
CA HIS F 832 22.94 6.48 68.74
C HIS F 832 24.20 7.23 68.35
N TYR F 833 24.03 8.40 67.74
CA TYR F 833 25.19 9.11 67.22
C TYR F 833 26.15 9.52 68.32
N ARG F 834 25.67 9.70 69.56
CA ARG F 834 26.48 10.28 70.65
C ARG F 834 27.81 9.56 70.82
N GLU F 835 27.80 8.24 70.64
CA GLU F 835 29.02 7.47 70.84
C GLU F 835 30.09 7.94 69.85
N ILE F 836 29.68 8.28 68.62
CA ILE F 836 30.65 8.74 67.63
C ILE F 836 31.25 10.04 68.11
N PHE F 837 30.41 10.89 68.71
CA PHE F 837 30.91 12.15 69.20
C PHE F 837 31.80 11.92 70.40
N ASP F 838 31.59 10.81 71.11
CA ASP F 838 32.45 10.44 72.21
C ASP F 838 33.74 9.80 71.74
N ILE F 839 33.82 9.42 70.47
CA ILE F 839 34.99 8.77 69.89
C ILE F 839 35.73 9.71 68.96
N ALA F 840 35.01 10.34 68.04
CA ALA F 840 35.63 11.16 67.02
C ALA F 840 36.32 12.40 67.57
N PHE F 841 35.92 12.88 68.76
CA PHE F 841 36.46 14.09 69.37
C PHE F 841 36.90 13.87 70.82
N PRO F 842 38.04 13.18 71.03
CA PRO F 842 38.49 12.92 72.41
C PRO F 842 38.84 14.19 73.17
N UNK G 1 -10.42 -40.60 -51.81
CA UNK G 1 -9.20 -40.19 -52.49
C UNK G 1 -8.02 -40.18 -51.50
N UNK G 2 -6.82 -40.41 -52.02
CA UNK G 2 -5.61 -40.42 -51.20
C UNK G 2 -5.38 -39.05 -50.57
N UNK G 3 -5.55 -38.96 -49.25
CA UNK G 3 -5.36 -37.69 -48.55
C UNK G 3 -5.08 -37.83 -47.05
N UNK G 4 -5.03 -36.70 -46.36
CA UNK G 4 -4.77 -36.66 -44.93
C UNK G 4 -4.96 -35.23 -44.41
N UNK G 5 -4.39 -34.93 -43.23
CA UNK G 5 -4.48 -33.61 -42.61
C UNK G 5 -3.12 -32.93 -42.53
N UNK G 6 -3.02 -31.85 -41.76
CA UNK G 6 -1.77 -31.11 -41.61
C UNK G 6 -1.72 -30.43 -40.24
N UNK G 7 -1.99 -29.13 -40.15
CA UNK G 7 -1.93 -28.46 -38.86
C UNK G 7 -3.16 -28.81 -38.04
N UNK G 8 -3.09 -28.52 -36.75
CA UNK G 8 -4.18 -28.80 -35.85
C UNK G 8 -3.96 -28.01 -34.58
N UNK G 9 -4.71 -28.32 -33.54
CA UNK G 9 -4.58 -27.62 -32.28
C UNK G 9 -3.20 -27.90 -31.72
N UNK G 10 -2.57 -26.87 -31.18
CA UNK G 10 -1.24 -27.00 -30.62
C UNK G 10 -0.91 -25.84 -29.70
N UNK G 11 -1.92 -25.37 -28.96
CA UNK G 11 -1.72 -24.25 -28.05
C UNK G 11 -1.00 -24.75 -26.81
N UNK G 12 -0.90 -23.90 -25.79
CA UNK G 12 -0.22 -24.29 -24.57
C UNK G 12 -0.44 -23.25 -23.47
N UNK G 13 0.05 -23.54 -22.26
CA UNK G 13 -0.10 -22.62 -21.12
C UNK G 13 0.74 -23.03 -19.91
N UNK G 14 1.15 -22.02 -19.14
CA UNK G 14 1.96 -22.22 -17.94
C UNK G 14 1.80 -21.02 -16.99
N UNK G 15 2.70 -20.82 -16.04
CA UNK G 15 2.58 -19.69 -15.13
C UNK G 15 3.83 -19.41 -14.31
N UNK G 16 3.83 -18.23 -13.69
CA UNK G 16 4.93 -17.77 -12.86
C UNK G 16 4.51 -16.41 -12.30
N UNK G 17 4.65 -16.20 -10.98
CA UNK G 17 4.26 -14.93 -10.34
C UNK G 17 5.28 -14.42 -9.33
N UNK G 18 5.76 -13.20 -9.57
CA UNK G 18 6.73 -12.55 -8.70
C UNK G 18 5.99 -11.77 -7.62
N UNK G 19 6.75 -10.96 -6.87
CA UNK G 19 6.19 -10.16 -5.80
C UNK G 19 7.15 -9.03 -5.47
N UNK G 20 6.84 -7.83 -5.93
CA UNK G 20 7.69 -6.65 -5.69
C UNK G 20 7.18 -5.75 -4.57
N UNK G 21 8.04 -5.43 -3.62
CA UNK G 21 7.66 -4.59 -2.50
C UNK G 21 7.65 -3.15 -2.99
N UNK G 22 7.21 -2.22 -2.15
CA UNK G 22 7.15 -0.82 -2.54
C UNK G 22 7.08 0.13 -1.34
N UNK G 23 7.01 1.42 -1.62
CA UNK G 23 6.95 2.48 -0.61
C UNK G 23 5.51 2.92 -0.31
N UNK G 24 5.36 3.70 0.75
CA UNK G 24 4.04 4.20 1.16
C UNK G 24 4.25 5.36 2.15
N UNK G 25 3.43 5.46 3.22
CA UNK G 25 3.57 6.54 4.19
C UNK G 25 2.95 6.11 5.54
N UNK G 26 3.55 6.53 6.65
CA UNK G 26 3.02 6.18 7.97
C UNK G 26 3.43 7.16 9.09
N UNK G 27 2.43 7.72 9.76
CA UNK G 27 2.65 8.67 10.87
C UNK G 27 2.49 7.93 12.20
N UNK G 28 3.53 7.97 13.03
CA UNK G 28 3.52 7.30 14.31
C UNK G 28 2.57 7.95 15.33
N UNK G 29 3.01 9.01 15.99
CA UNK G 29 2.20 9.71 16.99
C UNK G 29 1.84 8.81 18.16
#